data_8ZOW
#
_entry.id   8ZOW
#
_cell.length_a   1.00
_cell.length_b   1.00
_cell.length_c   1.00
_cell.angle_alpha   90.00
_cell.angle_beta   90.00
_cell.angle_gamma   90.00
#
_symmetry.space_group_name_H-M   'P 1'
#
loop_
_entity.id
_entity.type
_entity.pdbx_description
1 polymer 'Cytochrome b'
2 polymer 'Cytochrome c1, heme protein, mitochondrial'
3 polymer 'Cytochrome b-c1 complex subunit Rieske, mitochondrial'
4 polymer 'Cytochrome b-c1 complex subunit 1, mitochondrial'
5 polymer 'Cytochrome b-c1 complex subunit 2, mitochondrial'
6 polymer 'Cytochrome b-c1 complex subunit 6'
7 polymer 'Cytochrome b-c1 complex subunit 7'
8 polymer 'Cytochrome b-c1 complex subunit 8'
9 polymer 'Complex III subunit 9'
10 polymer 'Cytochrome b-c1 complex subunit 10'
11 polymer 'Cytochrome b-c1 complex subunit Rieske, mitochondrial'
12 non-polymer 1-[2-[[1-(4-chlorophenyl)pyrazol-3-yl]oxymethyl]-3-methyl-phenyl]-4-methyl-1,2,3,4-tetrazol-5-one
13 non-polymer 'PROTOPORPHYRIN IX CONTAINING FE'
14 non-polymer 1,2-dioleoyl-sn-glycero-3-phosphoethanolamine
15 non-polymer CARDIOLIPIN
16 non-polymer 'HEME C'
17 non-polymer 'FE2/S2 (INORGANIC) CLUSTER'
#
loop_
_entity_poly.entity_id
_entity_poly.type
_entity_poly.pdbx_seq_one_letter_code
_entity_poly.pdbx_strand_id
1 'polypeptide(L)'
;TNIRKSHPLMKIINNAFIDLPAPSNISSWWNFGSLLGICLILQILTGLFLAMHYTSDTTTAFSSVTHICRDVNYGWVIRY
LHANGASMFFICLFIHVGRGLYYGSYMFLETWNIGVVLLFTVMATAFMGYVLPWGQMSFWGATVITNLLSAIPYIGTDLV
EWIWGGFSVDKATLTRFFAFHFILPFIITALAAVHLLFLHETGSNNPTGISSDMDKIPFHPYYTIKDILGALFMMLILLI
LVLFSPDLLGDPDNYTPANPLNTPPHIKPEWYFLFAYAILRSIPNKLGGVLALVASILILILMPMLHTSKQRSMMFRPLS
QCLFWMLVADLITLTWIGGQPVEHPFIIIGQLASILYFLIILVLMPITSIIENNLLKW
;
A,a
2 'polypeptide(L)'
;TDLELHAPSYPWSHRGLLSSLDHTSIRRGFQVYKQVCSSCHSMDYVAYRHLVGVCYTEEEAKALAEEVEVQDGPNEDGEM
FMRPGKLSDYFPKPYPNPEAARAANNGALPPDLSYIVRARHGGEDYVFSLLTGYCEPPTGVSLREGLYFNPYFPGQAIAM
APPIYNEVLEFDDGTPATMSQVAKDVCTFLRWASEPEHDHRKRMGLKMLMMMGLLLPLVYAMKRHKWSVLKSRKLAYRPP
K
;
B,b
3 'polypeptide(L)'
;SHTDIRVPDFSDYRRAEVLDSTKSSKESSDARKGFSYLITATTTVGVAYAAKNAVSQFVSSMSASADVLAMSKIEIKLSD
IPEGKNMAFKWRGKPLFVRHRTKKEIDQEAAVEVSQLRDPQHDLERVKKPEWVILIGVCTHLGCVPIANAGDFGGYYCPC
HGSHYDASGRIRKGPAPLNLEVPTYEFTSDDLVIVG
;
C,c
4 'polypeptide(L)'
;TATYAQALQSVPETQVSQLDNGLRVASEQSSQPTCTVGVWIDAGSRYENEKNNGAGYFVEHLAFKGTKNRPGSALEKEVE
SMGAHLNAYSTREHTAYYIKALSKDLPKAVELLADIVQNCSLEDSQIEKERDVILQELQENDSSMRDVVFDYLHATAFQG
TPLAQSVEGPSENVRKLSRADLTEYVSQHYKAPRMVLAAAGGVEHRQLLDLAQKHFSSLSGTYVEDAVPAFTPCRFTGSE
IRHRDDALPLAHVAIAVEGPGWANPDNVPLQVANAIIGHYDSTYGGGTHMSSTLASVAATRKLCQSFQTFNICYAETGLL
GAHFVCDNMSIDDMMFFLQGQWMRLCTSATESEVVRGKNILRNALVSHLDGTTPVCEDIGRSLLTYGRRIPLAEWESRIA
EVDASVVREVCSKYFYDQCPAVAGLGPIEQLPDYNRIRSGMFWLRF
;
D,d
5 'polypeptide(L)'
;PQDLEFTRLPNGLVIASLENYAPASRIGLFIKAGSRYEDSNNLGTSHLLRLASSLTTKGASSFKITRGIEAVGGKLSVTS
TRESMAYTVECLRDDIEILMEFLLNVTAAPEFRRWEVAALQSQLRIDKAVAFQNPQAQVLENLHAAAYRNALANSLYCPD
YRIGKVTPDQLHYYVQNHFTSARMALIGLGVSHPVLKQVAERFLNMRGGLGLSGAKAKYRGGEIRDQNGDSLVHAALVAE
SAATGSAEANAFSVLQHVLGAGPHVKRGSNATSSLYQAVAKGVHQPFDVSAFNASYSDSGLFGIYTISQAASAGDVIKSA
YDQVKAIAQGNLSNTDVQAAKNKLKAGYLMSVESSEGFLDEVGSQALVAGSYMQPSTVLQQIDSVADADVINAAKKFVSG
RKSMAASGNLGHTPFVDE
;
E,e
6 'polypeptide(L)' DPLTTVREQCEQIEKCIKARERLELCDQRVSSRSQTEEDCTEELFDFLHARDHCVAHKLFNSLK F,f
7 'polypeptide(L)'
;AVAASSKWLEGIRKWYYNAAGFNKLGLMRDDTIYEDDDVKEAIRRLPENLYNDRVFRIKRALDLTMRQQILPKEQWTKYE
EDKFYLEPYLKEVIRERKEREEWAKK
;
G,g
8 'polypeptide(L)' GREFGHLTRMRHVITYSLSPFEQRAFPHYFTKGIPNVLRRTRACILRVAPPFVVFYLVYTWGTQEFEKSKRKNPAAYEN H,h
9 'polypeptide(L)' AAPTLTARLYSLLFRRTSTFALTIAVGALFFERAFDQGADAIYEHINQGKLWKHIKHKYENK I,i
10 'polypeptide(L)' MLSRFLGPRYRELARNWIPTASMWGAVGAVGLVWATDWRLILDWVPYINGKF J,j
11 'polypeptide(L)' MLSVASRSGPFAPVLSATSRGVAGALRPLVQAALPATSESPVLDAKRSFLCRESLSG K,k
#
loop_
_chem_comp.id
_chem_comp.type
_chem_comp.name
_chem_comp.formula
A1D6P non-polymer 1-[2-[[1-(4-chlorophenyl)pyrazol-3-yl]oxymethyl]-3-methyl-phenyl]-4-methyl-1,2,3,4-tetrazol-5-one 'C19 H17 Cl N6 O2'
CDL non-polymer CARDIOLIPIN 'C81 H156 O17 P2 -2'
FES non-polymer 'FE2/S2 (INORGANIC) CLUSTER' 'Fe2 S2'
HEC non-polymer 'HEME C' 'C34 H34 Fe N4 O4'
HEM non-polymer 'PROTOPORPHYRIN IX CONTAINING FE' 'C34 H32 Fe N4 O4'
PEE non-polymer 1,2-dioleoyl-sn-glycero-3-phosphoethanolamine 'C41 H78 N O8 P'
#
# COMPACT_ATOMS: atom_id res chain seq x y z
N THR A 1 2.08 -16.80 6.29
CA THR A 1 1.18 -17.20 7.36
C THR A 1 1.76 -16.58 8.63
N ASN A 2 2.79 -15.77 8.43
CA ASN A 2 3.20 -14.77 9.42
C ASN A 2 2.11 -13.71 9.49
N ILE A 3 1.45 -13.60 10.66
CA ILE A 3 0.30 -12.69 10.76
C ILE A 3 0.73 -11.23 10.81
N ARG A 4 2.00 -10.97 11.10
CA ARG A 4 2.57 -9.63 11.06
C ARG A 4 2.77 -9.14 9.63
N LYS A 5 2.63 -10.00 8.63
CA LYS A 5 2.87 -9.63 7.24
C LYS A 5 1.65 -9.70 6.35
N SER A 6 0.54 -10.21 6.83
CA SER A 6 -0.63 -10.43 5.98
C SER A 6 -1.92 -9.84 6.53
N HIS A 7 -1.96 -9.39 7.76
CA HIS A 7 -3.17 -8.78 8.31
C HIS A 7 -3.30 -7.34 7.81
N PRO A 8 -4.52 -6.92 7.40
CA PRO A 8 -4.68 -5.58 6.80
C PRO A 8 -4.33 -4.41 7.69
N LEU A 9 -4.65 -4.45 8.98
CA LEU A 9 -4.17 -3.43 9.89
C LEU A 9 -2.70 -3.60 10.22
N MET A 10 -2.28 -4.84 10.43
CA MET A 10 -0.98 -5.08 11.03
C MET A 10 0.15 -4.91 10.02
N LYS A 11 -0.16 -5.04 8.72
CA LYS A 11 0.81 -4.74 7.66
C LYS A 11 1.31 -3.30 7.72
N ILE A 12 0.40 -2.36 7.96
CA ILE A 12 0.76 -0.94 7.93
C ILE A 12 1.66 -0.59 9.10
N ILE A 13 1.39 -1.18 10.27
CA ILE A 13 2.24 -0.99 11.44
C ILE A 13 3.58 -1.66 11.25
N ASN A 14 3.58 -2.85 10.65
CA ASN A 14 4.79 -3.62 10.43
C ASN A 14 5.70 -2.95 9.41
N ASN A 15 5.11 -2.35 8.38
CA ASN A 15 5.91 -1.67 7.36
C ASN A 15 6.50 -0.37 7.87
N ALA A 16 5.79 0.31 8.76
CA ALA A 16 6.20 1.65 9.19
C ALA A 16 7.11 1.66 10.41
N PHE A 17 6.93 0.73 11.36
CA PHE A 17 7.66 0.79 12.62
C PHE A 17 8.47 -0.45 12.96
N ILE A 18 8.16 -1.62 12.41
CA ILE A 18 8.77 -2.86 12.87
C ILE A 18 9.87 -3.30 11.90
N ASP A 19 9.50 -3.57 10.65
CA ASP A 19 10.41 -4.12 9.65
C ASP A 19 11.06 -3.06 8.77
N LEU A 20 10.95 -1.79 9.15
CA LEU A 20 11.47 -0.69 8.34
C LEU A 20 12.98 -0.72 8.28
N PRO A 21 13.58 -0.62 7.10
CA PRO A 21 15.03 -0.49 7.03
C PRO A 21 15.48 0.90 7.48
N ALA A 22 16.39 0.92 8.43
CA ALA A 22 16.89 2.13 9.03
C ALA A 22 18.41 2.09 8.97
N PRO A 23 19.07 3.24 8.81
CA PRO A 23 20.53 3.27 8.85
C PRO A 23 21.05 2.82 10.21
N SER A 24 22.24 2.24 10.21
CA SER A 24 22.75 1.69 11.46
C SER A 24 23.43 2.73 12.34
N ASN A 25 23.84 3.88 11.80
CA ASN A 25 24.63 4.85 12.54
C ASN A 25 23.85 6.11 12.92
N ILE A 26 22.52 6.01 13.07
CA ILE A 26 21.64 7.08 13.52
C ILE A 26 21.96 7.50 14.96
N SER A 27 22.27 8.78 15.17
CA SER A 27 22.67 9.29 16.48
C SER A 27 21.50 9.82 17.32
N SER A 28 21.84 10.56 18.39
CA SER A 28 20.84 10.99 19.36
C SER A 28 19.96 12.13 18.83
N TRP A 29 20.44 12.88 17.84
CA TRP A 29 19.69 13.99 17.26
C TRP A 29 18.47 13.55 16.46
N TRP A 30 18.35 12.27 16.14
CA TRP A 30 17.17 11.74 15.49
C TRP A 30 16.10 11.33 16.48
N ASN A 31 16.31 11.60 17.76
CA ASN A 31 15.32 11.24 18.78
C ASN A 31 14.29 12.35 19.00
N PHE A 32 14.62 13.58 18.64
CA PHE A 32 13.78 14.73 18.94
C PHE A 32 12.58 14.86 18.01
N GLY A 33 12.37 13.94 17.09
CA GLY A 33 11.22 13.99 16.23
C GLY A 33 10.10 13.18 16.83
N SER A 34 10.46 12.14 17.58
CA SER A 34 9.46 11.43 18.37
C SER A 34 9.17 12.12 19.70
N LEU A 35 10.11 12.94 20.20
CA LEU A 35 9.83 13.77 21.36
C LEU A 35 8.86 14.90 21.04
N LEU A 36 8.82 15.35 19.78
CA LEU A 36 7.81 16.32 19.36
C LEU A 36 6.43 15.69 19.29
N GLY A 37 6.35 14.40 18.97
CA GLY A 37 5.07 13.72 19.01
C GLY A 37 4.66 13.31 20.40
N ILE A 38 5.60 13.28 21.34
CA ILE A 38 5.26 13.09 22.75
C ILE A 38 4.73 14.39 23.34
N CYS A 39 5.42 15.51 23.05
CA CYS A 39 5.00 16.81 23.53
C CYS A 39 3.67 17.25 22.95
N LEU A 40 3.31 16.76 21.77
CA LEU A 40 2.05 17.15 21.15
C LEU A 40 0.86 16.43 21.75
N ILE A 41 1.00 15.14 22.10
CA ILE A 41 -0.13 14.42 22.69
C ILE A 41 -0.36 14.89 24.12
N LEU A 42 0.71 15.28 24.83
CA LEU A 42 0.61 15.78 26.17
C LEU A 42 -0.13 17.12 26.22
N GLN A 43 0.17 18.04 25.29
CA GLN A 43 -0.54 19.32 25.24
C GLN A 43 -2.00 19.18 24.82
N ILE A 44 -2.37 18.09 24.17
CA ILE A 44 -3.76 17.94 23.76
C ILE A 44 -4.58 17.38 24.92
N LEU A 45 -4.01 16.48 25.71
CA LEU A 45 -4.75 15.91 26.83
C LEU A 45 -4.88 16.90 27.98
N THR A 46 -3.80 17.60 28.29
CA THR A 46 -3.82 18.60 29.34
C THR A 46 -4.70 19.79 28.96
N GLY A 47 -4.73 20.15 27.67
CA GLY A 47 -5.54 21.26 27.19
C GLY A 47 -7.02 20.99 27.20
N LEU A 48 -7.44 19.74 27.11
CA LEU A 48 -8.86 19.44 27.14
C LEU A 48 -9.43 19.47 28.56
N PHE A 49 -8.60 19.23 29.57
CA PHE A 49 -9.03 19.42 30.95
C PHE A 49 -9.20 20.89 31.27
N LEU A 50 -8.26 21.73 30.83
CA LEU A 50 -8.31 23.16 31.07
C LEU A 50 -9.44 23.84 30.33
N ALA A 51 -9.97 23.23 29.27
CA ALA A 51 -11.08 23.82 28.54
C ALA A 51 -12.42 23.54 29.20
N MET A 52 -12.50 22.60 30.13
CA MET A 52 -13.76 22.33 30.80
C MET A 52 -14.09 23.36 31.87
N HIS A 53 -13.11 24.13 32.32
CA HIS A 53 -13.28 25.07 33.41
C HIS A 53 -13.03 26.53 33.04
N TYR A 54 -12.56 26.80 31.82
CA TYR A 54 -12.28 28.15 31.39
C TYR A 54 -13.56 28.86 30.92
N THR A 55 -13.60 30.18 31.12
CA THR A 55 -14.70 31.01 30.66
C THR A 55 -14.14 32.19 29.86
N SER A 56 -14.54 32.31 28.60
CA SER A 56 -14.05 33.37 27.72
C SER A 56 -14.94 34.60 27.89
N ASP A 57 -14.46 35.55 28.70
CA ASP A 57 -15.17 36.76 29.07
C ASP A 57 -14.14 37.67 29.71
N THR A 58 -14.00 38.89 29.21
CA THR A 58 -12.91 39.75 29.67
C THR A 58 -13.09 40.28 31.09
N THR A 59 -14.23 40.02 31.73
CA THR A 59 -14.44 40.33 33.12
C THR A 59 -14.17 39.15 34.05
N THR A 60 -14.56 37.95 33.56
CA THR A 60 -14.45 36.71 34.34
C THR A 60 -13.40 35.72 33.82
N ALA A 61 -12.30 36.13 33.25
CA ALA A 61 -11.36 35.14 32.70
C ALA A 61 -10.13 35.02 33.59
N PHE A 62 -9.56 36.08 34.09
CA PHE A 62 -8.49 35.95 35.05
C PHE A 62 -8.92 35.19 36.28
N SER A 63 -10.22 35.17 36.59
CA SER A 63 -10.73 34.47 37.75
C SER A 63 -11.04 33.01 37.47
N SER A 64 -11.29 32.66 36.21
CA SER A 64 -11.48 31.26 35.87
C SER A 64 -10.18 30.47 35.98
N VAL A 65 -9.05 31.13 35.77
CA VAL A 65 -7.76 30.46 35.82
C VAL A 65 -7.31 30.24 37.26
N THR A 66 -7.57 31.21 38.14
CA THR A 66 -7.27 31.03 39.56
C THR A 66 -8.19 30.02 40.23
N HIS A 67 -9.35 29.74 39.64
CA HIS A 67 -10.28 28.76 40.20
C HIS A 67 -9.76 27.34 40.07
N ILE A 68 -9.02 27.03 38.99
CA ILE A 68 -8.44 25.70 38.83
C ILE A 68 -7.20 25.55 39.70
N CYS A 69 -6.40 26.61 39.85
CA CYS A 69 -5.20 26.56 40.68
C CYS A 69 -5.47 26.52 42.17
N ARG A 70 -6.67 26.95 42.64
CA ARG A 70 -7.01 26.98 44.10
C ARG A 70 -8.24 26.08 44.43
N ASP A 71 -9.14 25.65 43.55
CA ASP A 71 -10.31 24.88 43.94
C ASP A 71 -10.38 23.50 43.33
N VAL A 72 -10.06 23.36 42.05
CA VAL A 72 -10.25 22.08 41.35
C VAL A 72 -9.13 21.13 41.71
N ASN A 73 -9.47 19.85 41.86
CA ASN A 73 -8.50 18.82 42.26
C ASN A 73 -7.50 18.56 41.15
N TYR A 74 -6.22 18.55 41.52
CA TYR A 74 -5.04 18.48 40.65
C TYR A 74 -4.92 19.64 39.68
N GLY A 75 -5.68 20.73 39.87
CA GLY A 75 -5.66 21.80 38.89
C GLY A 75 -4.36 22.57 38.87
N TRP A 76 -3.64 22.59 39.98
CA TRP A 76 -2.34 23.24 40.00
C TRP A 76 -1.28 22.43 39.26
N VAL A 77 -1.39 21.10 39.24
CA VAL A 77 -0.39 20.32 38.52
C VAL A 77 -0.72 20.23 37.04
N ILE A 78 -1.99 20.33 36.66
CA ILE A 78 -2.35 20.24 35.26
C ILE A 78 -2.14 21.57 34.56
N ARG A 79 -2.40 22.69 35.24
CA ARG A 79 -2.12 23.99 34.64
C ARG A 79 -0.63 24.22 34.43
N TYR A 80 0.18 23.90 35.42
CA TYR A 80 1.60 24.18 35.27
C TYR A 80 2.32 23.14 34.43
N LEU A 81 1.69 21.99 34.17
CA LEU A 81 2.15 21.13 33.08
C LEU A 81 1.99 21.81 31.74
N HIS A 82 0.86 22.48 31.52
CA HIS A 82 0.54 23.04 30.21
C HIS A 82 1.42 24.23 29.87
N ALA A 83 1.67 25.11 30.84
CA ALA A 83 2.53 26.26 30.59
C ALA A 83 3.98 25.86 30.41
N ASN A 84 4.40 24.77 31.05
CA ASN A 84 5.76 24.28 30.90
C ASN A 84 5.89 23.23 29.81
N GLY A 85 4.80 22.57 29.45
CA GLY A 85 4.86 21.62 28.34
C GLY A 85 4.80 22.28 26.98
N ALA A 86 4.71 23.61 26.94
CA ALA A 86 4.85 24.35 25.70
C ALA A 86 6.23 24.94 25.54
N SER A 87 6.96 25.15 26.63
CA SER A 87 8.37 25.48 26.52
C SER A 87 9.20 24.28 26.08
N MET A 88 8.74 23.08 26.38
CA MET A 88 9.43 21.86 25.99
C MET A 88 9.18 21.53 24.51
N PHE A 89 7.96 21.81 24.02
CA PHE A 89 7.65 21.72 22.60
C PHE A 89 8.57 22.63 21.77
N PHE A 90 8.83 23.83 22.27
CA PHE A 90 9.59 24.79 21.49
C PHE A 90 11.09 24.56 21.58
N ILE A 91 11.57 23.88 22.62
CA ILE A 91 13.00 23.57 22.64
C ILE A 91 13.28 22.33 21.80
N CYS A 92 12.30 21.43 21.67
CA CYS A 92 12.49 20.27 20.81
C CYS A 92 12.36 20.67 19.35
N LEU A 93 11.56 21.71 19.05
CA LEU A 93 11.33 22.16 17.69
C LEU A 93 12.53 22.88 17.11
N PHE A 94 13.30 23.58 17.93
CA PHE A 94 14.45 24.30 17.41
C PHE A 94 15.67 23.41 17.27
N ILE A 95 15.74 22.33 18.04
CA ILE A 95 16.78 21.33 17.85
C ILE A 95 16.48 20.50 16.60
N HIS A 96 15.20 20.24 16.34
CA HIS A 96 14.79 19.46 15.18
C HIS A 96 15.07 20.18 13.87
N VAL A 97 14.86 21.50 13.84
CA VAL A 97 15.12 22.27 12.63
C VAL A 97 16.61 22.43 12.39
N GLY A 98 17.37 22.59 13.46
CA GLY A 98 18.82 22.71 13.31
C GLY A 98 19.52 21.42 12.94
N ARG A 99 18.90 20.27 13.20
CA ARG A 99 19.39 18.98 12.72
C ARG A 99 19.26 18.89 11.20
N GLY A 100 18.05 19.12 10.69
CA GLY A 100 17.78 19.04 9.27
C GLY A 100 18.51 20.07 8.44
N LEU A 101 18.94 21.16 9.04
CA LEU A 101 19.75 22.15 8.36
C LEU A 101 21.21 21.75 8.31
N TYR A 102 21.68 21.03 9.34
CA TYR A 102 23.08 20.65 9.46
C TYR A 102 23.41 19.44 8.59
N TYR A 103 22.56 18.42 8.60
CA TYR A 103 22.85 17.18 7.90
C TYR A 103 22.24 17.17 6.50
N GLY A 104 21.81 18.31 6.01
CA GLY A 104 21.32 18.43 4.65
C GLY A 104 19.99 17.80 4.39
N SER A 105 19.17 17.62 5.41
CA SER A 105 17.95 16.85 5.27
C SER A 105 16.85 17.56 4.49
N TYR A 106 17.04 18.84 4.13
CA TYR A 106 16.07 19.58 3.34
C TYR A 106 15.99 19.11 1.89
N MET A 107 16.92 18.27 1.44
CA MET A 107 16.88 17.67 0.10
C MET A 107 15.70 16.72 -0.08
N PHE A 108 15.05 16.29 0.99
CA PHE A 108 13.74 15.67 0.88
C PHE A 108 12.75 16.82 0.79
N LEU A 109 12.48 17.27 -0.44
CA LEU A 109 11.81 18.55 -0.66
C LEU A 109 10.37 18.54 -0.20
N GLU A 110 9.65 17.46 -0.45
CA GLU A 110 8.26 17.40 -0.02
C GLU A 110 8.12 17.24 1.49
N THR A 111 9.14 16.69 2.15
CA THR A 111 9.13 16.58 3.61
C THR A 111 9.49 17.90 4.25
N TRP A 112 10.47 18.61 3.69
CA TRP A 112 10.93 19.88 4.26
C TRP A 112 9.91 21.00 4.11
N ASN A 113 9.11 20.99 3.05
CA ASN A 113 8.16 22.07 2.80
C ASN A 113 6.95 21.98 3.71
N ILE A 114 6.49 20.76 4.02
CA ILE A 114 5.44 20.58 5.02
C ILE A 114 5.95 20.93 6.41
N GLY A 115 7.26 20.79 6.65
CA GLY A 115 7.82 21.22 7.91
C GLY A 115 7.73 22.71 8.15
N VAL A 116 7.99 23.52 7.11
CA VAL A 116 7.90 24.97 7.26
C VAL A 116 6.45 25.41 7.47
N VAL A 117 5.48 24.65 6.95
CA VAL A 117 4.08 24.90 7.28
C VAL A 117 3.80 24.56 8.74
N LEU A 118 4.47 23.54 9.28
CA LEU A 118 4.27 23.18 10.68
C LEU A 118 4.90 24.20 11.62
N LEU A 119 5.91 24.92 11.19
CA LEU A 119 6.53 25.94 12.03
C LEU A 119 5.68 27.20 12.13
N PHE A 120 4.84 27.49 11.13
CA PHE A 120 3.91 28.61 11.23
C PHE A 120 2.71 28.29 12.11
N THR A 121 2.12 27.12 11.96
CA THR A 121 0.92 26.75 12.68
C THR A 121 1.18 26.51 14.16
N VAL A 122 2.42 26.21 14.54
CA VAL A 122 2.78 26.09 15.93
C VAL A 122 2.99 27.45 16.58
N MET A 123 3.71 28.35 15.92
CA MET A 123 3.93 29.70 16.42
C MET A 123 2.66 30.53 16.51
N ALA A 124 1.64 30.21 15.72
CA ALA A 124 0.38 30.93 15.81
C ALA A 124 -0.51 30.39 16.91
N THR A 125 -0.44 29.08 17.20
CA THR A 125 -1.25 28.49 18.25
C THR A 125 -0.79 28.91 19.65
N ALA A 126 0.51 29.02 19.85
CA ALA A 126 1.01 29.48 21.14
C ALA A 126 0.78 30.97 21.37
N PHE A 127 0.41 31.72 20.34
CA PHE A 127 0.05 33.12 20.52
C PHE A 127 -1.39 33.26 20.98
N MET A 128 -2.30 32.46 20.42
CA MET A 128 -3.71 32.59 20.76
C MET A 128 -3.99 32.10 22.18
N GLY A 129 -3.14 31.25 22.73
CA GLY A 129 -3.36 30.71 24.05
C GLY A 129 -2.79 31.56 25.15
N TYR A 130 -1.78 32.36 24.86
CA TYR A 130 -1.21 33.23 25.87
C TYR A 130 -2.06 34.46 26.13
N VAL A 131 -2.90 34.86 25.18
CA VAL A 131 -3.83 35.96 25.40
C VAL A 131 -4.97 35.53 26.32
N LEU A 132 -5.31 34.25 26.34
CA LEU A 132 -6.42 33.69 27.12
C LEU A 132 -6.39 33.82 28.65
N PRO A 133 -5.24 33.78 29.35
CA PRO A 133 -5.28 34.09 30.80
C PRO A 133 -5.68 35.52 31.13
N TRP A 134 -5.50 36.46 30.21
CA TRP A 134 -6.02 37.83 30.29
C TRP A 134 -5.45 38.59 31.48
N GLY A 135 -4.13 38.71 31.49
CA GLY A 135 -3.44 39.55 32.42
C GLY A 135 -2.79 40.72 31.74
N GLN A 136 -1.84 41.34 32.43
CA GLN A 136 -1.21 42.54 31.92
C GLN A 136 -0.21 42.27 30.80
N MET A 137 0.22 41.03 30.61
CA MET A 137 1.00 40.67 29.44
C MET A 137 0.16 40.10 28.31
N SER A 138 -1.03 39.60 28.62
CA SER A 138 -1.92 39.06 27.60
C SER A 138 -2.62 40.17 26.83
N PHE A 139 -2.88 41.31 27.48
CA PHE A 139 -3.51 42.43 26.79
C PHE A 139 -2.51 43.23 25.98
N TRP A 140 -1.37 43.59 26.56
CA TRP A 140 -0.39 44.42 25.88
C TRP A 140 0.55 43.64 24.99
N GLY A 141 0.16 42.45 24.57
CA GLY A 141 0.90 41.73 23.57
C GLY A 141 0.01 41.53 22.37
N ALA A 142 -1.29 41.50 22.63
CA ALA A 142 -2.25 41.38 21.55
C ALA A 142 -2.47 42.71 20.84
N THR A 143 -2.39 43.83 21.56
CA THR A 143 -2.50 45.13 20.89
C THR A 143 -1.20 45.58 20.23
N VAL A 144 -0.10 44.90 20.47
CA VAL A 144 1.12 45.16 19.71
C VAL A 144 1.08 44.39 18.40
N ILE A 145 0.45 43.21 18.39
CA ILE A 145 0.37 42.40 17.18
C ILE A 145 -0.67 42.99 16.22
N THR A 146 -1.85 43.35 16.72
CA THR A 146 -2.91 43.83 15.85
C THR A 146 -2.64 45.22 15.28
N ASN A 147 -1.72 45.97 15.87
CA ASN A 147 -1.26 47.20 15.23
C ASN A 147 -0.41 46.89 14.00
N LEU A 148 0.38 45.83 14.05
CA LEU A 148 1.16 45.41 12.90
C LEU A 148 0.34 44.59 11.91
N LEU A 149 -0.90 44.26 12.24
CA LEU A 149 -1.79 43.60 11.30
C LEU A 149 -2.80 44.54 10.65
N SER A 150 -2.94 45.78 11.13
CA SER A 150 -3.71 46.79 10.41
C SER A 150 -2.81 47.71 9.62
N ALA A 151 -1.65 47.24 9.19
CA ALA A 151 -0.77 48.00 8.31
C ALA A 151 -0.65 47.36 6.95
N ILE A 152 -1.29 46.21 6.72
CA ILE A 152 -1.39 45.62 5.39
C ILE A 152 -2.40 46.46 4.59
N PRO A 153 -2.01 47.00 3.43
CA PRO A 153 -2.72 48.17 2.89
C PRO A 153 -4.09 47.89 2.31
N TYR A 154 -4.45 46.64 2.05
CA TYR A 154 -5.72 46.36 1.38
C TYR A 154 -6.66 45.43 2.15
N ILE A 155 -6.18 44.73 3.17
CA ILE A 155 -7.03 43.80 3.91
C ILE A 155 -6.80 44.02 5.41
N GLY A 156 -5.82 44.87 5.74
CA GLY A 156 -5.31 44.90 7.11
C GLY A 156 -6.26 45.52 8.12
N THR A 157 -7.01 46.54 7.72
CA THR A 157 -7.81 47.27 8.69
C THR A 157 -9.18 46.65 8.93
N ASP A 158 -9.65 45.78 8.03
CA ASP A 158 -10.91 45.09 8.27
C ASP A 158 -10.69 43.70 8.85
N LEU A 159 -9.45 43.24 8.92
CA LEU A 159 -9.12 41.92 9.46
C LEU A 159 -8.98 41.93 10.97
N VAL A 160 -8.37 42.97 11.53
CA VAL A 160 -8.25 43.06 12.99
C VAL A 160 -9.58 43.37 13.63
N GLU A 161 -10.50 43.97 12.88
CA GLU A 161 -11.86 44.22 13.35
C GLU A 161 -12.65 42.94 13.44
N TRP A 162 -12.26 41.89 12.72
CA TRP A 162 -12.97 40.62 12.83
C TRP A 162 -12.46 39.74 13.97
N ILE A 163 -11.17 39.81 14.32
CA ILE A 163 -10.64 38.89 15.31
C ILE A 163 -10.97 39.37 16.73
N TRP A 164 -11.09 40.68 16.92
CA TRP A 164 -11.50 41.25 18.20
C TRP A 164 -13.00 41.14 18.43
N GLY A 165 -13.74 40.55 17.50
CA GLY A 165 -15.17 40.39 17.60
C GLY A 165 -15.99 41.57 17.16
N GLY A 166 -15.40 42.54 16.47
CA GLY A 166 -16.10 43.74 16.05
C GLY A 166 -15.97 44.91 16.99
N PHE A 167 -15.38 44.71 18.16
CA PHE A 167 -15.24 45.72 19.21
C PHE A 167 -13.76 45.82 19.58
N SER A 168 -13.48 46.46 20.72
CA SER A 168 -12.09 46.38 21.19
C SER A 168 -11.85 45.14 22.04
N VAL A 169 -12.33 45.12 23.27
CA VAL A 169 -12.11 44.01 24.21
C VAL A 169 -13.29 43.83 25.18
N ASP A 170 -14.14 42.85 24.88
CA ASP A 170 -15.37 42.49 25.64
C ASP A 170 -15.53 40.98 25.66
N LYS A 171 -16.75 40.51 25.95
CA LYS A 171 -17.01 39.08 26.08
C LYS A 171 -16.80 38.33 24.76
N ALA A 172 -17.33 38.87 23.66
CA ALA A 172 -17.17 38.25 22.36
C ALA A 172 -15.85 38.63 21.69
N THR A 173 -14.89 39.16 22.46
CA THR A 173 -13.53 39.37 21.96
C THR A 173 -12.69 38.11 22.10
N LEU A 174 -12.69 37.49 23.27
CA LEU A 174 -11.87 36.31 23.50
C LEU A 174 -12.51 35.03 23.02
N THR A 175 -13.68 35.10 22.39
CA THR A 175 -14.33 33.93 21.86
C THR A 175 -13.70 33.46 20.56
N ARG A 176 -13.09 34.37 19.80
CA ARG A 176 -12.41 34.04 18.56
C ARG A 176 -10.93 33.71 18.76
N PHE A 177 -10.28 34.28 19.77
CA PHE A 177 -8.95 33.82 20.14
C PHE A 177 -8.98 32.43 20.76
N PHE A 178 -10.08 32.05 21.40
CA PHE A 178 -10.20 30.75 22.01
C PHE A 178 -10.60 29.68 21.01
N ALA A 179 -11.35 30.05 19.97
CA ALA A 179 -11.81 29.06 19.01
C ALA A 179 -10.69 28.64 18.06
N PHE A 180 -9.85 29.58 17.63
CA PHE A 180 -8.73 29.21 16.76
C PHE A 180 -7.65 28.50 17.54
N HIS A 181 -7.61 28.67 18.85
CA HIS A 181 -6.63 28.02 19.69
C HIS A 181 -7.00 26.58 20.01
N PHE A 182 -8.28 26.26 19.94
CA PHE A 182 -8.73 24.89 20.13
C PHE A 182 -8.53 24.05 18.89
N ILE A 183 -8.55 24.67 17.71
CA ILE A 183 -8.68 23.93 16.46
C ILE A 183 -7.33 23.64 15.81
N LEU A 184 -6.45 24.63 15.76
CA LEU A 184 -5.17 24.47 15.10
C LEU A 184 -4.25 23.33 15.58
N PRO A 185 -4.24 22.90 16.85
CA PRO A 185 -3.47 21.69 17.19
C PRO A 185 -3.97 20.40 16.55
N PHE A 186 -5.23 20.30 16.16
CA PHE A 186 -5.67 19.11 15.43
C PHE A 186 -5.34 19.16 13.95
N ILE A 187 -4.88 20.31 13.46
CA ILE A 187 -4.38 20.43 12.10
C ILE A 187 -2.87 20.24 12.04
N ILE A 188 -2.14 20.60 13.10
CA ILE A 188 -0.74 20.24 13.26
C ILE A 188 -0.56 18.73 13.29
N THR A 189 -1.53 18.00 13.83
CA THR A 189 -1.47 16.54 13.89
C THR A 189 -1.58 15.93 12.50
N ALA A 190 -2.56 16.35 11.72
CA ALA A 190 -2.78 15.80 10.38
C ALA A 190 -1.65 16.18 9.41
N LEU A 191 -1.02 17.32 9.60
CA LEU A 191 0.13 17.71 8.80
C LEU A 191 1.40 16.98 9.19
N ALA A 192 1.42 16.32 10.35
CA ALA A 192 2.57 15.54 10.76
C ALA A 192 2.51 14.10 10.27
N ALA A 193 1.31 13.60 9.94
CA ALA A 193 1.20 12.30 9.31
C ALA A 193 1.51 12.36 7.82
N VAL A 194 1.17 13.46 7.15
CA VAL A 194 1.58 13.68 5.77
C VAL A 194 3.07 13.94 5.71
N HIS A 195 3.63 14.47 6.78
CA HIS A 195 5.06 14.73 6.90
C HIS A 195 5.87 13.44 6.83
N LEU A 196 5.34 12.36 7.39
CA LEU A 196 6.05 11.09 7.45
C LEU A 196 5.66 10.15 6.33
N LEU A 197 4.62 10.45 5.57
CA LEU A 197 4.36 9.72 4.35
C LEU A 197 5.37 10.06 3.25
N PHE A 198 5.97 11.24 3.31
CA PHE A 198 6.96 11.62 2.32
C PHE A 198 8.38 11.22 2.71
N LEU A 199 8.63 10.97 3.99
CA LEU A 199 9.92 10.45 4.40
C LEU A 199 10.04 8.95 4.14
N HIS A 200 8.92 8.26 4.06
CA HIS A 200 8.90 6.83 3.79
C HIS A 200 9.35 6.49 2.38
N GLU A 201 9.36 7.45 1.46
CA GLU A 201 9.75 7.17 0.09
C GLU A 201 11.25 6.98 -0.04
N THR A 202 12.04 7.65 0.79
CA THR A 202 13.47 7.50 0.74
C THR A 202 14.06 6.88 2.00
N GLY A 203 13.30 6.77 3.08
CA GLY A 203 13.88 6.47 4.37
C GLY A 203 14.69 7.66 4.89
N SER A 204 15.42 7.40 5.96
CA SER A 204 16.11 8.46 6.66
C SER A 204 17.47 8.75 6.06
N ASN A 205 17.92 9.97 6.28
CA ASN A 205 19.27 10.43 6.13
C ASN A 205 20.09 9.93 7.33
N ASN A 206 21.42 10.09 7.24
CA ASN A 206 22.34 9.60 8.31
C ASN A 206 23.48 10.61 8.44
N PRO A 207 24.14 10.77 9.58
CA PRO A 207 25.16 11.83 9.80
C PRO A 207 26.21 12.03 8.72
N THR A 208 26.35 11.00 7.81
CA THR A 208 27.44 11.01 6.79
C THR A 208 26.92 11.55 5.45
N GLY A 209 25.60 11.66 5.28
CA GLY A 209 24.98 12.10 4.06
C GLY A 209 24.99 11.07 2.96
N ILE A 210 25.99 10.20 2.95
CA ILE A 210 26.10 9.10 1.99
C ILE A 210 24.97 8.11 2.21
N SER A 211 24.47 7.55 1.11
CA SER A 211 23.39 6.58 1.17
C SER A 211 23.88 5.27 1.79
N SER A 212 22.94 4.52 2.34
CA SER A 212 23.25 3.44 3.25
C SER A 212 22.40 2.22 2.98
N ASP A 213 22.19 1.88 1.72
CA ASP A 213 21.32 0.74 1.43
C ASP A 213 22.04 -0.59 1.58
N MET A 214 23.35 -0.59 1.74
CA MET A 214 24.06 -1.82 2.05
C MET A 214 23.99 -2.18 3.54
N ASP A 215 23.80 -1.18 4.42
CA ASP A 215 23.98 -1.35 5.86
C ASP A 215 22.70 -1.00 6.64
N LYS A 216 21.58 -1.59 6.26
CA LYS A 216 20.34 -1.37 6.99
C LYS A 216 20.17 -2.37 8.13
N ILE A 217 19.51 -1.94 9.20
CA ILE A 217 19.03 -2.80 10.28
C ILE A 217 17.53 -2.55 10.44
N PRO A 218 16.79 -3.49 11.03
CA PRO A 218 15.37 -3.22 11.28
C PRO A 218 15.16 -2.21 12.40
N PHE A 219 13.99 -1.56 12.39
CA PHE A 219 13.71 -0.50 13.35
C PHE A 219 13.45 -1.07 14.74
N HIS A 220 12.72 -2.19 14.82
CA HIS A 220 12.54 -2.95 16.04
C HIS A 220 13.48 -4.14 16.02
N PRO A 221 14.29 -4.38 17.06
CA PRO A 221 14.29 -3.79 18.40
C PRO A 221 15.23 -2.63 18.65
N TYR A 222 15.88 -2.11 17.63
CA TYR A 222 17.04 -1.26 17.87
C TYR A 222 16.68 0.18 18.17
N TYR A 223 15.61 0.71 17.57
CA TYR A 223 15.21 2.09 17.79
C TYR A 223 13.87 2.21 18.48
N THR A 224 13.14 1.11 18.65
CA THR A 224 11.99 1.14 19.54
C THR A 224 12.42 1.20 21.01
N ILE A 225 13.59 0.65 21.35
CA ILE A 225 14.08 0.74 22.72
C ILE A 225 14.94 1.99 22.94
N LYS A 226 15.57 2.51 21.89
CA LYS A 226 16.40 3.70 22.05
C LYS A 226 15.55 4.97 22.12
N ASP A 227 14.34 4.94 21.56
CA ASP A 227 13.47 6.10 21.63
C ASP A 227 12.75 6.17 22.97
N ILE A 228 12.38 5.01 23.54
CA ILE A 228 11.73 4.89 24.83
C ILE A 228 12.65 5.40 25.93
N LEU A 229 13.94 5.14 25.82
CA LEU A 229 14.91 5.67 26.77
C LEU A 229 15.00 7.19 26.68
N GLY A 230 14.83 7.76 25.49
CA GLY A 230 14.87 9.20 25.36
C GLY A 230 13.59 9.89 25.77
N ALA A 231 12.46 9.20 25.67
CA ALA A 231 11.18 9.76 26.10
C ALA A 231 11.03 9.78 27.62
N LEU A 232 11.65 8.83 28.33
CA LEU A 232 11.62 8.86 29.79
C LEU A 232 12.61 9.86 30.35
N PHE A 233 13.69 10.15 29.63
CA PHE A 233 14.59 11.21 30.04
C PHE A 233 14.00 12.59 29.83
N MET A 234 13.00 12.71 28.96
CA MET A 234 12.31 13.97 28.74
C MET A 234 11.28 14.25 29.83
N MET A 235 10.53 13.22 30.23
CA MET A 235 9.57 13.35 31.31
C MET A 235 10.21 13.54 32.67
N LEU A 236 11.48 13.17 32.83
CA LEU A 236 12.19 13.50 34.06
C LEU A 236 12.41 15.01 34.15
N ILE A 237 13.02 15.62 33.13
CA ILE A 237 13.33 17.05 33.12
C ILE A 237 12.06 17.90 33.08
N LEU A 238 10.98 17.37 32.50
CA LEU A 238 9.73 18.12 32.48
C LEU A 238 9.09 18.19 33.85
N LEU A 239 9.00 17.05 34.54
CA LEU A 239 8.41 17.03 35.87
C LEU A 239 9.31 17.64 36.93
N ILE A 240 10.58 17.87 36.64
CA ILE A 240 11.41 18.66 37.54
C ILE A 240 10.92 20.09 37.59
N LEU A 241 10.51 20.63 36.44
CA LEU A 241 10.09 22.03 36.40
C LEU A 241 8.66 22.21 36.90
N VAL A 242 7.80 21.20 36.78
CA VAL A 242 6.45 21.34 37.30
C VAL A 242 6.43 21.26 38.82
N LEU A 243 7.33 20.49 39.42
CA LEU A 243 7.27 20.23 40.85
C LEU A 243 8.35 20.92 41.66
N PHE A 244 9.34 21.56 41.04
CA PHE A 244 10.34 22.26 41.82
C PHE A 244 10.43 23.75 41.53
N SER A 245 10.13 24.21 40.32
CA SER A 245 10.09 25.64 40.00
C SER A 245 9.10 25.89 38.87
N PRO A 246 7.80 25.88 39.16
CA PRO A 246 6.81 26.04 38.08
C PRO A 246 6.66 27.47 37.56
N ASP A 247 7.28 28.46 38.19
CA ASP A 247 7.20 29.85 37.75
C ASP A 247 8.54 30.36 37.25
N LEU A 248 9.44 29.44 36.86
CA LEU A 248 10.79 29.84 36.48
C LEU A 248 10.81 30.50 35.11
N LEU A 249 9.95 30.05 34.20
CA LEU A 249 9.99 30.50 32.81
C LEU A 249 8.99 31.60 32.50
N GLY A 250 7.88 31.71 33.23
CA GLY A 250 6.87 32.71 32.97
C GLY A 250 7.25 34.11 33.42
N ASP A 251 6.22 34.93 33.64
CA ASP A 251 6.40 36.32 34.05
C ASP A 251 5.42 36.67 35.17
N PRO A 252 5.88 37.43 36.17
CA PRO A 252 4.99 37.82 37.27
C PRO A 252 3.87 38.77 36.87
N ASP A 253 4.10 39.61 35.85
CA ASP A 253 3.14 40.65 35.48
C ASP A 253 1.86 40.10 34.88
N ASN A 254 1.85 38.83 34.48
CA ASN A 254 0.62 38.17 34.07
C ASN A 254 -0.19 37.66 35.26
N TYR A 255 0.24 37.94 36.49
CA TYR A 255 -0.58 37.72 37.67
C TYR A 255 -1.30 38.99 38.13
N THR A 256 -1.10 40.11 37.45
CA THR A 256 -1.95 41.28 37.61
C THR A 256 -3.05 41.23 36.58
N PRO A 257 -4.32 41.36 36.98
CA PRO A 257 -5.42 41.26 36.00
C PRO A 257 -5.41 42.37 34.98
N ALA A 258 -6.06 42.10 33.85
CA ALA A 258 -6.01 42.98 32.70
C ALA A 258 -6.80 44.26 32.96
N ASN A 259 -6.11 45.39 32.88
CA ASN A 259 -6.72 46.68 33.14
C ASN A 259 -5.95 47.73 32.37
N PRO A 260 -6.57 48.35 31.34
CA PRO A 260 -5.88 49.45 30.64
C PRO A 260 -5.70 50.72 31.47
N LEU A 261 -6.31 50.83 32.65
CA LEU A 261 -6.18 52.06 33.43
C LEU A 261 -4.81 52.17 34.10
N ASN A 262 -4.10 51.04 34.12
CA ASN A 262 -2.71 51.03 34.64
C ASN A 262 -1.82 50.58 33.49
N THR A 263 -0.50 50.64 33.66
CA THR A 263 0.43 50.27 32.59
C THR A 263 1.60 49.48 33.18
N PRO A 264 2.01 48.38 32.53
CA PRO A 264 3.13 47.61 33.05
C PRO A 264 4.44 48.30 32.75
N PRO A 265 5.49 48.02 33.53
CA PRO A 265 6.80 48.65 33.26
C PRO A 265 7.43 48.22 31.96
N HIS A 266 7.25 46.96 31.55
CA HIS A 266 7.84 46.47 30.32
C HIS A 266 6.82 45.63 29.56
N ILE A 267 7.10 45.44 28.27
CA ILE A 267 6.41 44.48 27.43
C ILE A 267 7.37 43.36 27.13
N LYS A 268 7.02 42.14 27.55
CA LYS A 268 7.92 41.01 27.38
C LYS A 268 7.14 39.76 26.98
N PRO A 269 7.41 39.20 25.81
CA PRO A 269 6.82 37.90 25.48
C PRO A 269 7.56 36.75 26.16
N GLU A 270 7.08 35.53 25.90
CA GLU A 270 7.77 34.32 26.35
C GLU A 270 9.14 34.20 25.68
N TRP A 271 9.97 33.30 26.22
CA TRP A 271 11.36 33.18 25.78
C TRP A 271 11.47 32.75 24.33
N TYR A 272 10.47 32.04 23.80
CA TYR A 272 10.55 31.49 22.46
C TYR A 272 9.95 32.39 21.40
N PHE A 273 9.48 33.58 21.75
CA PHE A 273 9.10 34.58 20.76
C PHE A 273 10.00 35.79 20.81
N LEU A 274 11.05 35.76 21.62
CA LEU A 274 11.88 36.94 21.81
C LEU A 274 12.78 37.23 20.61
N PHE A 275 13.10 36.22 19.79
CA PHE A 275 13.89 36.48 18.59
C PHE A 275 13.05 37.15 17.52
N ALA A 276 11.75 36.87 17.47
CA ALA A 276 10.87 37.45 16.48
C ALA A 276 10.36 38.82 16.90
N TYR A 277 10.54 39.18 18.17
CA TYR A 277 10.17 40.51 18.67
C TYR A 277 11.33 41.48 18.59
N ALA A 278 12.57 41.00 18.52
CA ALA A 278 13.70 41.89 18.33
C ALA A 278 13.85 42.32 16.88
N ILE A 279 13.06 41.75 15.97
CA ILE A 279 13.12 42.09 14.56
C ILE A 279 11.99 43.06 14.17
N LEU A 280 10.82 42.96 14.82
CA LEU A 280 9.77 43.96 14.67
C LEU A 280 10.23 45.34 15.11
N ARG A 281 10.80 45.45 16.30
CA ARG A 281 11.22 46.73 16.84
C ARG A 281 12.51 47.26 16.21
N SER A 282 13.13 46.48 15.34
CA SER A 282 14.36 46.89 14.67
C SER A 282 14.10 47.69 13.41
N ILE A 283 12.88 47.68 12.90
CA ILE A 283 12.51 48.42 11.69
C ILE A 283 11.45 49.45 12.07
N PRO A 284 11.72 50.74 11.91
CA PRO A 284 10.82 51.78 12.44
C PRO A 284 9.67 52.11 11.50
N ASN A 285 8.83 51.11 11.25
CA ASN A 285 7.69 51.21 10.34
C ASN A 285 6.81 50.01 10.60
N LYS A 286 5.50 50.19 10.45
CA LYS A 286 4.57 49.10 10.67
C LYS A 286 4.40 48.22 9.44
N LEU A 287 5.03 48.57 8.32
CA LEU A 287 5.03 47.73 7.14
C LEU A 287 6.31 46.93 6.99
N GLY A 288 7.45 47.56 7.27
CA GLY A 288 8.70 46.84 7.24
C GLY A 288 8.98 46.01 8.49
N GLY A 289 8.00 45.88 9.37
CA GLY A 289 8.11 45.00 10.50
C GLY A 289 7.30 43.74 10.28
N VAL A 290 6.10 43.87 9.73
CA VAL A 290 5.28 42.70 9.45
C VAL A 290 5.81 41.94 8.23
N LEU A 291 6.65 42.57 7.42
CA LEU A 291 7.30 41.89 6.31
C LEU A 291 8.63 41.26 6.73
N ALA A 292 9.36 41.89 7.65
CA ALA A 292 10.56 41.28 8.20
C ALA A 292 10.25 40.22 9.24
N LEU A 293 9.00 40.13 9.71
CA LEU A 293 8.61 39.04 10.59
C LEU A 293 8.40 37.77 9.78
N VAL A 294 7.59 37.85 8.72
CA VAL A 294 7.24 36.66 7.96
C VAL A 294 8.38 36.22 7.07
N ALA A 295 9.35 37.09 6.81
CA ALA A 295 10.52 36.69 6.04
C ALA A 295 11.49 35.87 6.88
N SER A 296 11.38 35.89 8.20
CA SER A 296 12.27 35.11 9.03
C SER A 296 11.87 33.64 9.10
N ILE A 297 10.61 33.32 8.85
CA ILE A 297 10.18 31.93 8.84
C ILE A 297 10.03 31.42 7.40
N LEU A 298 9.70 32.29 6.45
CA LEU A 298 9.60 31.87 5.06
C LEU A 298 10.95 31.69 4.37
N ILE A 299 12.05 32.08 4.99
CA ILE A 299 13.35 31.94 4.34
C ILE A 299 13.83 30.50 4.35
N LEU A 300 13.16 29.62 5.10
CA LEU A 300 13.53 28.22 5.13
C LEU A 300 13.22 27.51 3.82
N ILE A 301 12.28 28.02 3.02
CA ILE A 301 11.94 27.37 1.76
C ILE A 301 12.98 27.61 0.68
N LEU A 302 13.83 28.62 0.84
CA LEU A 302 14.90 28.85 -0.12
C LEU A 302 16.14 28.00 0.16
N MET A 303 16.16 27.24 1.24
CA MET A 303 17.33 26.43 1.57
C MET A 303 17.61 25.29 0.58
N PRO A 304 16.63 24.58 -0.01
CA PRO A 304 16.99 23.65 -1.09
C PRO A 304 17.60 24.31 -2.33
N MET A 305 17.21 25.54 -2.66
CA MET A 305 17.69 26.20 -3.86
C MET A 305 19.02 26.89 -3.69
N LEU A 306 19.44 27.14 -2.47
CA LEU A 306 20.68 27.87 -2.22
C LEU A 306 21.87 26.95 -2.00
N HIS A 307 21.69 25.64 -2.07
CA HIS A 307 22.75 24.68 -1.81
C HIS A 307 23.63 24.49 -3.04
N THR A 308 24.89 24.88 -2.92
CA THR A 308 25.84 24.83 -4.02
C THR A 308 27.05 23.94 -3.69
N SER A 309 26.87 22.95 -2.83
CA SER A 309 27.97 22.05 -2.49
C SER A 309 27.79 20.70 -3.17
N LYS A 310 28.92 20.00 -3.34
CA LYS A 310 28.93 18.67 -3.92
C LYS A 310 28.48 17.59 -2.94
N GLN A 311 28.60 17.84 -1.63
CA GLN A 311 28.22 16.92 -0.56
C GLN A 311 26.92 17.37 0.10
N ARG A 312 26.26 16.43 0.76
CA ARG A 312 24.94 16.68 1.33
C ARG A 312 24.98 17.18 2.76
N SER A 313 25.75 16.54 3.63
CA SER A 313 25.84 16.84 5.05
C SER A 313 27.02 17.73 5.34
N MET A 314 27.06 18.27 6.55
CA MET A 314 28.14 19.14 7.00
C MET A 314 29.18 18.44 7.84
N MET A 315 29.19 17.09 7.86
CA MET A 315 30.18 16.37 8.65
C MET A 315 31.58 16.56 8.11
N PHE A 316 31.74 16.59 6.80
CA PHE A 316 33.05 16.73 6.19
C PHE A 316 33.32 18.15 5.69
N ARG A 317 32.46 19.11 6.04
CA ARG A 317 32.57 20.50 5.60
C ARG A 317 32.89 21.40 6.78
N PRO A 318 34.17 21.63 7.08
CA PRO A 318 34.51 22.34 8.31
C PRO A 318 34.36 23.86 8.27
N LEU A 319 34.30 24.47 7.10
CA LEU A 319 34.05 25.91 7.02
C LEU A 319 32.57 26.23 6.97
N SER A 320 31.76 25.26 6.56
CA SER A 320 30.32 25.45 6.53
C SER A 320 29.68 25.28 7.89
N GLN A 321 30.34 24.57 8.81
CA GLN A 321 29.77 24.41 10.13
C GLN A 321 30.29 25.47 11.09
N CYS A 322 31.39 26.12 10.74
CA CYS A 322 31.81 27.33 11.44
C CYS A 322 30.79 28.45 11.30
N LEU A 323 30.05 28.47 10.19
CA LEU A 323 28.96 29.40 9.99
C LEU A 323 27.62 28.87 10.47
N PHE A 324 27.51 27.60 10.79
CA PHE A 324 26.28 27.09 11.40
C PHE A 324 26.15 27.55 12.86
N TRP A 325 27.25 27.67 13.58
CA TRP A 325 27.18 28.09 14.96
C TRP A 325 27.29 29.60 15.15
N MET A 326 27.64 30.34 14.10
CA MET A 326 27.40 31.77 14.10
C MET A 326 25.91 32.09 13.91
N LEU A 327 25.17 31.18 13.28
CA LEU A 327 23.74 31.38 13.16
C LEU A 327 23.01 31.02 14.44
N VAL A 328 23.55 30.08 15.22
CA VAL A 328 22.92 29.72 16.49
C VAL A 328 23.25 30.77 17.54
N ALA A 329 24.48 31.28 17.55
CA ALA A 329 24.89 32.35 18.45
C ALA A 329 24.33 33.72 18.07
N ASP A 330 23.56 33.82 16.99
CA ASP A 330 22.85 35.03 16.62
C ASP A 330 21.36 34.96 16.94
N LEU A 331 20.79 33.77 17.05
CA LEU A 331 19.45 33.64 17.60
C LEU A 331 19.44 33.68 19.12
N ILE A 332 20.61 33.54 19.75
CA ILE A 332 20.74 33.80 21.18
C ILE A 332 20.82 35.28 21.45
N THR A 333 21.55 36.02 20.61
CA THR A 333 21.66 37.46 20.75
C THR A 333 20.32 38.14 20.47
N LEU A 334 19.53 37.60 19.57
CA LEU A 334 18.20 38.15 19.31
C LEU A 334 17.18 37.75 20.37
N THR A 335 17.51 36.83 21.27
CA THR A 335 16.63 36.49 22.37
C THR A 335 16.92 37.32 23.61
N TRP A 336 18.17 37.75 23.78
CA TRP A 336 18.51 38.65 24.87
C TRP A 336 18.08 40.08 24.59
N ILE A 337 18.25 40.54 23.34
CA ILE A 337 17.83 41.88 22.95
C ILE A 337 16.32 42.01 22.99
N GLY A 338 15.59 40.95 22.65
CA GLY A 338 14.15 40.96 22.60
C GLY A 338 13.44 41.13 23.93
N GLY A 339 14.15 41.11 25.05
CA GLY A 339 13.56 41.38 26.34
C GLY A 339 14.28 42.50 27.07
N GLN A 340 14.73 43.50 26.34
CA GLN A 340 15.38 44.68 26.88
C GLN A 340 14.55 45.93 26.56
N PRO A 341 14.74 47.02 27.30
CA PRO A 341 14.08 48.28 26.92
C PRO A 341 14.69 48.89 25.67
N VAL A 342 13.86 49.61 24.93
CA VAL A 342 14.28 50.22 23.67
C VAL A 342 15.10 51.46 24.01
N GLU A 343 16.39 51.26 24.21
CA GLU A 343 17.28 52.30 24.70
C GLU A 343 18.44 52.40 23.72
N HIS A 344 19.50 53.11 24.13
CA HIS A 344 20.62 53.36 23.21
C HIS A 344 21.36 52.10 22.78
N PRO A 345 21.90 51.22 23.69
CA PRO A 345 22.71 50.12 23.16
C PRO A 345 21.85 49.01 22.57
N PHE A 346 20.62 48.86 23.03
CA PHE A 346 19.80 47.72 22.65
C PHE A 346 19.09 47.90 21.30
N ILE A 347 19.44 48.93 20.53
CA ILE A 347 18.93 49.06 19.17
C ILE A 347 20.03 49.02 18.12
N ILE A 348 21.26 49.43 18.43
CA ILE A 348 22.36 49.21 17.50
C ILE A 348 22.74 47.73 17.45
N ILE A 349 22.53 47.00 18.56
CA ILE A 349 22.72 45.54 18.54
C ILE A 349 21.51 44.83 17.97
N GLY A 350 20.31 45.41 18.08
CA GLY A 350 19.13 44.74 17.58
C GLY A 350 19.00 44.77 16.07
N GLN A 351 19.61 45.76 15.42
CA GLN A 351 19.53 45.85 13.96
C GLN A 351 20.78 45.38 13.25
N LEU A 352 21.94 45.41 13.89
CA LEU A 352 23.12 44.79 13.29
C LEU A 352 23.09 43.28 13.40
N ALA A 353 22.18 42.73 14.18
CA ALA A 353 22.00 41.29 14.29
C ALA A 353 20.72 40.82 13.63
N SER A 354 19.82 41.72 13.26
CA SER A 354 18.73 41.34 12.39
C SER A 354 19.14 41.36 10.93
N ILE A 355 20.23 42.05 10.61
CA ILE A 355 20.83 42.00 9.28
C ILE A 355 21.61 40.70 9.10
N LEU A 356 22.47 40.37 10.08
CA LEU A 356 23.34 39.20 10.02
C LEU A 356 22.59 37.88 9.97
N TYR A 357 21.34 37.84 10.42
CA TYR A 357 20.53 36.64 10.27
C TYR A 357 20.20 36.36 8.81
N PHE A 358 20.02 37.40 8.01
CA PHE A 358 19.68 37.23 6.60
C PHE A 358 20.91 37.19 5.71
N LEU A 359 22.00 37.80 6.13
CA LEU A 359 23.24 37.76 5.35
C LEU A 359 23.91 36.40 5.41
N ILE A 360 23.67 35.62 6.45
CA ILE A 360 24.31 34.30 6.57
C ILE A 360 23.58 33.27 5.70
N ILE A 361 22.25 33.27 5.73
CA ILE A 361 21.49 32.27 5.00
C ILE A 361 21.53 32.53 3.50
N LEU A 362 21.33 33.78 3.10
CA LEU A 362 21.10 34.11 1.70
C LEU A 362 22.38 34.33 0.91
N VAL A 363 23.45 34.80 1.53
CA VAL A 363 24.64 35.24 0.81
C VAL A 363 25.88 34.46 1.25
N LEU A 364 26.15 34.45 2.55
CA LEU A 364 27.43 33.91 3.02
C LEU A 364 27.48 32.39 2.99
N MET A 365 26.33 31.72 3.11
CA MET A 365 26.35 30.26 2.97
C MET A 365 26.60 29.80 1.54
N PRO A 366 25.91 30.29 0.47
CA PRO A 366 26.17 29.72 -0.86
C PRO A 366 27.53 30.04 -1.45
N ILE A 367 28.21 31.08 -0.99
CA ILE A 367 29.54 31.41 -1.48
C ILE A 367 30.61 30.54 -0.82
N THR A 368 30.40 30.11 0.43
CA THR A 368 31.38 29.28 1.13
C THR A 368 31.26 27.81 0.71
N SER A 369 30.08 27.36 0.27
CA SER A 369 29.98 26.04 -0.33
C SER A 369 30.71 25.94 -1.67
N ILE A 370 30.92 27.04 -2.37
CA ILE A 370 31.62 27.03 -3.64
C ILE A 370 33.13 27.03 -3.45
N ILE A 371 33.64 27.71 -2.41
CA ILE A 371 35.06 27.68 -2.09
C ILE A 371 35.48 26.28 -1.65
N GLU A 372 34.57 25.51 -1.07
CA GLU A 372 34.85 24.15 -0.63
C GLU A 372 34.97 23.19 -1.80
N ASN A 373 34.08 23.33 -2.79
CA ASN A 373 34.15 22.59 -4.04
C ASN A 373 35.45 22.86 -4.79
N ASN A 374 35.93 24.08 -4.77
CA ASN A 374 37.14 24.44 -5.49
C ASN A 374 38.41 23.93 -4.82
N LEU A 375 38.37 23.64 -3.52
CA LEU A 375 39.53 23.11 -2.82
C LEU A 375 39.54 21.59 -2.75
N LEU A 376 38.43 20.94 -3.08
CA LEU A 376 38.39 19.49 -3.24
C LEU A 376 38.56 19.06 -4.68
N LYS A 377 38.92 20.01 -5.58
CA LYS A 377 38.94 19.84 -7.04
C LYS A 377 37.62 19.27 -7.55
N TRP A 378 36.53 19.88 -7.11
CA TRP A 378 35.12 19.48 -7.27
C TRP A 378 34.77 18.14 -6.66
N THR B 1 14.80 60.30 36.15
CA THR B 1 16.24 60.38 36.32
C THR B 1 16.75 59.27 37.24
N ASP B 2 16.08 59.16 38.37
CA ASP B 2 16.46 58.23 39.45
C ASP B 2 16.32 56.77 39.03
N LEU B 3 16.69 55.85 39.83
CA LEU B 3 16.82 54.46 39.38
C LEU B 3 15.97 53.52 40.23
N GLU B 4 16.26 52.24 40.07
CA GLU B 4 15.56 51.14 40.72
C GLU B 4 16.43 50.53 41.80
N LEU B 5 15.82 50.20 42.94
CA LEU B 5 16.49 49.49 44.02
C LEU B 5 15.99 48.05 44.06
N HIS B 6 16.92 47.11 44.20
CA HIS B 6 16.59 45.69 44.17
C HIS B 6 16.71 45.08 45.57
N ALA B 7 15.73 44.26 45.93
CA ALA B 7 15.64 43.76 47.29
C ALA B 7 16.69 42.68 47.57
N PRO B 8 17.34 42.73 48.73
CA PRO B 8 18.33 41.70 49.09
C PRO B 8 17.65 40.39 49.44
N SER B 9 18.34 39.29 49.12
CA SER B 9 17.80 37.95 49.31
C SER B 9 18.00 37.50 50.76
N TYR B 10 16.91 37.13 51.42
CA TYR B 10 16.91 36.69 52.80
C TYR B 10 16.87 35.18 52.90
N PRO B 11 17.50 34.60 53.91
CA PRO B 11 17.46 33.15 54.05
C PRO B 11 16.15 32.66 54.64
N TRP B 12 15.13 32.53 53.81
CA TRP B 12 13.83 32.09 54.31
C TRP B 12 13.90 30.61 54.67
N SER B 13 12.94 30.16 55.49
CA SER B 13 12.86 28.78 55.91
C SER B 13 12.17 27.90 54.88
N HIS B 14 11.73 28.48 53.77
CA HIS B 14 11.16 27.72 52.67
C HIS B 14 11.96 27.87 51.38
N ARG B 15 13.10 28.56 51.41
CA ARG B 15 13.95 28.63 50.23
C ARG B 15 14.94 27.48 50.18
N GLY B 16 14.42 26.26 50.27
CA GLY B 16 15.19 25.07 49.99
C GLY B 16 14.39 24.20 49.05
N LEU B 17 15.07 23.21 48.48
CA LEU B 17 14.45 22.44 47.41
C LEU B 17 13.47 21.40 47.95
N LEU B 18 13.63 20.96 49.20
CA LEU B 18 12.70 20.04 49.83
C LEU B 18 12.12 20.60 51.11
N SER B 19 12.11 21.92 51.28
CA SER B 19 11.77 22.59 52.53
C SER B 19 10.29 22.98 52.56
N SER B 20 9.82 23.33 53.75
CA SER B 20 8.42 23.70 53.94
C SER B 20 8.27 25.13 54.42
N LEU B 21 7.02 25.54 54.57
CA LEU B 21 6.65 26.75 55.27
C LEU B 21 6.43 26.43 56.75
N ASP B 22 6.99 27.26 57.62
CA ASP B 22 6.79 27.11 59.06
C ASP B 22 5.35 27.47 59.40
N HIS B 23 4.56 26.47 59.80
CA HIS B 23 3.12 26.66 59.94
C HIS B 23 2.72 27.46 61.17
N THR B 24 3.58 27.59 62.18
CA THR B 24 3.28 28.53 63.25
C THR B 24 3.58 29.96 62.83
N SER B 25 4.50 30.14 61.88
CA SER B 25 4.73 31.46 61.33
C SER B 25 3.61 31.91 60.40
N ILE B 26 2.85 30.98 59.83
CA ILE B 26 1.67 31.36 59.07
C ILE B 26 0.51 31.63 60.01
N ARG B 27 0.53 31.03 61.21
CA ARG B 27 -0.52 31.27 62.19
C ARG B 27 -0.42 32.68 62.74
N ARG B 28 0.78 33.09 63.12
CA ARG B 28 1.00 34.47 63.55
C ARG B 28 0.86 35.47 62.42
N GLY B 29 0.97 35.02 61.17
CA GLY B 29 0.86 35.88 60.02
C GLY B 29 -0.55 36.22 59.58
N PHE B 30 -1.51 35.38 59.96
CA PHE B 30 -2.89 35.72 59.65
C PHE B 30 -3.42 36.79 60.61
N GLN B 31 -2.91 36.77 61.85
CA GLN B 31 -3.33 37.77 62.86
C GLN B 31 -2.86 39.15 62.42
N VAL B 32 -1.64 39.24 61.89
CA VAL B 32 -1.13 40.55 61.48
C VAL B 32 -1.90 41.04 60.24
N TYR B 33 -2.42 40.14 59.42
CA TYR B 33 -3.31 40.54 58.34
C TYR B 33 -4.67 40.96 58.88
N LYS B 34 -5.15 40.29 59.92
CA LYS B 34 -6.48 40.55 60.46
C LYS B 34 -6.59 41.95 61.06
N GLN B 35 -5.55 42.41 61.73
CA GLN B 35 -5.66 43.57 62.59
C GLN B 35 -4.83 44.77 62.18
N VAL B 36 -3.78 44.61 61.39
CA VAL B 36 -3.02 45.76 60.92
C VAL B 36 -3.59 46.20 59.57
N CYS B 37 -3.51 45.32 58.58
CA CYS B 37 -4.28 45.53 57.36
C CYS B 37 -5.64 44.88 57.50
N SER B 38 -6.33 44.70 56.36
CA SER B 38 -7.72 44.32 56.13
C SER B 38 -8.66 45.48 56.42
N SER B 39 -8.11 46.64 56.77
CA SER B 39 -8.92 47.86 56.94
C SER B 39 -8.68 48.75 55.71
N CYS B 40 -7.52 48.58 55.06
CA CYS B 40 -7.17 49.33 53.83
C CYS B 40 -7.06 48.34 52.66
N HIS B 41 -6.84 47.04 52.94
CA HIS B 41 -6.60 46.05 51.85
C HIS B 41 -7.59 44.86 51.88
N SER B 42 -7.51 43.97 50.88
CA SER B 42 -8.48 42.84 50.77
C SER B 42 -7.78 41.50 50.50
N MET B 43 -8.53 40.46 50.11
CA MET B 43 -7.98 39.12 49.89
C MET B 43 -9.10 38.24 49.33
N ASP B 44 -9.60 38.49 48.19
CA ASP B 44 -10.88 37.89 47.72
C ASP B 44 -10.76 36.54 47.09
N TYR B 45 -9.54 35.91 47.41
CA TYR B 45 -9.18 34.63 46.76
C TYR B 45 -8.93 33.61 47.86
N VAL B 46 -8.94 34.10 49.11
CA VAL B 46 -8.71 33.22 50.25
C VAL B 46 -9.93 33.26 51.16
N ALA B 47 -10.44 32.08 51.54
CA ALA B 47 -11.59 31.97 52.41
C ALA B 47 -11.16 31.60 53.83
N TYR B 48 -12.12 31.32 54.70
CA TYR B 48 -11.81 30.85 56.04
C TYR B 48 -11.62 29.34 56.09
N ARG B 49 -12.25 28.61 55.19
CA ARG B 49 -12.13 27.15 55.17
C ARG B 49 -10.81 26.67 54.58
N HIS B 50 -9.96 27.56 54.14
CA HIS B 50 -8.67 27.18 53.56
C HIS B 50 -7.56 27.13 54.59
N LEU B 51 -7.79 27.58 55.82
CA LEU B 51 -6.76 27.54 56.85
C LEU B 51 -6.94 26.39 57.82
N VAL B 52 -8.00 25.59 57.68
CA VAL B 52 -8.18 24.43 58.55
C VAL B 52 -7.23 23.35 58.06
N GLY B 53 -6.44 22.81 58.98
CA GLY B 53 -5.33 21.96 58.62
C GLY B 53 -4.05 22.69 58.26
N VAL B 54 -4.09 24.02 58.18
CA VAL B 54 -2.92 24.82 57.84
C VAL B 54 -2.44 25.64 59.03
N CYS B 55 -3.33 26.44 59.64
CA CYS B 55 -2.99 27.28 60.77
C CYS B 55 -3.82 26.94 62.00
N TYR B 56 -5.14 26.88 61.82
CA TYR B 56 -6.09 26.74 62.91
C TYR B 56 -6.84 25.41 62.78
N THR B 57 -7.41 24.96 63.89
CA THR B 57 -8.26 23.80 63.87
C THR B 57 -9.62 24.22 63.30
N GLU B 58 -10.45 23.24 62.92
CA GLU B 58 -11.77 23.58 62.37
C GLU B 58 -12.68 24.16 63.44
N GLU B 59 -12.52 23.73 64.69
CA GLU B 59 -13.20 24.42 65.78
C GLU B 59 -12.60 25.80 66.01
N GLU B 60 -11.29 25.93 65.83
CA GLU B 60 -10.62 27.19 66.10
C GLU B 60 -10.95 28.25 65.06
N ALA B 61 -11.19 27.84 63.82
CA ALA B 61 -11.48 28.77 62.72
C ALA B 61 -12.98 28.94 62.47
N LYS B 62 -13.82 28.08 63.03
CA LYS B 62 -15.26 28.33 62.99
C LYS B 62 -15.65 29.53 63.85
N ALA B 63 -15.07 29.63 65.04
CA ALA B 63 -15.38 30.74 65.93
C ALA B 63 -14.68 32.03 65.50
N LEU B 64 -13.71 31.93 64.60
CA LEU B 64 -13.00 33.09 64.11
C LEU B 64 -13.71 33.76 62.92
N ALA B 65 -14.63 33.05 62.27
CA ALA B 65 -15.43 33.66 61.21
C ALA B 65 -16.59 34.46 61.79
N GLU B 66 -17.01 34.09 63.00
CA GLU B 66 -18.18 34.66 63.68
C GLU B 66 -18.04 36.15 63.96
N GLU B 67 -16.81 36.64 64.10
CA GLU B 67 -16.49 38.00 64.53
C GLU B 67 -17.08 39.09 63.64
N VAL B 68 -17.25 38.81 62.35
CA VAL B 68 -17.81 39.76 61.40
C VAL B 68 -19.10 39.21 60.83
N GLU B 69 -20.06 40.10 60.58
CA GLU B 69 -21.35 39.74 60.02
C GLU B 69 -21.44 40.32 58.61
N VAL B 70 -21.75 39.46 57.65
CA VAL B 70 -21.72 39.81 56.23
C VAL B 70 -23.15 39.87 55.71
N GLN B 71 -23.44 40.88 54.90
CA GLN B 71 -24.75 40.98 54.25
C GLN B 71 -24.93 39.85 53.25
N ASP B 72 -26.09 39.19 53.32
CA ASP B 72 -26.43 38.17 52.33
C ASP B 72 -27.67 38.62 51.55
N GLY B 73 -28.12 37.77 50.64
CA GLY B 73 -29.05 38.17 49.62
C GLY B 73 -30.47 38.29 50.13
N PRO B 74 -31.39 38.61 49.22
CA PRO B 74 -32.78 38.82 49.62
C PRO B 74 -33.52 37.53 49.90
N ASN B 75 -34.65 37.67 50.59
CA ASN B 75 -35.47 36.57 51.02
C ASN B 75 -36.89 37.07 51.26
N GLU B 76 -37.71 36.20 51.84
CA GLU B 76 -38.95 36.66 52.45
C GLU B 76 -38.66 37.26 53.81
N ASP B 77 -39.63 38.03 54.31
CA ASP B 77 -39.66 38.69 55.62
C ASP B 77 -38.64 39.82 55.76
N GLY B 78 -37.79 40.02 54.76
CA GLY B 78 -36.79 41.06 54.77
C GLY B 78 -36.26 41.30 53.36
N GLU B 79 -35.34 42.25 53.26
CA GLU B 79 -34.75 42.59 51.96
C GLU B 79 -33.25 42.34 51.92
N MET B 80 -32.52 42.66 52.97
CA MET B 80 -31.09 42.34 53.05
C MET B 80 -30.83 41.83 54.47
N PHE B 81 -30.74 40.51 54.59
CA PHE B 81 -30.56 39.84 55.87
C PHE B 81 -29.13 40.02 56.37
N MET B 82 -28.97 39.97 57.69
CA MET B 82 -27.65 39.99 58.33
C MET B 82 -27.46 38.72 59.14
N ARG B 83 -26.32 38.07 58.94
CA ARG B 83 -26.03 36.81 59.61
C ARG B 83 -24.54 36.76 59.88
N PRO B 84 -24.08 35.98 60.87
CA PRO B 84 -22.64 35.85 61.09
C PRO B 84 -21.98 35.01 60.01
N GLY B 85 -20.65 35.06 59.99
CA GLY B 85 -19.89 34.43 58.93
C GLY B 85 -19.77 32.92 59.10
N LYS B 86 -19.86 32.21 57.98
CA LYS B 86 -19.60 30.78 57.94
C LYS B 86 -18.16 30.54 57.49
N LEU B 87 -17.81 29.30 57.21
CA LEU B 87 -16.51 28.98 56.65
C LEU B 87 -16.45 29.18 55.13
N SER B 88 -17.59 29.38 54.49
CA SER B 88 -17.64 29.76 53.08
C SER B 88 -17.60 31.27 52.93
N ASP B 89 -16.54 31.86 53.45
CA ASP B 89 -16.47 33.31 53.58
C ASP B 89 -15.13 33.79 53.08
N TYR B 90 -15.13 34.44 51.92
CA TYR B 90 -13.94 35.15 51.48
C TYR B 90 -13.79 36.38 52.36
N PHE B 91 -12.55 36.78 52.59
CA PHE B 91 -12.20 37.82 53.55
C PHE B 91 -12.79 39.14 53.10
N PRO B 92 -13.59 39.81 53.93
CA PRO B 92 -14.46 40.88 53.46
C PRO B 92 -13.70 42.14 53.06
N LYS B 93 -14.31 42.87 52.12
CA LYS B 93 -13.62 43.97 51.47
C LYS B 93 -13.56 45.20 52.36
N PRO B 94 -12.48 45.97 52.29
CA PRO B 94 -12.32 47.15 53.15
C PRO B 94 -13.10 48.37 52.73
N TYR B 95 -13.50 48.51 51.47
CA TYR B 95 -14.31 49.66 51.11
C TYR B 95 -15.51 49.32 50.24
N PRO B 96 -16.30 48.26 50.56
CA PRO B 96 -17.03 47.47 49.53
C PRO B 96 -17.75 48.17 48.38
N ASN B 97 -17.66 47.59 47.19
CA ASN B 97 -18.20 48.28 45.98
C ASN B 97 -17.55 49.67 45.96
N PRO B 98 -16.20 49.79 45.95
CA PRO B 98 -15.53 51.09 46.03
C PRO B 98 -15.35 51.78 44.68
N GLU B 99 -16.30 52.62 44.29
CA GLU B 99 -16.15 53.39 43.03
C GLU B 99 -14.81 54.13 43.07
N ALA B 100 -14.55 54.82 44.18
CA ALA B 100 -13.29 55.58 44.32
C ALA B 100 -12.79 55.48 45.77
N ALA B 101 -12.13 54.37 46.12
CA ALA B 101 -11.54 54.26 47.48
C ALA B 101 -10.51 55.38 47.64
N ARG B 102 -10.03 55.94 46.53
CA ARG B 102 -9.08 57.08 46.58
C ARG B 102 -9.65 58.19 47.48
N ALA B 103 -10.98 58.32 47.57
CA ALA B 103 -11.50 59.32 48.50
C ALA B 103 -10.97 59.09 49.90
N ALA B 104 -10.83 57.83 50.30
CA ALA B 104 -10.23 57.48 51.57
C ALA B 104 -8.72 57.34 51.50
N ASN B 105 -8.12 57.50 50.32
CA ASN B 105 -6.72 57.11 50.16
C ASN B 105 -5.89 58.07 49.32
N ASN B 106 -6.32 59.33 49.13
CA ASN B 106 -5.55 60.40 48.51
C ASN B 106 -5.16 60.10 47.05
N GLY B 107 -6.16 59.70 46.27
CA GLY B 107 -5.95 59.46 44.85
C GLY B 107 -5.09 58.27 44.51
N ALA B 108 -5.30 57.14 45.20
CA ALA B 108 -4.55 55.91 44.94
C ALA B 108 -5.29 54.69 45.45
N LEU B 109 -5.51 53.70 44.59
CA LEU B 109 -6.24 52.50 44.98
C LEU B 109 -5.27 51.47 45.53
N PRO B 110 -5.47 50.98 46.75
CA PRO B 110 -4.61 49.92 47.28
C PRO B 110 -4.98 48.57 46.69
N PRO B 111 -3.99 47.78 46.26
CA PRO B 111 -4.28 46.56 45.49
C PRO B 111 -4.83 45.44 46.34
N ASP B 112 -5.39 44.46 45.64
CA ASP B 112 -5.66 43.16 46.25
C ASP B 112 -4.34 42.49 46.62
N LEU B 113 -4.36 41.73 47.71
CA LEU B 113 -3.16 41.07 48.21
C LEU B 113 -3.20 39.56 48.06
N SER B 114 -4.08 39.00 47.23
CA SER B 114 -4.12 37.56 47.05
C SER B 114 -2.93 37.05 46.24
N TYR B 115 -2.45 37.83 45.29
CA TYR B 115 -1.33 37.43 44.44
C TYR B 115 -0.21 38.44 44.46
N ILE B 116 -0.05 39.18 45.56
CA ILE B 116 0.93 40.27 45.57
C ILE B 116 2.36 39.72 45.57
N VAL B 117 2.56 38.48 46.01
CA VAL B 117 3.89 37.90 46.00
C VAL B 117 4.22 37.27 44.65
N ARG B 118 3.21 36.68 44.01
CA ARG B 118 3.40 36.06 42.67
C ARG B 118 3.45 37.13 41.57
N ALA B 119 3.03 38.36 41.85
CA ALA B 119 2.94 39.40 40.83
C ALA B 119 3.96 40.51 41.06
N ARG B 120 5.09 40.18 41.68
CA ARG B 120 6.14 41.16 41.88
C ARG B 120 7.45 40.52 41.46
N HIS B 121 8.35 41.35 40.92
CA HIS B 121 9.65 40.81 40.42
C HIS B 121 10.30 40.10 41.62
N GLY B 122 10.68 40.88 42.63
CA GLY B 122 11.15 40.23 43.87
C GLY B 122 9.90 39.69 44.55
N GLY B 123 9.94 38.46 45.07
CA GLY B 123 8.70 37.89 45.63
C GLY B 123 8.41 38.42 47.02
N GLU B 124 8.07 37.53 47.95
CA GLU B 124 7.87 37.95 49.34
C GLU B 124 9.13 38.58 49.90
N ASP B 125 10.24 38.43 49.18
CA ASP B 125 11.47 39.13 49.43
C ASP B 125 11.38 40.62 49.13
N TYR B 126 10.47 41.02 48.24
CA TYR B 126 10.25 42.43 47.95
C TYR B 126 9.32 43.08 48.98
N VAL B 127 8.32 42.33 49.45
CA VAL B 127 7.35 42.83 50.43
C VAL B 127 7.97 43.06 51.80
N PHE B 128 8.92 42.22 52.23
CA PHE B 128 9.65 42.43 53.47
C PHE B 128 10.55 43.65 53.39
N SER B 129 11.20 43.87 52.25
CA SER B 129 12.09 45.02 52.14
C SER B 129 11.33 46.32 51.95
N LEU B 130 10.04 46.24 51.59
CA LEU B 130 9.20 47.42 51.48
C LEU B 130 8.82 47.97 52.85
N LEU B 131 8.31 47.11 53.73
CA LEU B 131 7.76 47.56 55.00
C LEU B 131 8.83 47.94 56.01
N THR B 132 10.03 47.36 55.91
CA THR B 132 11.08 47.59 56.90
C THR B 132 12.23 48.42 56.34
N GLY B 133 11.96 49.26 55.35
CA GLY B 133 12.99 50.09 54.78
C GLY B 133 12.53 51.50 54.49
N TYR B 134 11.53 51.95 55.26
CA TYR B 134 10.99 53.30 55.13
C TYR B 134 12.03 54.35 55.47
N CYS B 135 11.91 55.51 54.82
CA CYS B 135 12.74 56.65 55.16
C CYS B 135 11.92 57.92 55.15
N GLU B 136 12.60 59.05 55.21
CA GLU B 136 11.97 60.34 55.16
C GLU B 136 12.68 60.99 53.98
N PRO B 137 12.02 61.90 53.24
CA PRO B 137 12.53 62.38 51.94
C PRO B 137 13.89 63.05 52.03
N PRO B 138 14.79 62.72 51.11
CA PRO B 138 16.15 63.28 51.15
C PRO B 138 16.25 64.60 50.42
N THR B 139 17.47 65.10 50.26
CA THR B 139 17.67 66.47 49.81
C THR B 139 17.40 66.67 48.34
N GLY B 140 16.62 67.69 48.00
CA GLY B 140 16.32 68.03 46.63
C GLY B 140 15.10 67.30 46.12
N VAL B 141 14.62 66.36 46.92
CA VAL B 141 13.46 65.56 46.55
C VAL B 141 12.24 66.20 47.18
N SER B 142 11.27 66.53 46.33
CA SER B 142 10.04 67.13 46.78
C SER B 142 9.08 66.04 47.22
N LEU B 143 7.83 66.42 47.48
CA LEU B 143 6.83 65.51 48.03
C LEU B 143 5.45 66.11 47.88
N ARG B 144 4.44 65.25 47.75
CA ARG B 144 3.07 65.70 47.81
C ARG B 144 2.62 65.57 49.27
N GLU B 145 1.40 66.03 49.58
CA GLU B 145 0.99 66.07 50.99
C GLU B 145 0.60 64.70 51.52
N GLY B 146 0.29 63.75 50.64
CA GLY B 146 -0.07 62.42 51.08
C GLY B 146 0.86 61.36 50.54
N LEU B 147 2.10 61.74 50.25
CA LEU B 147 3.08 60.83 49.68
C LEU B 147 4.31 60.78 50.57
N TYR B 148 4.89 59.59 50.69
CA TYR B 148 6.03 59.32 51.56
C TYR B 148 7.14 58.72 50.72
N PHE B 149 8.37 58.91 51.18
CA PHE B 149 9.54 58.51 50.41
C PHE B 149 9.92 57.08 50.78
N ASN B 150 9.51 56.13 49.94
CA ASN B 150 9.88 54.73 50.08
C ASN B 150 10.94 54.41 49.04
N PRO B 151 12.12 53.91 49.43
CA PRO B 151 13.15 53.63 48.42
C PRO B 151 12.88 52.40 47.57
N TYR B 152 11.98 51.52 47.99
CA TYR B 152 11.71 50.30 47.26
C TYR B 152 10.39 50.37 46.50
N PHE B 153 9.97 51.56 46.15
CA PHE B 153 8.87 51.82 45.26
C PHE B 153 9.44 52.42 43.97
N PRO B 154 8.87 52.10 42.79
CA PRO B 154 9.51 52.57 41.54
C PRO B 154 9.45 54.07 41.35
N GLY B 155 8.36 54.72 41.74
CA GLY B 155 8.30 56.17 41.66
C GLY B 155 8.86 56.83 42.90
N GLN B 156 9.15 56.02 43.92
CA GLN B 156 9.67 56.41 45.23
C GLN B 156 8.75 57.38 45.97
N ALA B 157 7.46 57.28 45.70
CA ALA B 157 6.47 58.13 46.34
C ALA B 157 5.19 57.33 46.43
N ILE B 158 4.93 56.76 47.61
CA ILE B 158 3.85 55.81 47.79
C ILE B 158 2.80 56.43 48.69
N ALA B 159 1.54 56.14 48.42
CA ALA B 159 0.41 56.73 49.14
C ALA B 159 -0.09 55.86 50.27
N MET B 160 0.80 55.07 50.87
CA MET B 160 0.46 54.24 52.02
C MET B 160 1.25 54.75 53.22
N ALA B 161 0.54 55.07 54.29
CA ALA B 161 1.22 55.42 55.53
C ALA B 161 1.84 54.14 56.13
N PRO B 162 3.00 54.25 56.79
CA PRO B 162 3.70 53.07 57.33
C PRO B 162 2.83 52.29 58.31
N PRO B 163 2.46 51.06 57.95
CA PRO B 163 1.41 50.36 58.70
C PRO B 163 1.90 49.61 59.93
N ILE B 164 3.20 49.32 60.05
CA ILE B 164 3.70 48.57 61.19
C ILE B 164 4.84 49.33 61.85
N TYR B 165 4.85 49.28 63.18
CA TYR B 165 5.89 49.83 64.05
C TYR B 165 6.03 48.84 65.20
N ASN B 166 6.75 49.25 66.24
CA ASN B 166 7.03 48.36 67.37
C ASN B 166 5.76 48.15 68.19
N GLU B 167 5.30 46.90 68.23
CA GLU B 167 4.10 46.43 68.93
C GLU B 167 2.82 47.12 68.48
N VAL B 168 2.41 46.89 67.24
CA VAL B 168 1.07 47.24 66.77
C VAL B 168 0.03 46.30 67.36
N LEU B 169 0.43 45.11 67.78
CA LEU B 169 -0.46 44.13 68.37
C LEU B 169 0.39 43.21 69.23
N GLU B 170 -0.23 42.26 69.92
CA GLU B 170 0.50 41.29 70.72
C GLU B 170 -0.01 39.90 70.37
N PHE B 171 0.91 38.97 70.17
CA PHE B 171 0.58 37.65 69.66
C PHE B 171 0.01 36.77 70.77
N ASP B 172 -0.72 35.72 70.35
CA ASP B 172 -1.35 34.80 71.28
C ASP B 172 -0.43 33.67 71.71
N ASP B 173 0.86 33.82 71.54
CA ASP B 173 1.81 32.84 72.05
C ASP B 173 3.00 33.46 72.74
N GLY B 174 3.06 34.77 72.88
CA GLY B 174 4.08 35.40 73.70
C GLY B 174 5.36 35.77 72.99
N THR B 175 5.42 35.65 71.67
CA THR B 175 6.59 36.13 70.94
C THR B 175 6.63 37.65 71.01
N PRO B 176 7.81 38.25 71.17
CA PRO B 176 7.88 39.71 71.27
C PRO B 176 7.60 40.38 69.94
N ALA B 177 6.46 41.05 69.84
CA ALA B 177 6.04 41.63 68.58
C ALA B 177 6.82 42.89 68.24
N THR B 178 8.04 42.70 67.73
CA THR B 178 8.85 43.87 67.25
C THR B 178 8.51 44.12 65.77
N MET B 179 9.16 45.10 65.16
CA MET B 179 8.83 45.46 63.75
C MET B 179 9.17 44.30 62.80
N SER B 180 10.24 43.55 63.07
CA SER B 180 10.64 42.50 62.15
C SER B 180 9.81 41.24 62.30
N GLN B 181 9.39 40.92 63.52
CA GLN B 181 8.58 39.72 63.77
C GLN B 181 7.22 39.79 63.09
N VAL B 182 6.58 40.95 63.06
CA VAL B 182 5.28 41.10 62.42
C VAL B 182 5.40 41.14 60.90
N ALA B 183 6.55 41.55 60.39
CA ALA B 183 6.79 41.65 58.96
C ALA B 183 7.03 40.27 58.36
N LYS B 184 7.95 39.52 58.96
CA LYS B 184 8.27 38.14 58.58
C LYS B 184 7.04 37.25 58.60
N ASP B 185 6.12 37.49 59.52
CA ASP B 185 4.91 36.71 59.60
C ASP B 185 3.96 36.96 58.42
N VAL B 186 3.87 38.18 57.91
CA VAL B 186 3.06 38.44 56.71
C VAL B 186 3.86 38.34 55.42
N CYS B 187 5.06 37.82 55.46
CA CYS B 187 5.69 37.35 54.23
C CYS B 187 5.78 35.85 54.21
N THR B 188 5.33 35.19 55.28
CA THR B 188 5.13 33.76 55.30
C THR B 188 3.65 33.43 55.20
N PHE B 189 2.77 34.36 55.55
CA PHE B 189 1.36 34.23 55.23
C PHE B 189 1.04 34.60 53.80
N LEU B 190 1.73 35.61 53.25
CA LEU B 190 1.49 36.09 51.90
C LEU B 190 2.19 35.26 50.83
N ARG B 191 3.01 34.29 51.20
CA ARG B 191 3.48 33.28 50.27
C ARG B 191 2.53 32.09 50.23
N TRP B 192 1.98 31.69 51.37
CA TRP B 192 0.96 30.66 51.37
C TRP B 192 -0.31 31.15 50.67
N ALA B 193 -0.56 32.46 50.77
CA ALA B 193 -1.75 33.03 50.09
C ALA B 193 -1.63 32.81 48.58
N SER B 194 -0.55 33.30 47.96
CA SER B 194 -0.41 33.22 46.48
C SER B 194 0.00 31.82 46.01
N GLU B 195 0.40 30.89 46.87
CA GLU B 195 0.97 29.60 46.46
C GLU B 195 0.60 28.53 47.45
N PRO B 196 -0.67 28.19 47.59
CA PRO B 196 -1.08 27.26 48.65
C PRO B 196 -0.65 25.82 48.46
N GLU B 197 -0.19 25.45 47.26
CA GLU B 197 0.27 24.09 46.97
C GLU B 197 1.78 23.96 47.13
N HIS B 198 2.40 24.84 47.91
CA HIS B 198 3.85 24.91 48.00
C HIS B 198 4.44 23.69 48.71
N ASP B 199 3.76 23.18 49.73
CA ASP B 199 4.27 22.03 50.45
C ASP B 199 3.87 20.71 49.81
N HIS B 200 2.70 20.67 49.18
CA HIS B 200 2.25 19.45 48.53
C HIS B 200 3.06 19.12 47.29
N ARG B 201 3.70 20.10 46.66
CA ARG B 201 4.49 19.86 45.46
C ARG B 201 5.93 19.50 45.76
N LYS B 202 6.46 19.85 46.92
CA LYS B 202 7.84 19.48 47.19
C LYS B 202 7.98 18.07 47.71
N ARG B 203 6.89 17.42 48.11
CA ARG B 203 6.86 16.02 48.48
C ARG B 203 6.42 15.12 47.34
N MET B 204 5.52 15.60 46.48
CA MET B 204 5.20 14.90 45.24
C MET B 204 6.36 14.89 44.26
N GLY B 205 7.31 15.82 44.40
CA GLY B 205 8.52 15.84 43.62
C GLY B 205 9.63 15.03 44.25
N LEU B 206 9.28 14.31 45.30
CA LEU B 206 10.12 13.27 45.90
C LEU B 206 9.60 11.88 45.60
N LYS B 207 8.31 11.74 45.32
CA LYS B 207 7.73 10.46 44.94
C LYS B 207 7.90 10.15 43.47
N MET B 208 8.73 10.91 42.76
CA MET B 208 9.03 10.57 41.38
C MET B 208 10.54 10.56 41.18
N LEU B 209 11.28 11.28 42.00
CA LEU B 209 12.74 11.20 41.94
C LEU B 209 13.27 9.87 42.45
N MET B 210 12.53 9.17 43.30
CA MET B 210 12.90 7.82 43.71
C MET B 210 12.32 6.75 42.81
N MET B 211 11.45 7.13 41.90
CA MET B 211 10.93 6.24 40.88
C MET B 211 11.69 6.36 39.55
N MET B 212 12.43 7.44 39.32
CA MET B 212 13.34 7.50 38.19
C MET B 212 14.75 7.02 38.54
N GLY B 213 15.04 6.78 39.81
CA GLY B 213 16.27 6.08 40.16
C GLY B 213 16.16 4.59 40.03
N LEU B 214 14.94 4.08 39.89
CA LEU B 214 14.67 2.67 39.65
C LEU B 214 14.48 2.40 38.17
N LEU B 215 13.51 3.08 37.55
CA LEU B 215 13.11 2.87 36.17
C LEU B 215 14.18 3.22 35.13
N LEU B 216 14.93 4.29 35.34
CA LEU B 216 15.91 4.69 34.33
C LEU B 216 17.16 3.80 34.20
N PRO B 217 17.75 3.20 35.28
CA PRO B 217 18.84 2.24 35.02
C PRO B 217 18.37 0.94 34.38
N LEU B 218 17.06 0.70 34.40
CA LEU B 218 16.52 -0.59 34.02
C LEU B 218 15.97 -0.64 32.61
N VAL B 219 15.83 0.51 31.96
CA VAL B 219 15.61 0.55 30.53
C VAL B 219 16.93 0.78 29.79
N TYR B 220 17.92 1.40 30.45
CA TYR B 220 19.24 1.54 29.86
C TYR B 220 19.96 0.20 29.75
N ALA B 221 19.67 -0.76 30.63
CA ALA B 221 20.30 -2.06 30.53
C ALA B 221 19.55 -2.99 29.57
N MET B 222 18.27 -2.76 29.32
CA MET B 222 17.60 -3.40 28.20
C MET B 222 18.16 -2.89 26.88
N LYS B 223 18.63 -1.66 26.84
CA LYS B 223 19.14 -1.07 25.62
C LYS B 223 20.52 -1.61 25.28
N ARG B 224 21.37 -1.78 26.28
CA ARG B 224 22.73 -2.25 26.01
C ARG B 224 22.78 -3.73 25.73
N HIS B 225 21.72 -4.45 26.06
CA HIS B 225 21.64 -5.87 25.75
C HIS B 225 21.43 -6.09 24.26
N LYS B 226 20.47 -5.38 23.66
CA LYS B 226 20.16 -5.55 22.24
C LYS B 226 21.25 -5.01 21.34
N TRP B 227 21.86 -3.90 21.70
CA TRP B 227 22.80 -3.25 20.82
C TRP B 227 24.19 -3.86 20.85
N SER B 228 24.42 -4.86 21.70
CA SER B 228 25.74 -5.49 21.81
C SER B 228 26.01 -6.45 20.65
N VAL B 229 24.98 -6.95 19.99
CA VAL B 229 25.13 -7.72 18.75
C VAL B 229 25.85 -6.90 17.70
N LEU B 230 25.37 -5.67 17.48
CA LEU B 230 25.96 -4.79 16.50
C LEU B 230 27.28 -4.20 16.95
N LYS B 231 27.46 -4.00 18.25
CA LYS B 231 28.65 -3.34 18.76
C LYS B 231 29.89 -4.21 18.72
N SER B 232 29.73 -5.53 18.58
CA SER B 232 30.85 -6.45 18.63
C SER B 232 31.21 -7.06 17.28
N ARG B 233 30.46 -6.76 16.21
CA ARG B 233 30.59 -7.48 14.95
C ARG B 233 31.89 -7.13 14.22
N LYS B 234 32.31 -8.03 13.33
CA LYS B 234 33.53 -7.89 12.56
C LYS B 234 33.20 -8.01 11.07
N LEU B 235 34.00 -7.33 10.23
CA LEU B 235 33.77 -7.29 8.79
C LEU B 235 35.03 -7.65 8.02
N ALA B 236 34.86 -8.34 6.89
CA ALA B 236 35.98 -8.72 6.02
C ALA B 236 35.58 -8.65 4.56
N TYR B 237 36.53 -8.25 3.72
CA TYR B 237 36.35 -8.12 2.27
C TYR B 237 37.35 -9.03 1.57
N ARG B 238 36.84 -10.05 0.87
CA ARG B 238 37.68 -11.06 0.23
C ARG B 238 37.35 -11.17 -1.27
N PRO B 239 37.95 -10.31 -2.10
CA PRO B 239 37.70 -10.37 -3.54
C PRO B 239 38.64 -11.35 -4.22
N PRO B 240 38.25 -11.87 -5.39
CA PRO B 240 39.15 -12.77 -6.15
C PRO B 240 40.38 -12.05 -6.67
N LYS B 241 41.52 -12.72 -6.52
CA LYS B 241 42.84 -12.11 -6.69
C LYS B 241 43.17 -11.75 -8.14
N THR C 3 38.22 -22.63 3.58
CA THR C 3 39.04 -23.36 4.54
C THR C 3 40.20 -22.48 4.96
N ASP C 4 40.24 -21.27 4.40
CA ASP C 4 41.23 -20.28 4.75
C ASP C 4 40.70 -19.20 5.68
N ILE C 5 39.42 -19.20 6.01
CA ILE C 5 38.87 -18.20 6.91
C ILE C 5 38.73 -18.83 8.28
N ARG C 6 38.93 -18.01 9.31
CA ARG C 6 38.73 -18.39 10.70
C ARG C 6 37.95 -17.27 11.36
N VAL C 7 37.00 -17.63 12.23
CA VAL C 7 36.28 -16.66 13.06
C VAL C 7 37.31 -15.98 13.97
N PRO C 8 37.37 -14.64 13.98
CA PRO C 8 38.35 -13.97 14.83
C PRO C 8 37.95 -14.01 16.30
N ASP C 9 38.95 -13.85 17.17
CA ASP C 9 38.75 -14.03 18.60
C ASP C 9 37.97 -12.87 19.21
N PHE C 10 37.17 -13.19 20.21
CA PHE C 10 36.27 -12.23 20.83
C PHE C 10 36.64 -11.99 22.30
N SER C 11 37.91 -12.20 22.66
CA SER C 11 38.35 -12.20 24.05
C SER C 11 38.29 -10.83 24.71
N ASP C 12 38.20 -9.75 23.95
CA ASP C 12 37.90 -8.45 24.53
C ASP C 12 36.40 -8.25 24.76
N TYR C 13 35.58 -9.21 24.37
CA TYR C 13 34.14 -9.14 24.59
C TYR C 13 33.57 -10.42 25.19
N ARG C 14 34.43 -11.34 25.63
CA ARG C 14 33.98 -12.63 26.20
C ARG C 14 33.35 -12.40 27.59
N ARG C 15 32.74 -13.46 28.14
CA ARG C 15 32.19 -13.36 29.52
C ARG C 15 33.37 -13.42 30.49
N ALA C 16 33.11 -13.27 31.79
CA ALA C 16 34.22 -13.43 32.77
C ALA C 16 34.87 -14.80 32.57
N GLU C 17 34.14 -15.84 32.21
CA GLU C 17 34.90 -17.13 32.28
C GLU C 17 35.07 -17.87 30.95
N VAL C 18 34.13 -17.69 30.02
CA VAL C 18 34.19 -18.48 28.75
C VAL C 18 35.40 -18.01 27.96
N LEU C 19 36.14 -17.04 28.49
CA LEU C 19 37.40 -16.59 27.84
C LEU C 19 38.19 -17.85 27.48
N ASP C 20 38.45 -18.71 28.48
CA ASP C 20 39.13 -19.99 28.20
C ASP C 20 38.14 -20.94 27.53
N SER C 21 38.36 -21.25 26.25
CA SER C 21 37.49 -22.22 25.55
C SER C 21 38.02 -23.65 25.63
N THR C 22 37.94 -24.25 26.82
CA THR C 22 38.27 -25.66 26.95
C THR C 22 37.09 -26.54 27.40
N LYS C 23 36.56 -26.35 28.61
CA LYS C 23 35.64 -27.35 29.19
C LYS C 23 34.48 -26.64 29.92
N SER C 24 33.72 -25.85 29.19
CA SER C 24 32.38 -25.48 29.64
C SER C 24 31.41 -25.77 28.49
N SER C 25 31.05 -27.05 28.35
CA SER C 25 30.32 -27.49 27.15
C SER C 25 28.82 -27.24 27.29
N LYS C 26 28.19 -27.91 28.25
CA LYS C 26 26.77 -27.74 28.54
C LYS C 26 26.52 -27.30 29.97
N GLU C 27 27.19 -27.91 30.95
CA GLU C 27 27.20 -27.41 32.31
C GLU C 27 27.89 -26.04 32.34
N SER C 28 27.53 -25.23 33.34
CA SER C 28 27.73 -23.79 33.34
C SER C 28 27.16 -23.16 32.08
N SER C 29 25.87 -23.42 31.85
CA SER C 29 25.01 -22.51 31.11
C SER C 29 24.06 -21.78 32.05
N ASP C 30 24.00 -22.23 33.32
CA ASP C 30 23.37 -21.49 34.41
C ASP C 30 24.26 -21.37 35.64
N ALA C 31 25.48 -21.90 35.60
CA ALA C 31 26.54 -21.46 36.52
C ALA C 31 27.30 -20.29 35.95
N ARG C 32 27.19 -20.08 34.63
CA ARG C 32 27.45 -18.80 34.02
C ARG C 32 26.52 -17.69 34.49
N LYS C 33 25.32 -18.02 35.03
CA LYS C 33 24.13 -17.22 34.73
C LYS C 33 22.98 -17.37 35.77
N GLY C 34 22.71 -16.33 36.61
CA GLY C 34 21.43 -15.98 37.26
C GLY C 34 20.86 -14.56 37.58
N PHE C 35 21.33 -13.41 37.03
CA PHE C 35 20.76 -12.07 37.32
C PHE C 35 20.44 -11.07 36.17
N SER C 36 21.22 -10.93 35.10
CA SER C 36 20.89 -9.89 34.09
C SER C 36 19.71 -10.28 33.18
N TYR C 37 19.24 -11.55 33.23
CA TYR C 37 17.86 -11.80 32.80
C TYR C 37 16.87 -11.09 33.70
N LEU C 38 17.14 -11.09 35.01
CA LEU C 38 16.35 -10.40 36.03
C LEU C 38 16.61 -8.90 36.06
N ILE C 39 17.50 -8.39 35.19
CA ILE C 39 17.52 -6.96 34.91
C ILE C 39 16.17 -6.50 34.40
N THR C 40 15.54 -7.29 33.52
CA THR C 40 14.21 -6.99 33.03
C THR C 40 13.11 -7.44 33.99
N ALA C 41 13.44 -8.17 35.07
CA ALA C 41 12.43 -8.52 36.06
C ALA C 41 12.16 -7.38 37.02
N THR C 42 13.22 -6.82 37.63
CA THR C 42 13.06 -5.64 38.45
C THR C 42 12.69 -4.40 37.65
N THR C 43 12.83 -4.43 36.32
CA THR C 43 12.18 -3.42 35.49
C THR C 43 10.67 -3.57 35.56
N THR C 44 10.18 -4.80 35.50
CA THR C 44 8.72 -5.02 35.63
C THR C 44 8.23 -4.30 36.88
N VAL C 45 8.95 -4.44 38.00
CA VAL C 45 8.53 -3.82 39.29
C VAL C 45 8.87 -2.33 39.27
N GLY C 46 9.69 -1.89 38.31
CA GLY C 46 10.06 -0.49 38.19
C GLY C 46 9.18 0.25 37.20
N VAL C 47 8.71 -0.44 36.15
CA VAL C 47 7.61 0.06 35.32
C VAL C 47 6.30 0.05 36.08
N ALA C 48 6.25 -0.66 37.21
CA ALA C 48 5.01 -1.04 37.88
C ALA C 48 4.24 0.14 38.47
N TYR C 49 4.78 0.84 39.46
CA TYR C 49 3.99 1.91 40.08
C TYR C 49 4.31 3.27 39.47
N ALA C 50 4.95 3.28 38.30
CA ALA C 50 5.03 4.44 37.41
C ALA C 50 3.94 4.41 36.36
N ALA C 51 3.42 3.23 36.03
CA ALA C 51 2.39 3.09 35.02
C ALA C 51 1.00 3.41 35.55
N LYS C 52 0.79 3.28 36.85
CA LYS C 52 -0.44 3.73 37.50
C LYS C 52 -0.42 5.22 37.75
N ASN C 53 0.76 5.85 37.71
CA ASN C 53 0.93 7.23 38.15
C ASN C 53 0.19 8.21 37.25
N ALA C 54 -0.10 7.82 36.00
CA ALA C 54 -1.00 8.61 35.19
C ALA C 54 -2.46 8.25 35.42
N VAL C 55 -2.76 6.99 35.75
CA VAL C 55 -4.14 6.52 35.72
C VAL C 55 -4.71 6.22 37.10
N SER C 56 -3.90 6.01 38.14
CA SER C 56 -4.43 5.93 39.49
C SER C 56 -4.73 7.31 40.07
N GLN C 57 -4.23 8.36 39.42
CA GLN C 57 -4.64 9.72 39.71
C GLN C 57 -5.80 10.15 38.82
N PHE C 58 -6.40 9.23 38.08
CA PHE C 58 -7.40 9.61 37.07
C PHE C 58 -8.83 9.33 37.51
N VAL C 59 -9.06 8.23 38.23
CA VAL C 59 -10.42 7.92 38.65
C VAL C 59 -10.85 8.80 39.82
N SER C 60 -9.94 9.08 40.76
CA SER C 60 -10.22 9.99 41.87
C SER C 60 -10.11 11.45 41.48
N SER C 61 -9.94 11.75 40.19
CA SER C 61 -9.85 13.12 39.73
C SER C 61 -11.21 13.77 39.57
N MET C 62 -12.21 13.01 39.11
CA MET C 62 -13.46 13.65 38.71
C MET C 62 -14.53 13.59 39.79
N SER C 63 -14.28 12.90 40.90
CA SER C 63 -15.00 13.21 42.12
C SER C 63 -14.52 14.57 42.62
N ALA C 64 -15.48 15.44 42.97
CA ALA C 64 -15.20 16.86 43.08
C ALA C 64 -14.46 17.20 44.37
N SER C 65 -13.84 18.39 44.37
CA SER C 65 -12.64 18.63 45.18
C SER C 65 -12.81 19.32 46.52
N ALA C 66 -13.24 20.57 46.50
CA ALA C 66 -13.13 21.40 47.71
C ALA C 66 -14.36 22.23 48.01
N ASP C 67 -15.14 22.61 46.99
CA ASP C 67 -16.36 23.39 47.13
C ASP C 67 -17.57 22.55 47.49
N VAL C 68 -17.36 21.27 47.77
CA VAL C 68 -18.41 20.28 47.75
C VAL C 68 -18.47 19.47 49.05
N LEU C 69 -17.37 18.84 49.43
CA LEU C 69 -17.38 18.03 50.64
C LEU C 69 -17.25 18.85 51.91
N ALA C 70 -17.02 20.16 51.81
CA ALA C 70 -16.99 21.01 52.99
C ALA C 70 -18.39 21.28 53.53
N MET C 71 -19.40 21.31 52.65
CA MET C 71 -20.76 21.67 53.03
C MET C 71 -21.79 20.61 52.70
N SER C 72 -21.65 19.90 51.57
CA SER C 72 -22.56 18.79 51.27
C SER C 72 -22.30 17.55 52.12
N LYS C 73 -21.26 17.57 52.95
CA LYS C 73 -21.07 16.58 54.01
C LYS C 73 -22.26 16.60 54.95
N ILE C 74 -22.41 17.72 55.67
CA ILE C 74 -23.53 17.94 56.58
C ILE C 74 -23.89 19.43 56.52
N GLU C 75 -25.18 19.71 56.60
CA GLU C 75 -25.66 21.09 56.69
C GLU C 75 -26.62 21.15 57.87
N ILE C 76 -26.19 21.78 58.96
CA ILE C 76 -27.03 21.80 60.16
C ILE C 76 -28.16 22.82 59.99
N LYS C 77 -29.39 22.33 60.07
CA LYS C 77 -30.56 23.13 59.80
C LYS C 77 -31.64 22.78 60.84
N LEU C 78 -31.27 22.90 62.12
CA LEU C 78 -32.17 22.67 63.24
C LEU C 78 -32.76 24.01 63.74
N SER C 79 -33.90 23.91 64.43
CA SER C 79 -34.70 25.04 64.95
C SER C 79 -35.12 25.98 63.82
N ASP C 80 -35.78 25.39 62.84
CA ASP C 80 -36.27 26.14 61.67
C ASP C 80 -37.70 26.60 61.89
N ILE C 81 -38.60 25.67 62.20
CA ILE C 81 -40.02 25.82 61.88
C ILE C 81 -40.91 26.01 63.11
N PRO C 82 -41.83 26.98 63.08
CA PRO C 82 -42.92 26.99 64.06
C PRO C 82 -43.96 25.93 63.73
N GLU C 83 -44.62 25.43 64.78
CA GLU C 83 -45.32 24.15 64.71
C GLU C 83 -46.58 24.22 63.85
N GLY C 84 -46.84 23.13 63.14
CA GLY C 84 -48.09 22.93 62.43
C GLY C 84 -48.03 22.96 60.91
N LYS C 85 -46.88 23.26 60.31
CA LYS C 85 -46.81 23.36 58.85
C LYS C 85 -45.37 23.06 58.43
N ASN C 86 -45.22 22.36 57.29
CA ASN C 86 -43.95 21.75 56.92
C ASN C 86 -43.31 22.48 55.74
N MET C 87 -41.98 22.47 55.70
CA MET C 87 -41.16 23.19 54.72
C MET C 87 -40.49 22.18 53.78
N ALA C 88 -39.72 22.69 52.81
CA ALA C 88 -39.00 21.86 51.83
C ALA C 88 -37.57 22.35 51.76
N PHE C 89 -36.62 21.43 51.72
CA PHE C 89 -35.19 21.75 51.68
C PHE C 89 -34.77 21.53 50.23
N LYS C 90 -34.47 22.62 49.52
CA LYS C 90 -34.09 22.52 48.10
C LYS C 90 -32.56 22.38 48.01
N TRP C 91 -32.07 21.32 48.65
CA TRP C 91 -30.64 20.99 48.71
C TRP C 91 -30.51 19.47 48.80
N ARG C 92 -29.36 19.01 49.34
CA ARG C 92 -29.10 17.55 49.58
C ARG C 92 -28.94 16.76 48.28
N GLY C 93 -28.88 17.42 47.12
CA GLY C 93 -28.77 16.69 45.87
C GLY C 93 -30.12 16.15 45.46
N LYS C 94 -30.37 14.90 45.80
CA LYS C 94 -31.73 14.45 46.04
C LYS C 94 -32.38 15.33 47.11
N PRO C 95 -33.66 15.67 46.98
CA PRO C 95 -34.29 16.55 47.98
C PRO C 95 -34.46 15.87 49.34
N LEU C 96 -34.77 16.71 50.33
CA LEU C 96 -34.90 16.31 51.74
C LEU C 96 -36.02 17.14 52.34
N PHE C 97 -36.87 16.55 53.15
CA PHE C 97 -37.98 17.30 53.73
C PHE C 97 -37.88 17.40 55.26
N VAL C 98 -38.91 17.98 55.87
CA VAL C 98 -38.92 18.32 57.28
C VAL C 98 -40.36 18.24 57.80
N ARG C 99 -40.51 17.86 59.06
CA ARG C 99 -41.73 18.13 59.81
C ARG C 99 -41.44 18.19 61.30
N HIS C 100 -41.97 19.24 61.93
CA HIS C 100 -41.98 19.41 63.38
C HIS C 100 -43.39 19.11 63.87
N ARG C 101 -43.49 18.11 64.74
CA ARG C 101 -44.82 17.69 65.23
C ARG C 101 -44.81 17.64 66.76
N THR C 102 -45.99 17.78 67.36
CA THR C 102 -46.12 17.71 68.81
C THR C 102 -46.44 16.25 69.16
N LYS C 103 -46.84 16.00 70.41
CA LYS C 103 -46.99 14.63 70.90
C LYS C 103 -48.21 13.92 70.27
N LYS C 104 -49.19 14.66 69.76
CA LYS C 104 -50.44 14.08 69.29
C LYS C 104 -50.29 13.26 68.02
N GLU C 105 -49.19 13.43 67.27
CA GLU C 105 -48.96 12.69 66.04
C GLU C 105 -48.47 11.26 66.29
N ILE C 106 -48.23 10.88 67.54
CA ILE C 106 -47.77 9.52 67.81
C ILE C 106 -48.92 8.50 67.67
N ASP C 107 -50.18 8.96 67.72
CA ASP C 107 -51.30 8.02 67.82
C ASP C 107 -51.65 7.41 66.47
N GLN C 108 -51.27 8.07 65.37
CA GLN C 108 -51.40 7.50 64.04
C GLN C 108 -50.13 6.79 63.61
N GLU C 109 -49.03 6.98 64.34
CA GLU C 109 -47.72 6.55 63.87
C GLU C 109 -47.28 5.27 64.58
N ALA C 110 -47.75 5.07 65.81
CA ALA C 110 -47.37 3.90 66.61
C ALA C 110 -48.55 3.03 67.02
N ALA C 111 -49.79 3.48 66.78
CA ALA C 111 -50.97 2.70 67.11
C ALA C 111 -51.78 2.31 65.89
N VAL C 112 -51.25 2.53 64.69
CA VAL C 112 -51.89 2.05 63.47
C VAL C 112 -51.66 0.55 63.34
N GLU C 113 -52.43 -0.09 62.46
CA GLU C 113 -52.38 -1.52 62.22
C GLU C 113 -50.99 -1.97 61.72
N VAL C 114 -50.68 -3.24 61.97
CA VAL C 114 -49.35 -3.79 61.71
C VAL C 114 -49.34 -4.92 60.70
N SER C 115 -50.48 -5.60 60.46
CA SER C 115 -50.51 -6.73 59.54
C SER C 115 -51.31 -6.46 58.28
N GLN C 116 -51.66 -5.21 58.02
CA GLN C 116 -52.41 -4.88 56.80
C GLN C 116 -51.51 -4.07 55.87
N LEU C 117 -50.25 -4.47 55.75
CA LEU C 117 -49.27 -3.60 55.11
C LEU C 117 -48.64 -4.28 53.89
N ARG C 118 -47.71 -3.55 53.31
CA ARG C 118 -46.88 -3.74 52.13
C ARG C 118 -45.42 -3.59 52.47
N ASP C 119 -45.09 -2.75 53.46
CA ASP C 119 -43.73 -2.24 53.62
C ASP C 119 -43.45 -2.07 55.11
N PRO C 120 -42.91 -3.10 55.76
CA PRO C 120 -42.47 -2.98 57.16
C PRO C 120 -41.10 -2.30 57.28
N GLN C 121 -41.09 -1.03 57.73
CA GLN C 121 -39.93 -0.36 58.32
C GLN C 121 -40.46 0.49 59.48
N HIS C 122 -40.59 -0.12 60.66
CA HIS C 122 -41.42 0.46 61.71
C HIS C 122 -40.69 1.54 62.50
N ASP C 123 -41.43 2.17 63.43
CA ASP C 123 -40.95 3.35 64.13
C ASP C 123 -39.88 3.03 65.16
N LEU C 124 -39.71 1.76 65.52
CA LEU C 124 -38.66 1.38 66.47
C LEU C 124 -37.34 1.02 65.80
N GLU C 125 -37.31 0.88 64.48
CA GLU C 125 -36.10 0.46 63.78
C GLU C 125 -35.22 1.62 63.33
N ARG C 126 -35.80 2.78 63.05
CA ARG C 126 -35.10 3.85 62.34
C ARG C 126 -35.00 5.16 63.12
N VAL C 127 -35.90 5.40 64.06
CA VAL C 127 -35.99 6.69 64.76
C VAL C 127 -35.85 6.39 66.25
N LYS C 128 -34.71 6.77 66.84
CA LYS C 128 -34.47 6.44 68.24
C LYS C 128 -34.22 7.66 69.12
N LYS C 129 -34.31 8.88 68.58
CA LYS C 129 -34.84 9.99 69.37
C LYS C 129 -36.11 10.43 68.65
N PRO C 130 -37.27 10.39 69.30
CA PRO C 130 -38.51 10.41 68.53
C PRO C 130 -39.01 11.78 68.14
N GLU C 131 -38.58 12.84 68.82
CA GLU C 131 -39.32 14.09 68.81
C GLU C 131 -39.07 14.94 67.56
N TRP C 132 -37.92 14.82 66.90
CA TRP C 132 -37.64 15.59 65.69
C TRP C 132 -37.23 14.65 64.57
N VAL C 133 -38.06 14.57 63.52
CA VAL C 133 -37.91 13.58 62.45
C VAL C 133 -37.90 14.27 61.09
N ILE C 134 -36.82 14.08 60.35
CA ILE C 134 -36.70 14.55 58.96
C ILE C 134 -36.31 13.36 58.09
N LEU C 135 -36.81 13.35 56.85
CA LEU C 135 -36.56 12.24 55.94
C LEU C 135 -36.63 12.74 54.49
N ILE C 136 -36.11 11.91 53.57
CA ILE C 136 -36.01 12.32 52.16
C ILE C 136 -37.38 12.37 51.49
N GLY C 137 -37.42 13.03 50.34
CA GLY C 137 -38.65 13.13 49.58
C GLY C 137 -38.67 12.32 48.31
N VAL C 138 -37.53 11.71 47.96
CA VAL C 138 -37.41 10.96 46.68
C VAL C 138 -38.33 9.74 46.68
N CYS C 139 -38.96 9.48 45.53
CA CYS C 139 -39.97 8.39 45.53
C CYS C 139 -39.52 7.22 44.68
N THR C 140 -39.34 5.89 45.41
CA THR C 140 -39.00 4.66 44.67
C THR C 140 -37.98 4.78 43.54
N HIS C 141 -38.39 4.46 42.34
CA HIS C 141 -37.53 4.29 41.17
C HIS C 141 -37.30 5.58 40.40
N LEU C 142 -38.35 6.36 40.19
CA LEU C 142 -38.27 7.55 39.35
C LEU C 142 -37.75 8.78 40.08
N GLY C 143 -38.03 8.92 41.36
CA GLY C 143 -37.59 10.10 42.07
C GLY C 143 -38.66 11.17 42.21
N CYS C 144 -39.88 10.75 42.49
CA CYS C 144 -40.97 11.70 42.66
C CYS C 144 -40.87 12.35 44.04
N VAL C 145 -40.67 13.66 44.08
CA VAL C 145 -40.64 14.37 45.34
C VAL C 145 -41.83 15.32 45.39
N PRO C 146 -42.97 14.92 45.94
CA PRO C 146 -44.18 15.74 45.83
C PRO C 146 -44.14 16.96 46.73
N ILE C 147 -45.12 17.85 46.52
CA ILE C 147 -45.22 19.05 47.38
C ILE C 147 -46.04 18.68 48.61
N ALA C 148 -45.58 19.10 49.79
CA ALA C 148 -46.29 18.74 51.05
C ALA C 148 -47.35 19.80 51.37
N ASN C 149 -47.33 20.93 50.65
CA ASN C 149 -48.26 22.04 50.95
C ASN C 149 -49.68 21.48 51.17
N ALA C 150 -50.05 20.42 50.44
CA ALA C 150 -51.37 19.82 50.71
C ALA C 150 -51.22 18.28 50.73
N GLY C 151 -52.28 17.56 51.07
CA GLY C 151 -52.20 16.09 51.16
C GLY C 151 -53.56 15.46 51.38
N ASP C 152 -53.60 14.12 51.53
CA ASP C 152 -54.86 13.42 51.73
C ASP C 152 -54.97 12.85 53.13
N PHE C 153 -53.83 12.48 53.74
CA PHE C 153 -53.80 11.93 55.08
C PHE C 153 -52.83 12.68 55.98
N GLY C 154 -52.42 13.88 55.60
CA GLY C 154 -51.35 14.57 56.28
C GLY C 154 -49.98 14.34 55.70
N GLY C 155 -49.89 13.80 54.49
CA GLY C 155 -48.61 13.56 53.86
C GLY C 155 -48.34 14.50 52.71
N TYR C 156 -48.08 13.93 51.53
CA TYR C 156 -47.70 14.70 50.35
C TYR C 156 -48.83 14.63 49.32
N TYR C 157 -48.89 15.63 48.44
CA TYR C 157 -49.97 15.78 47.47
C TYR C 157 -49.54 15.13 46.15
N CYS C 158 -50.36 14.19 45.66
CA CYS C 158 -50.06 13.44 44.44
C CYS C 158 -51.04 13.77 43.34
N PRO C 159 -50.73 14.69 42.42
CA PRO C 159 -51.66 15.00 41.33
C PRO C 159 -51.62 14.01 40.16
N CYS C 160 -50.44 13.47 39.86
CA CYS C 160 -50.28 12.72 38.61
C CYS C 160 -50.77 11.29 38.73
N HIS C 161 -50.14 10.48 39.58
CA HIS C 161 -50.46 9.07 39.68
C HIS C 161 -51.35 8.75 40.88
N GLY C 162 -51.13 9.42 42.01
CA GLY C 162 -51.99 9.24 43.17
C GLY C 162 -51.61 8.08 44.06
N SER C 163 -50.35 8.03 44.49
CA SER C 163 -49.90 7.00 45.43
C SER C 163 -50.11 7.46 46.86
N HIS C 164 -50.29 6.50 47.76
CA HIS C 164 -50.56 6.79 49.16
C HIS C 164 -49.27 7.13 49.91
N TYR C 165 -49.35 8.14 50.78
CA TYR C 165 -48.20 8.63 51.54
C TYR C 165 -48.55 8.67 53.02
N ASP C 166 -47.87 7.85 53.81
CA ASP C 166 -47.88 8.04 55.26
C ASP C 166 -46.78 9.02 55.67
N ALA C 167 -46.82 9.40 56.95
CA ALA C 167 -45.90 10.43 57.43
C ALA C 167 -44.47 9.91 57.63
N SER C 168 -44.28 8.59 57.72
CA SER C 168 -42.97 8.00 57.98
C SER C 168 -42.55 7.07 56.84
N GLY C 169 -42.86 7.46 55.61
CA GLY C 169 -42.41 6.66 54.44
C GLY C 169 -43.32 5.47 54.15
N ARG C 170 -44.02 4.96 55.15
CA ARG C 170 -44.85 3.75 54.94
C ARG C 170 -45.73 3.94 53.70
N ILE C 171 -45.57 3.09 52.69
CA ILE C 171 -46.37 3.19 51.43
C ILE C 171 -47.18 1.91 51.26
N ARG C 172 -48.41 2.01 50.74
CA ARG C 172 -49.23 0.83 50.51
C ARG C 172 -50.22 0.93 49.34
N LYS C 173 -50.12 1.95 48.48
CA LYS C 173 -50.86 1.97 47.22
C LYS C 173 -49.89 1.77 46.05
N GLY C 174 -50.34 1.11 44.99
CA GLY C 174 -49.45 0.68 43.93
C GLY C 174 -49.07 1.77 42.94
N PRO C 175 -48.46 1.38 41.80
CA PRO C 175 -48.02 0.02 41.46
C PRO C 175 -46.51 -0.20 41.53
N ALA C 176 -45.79 0.66 42.27
CA ALA C 176 -44.34 0.51 42.47
C ALA C 176 -44.10 0.02 43.90
N PRO C 177 -43.86 -1.29 44.10
CA PRO C 177 -43.90 -1.89 45.45
C PRO C 177 -42.58 -1.94 46.21
N LEU C 178 -41.88 -0.80 46.31
CA LEU C 178 -40.72 -0.72 47.18
C LEU C 178 -40.81 0.57 47.97
N ASN C 179 -39.76 0.84 48.76
CA ASN C 179 -39.72 1.91 49.73
C ASN C 179 -38.75 3.01 49.31
N LEU C 180 -39.01 4.20 49.84
CA LEU C 180 -38.03 5.29 49.87
C LEU C 180 -37.08 5.09 51.04
N GLU C 181 -35.80 5.35 50.80
CA GLU C 181 -34.77 5.02 51.78
C GLU C 181 -34.66 6.09 52.86
N VAL C 182 -34.38 5.65 54.08
CA VAL C 182 -34.04 6.57 55.17
C VAL C 182 -32.55 6.89 55.10
N PRO C 183 -32.14 8.16 55.25
CA PRO C 183 -30.70 8.48 55.18
C PRO C 183 -29.93 8.15 56.45
N THR C 184 -28.63 8.43 56.44
CA THR C 184 -27.76 8.22 57.59
C THR C 184 -27.73 9.48 58.45
N TYR C 185 -27.79 9.30 59.76
CA TYR C 185 -27.88 10.44 60.67
C TYR C 185 -27.11 10.14 61.95
N GLU C 186 -26.97 11.18 62.77
CA GLU C 186 -26.19 11.16 64.01
C GLU C 186 -26.58 12.39 64.83
N PHE C 187 -26.55 12.26 66.15
CA PHE C 187 -26.77 13.41 67.02
C PHE C 187 -25.91 13.28 68.27
N THR C 188 -25.38 14.41 68.73
CA THR C 188 -24.42 14.38 69.84
C THR C 188 -25.15 14.51 71.18
N SER C 189 -25.73 15.68 71.47
CA SER C 189 -26.58 15.72 72.65
C SER C 189 -27.99 16.24 72.40
N ASP C 190 -28.13 17.55 72.15
CA ASP C 190 -29.44 18.12 71.84
C ASP C 190 -29.39 19.19 70.76
N ASP C 191 -28.35 20.01 70.78
CA ASP C 191 -28.39 21.32 70.12
C ASP C 191 -27.81 21.28 68.71
N LEU C 192 -26.54 20.92 68.59
CA LEU C 192 -25.79 21.02 67.34
C LEU C 192 -25.55 19.60 66.85
N VAL C 193 -26.46 19.08 66.05
CA VAL C 193 -26.48 17.68 65.68
C VAL C 193 -26.04 17.52 64.24
N ILE C 194 -25.89 16.27 63.83
CA ILE C 194 -25.23 15.89 62.58
C ILE C 194 -26.33 15.50 61.59
N VAL C 195 -26.76 16.47 60.78
CA VAL C 195 -27.91 16.31 59.89
C VAL C 195 -27.45 15.83 58.52
N GLY C 196 -27.99 14.70 58.09
CA GLY C 196 -27.76 14.21 56.74
C GLY C 196 -26.60 13.24 56.59
N ALA D 2 9.39 -65.67 11.75
CA ALA D 2 8.59 -65.04 10.72
C ALA D 2 7.96 -63.77 11.25
N THR D 3 8.67 -63.08 12.15
CA THR D 3 8.22 -61.79 12.66
C THR D 3 9.44 -60.92 12.88
N TYR D 4 9.20 -59.62 13.07
CA TYR D 4 10.27 -58.66 13.23
C TYR D 4 11.01 -58.86 14.54
N ALA D 5 10.34 -59.41 15.55
CA ALA D 5 10.99 -59.72 16.81
C ALA D 5 11.95 -60.90 16.68
N GLN D 6 11.49 -61.97 16.01
CA GLN D 6 12.33 -63.15 15.84
C GLN D 6 13.48 -62.91 14.88
N ALA D 7 13.28 -62.04 13.88
CA ALA D 7 14.33 -61.77 12.92
C ALA D 7 15.46 -60.93 13.50
N LEU D 8 15.25 -60.26 14.62
CA LEU D 8 16.32 -59.56 15.28
C LEU D 8 17.17 -60.48 16.16
N GLN D 9 16.68 -61.68 16.45
CA GLN D 9 17.46 -62.70 17.15
C GLN D 9 18.33 -63.49 16.19
N SER D 10 17.91 -63.59 14.92
CA SER D 10 18.65 -64.35 13.93
C SER D 10 19.85 -63.60 13.36
N VAL D 11 20.10 -62.37 13.76
CA VAL D 11 21.26 -61.66 13.25
C VAL D 11 22.51 -62.21 13.93
N PRO D 12 23.51 -62.67 13.18
CA PRO D 12 24.70 -63.24 13.80
C PRO D 12 25.55 -62.18 14.50
N GLU D 13 26.13 -62.58 15.62
CA GLU D 13 26.80 -61.68 16.53
C GLU D 13 28.19 -61.33 16.05
N THR D 14 28.74 -60.29 16.64
CA THR D 14 30.07 -59.82 16.30
C THR D 14 31.05 -60.36 17.33
N GLN D 15 31.95 -61.22 16.88
CA GLN D 15 32.95 -61.83 17.75
C GLN D 15 34.15 -60.91 17.82
N VAL D 16 34.53 -60.51 19.03
CA VAL D 16 35.63 -59.57 19.22
C VAL D 16 36.75 -60.31 19.94
N SER D 17 37.96 -60.13 19.46
CA SER D 17 39.14 -60.70 20.11
C SER D 17 40.21 -59.63 20.17
N GLN D 18 41.33 -59.97 20.80
CA GLN D 18 42.41 -59.03 21.03
C GLN D 18 43.74 -59.74 20.91
N LEU D 19 44.68 -59.09 20.23
CA LEU D 19 46.05 -59.55 20.28
C LEU D 19 46.73 -58.92 21.49
N ASP D 20 47.95 -59.37 21.75
CA ASP D 20 48.68 -58.91 22.94
C ASP D 20 49.21 -57.50 22.79
N ASN D 21 49.33 -56.98 21.57
CA ASN D 21 49.68 -55.57 21.43
C ASN D 21 48.47 -54.67 21.58
N GLY D 22 47.26 -55.21 21.54
CA GLY D 22 46.06 -54.46 21.82
C GLY D 22 45.04 -54.39 20.71
N LEU D 23 45.38 -54.88 19.52
CA LEU D 23 44.52 -54.73 18.34
C LEU D 23 43.25 -55.55 18.50
N ARG D 24 42.12 -54.85 18.28
CA ARG D 24 40.81 -55.53 18.35
C ARG D 24 40.50 -56.12 16.98
N VAL D 25 39.87 -57.29 16.96
CA VAL D 25 39.55 -58.00 15.72
C VAL D 25 38.09 -58.41 15.77
N ALA D 26 37.28 -57.87 14.87
CA ALA D 26 35.84 -58.15 14.89
C ALA D 26 35.39 -58.66 13.54
N SER D 27 34.24 -59.33 13.52
CA SER D 27 33.83 -60.10 12.37
C SER D 27 32.33 -60.32 12.39
N GLU D 28 31.79 -60.75 11.26
CA GLU D 28 30.45 -61.30 11.17
C GLU D 28 30.40 -62.19 9.93
N GLN D 29 29.82 -63.37 10.07
CA GLN D 29 29.80 -64.36 9.00
C GLN D 29 28.37 -64.65 8.57
N SER D 30 28.08 -64.54 7.26
CA SER D 30 26.72 -64.79 6.79
C SER D 30 26.64 -65.54 5.46
N SER D 31 27.66 -66.33 5.10
CA SER D 31 27.66 -67.29 3.98
C SER D 31 27.43 -66.62 2.63
N GLN D 32 28.41 -65.80 2.20
CA GLN D 32 28.31 -65.07 0.91
C GLN D 32 29.72 -65.03 0.30
N PRO D 33 29.89 -65.18 -1.03
CA PRO D 33 31.23 -65.31 -1.64
C PRO D 33 32.06 -64.05 -1.74
N THR D 34 31.63 -62.91 -1.22
CA THR D 34 32.45 -61.71 -1.22
C THR D 34 32.58 -61.18 0.21
N CYS D 35 33.65 -60.47 0.46
CA CYS D 35 33.90 -59.92 1.79
C CYS D 35 34.44 -58.51 1.68
N THR D 36 34.37 -57.76 2.79
CA THR D 36 34.92 -56.43 2.91
C THR D 36 35.79 -56.42 4.16
N VAL D 37 37.04 -55.98 4.04
CA VAL D 37 37.99 -55.95 5.14
C VAL D 37 38.64 -54.58 5.18
N GLY D 38 38.82 -54.03 6.37
CA GLY D 38 39.56 -52.78 6.48
C GLY D 38 40.07 -52.53 7.87
N VAL D 39 40.73 -51.39 8.04
CA VAL D 39 41.21 -50.94 9.33
C VAL D 39 40.58 -49.58 9.65
N TRP D 40 40.04 -49.44 10.86
CA TRP D 40 39.44 -48.21 11.35
C TRP D 40 40.33 -47.64 12.45
N ILE D 41 40.71 -46.37 12.30
CA ILE D 41 41.69 -45.74 13.17
C ILE D 41 41.03 -44.58 13.90
N ASP D 42 41.40 -44.36 15.16
CA ASP D 42 41.01 -43.18 15.92
C ASP D 42 42.03 -42.05 15.70
N ALA D 43 41.98 -41.50 14.49
CA ALA D 43 42.73 -40.30 14.17
C ALA D 43 41.81 -39.40 13.34
N GLY D 44 42.20 -38.15 13.21
CA GLY D 44 41.35 -37.19 12.55
C GLY D 44 41.96 -35.82 12.64
N SER D 45 41.20 -34.82 12.24
CA SER D 45 41.69 -33.45 12.25
C SER D 45 41.53 -32.78 13.62
N ARG D 46 40.71 -33.35 14.51
CA ARG D 46 40.58 -32.88 15.87
C ARG D 46 41.73 -33.31 16.77
N TYR D 47 42.72 -34.05 16.24
CA TYR D 47 43.95 -34.35 16.95
C TYR D 47 45.13 -33.57 16.40
N GLU D 48 44.85 -32.49 15.67
CA GLU D 48 45.95 -31.74 15.01
C GLU D 48 46.01 -30.31 15.55
N ASN D 49 47.21 -29.71 15.58
CA ASN D 49 47.35 -28.31 16.03
C ASN D 49 47.56 -27.42 14.80
N GLU D 50 47.61 -26.10 14.99
CA GLU D 50 47.72 -25.21 13.83
C GLU D 50 48.98 -25.43 13.01
N LYS D 51 49.89 -26.30 13.42
CA LYS D 51 51.08 -26.55 12.63
C LYS D 51 50.85 -27.54 11.51
N ASN D 52 49.97 -28.52 11.71
CA ASN D 52 49.81 -29.61 10.76
C ASN D 52 48.36 -30.03 10.59
N ASN D 53 47.46 -29.07 10.40
CA ASN D 53 46.06 -29.39 10.16
C ASN D 53 45.83 -30.11 8.84
N GLY D 54 46.72 -29.95 7.87
CA GLY D 54 46.50 -30.71 6.67
C GLY D 54 47.02 -32.13 6.67
N ALA D 55 47.65 -32.57 7.75
CA ALA D 55 48.53 -33.74 7.71
C ALA D 55 47.77 -35.05 7.56
N GLY D 56 46.59 -35.17 8.14
CA GLY D 56 45.88 -36.43 8.07
C GLY D 56 45.25 -36.73 6.74
N TYR D 57 44.92 -35.69 5.97
CA TYR D 57 44.39 -35.80 4.62
C TYR D 57 45.51 -35.93 3.58
N PHE D 58 46.71 -35.50 3.94
CA PHE D 58 47.88 -35.64 3.07
C PHE D 58 48.39 -37.09 3.06
N VAL D 59 48.36 -37.77 4.20
CA VAL D 59 48.84 -39.15 4.24
C VAL D 59 47.81 -40.13 3.68
N GLU D 60 46.56 -39.71 3.53
CA GLU D 60 45.58 -40.59 2.93
C GLU D 60 45.68 -40.56 1.40
N HIS D 61 46.31 -39.54 0.83
CA HIS D 61 46.60 -39.54 -0.60
C HIS D 61 47.75 -40.49 -0.94
N LEU D 62 48.76 -40.57 -0.09
CA LEU D 62 49.95 -41.35 -0.38
C LEU D 62 49.80 -42.82 -0.06
N ALA D 63 48.64 -43.27 0.41
CA ALA D 63 48.52 -44.61 0.95
C ALA D 63 48.44 -45.68 -0.13
N PHE D 64 47.97 -45.33 -1.33
CA PHE D 64 47.80 -46.31 -2.40
C PHE D 64 48.85 -46.13 -3.51
N LYS D 65 50.00 -45.58 -3.18
CA LYS D 65 50.97 -45.17 -4.20
C LYS D 65 52.34 -45.77 -3.94
N GLY D 66 52.40 -46.93 -3.29
CA GLY D 66 53.69 -47.57 -3.13
C GLY D 66 54.08 -47.81 -1.68
N THR D 67 54.44 -49.05 -1.38
CA THR D 67 54.88 -49.48 -0.06
C THR D 67 56.33 -49.95 -0.15
N LYS D 68 56.79 -50.61 0.93
CA LYS D 68 58.18 -51.07 1.00
C LYS D 68 58.39 -52.32 0.16
N ASN D 69 57.40 -53.21 0.14
CA ASN D 69 57.49 -54.49 -0.58
C ASN D 69 56.89 -54.41 -1.97
N ARG D 70 55.76 -53.70 -2.09
CA ARG D 70 55.08 -53.55 -3.40
C ARG D 70 55.28 -52.11 -3.87
N PRO D 71 56.30 -51.78 -4.71
CA PRO D 71 56.56 -50.39 -5.06
C PRO D 71 55.70 -49.87 -6.21
N GLY D 72 55.17 -48.66 -6.05
CA GLY D 72 54.50 -47.96 -7.12
C GLY D 72 53.14 -48.51 -7.47
N SER D 73 52.92 -48.79 -8.76
CA SER D 73 51.65 -49.34 -9.21
C SER D 73 51.63 -50.86 -9.20
N ALA D 74 52.62 -51.50 -8.57
CA ALA D 74 52.54 -52.94 -8.36
C ALA D 74 51.43 -53.29 -7.38
N LEU D 75 51.17 -52.40 -6.42
CA LEU D 75 49.99 -52.55 -5.58
C LEU D 75 48.72 -52.39 -6.39
N GLU D 76 48.73 -51.46 -7.36
CA GLU D 76 47.55 -51.26 -8.19
C GLU D 76 47.32 -52.42 -9.14
N LYS D 77 48.40 -53.04 -9.62
CA LYS D 77 48.27 -54.19 -10.52
C LYS D 77 47.68 -55.39 -9.82
N GLU D 78 48.04 -55.60 -8.55
CA GLU D 78 47.62 -56.80 -7.83
C GLU D 78 46.15 -56.72 -7.42
N VAL D 79 45.68 -55.54 -7.02
CA VAL D 79 44.28 -55.36 -6.69
C VAL D 79 43.42 -55.51 -7.93
N GLU D 80 43.91 -55.01 -9.06
CA GLU D 80 43.13 -55.02 -10.29
C GLU D 80 43.06 -56.42 -10.89
N SER D 81 44.11 -57.23 -10.70
CA SER D 81 44.17 -58.53 -11.36
C SER D 81 43.21 -59.54 -10.76
N MET D 82 42.86 -59.41 -9.49
CA MET D 82 41.90 -60.31 -8.87
C MET D 82 40.49 -59.77 -8.80
N GLY D 83 40.25 -58.58 -9.36
CA GLY D 83 38.92 -58.01 -9.38
C GLY D 83 38.50 -57.29 -8.13
N ALA D 84 39.43 -56.68 -7.41
CA ALA D 84 39.17 -56.12 -6.09
C ALA D 84 39.17 -54.60 -6.14
N HIS D 85 38.51 -54.00 -5.15
CA HIS D 85 38.36 -52.55 -5.05
C HIS D 85 39.05 -52.05 -3.79
N LEU D 86 39.68 -50.90 -3.90
CA LEU D 86 40.22 -50.18 -2.76
C LEU D 86 39.38 -48.92 -2.54
N ASN D 87 39.40 -48.42 -1.31
CA ASN D 87 38.65 -47.24 -0.93
C ASN D 87 39.22 -46.67 0.36
N ALA D 88 38.81 -45.46 0.69
CA ALA D 88 39.25 -44.76 1.90
C ALA D 88 38.26 -43.65 2.21
N TYR D 89 38.34 -43.11 3.42
CA TYR D 89 37.73 -41.84 3.78
C TYR D 89 38.45 -41.27 4.99
N SER D 90 38.03 -40.08 5.40
CA SER D 90 38.73 -39.30 6.43
C SER D 90 37.78 -38.24 6.96
N THR D 91 37.42 -38.31 8.24
CA THR D 91 36.56 -37.34 8.90
C THR D 91 37.36 -36.61 9.98
N ARG D 92 36.68 -35.86 10.84
CA ARG D 92 37.35 -35.14 11.93
C ARG D 92 37.77 -36.07 13.07
N GLU D 93 37.18 -37.26 13.17
CA GLU D 93 37.45 -38.17 14.27
C GLU D 93 37.82 -39.59 13.86
N HIS D 94 37.68 -39.98 12.59
CA HIS D 94 37.95 -41.34 12.15
C HIS D 94 38.83 -41.30 10.89
N THR D 95 39.36 -42.46 10.53
CA THR D 95 40.11 -42.65 9.27
C THR D 95 40.03 -44.14 8.95
N ALA D 96 39.58 -44.50 7.75
CA ALA D 96 39.29 -45.89 7.41
C ALA D 96 39.72 -46.23 5.99
N TYR D 97 40.74 -47.07 5.84
CA TYR D 97 41.09 -47.71 4.58
C TYR D 97 40.47 -49.10 4.53
N TYR D 98 40.01 -49.55 3.36
CA TYR D 98 39.43 -50.88 3.27
C TYR D 98 39.56 -51.48 1.86
N ILE D 99 39.12 -52.73 1.74
CA ILE D 99 39.24 -53.54 0.53
C ILE D 99 37.95 -54.34 0.36
N LYS D 100 37.37 -54.30 -0.82
CA LYS D 100 36.31 -55.20 -1.23
C LYS D 100 36.94 -56.23 -2.16
N ALA D 101 36.74 -57.51 -1.87
CA ALA D 101 37.38 -58.55 -2.68
C ALA D 101 36.55 -59.82 -2.63
N LEU D 102 37.13 -60.91 -3.12
CA LEU D 102 36.56 -62.24 -3.04
C LEU D 102 37.03 -62.94 -1.77
N SER D 103 36.18 -63.83 -1.25
CA SER D 103 36.43 -64.44 0.04
C SER D 103 37.62 -65.40 0.02
N LYS D 104 38.01 -65.91 -1.14
CA LYS D 104 39.18 -66.75 -1.24
C LYS D 104 40.48 -65.96 -1.43
N ASP D 105 40.40 -64.66 -1.65
CA ASP D 105 41.58 -63.80 -1.67
C ASP D 105 41.74 -63.03 -0.38
N LEU D 106 41.01 -63.45 0.66
CA LEU D 106 41.21 -62.92 2.01
C LEU D 106 42.64 -63.01 2.55
N PRO D 107 43.43 -64.10 2.35
CA PRO D 107 44.81 -64.04 2.82
C PRO D 107 45.68 -63.02 2.10
N LYS D 108 45.46 -62.83 0.80
CA LYS D 108 46.18 -61.79 0.08
C LYS D 108 45.67 -60.41 0.47
N ALA D 109 44.36 -60.27 0.71
CA ALA D 109 43.79 -58.97 1.01
C ALA D 109 44.24 -58.44 2.37
N VAL D 110 44.30 -59.32 3.38
CA VAL D 110 44.72 -58.90 4.72
C VAL D 110 46.21 -58.54 4.72
N GLU D 111 47.01 -59.25 3.93
CA GLU D 111 48.43 -58.91 3.79
C GLU D 111 48.63 -57.56 3.12
N LEU D 112 47.74 -57.20 2.18
CA LEU D 112 47.81 -55.89 1.54
C LEU D 112 47.46 -54.78 2.51
N LEU D 113 46.44 -54.99 3.35
CA LEU D 113 46.05 -53.98 4.33
C LEU D 113 47.10 -53.80 5.42
N ALA D 114 47.77 -54.89 5.82
CA ALA D 114 48.80 -54.76 6.84
C ALA D 114 50.04 -54.06 6.32
N ASP D 115 50.34 -54.23 5.03
CA ASP D 115 51.50 -53.55 4.45
C ASP D 115 51.23 -52.06 4.27
N ILE D 116 49.99 -51.68 3.95
CA ILE D 116 49.62 -50.28 3.71
C ILE D 116 49.84 -49.45 4.97
N VAL D 117 49.32 -49.92 6.10
CA VAL D 117 49.31 -49.10 7.31
C VAL D 117 50.59 -49.21 8.11
N GLN D 118 51.48 -50.14 7.80
CA GLN D 118 52.72 -50.25 8.54
C GLN D 118 53.92 -49.69 7.80
N ASN D 119 54.10 -50.02 6.52
CA ASN D 119 55.32 -49.70 5.81
C ASN D 119 55.07 -48.82 4.58
N CYS D 120 54.16 -47.86 4.71
CA CYS D 120 53.85 -46.97 3.60
C CYS D 120 55.02 -46.05 3.33
N SER D 121 55.42 -45.95 2.08
CA SER D 121 56.48 -45.04 1.71
C SER D 121 55.92 -43.63 1.52
N LEU D 122 56.69 -42.66 2.00
CA LEU D 122 56.32 -41.25 1.87
C LEU D 122 57.57 -40.60 1.28
N GLU D 123 57.68 -40.66 -0.04
CA GLU D 123 58.92 -40.26 -0.70
C GLU D 123 58.85 -38.80 -1.14
N ASP D 124 60.03 -38.20 -1.33
CA ASP D 124 60.11 -36.79 -1.66
C ASP D 124 59.75 -36.46 -3.10
N SER D 125 59.41 -37.45 -3.93
CA SER D 125 58.98 -37.19 -5.29
C SER D 125 57.50 -37.44 -5.54
N GLN D 126 56.86 -38.30 -4.76
CA GLN D 126 55.41 -38.42 -4.85
C GLN D 126 54.73 -37.26 -4.14
N ILE D 127 55.32 -36.76 -3.04
CA ILE D 127 55.02 -35.41 -2.62
C ILE D 127 55.91 -34.45 -3.40
N GLU D 128 55.52 -33.17 -3.40
CA GLU D 128 55.73 -32.12 -4.41
C GLU D 128 54.94 -32.41 -5.67
N LYS D 129 54.17 -33.49 -5.71
CA LYS D 129 53.33 -33.91 -6.81
C LYS D 129 51.91 -34.20 -6.36
N GLU D 130 51.74 -34.68 -5.13
CA GLU D 130 50.42 -34.75 -4.52
C GLU D 130 49.98 -33.41 -3.99
N ARG D 131 50.91 -32.46 -3.85
CA ARG D 131 50.57 -31.11 -3.43
C ARG D 131 49.70 -30.42 -4.47
N ASP D 132 50.00 -30.61 -5.75
CA ASP D 132 49.22 -29.98 -6.81
C ASP D 132 47.86 -30.61 -6.96
N VAL D 133 47.73 -31.90 -6.68
CA VAL D 133 46.43 -32.54 -6.76
C VAL D 133 45.53 -32.05 -5.62
N ILE D 134 46.11 -31.72 -4.47
CA ILE D 134 45.31 -31.25 -3.35
C ILE D 134 44.97 -29.78 -3.50
N LEU D 135 45.91 -28.95 -3.98
CA LEU D 135 45.65 -27.52 -4.15
C LEU D 135 44.59 -27.22 -5.19
N GLN D 136 44.46 -28.07 -6.22
CA GLN D 136 43.44 -27.87 -7.23
C GLN D 136 42.11 -28.47 -6.84
N GLU D 137 42.09 -29.45 -5.95
CA GLU D 137 40.81 -29.98 -5.50
C GLU D 137 40.23 -29.18 -4.34
N LEU D 138 41.01 -28.28 -3.75
CA LEU D 138 40.45 -27.26 -2.87
C LEU D 138 39.62 -26.26 -3.66
N GLN D 139 40.04 -25.94 -4.89
CA GLN D 139 39.30 -25.00 -5.73
C GLN D 139 38.01 -25.61 -6.24
N GLU D 140 37.98 -26.93 -6.49
CA GLU D 140 36.74 -27.60 -6.80
C GLU D 140 35.80 -27.67 -5.61
N ASN D 141 36.35 -27.59 -4.40
CA ASN D 141 35.53 -27.64 -3.20
C ASN D 141 34.81 -26.32 -2.94
N ASP D 142 35.36 -25.21 -3.44
CA ASP D 142 34.72 -23.91 -3.25
C ASP D 142 33.44 -23.76 -4.04
N SER D 143 33.22 -24.57 -5.07
CA SER D 143 32.01 -24.50 -5.85
C SER D 143 30.90 -25.36 -5.30
N SER D 144 31.21 -26.25 -4.37
CA SER D 144 30.18 -27.04 -3.68
C SER D 144 29.70 -26.22 -2.48
N MET D 145 28.46 -25.75 -2.55
CA MET D 145 28.00 -24.78 -1.56
C MET D 145 27.65 -25.43 -0.23
N ARG D 146 27.23 -26.70 -0.26
CA ARG D 146 26.91 -27.42 0.97
C ARG D 146 28.16 -27.75 1.77
N ASP D 147 29.28 -28.02 1.10
CA ASP D 147 30.51 -28.28 1.82
C ASP D 147 31.05 -27.01 2.49
N VAL D 148 30.89 -25.86 1.84
CA VAL D 148 31.38 -24.62 2.40
C VAL D 148 30.46 -24.11 3.51
N VAL D 149 29.15 -24.35 3.43
CA VAL D 149 28.29 -23.81 4.46
C VAL D 149 28.33 -24.69 5.73
N PHE D 150 28.54 -26.00 5.59
CA PHE D 150 28.73 -26.84 6.76
C PHE D 150 30.11 -26.70 7.36
N ASP D 151 31.09 -26.25 6.60
CA ASP D 151 32.36 -25.87 7.20
C ASP D 151 32.26 -24.57 7.99
N TYR D 152 31.33 -23.69 7.61
CA TYR D 152 31.10 -22.44 8.36
C TYR D 152 30.47 -22.73 9.71
N LEU D 153 29.58 -23.72 9.76
CA LEU D 153 28.90 -24.07 11.00
C LEU D 153 29.84 -24.71 12.03
N HIS D 154 30.90 -25.36 11.59
CA HIS D 154 31.85 -25.89 12.55
C HIS D 154 32.85 -24.83 12.98
N ALA D 155 33.19 -23.90 12.10
CA ALA D 155 34.11 -22.84 12.48
C ALA D 155 33.46 -21.78 13.36
N THR D 156 32.13 -21.71 13.39
CA THR D 156 31.46 -20.75 14.24
C THR D 156 30.88 -21.34 15.52
N ALA D 157 30.54 -22.63 15.56
CA ALA D 157 29.96 -23.20 16.77
C ALA D 157 31.01 -23.67 17.76
N PHE D 158 32.23 -23.90 17.31
CA PHE D 158 33.31 -24.44 18.15
C PHE D 158 34.56 -23.60 17.99
N GLN D 159 34.42 -22.29 18.10
CA GLN D 159 35.36 -21.30 17.57
C GLN D 159 36.79 -21.47 18.06
N GLY D 160 36.99 -21.56 19.37
CA GLY D 160 38.36 -21.56 19.84
C GLY D 160 39.03 -22.91 20.05
N THR D 161 38.39 -23.97 19.59
CA THR D 161 38.73 -25.36 19.93
C THR D 161 39.21 -26.14 18.71
N PRO D 162 39.79 -27.34 18.87
CA PRO D 162 40.15 -28.14 17.68
C PRO D 162 38.99 -28.70 16.87
N LEU D 163 37.75 -28.57 17.30
CA LEU D 163 36.63 -29.11 16.54
C LEU D 163 36.10 -28.10 15.53
N ALA D 164 36.79 -26.97 15.38
CA ALA D 164 36.48 -25.94 14.41
C ALA D 164 37.18 -26.15 13.09
N GLN D 165 38.46 -26.51 13.12
CA GLN D 165 39.27 -26.69 11.93
C GLN D 165 38.73 -27.81 11.06
N SER D 166 38.97 -27.74 9.76
CA SER D 166 38.41 -28.66 8.79
C SER D 166 39.40 -29.76 8.47
N VAL D 167 38.92 -30.80 7.76
CA VAL D 167 39.72 -31.99 7.51
C VAL D 167 40.88 -31.70 6.57
N GLU D 168 40.61 -30.92 5.53
CA GLU D 168 41.60 -30.67 4.49
C GLU D 168 42.68 -29.70 4.91
N GLY D 169 42.41 -28.80 5.84
CA GLY D 169 43.41 -27.87 6.29
C GLY D 169 43.38 -26.58 5.52
N PRO D 170 44.12 -25.57 5.99
CA PRO D 170 44.27 -24.35 5.22
C PRO D 170 45.15 -24.59 4.00
N SER D 171 45.00 -23.70 3.01
CA SER D 171 45.81 -23.82 1.80
C SER D 171 47.26 -23.47 2.06
N GLU D 172 47.54 -22.66 3.08
CA GLU D 172 48.92 -22.35 3.42
C GLU D 172 49.61 -23.54 4.09
N ASN D 173 48.85 -24.40 4.76
CA ASN D 173 49.43 -25.61 5.33
C ASN D 173 49.71 -26.66 4.27
N VAL D 174 48.85 -26.75 3.25
CA VAL D 174 49.05 -27.69 2.15
C VAL D 174 50.34 -27.37 1.40
N ARG D 175 50.68 -26.08 1.30
CA ARG D 175 51.89 -25.70 0.60
C ARG D 175 53.17 -25.97 1.39
N LYS D 176 53.10 -26.13 2.72
CA LYS D 176 54.31 -26.23 3.52
C LYS D 176 54.50 -27.55 4.27
N LEU D 177 53.61 -28.53 4.11
CA LEU D 177 53.77 -29.80 4.79
C LEU D 177 54.97 -30.57 4.25
N SER D 178 55.80 -31.07 5.16
CA SER D 178 57.00 -31.80 4.79
C SER D 178 56.63 -33.26 4.59
N ARG D 179 57.64 -34.13 4.49
CA ARG D 179 57.42 -35.54 4.80
C ARG D 179 58.01 -35.91 6.14
N ALA D 180 58.87 -35.05 6.69
CA ALA D 180 59.27 -35.19 8.08
C ALA D 180 58.08 -35.06 9.01
N ASP D 181 57.20 -34.11 8.75
CA ASP D 181 56.00 -33.93 9.55
C ASP D 181 54.91 -34.92 9.19
N LEU D 182 55.10 -35.74 8.17
CA LEU D 182 54.14 -36.78 7.87
C LEU D 182 54.44 -38.07 8.61
N THR D 183 55.71 -38.39 8.83
CA THR D 183 56.05 -39.60 9.58
C THR D 183 55.91 -39.37 11.09
N GLU D 184 55.99 -38.13 11.54
CA GLU D 184 55.66 -37.82 12.93
C GLU D 184 54.16 -37.93 13.18
N TYR D 185 53.35 -37.84 12.13
CA TYR D 185 51.93 -38.10 12.25
C TYR D 185 51.62 -39.58 12.33
N VAL D 186 52.40 -40.42 11.62
CA VAL D 186 52.12 -41.86 11.59
C VAL D 186 52.47 -42.50 12.93
N SER D 187 53.58 -42.07 13.54
CA SER D 187 54.05 -42.67 14.78
C SER D 187 53.11 -42.39 15.95
N GLN D 188 52.47 -41.23 15.96
CA GLN D 188 51.65 -40.85 17.11
C GLN D 188 50.19 -41.23 16.96
N HIS D 189 49.71 -41.53 15.76
CA HIS D 189 48.28 -41.75 15.63
C HIS D 189 47.94 -43.04 14.90
N TYR D 190 48.92 -43.81 14.46
CA TYR D 190 48.71 -45.15 13.89
C TYR D 190 49.36 -46.17 14.83
N LYS D 191 48.64 -46.56 15.87
CA LYS D 191 49.13 -47.46 16.89
C LYS D 191 48.09 -48.53 17.15
N ALA D 192 48.55 -49.67 17.65
CA ALA D 192 47.70 -50.86 17.75
C ALA D 192 46.47 -50.75 18.64
N PRO D 193 46.47 -50.09 19.82
CA PRO D 193 45.18 -49.96 20.54
C PRO D 193 44.17 -49.06 19.85
N ARG D 194 44.65 -48.12 19.04
CA ARG D 194 43.79 -47.17 18.33
C ARG D 194 43.33 -47.68 16.97
N MET D 195 43.42 -48.99 16.71
CA MET D 195 43.04 -49.55 15.42
C MET D 195 42.07 -50.70 15.64
N VAL D 196 41.16 -50.86 14.68
CA VAL D 196 40.23 -51.99 14.67
C VAL D 196 40.39 -52.68 13.32
N LEU D 197 40.44 -54.01 13.34
CA LEU D 197 40.47 -54.82 12.11
C LEU D 197 39.13 -55.52 11.97
N ALA D 198 38.25 -54.99 11.13
CA ALA D 198 36.91 -55.52 10.95
C ALA D 198 36.78 -56.26 9.61
N ALA D 199 35.71 -57.02 9.49
CA ALA D 199 35.44 -57.85 8.32
C ALA D 199 33.99 -58.30 8.34
N ALA D 200 33.39 -58.39 7.16
CA ALA D 200 32.05 -58.90 7.06
C ALA D 200 31.96 -59.75 5.80
N GLY D 201 30.89 -60.53 5.70
CA GLY D 201 30.71 -61.44 4.59
C GLY D 201 31.08 -62.87 4.93
N GLY D 202 31.55 -63.62 3.94
CA GLY D 202 31.97 -64.98 4.20
C GLY D 202 33.39 -65.01 4.72
N VAL D 203 33.52 -65.11 6.04
CA VAL D 203 34.81 -64.99 6.70
C VAL D 203 34.76 -65.84 7.97
N GLU D 204 35.90 -66.41 8.33
CA GLU D 204 36.06 -67.08 9.61
C GLU D 204 36.75 -66.14 10.59
N HIS D 205 36.24 -66.08 11.82
CA HIS D 205 36.92 -65.31 12.85
C HIS D 205 38.25 -65.95 13.22
N ARG D 206 38.27 -67.28 13.24
CA ARG D 206 39.52 -68.01 13.58
C ARG D 206 40.59 -67.70 12.53
N GLN D 207 40.22 -67.83 11.25
CA GLN D 207 41.19 -67.59 10.18
C GLN D 207 41.70 -66.16 10.21
N LEU D 208 40.81 -65.21 10.49
CA LEU D 208 41.19 -63.80 10.59
C LEU D 208 42.14 -63.52 11.73
N LEU D 209 42.11 -64.35 12.79
CA LEU D 209 42.97 -64.13 13.94
C LEU D 209 44.43 -64.49 13.64
N ASP D 210 44.66 -65.63 12.96
CA ASP D 210 46.01 -66.01 12.60
C ASP D 210 46.60 -65.10 11.55
N LEU D 211 45.78 -64.64 10.61
CA LEU D 211 46.21 -63.63 9.65
C LEU D 211 46.55 -62.33 10.36
N ALA D 212 45.80 -62.00 11.41
CA ALA D 212 46.17 -60.89 12.27
C ALA D 212 47.41 -61.20 13.08
N GLN D 213 47.63 -62.47 13.43
CA GLN D 213 48.81 -62.81 14.22
C GLN D 213 50.08 -62.75 13.38
N LYS D 214 50.04 -63.24 12.15
CA LYS D 214 51.26 -63.29 11.36
C LYS D 214 51.61 -61.92 10.74
N HIS D 215 50.60 -61.08 10.51
CA HIS D 215 50.83 -59.79 9.87
C HIS D 215 50.86 -58.61 10.83
N PHE D 216 50.03 -58.61 11.88
CA PHE D 216 49.94 -57.49 12.81
C PHE D 216 50.64 -57.78 14.13
N SER D 217 51.82 -58.38 14.10
CA SER D 217 52.54 -58.68 15.32
C SER D 217 53.67 -57.72 15.63
N SER D 218 54.23 -57.05 14.61
CA SER D 218 55.34 -56.13 14.82
C SER D 218 54.89 -54.74 15.26
N LEU D 219 53.59 -54.54 15.45
CA LEU D 219 53.10 -53.31 16.06
C LEU D 219 53.39 -53.31 17.54
N SER D 220 54.03 -52.24 18.03
CA SER D 220 54.36 -52.14 19.44
C SER D 220 53.09 -51.90 20.27
N GLY D 221 53.03 -52.51 21.45
CA GLY D 221 51.81 -52.49 22.23
C GLY D 221 51.60 -51.27 23.11
N THR D 222 52.69 -50.75 23.67
CA THR D 222 52.61 -49.53 24.50
C THR D 222 53.05 -48.35 23.63
N TYR D 223 53.20 -47.16 24.24
CA TYR D 223 53.54 -45.98 23.45
C TYR D 223 55.02 -45.61 23.64
N VAL D 224 55.47 -44.66 22.83
CA VAL D 224 56.81 -44.10 22.96
C VAL D 224 56.79 -43.07 24.08
N GLU D 225 57.59 -43.32 25.14
CA GLU D 225 57.71 -42.60 26.41
C GLU D 225 56.47 -42.74 27.31
N ASP D 226 55.37 -43.32 26.78
CA ASP D 226 54.16 -43.60 27.60
C ASP D 226 53.44 -42.33 28.07
N ALA D 227 53.58 -41.22 27.36
CA ALA D 227 52.84 -39.99 27.67
C ALA D 227 51.46 -40.13 27.04
N VAL D 228 50.53 -40.71 27.81
CA VAL D 228 49.21 -41.09 27.30
C VAL D 228 48.41 -39.83 26.99
N PRO D 229 47.58 -39.84 25.95
CA PRO D 229 46.82 -38.65 25.59
C PRO D 229 45.60 -38.45 26.48
N ALA D 230 45.21 -37.19 26.60
CA ALA D 230 44.01 -36.80 27.33
C ALA D 230 43.16 -35.91 26.44
N PHE D 231 41.84 -36.07 26.53
CA PHE D 231 40.93 -35.30 25.70
C PHE D 231 40.93 -33.83 26.13
N THR D 232 41.15 -32.93 25.17
CA THR D 232 41.00 -31.48 25.42
C THR D 232 39.61 -31.18 24.85
N PRO D 233 38.56 -31.01 25.67
CA PRO D 233 37.18 -30.97 25.16
C PRO D 233 36.85 -29.67 24.44
N CYS D 234 35.64 -29.61 23.92
CA CYS D 234 35.22 -28.52 23.04
C CYS D 234 33.87 -28.00 23.50
N ARG D 235 33.74 -26.67 23.59
CA ARG D 235 32.51 -26.05 24.03
C ARG D 235 31.78 -25.36 22.90
N PHE D 236 30.45 -25.24 23.06
CA PHE D 236 29.54 -24.65 22.10
C PHE D 236 29.43 -23.13 22.34
N THR D 237 29.07 -22.40 21.28
CA THR D 237 28.99 -20.95 21.30
C THR D 237 27.93 -20.43 20.34
N GLY D 238 26.89 -19.79 20.86
CA GLY D 238 25.96 -19.06 20.02
C GLY D 238 26.59 -17.86 19.34
N SER D 239 26.59 -17.82 18.01
CA SER D 239 27.23 -16.80 17.19
C SER D 239 26.75 -16.98 15.75
N GLU D 240 27.37 -16.25 14.82
CA GLU D 240 26.86 -16.19 13.45
C GLU D 240 27.98 -15.84 12.48
N ILE D 241 27.85 -16.31 11.24
CA ILE D 241 28.72 -15.89 10.14
C ILE D 241 27.90 -15.80 8.86
N ARG D 242 28.04 -14.68 8.16
CA ARG D 242 27.27 -14.37 6.95
C ARG D 242 28.21 -14.09 5.79
N HIS D 243 27.97 -14.74 4.65
CA HIS D 243 28.76 -14.49 3.45
C HIS D 243 27.81 -14.06 2.33
N ARG D 244 27.91 -12.80 1.94
CA ARG D 244 26.97 -12.15 1.04
C ARG D 244 27.54 -12.13 -0.38
N ASP D 245 26.85 -12.78 -1.31
CA ASP D 245 27.31 -12.84 -2.70
C ASP D 245 26.08 -12.89 -3.59
N ASP D 246 25.74 -11.77 -4.19
CA ASP D 246 24.51 -11.62 -4.95
C ASP D 246 24.57 -12.28 -6.32
N ALA D 247 25.76 -12.64 -6.80
CA ALA D 247 25.91 -13.27 -8.11
C ALA D 247 25.59 -14.76 -8.11
N LEU D 248 25.51 -15.41 -6.93
CA LEU D 248 25.06 -16.79 -6.87
C LEU D 248 23.54 -16.83 -6.93
N PRO D 249 22.95 -17.83 -7.60
CA PRO D 249 21.50 -17.81 -7.81
C PRO D 249 20.67 -18.27 -6.62
N LEU D 250 21.24 -18.99 -5.65
CA LEU D 250 20.49 -19.49 -4.51
C LEU D 250 21.32 -19.31 -3.25
N ALA D 251 20.64 -19.36 -2.11
CA ALA D 251 21.28 -19.15 -0.80
C ALA D 251 21.15 -20.41 0.06
N HIS D 252 22.23 -20.70 0.79
CA HIS D 252 22.33 -21.84 1.71
C HIS D 252 22.41 -21.32 3.14
N VAL D 253 21.57 -21.84 4.02
CA VAL D 253 21.55 -21.47 5.45
C VAL D 253 21.52 -22.72 6.32
N ALA D 254 22.40 -22.80 7.32
CA ALA D 254 22.43 -23.87 8.31
C ALA D 254 22.45 -23.31 9.74
N ILE D 255 21.63 -23.88 10.63
CA ILE D 255 21.48 -23.42 12.00
C ILE D 255 21.41 -24.61 12.96
N ALA D 256 22.08 -24.51 14.11
CA ALA D 256 22.16 -25.62 15.07
C ALA D 256 22.35 -25.16 16.51
N VAL D 257 21.79 -25.94 17.43
CA VAL D 257 22.08 -25.84 18.86
C VAL D 257 23.00 -26.98 19.26
N GLU D 258 23.50 -26.94 20.49
CA GLU D 258 24.38 -28.00 20.97
C GLU D 258 23.61 -29.28 21.25
N GLY D 259 24.21 -30.41 20.90
CA GLY D 259 23.60 -31.71 21.08
C GLY D 259 24.43 -32.62 21.95
N PRO D 260 23.96 -33.84 22.15
CA PRO D 260 24.69 -34.79 22.99
C PRO D 260 25.77 -35.53 22.23
N GLY D 261 26.68 -36.11 23.00
CA GLY D 261 27.80 -36.86 22.46
C GLY D 261 27.40 -38.24 22.00
N TRP D 262 28.42 -39.08 21.80
CA TRP D 262 28.16 -40.42 21.26
C TRP D 262 27.48 -41.32 22.29
N ALA D 263 28.05 -41.43 23.48
CA ALA D 263 27.59 -42.40 24.47
C ALA D 263 26.36 -41.93 25.24
N ASN D 264 25.93 -40.69 25.04
CA ASN D 264 24.80 -40.14 25.77
C ASN D 264 23.51 -40.85 25.36
N PRO D 265 22.69 -41.30 26.30
CA PRO D 265 21.43 -41.97 25.95
C PRO D 265 20.33 -41.05 25.47
N ASP D 266 20.58 -39.74 25.39
CA ASP D 266 19.60 -38.80 24.89
C ASP D 266 19.49 -38.79 23.37
N ASN D 267 20.38 -39.49 22.66
CA ASN D 267 20.42 -39.45 21.21
C ASN D 267 19.22 -40.13 20.58
N VAL D 268 18.68 -41.17 21.20
CA VAL D 268 17.54 -41.89 20.63
C VAL D 268 16.25 -41.06 20.68
N PRO D 269 15.88 -40.34 21.76
CA PRO D 269 14.72 -39.44 21.62
C PRO D 269 14.99 -38.21 20.76
N LEU D 270 16.23 -37.80 20.55
CA LEU D 270 16.50 -36.67 19.67
C LEU D 270 16.49 -37.06 18.20
N GLN D 271 16.50 -38.35 17.88
CA GLN D 271 16.36 -38.81 16.52
C GLN D 271 14.94 -39.21 16.18
N VAL D 272 14.11 -39.47 17.18
CA VAL D 272 12.68 -39.46 16.95
C VAL D 272 12.22 -38.04 16.68
N ALA D 273 12.91 -37.05 17.25
CA ALA D 273 12.55 -35.65 17.10
C ALA D 273 12.84 -35.13 15.69
N ASN D 274 14.09 -35.27 15.24
CA ASN D 274 14.51 -34.78 13.92
C ASN D 274 13.86 -35.55 12.78
N ALA D 275 13.32 -36.73 13.03
CA ALA D 275 12.55 -37.46 12.05
C ALA D 275 11.10 -36.99 11.98
N ILE D 276 10.66 -36.12 12.88
CA ILE D 276 9.33 -35.54 12.80
C ILE D 276 9.36 -34.27 11.94
N ILE D 277 10.45 -33.51 11.99
CA ILE D 277 10.67 -32.43 11.04
C ILE D 277 10.91 -32.99 9.65
N GLY D 278 12.05 -33.66 9.45
CA GLY D 278 12.28 -34.40 8.23
C GLY D 278 13.11 -33.72 7.17
N HIS D 279 12.85 -34.07 5.91
CA HIS D 279 13.61 -33.56 4.77
C HIS D 279 12.66 -33.33 3.60
N TYR D 280 13.13 -32.53 2.63
CA TYR D 280 12.34 -32.24 1.44
C TYR D 280 13.30 -31.92 0.31
N ASP D 281 12.84 -32.15 -0.92
CA ASP D 281 13.53 -31.74 -2.13
C ASP D 281 12.48 -31.55 -3.22
N SER D 282 12.78 -30.65 -4.17
CA SER D 282 11.77 -30.27 -5.17
C SER D 282 11.51 -31.34 -6.22
N THR D 283 12.28 -32.42 -6.24
CA THR D 283 12.00 -33.55 -7.12
C THR D 283 11.16 -34.63 -6.45
N TYR D 284 10.57 -34.38 -5.29
CA TYR D 284 9.76 -35.38 -4.61
C TYR D 284 8.40 -35.49 -5.27
N GLY D 285 7.68 -36.54 -4.93
CA GLY D 285 6.45 -36.85 -5.61
C GLY D 285 5.16 -36.30 -5.03
N GLY D 286 5.03 -36.26 -3.72
CA GLY D 286 3.75 -35.91 -3.12
C GLY D 286 3.76 -34.74 -2.15
N GLY D 287 4.45 -33.66 -2.49
CA GLY D 287 4.88 -32.67 -1.51
C GLY D 287 3.78 -31.92 -0.78
N THR D 288 2.61 -31.76 -1.39
CA THR D 288 1.53 -31.07 -0.69
C THR D 288 0.81 -31.96 0.32
N HIS D 289 1.00 -33.28 0.24
CA HIS D 289 0.32 -34.20 1.12
C HIS D 289 1.25 -34.80 2.17
N MET D 290 2.45 -34.28 2.32
CA MET D 290 3.42 -34.94 3.19
C MET D 290 3.09 -34.74 4.66
N SER D 291 3.52 -35.71 5.49
CA SER D 291 3.18 -35.72 6.90
C SER D 291 3.90 -34.61 7.67
N SER D 292 5.10 -34.27 7.25
CA SER D 292 5.82 -33.15 7.83
C SER D 292 5.09 -31.85 7.53
N THR D 293 5.15 -30.91 8.46
CA THR D 293 4.46 -29.64 8.30
C THR D 293 5.33 -28.62 7.56
N LEU D 294 6.62 -28.60 7.84
CA LEU D 294 7.53 -27.71 7.13
C LEU D 294 7.71 -28.14 5.68
N ALA D 295 7.56 -29.43 5.38
CA ALA D 295 7.67 -29.88 4.00
C ALA D 295 6.37 -29.68 3.22
N SER D 296 5.22 -29.81 3.88
CA SER D 296 3.96 -29.56 3.20
C SER D 296 3.76 -28.08 2.93
N VAL D 297 4.32 -27.22 3.77
CA VAL D 297 4.20 -25.78 3.58
C VAL D 297 5.13 -25.32 2.46
N ALA D 298 6.39 -25.78 2.46
CA ALA D 298 7.37 -25.32 1.51
C ALA D 298 7.12 -25.82 0.10
N ALA D 299 6.32 -26.85 -0.06
CA ALA D 299 5.93 -27.27 -1.41
C ALA D 299 4.80 -26.40 -1.94
N THR D 300 3.86 -26.02 -1.08
CA THR D 300 2.67 -25.30 -1.52
C THR D 300 2.98 -23.85 -1.88
N ARG D 301 3.96 -23.24 -1.18
CA ARG D 301 4.30 -21.80 -1.41
C ARG D 301 5.69 -21.68 -2.05
N LYS D 302 6.25 -22.78 -2.54
CA LYS D 302 7.55 -22.83 -3.22
C LYS D 302 8.60 -21.99 -2.50
N LEU D 303 8.76 -22.27 -1.21
CA LEU D 303 9.63 -21.47 -0.38
C LEU D 303 11.09 -21.84 -0.55
N CYS D 304 11.40 -23.10 -0.84
CA CYS D 304 12.79 -23.54 -0.90
C CYS D 304 12.96 -24.55 -2.02
N GLN D 305 14.22 -24.93 -2.24
CA GLN D 305 14.56 -26.08 -3.08
C GLN D 305 14.67 -27.37 -2.27
N SER D 306 15.32 -27.34 -1.11
CA SER D 306 15.44 -28.51 -0.25
C SER D 306 15.77 -28.09 1.18
N PHE D 307 15.34 -28.91 2.15
CA PHE D 307 15.85 -28.80 3.52
C PHE D 307 16.13 -30.18 4.09
N GLN D 308 17.02 -30.22 5.10
CA GLN D 308 17.39 -31.44 5.81
C GLN D 308 17.70 -31.12 7.26
N THR D 309 17.41 -32.08 8.15
CA THR D 309 17.87 -32.03 9.54
C THR D 309 19.11 -32.91 9.71
N PHE D 310 19.93 -32.58 10.70
CA PHE D 310 21.11 -33.38 10.99
C PHE D 310 21.23 -33.60 12.49
N ASN D 311 22.02 -34.60 12.85
CA ASN D 311 22.21 -35.04 14.21
C ASN D 311 23.67 -35.44 14.46
N ILE D 312 24.60 -34.56 14.11
CA ILE D 312 26.02 -34.87 14.21
C ILE D 312 26.44 -35.06 15.66
N CYS D 313 27.23 -36.12 15.94
CA CYS D 313 27.66 -36.45 17.29
C CYS D 313 29.17 -36.49 17.37
N TYR D 314 29.71 -36.29 18.58
CA TYR D 314 31.13 -36.47 18.86
C TYR D 314 31.32 -37.16 20.19
N ALA D 315 32.55 -37.15 20.72
CA ALA D 315 32.85 -37.84 21.97
C ALA D 315 32.19 -37.17 23.17
N GLU D 316 32.14 -35.85 23.19
CA GLU D 316 31.59 -35.10 24.31
C GLU D 316 30.52 -34.08 23.94
N THR D 317 30.30 -33.80 22.66
CA THR D 317 29.36 -32.75 22.25
C THR D 317 28.78 -33.12 20.89
N GLY D 318 27.98 -32.21 20.33
CA GLY D 318 27.33 -32.51 19.07
C GLY D 318 26.75 -31.27 18.44
N LEU D 319 26.05 -31.47 17.32
CA LEU D 319 25.32 -30.42 16.62
C LEU D 319 23.95 -30.95 16.28
N LEU D 320 22.93 -30.11 16.46
CA LEU D 320 21.56 -30.54 16.30
C LEU D 320 20.80 -29.42 15.61
N GLY D 321 20.30 -29.67 14.40
CA GLY D 321 19.72 -28.58 13.65
C GLY D 321 19.19 -28.85 12.25
N ALA D 322 19.43 -27.92 11.31
CA ALA D 322 18.83 -27.98 9.99
C ALA D 322 19.63 -27.17 8.98
N HIS D 323 19.41 -27.48 7.69
CA HIS D 323 20.03 -26.81 6.55
C HIS D 323 19.00 -26.68 5.45
N PHE D 324 18.93 -25.51 4.78
CA PHE D 324 17.98 -25.32 3.68
C PHE D 324 18.57 -24.46 2.57
N VAL D 325 18.00 -24.60 1.36
CA VAL D 325 18.42 -23.87 0.16
C VAL D 325 17.22 -23.16 -0.45
N CYS D 326 17.34 -21.84 -0.66
CA CYS D 326 16.24 -21.06 -1.23
C CYS D 326 16.78 -19.84 -1.99
N ASP D 327 15.86 -19.10 -2.62
CA ASP D 327 16.18 -17.85 -3.32
C ASP D 327 16.19 -16.66 -2.36
N ASN D 328 16.53 -15.48 -2.88
CA ASN D 328 16.85 -14.34 -2.04
C ASN D 328 15.64 -13.71 -1.36
N MET D 329 14.43 -14.03 -1.82
CA MET D 329 13.23 -13.42 -1.29
C MET D 329 12.44 -14.35 -0.40
N SER D 330 13.01 -15.46 0.06
CA SER D 330 12.27 -16.44 0.83
C SER D 330 12.95 -16.86 2.14
N ILE D 331 14.07 -16.24 2.51
CA ILE D 331 14.85 -16.67 3.66
C ILE D 331 14.12 -16.42 4.97
N ASP D 332 13.55 -15.23 5.10
CA ASP D 332 12.90 -14.80 6.34
C ASP D 332 11.64 -15.62 6.62
N ASP D 333 11.00 -16.14 5.57
CA ASP D 333 9.80 -16.93 5.77
C ASP D 333 10.13 -18.39 6.06
N MET D 334 11.27 -18.88 5.55
CA MET D 334 11.70 -20.24 5.88
C MET D 334 12.16 -20.35 7.33
N MET D 335 12.82 -19.31 7.84
CA MET D 335 13.27 -19.27 9.22
C MET D 335 12.12 -19.13 10.20
N PHE D 336 11.02 -18.48 9.82
CA PHE D 336 9.85 -18.35 10.65
C PHE D 336 9.16 -19.68 10.88
N PHE D 337 9.06 -20.51 9.83
CA PHE D 337 8.33 -21.76 9.94
C PHE D 337 9.15 -22.87 10.56
N LEU D 338 10.47 -22.86 10.40
CA LEU D 338 11.33 -23.85 11.00
C LEU D 338 11.40 -23.66 12.53
N GLN D 339 11.58 -22.41 12.97
CA GLN D 339 11.69 -22.13 14.40
C GLN D 339 10.37 -22.33 15.13
N GLY D 340 9.25 -22.21 14.44
CA GLY D 340 7.98 -22.45 15.06
C GLY D 340 7.61 -23.89 15.22
N GLN D 341 8.36 -24.81 14.62
CA GLN D 341 8.14 -26.23 14.80
C GLN D 341 9.09 -26.85 15.82
N TRP D 342 10.25 -26.24 16.05
CA TRP D 342 11.07 -26.59 17.21
C TRP D 342 10.32 -26.29 18.50
N MET D 343 9.69 -25.11 18.59
CA MET D 343 8.98 -24.71 19.80
C MET D 343 7.67 -25.43 19.97
N ARG D 344 7.13 -26.02 18.92
CA ARG D 344 5.94 -26.87 19.03
C ARG D 344 6.30 -28.32 19.40
N LEU D 345 7.55 -28.61 19.65
CA LEU D 345 7.91 -29.92 20.18
C LEU D 345 8.42 -29.84 21.60
N CYS D 346 8.92 -28.68 22.01
CA CYS D 346 9.23 -28.44 23.41
C CYS D 346 7.96 -28.50 24.27
N THR D 347 6.87 -27.96 23.76
CA THR D 347 5.52 -28.17 24.25
C THR D 347 4.77 -29.00 23.22
N SER D 348 3.52 -29.32 23.51
CA SER D 348 2.52 -29.71 22.50
C SER D 348 2.78 -30.94 21.63
N ALA D 349 3.88 -31.67 21.84
CA ALA D 349 4.21 -32.80 20.96
C ALA D 349 3.27 -33.98 21.20
N THR D 350 2.70 -34.48 20.12
CA THR D 350 1.60 -35.43 20.16
C THR D 350 2.14 -36.87 20.28
N GLU D 351 1.26 -37.79 20.68
CA GLU D 351 1.60 -39.21 20.71
C GLU D 351 1.52 -39.87 19.34
N SER D 352 0.87 -39.24 18.35
CA SER D 352 0.90 -39.78 17.00
C SER D 352 2.15 -39.37 16.22
N GLU D 353 2.70 -38.19 16.51
CA GLU D 353 3.93 -37.78 15.83
C GLU D 353 5.10 -38.64 16.27
N VAL D 354 5.12 -39.06 17.53
CA VAL D 354 6.23 -39.81 18.06
C VAL D 354 6.22 -41.25 17.53
N VAL D 355 5.03 -41.81 17.30
CA VAL D 355 4.93 -43.17 16.76
C VAL D 355 5.45 -43.23 15.33
N ARG D 356 5.09 -42.25 14.49
CA ARG D 356 5.64 -42.19 13.13
C ARG D 356 7.14 -41.94 13.15
N GLY D 357 7.62 -41.07 14.04
CA GLY D 357 9.04 -40.82 14.15
C GLY D 357 9.84 -41.99 14.71
N LYS D 358 9.19 -42.92 15.39
CA LYS D 358 9.86 -44.14 15.82
C LYS D 358 9.87 -45.19 14.72
N ASN D 359 8.83 -45.25 13.90
CA ASN D 359 8.82 -46.13 12.74
C ASN D 359 9.86 -45.71 11.72
N ILE D 360 10.05 -44.41 11.55
CA ILE D 360 11.03 -43.89 10.61
C ILE D 360 12.44 -44.23 11.07
N LEU D 361 12.67 -44.27 12.38
CA LEU D 361 14.02 -44.50 12.90
C LEU D 361 14.44 -45.97 12.80
N ARG D 362 13.51 -46.91 12.97
CA ARG D 362 13.84 -48.32 12.80
C ARG D 362 14.14 -48.64 11.34
N ASN D 363 13.33 -48.11 10.41
CA ASN D 363 13.56 -48.29 8.98
C ASN D 363 14.88 -47.70 8.51
N ALA D 364 15.31 -46.60 9.10
CA ALA D 364 16.61 -46.06 8.74
C ALA D 364 17.77 -46.87 9.32
N LEU D 365 17.52 -47.75 10.30
CA LEU D 365 18.58 -48.54 10.90
C LEU D 365 18.91 -49.77 10.07
N VAL D 366 17.90 -50.56 9.72
CA VAL D 366 18.17 -51.79 9.00
C VAL D 366 18.47 -51.54 7.52
N SER D 367 17.99 -50.44 6.94
CA SER D 367 18.27 -50.15 5.54
C SER D 367 19.70 -49.71 5.35
N HIS D 368 20.34 -49.23 6.40
CA HIS D 368 21.72 -48.80 6.31
C HIS D 368 22.71 -49.97 6.39
N LEU D 369 22.25 -51.18 6.67
CA LEU D 369 23.15 -52.34 6.76
C LEU D 369 22.69 -53.38 5.75
N ASP D 370 23.10 -53.23 4.49
CA ASP D 370 22.61 -54.08 3.41
C ASP D 370 23.72 -54.52 2.47
N GLY D 371 24.84 -54.96 3.01
CA GLY D 371 25.95 -55.36 2.18
C GLY D 371 27.17 -55.40 3.04
N THR D 372 28.25 -55.95 2.48
CA THR D 372 29.42 -56.19 3.30
C THR D 372 30.13 -54.89 3.64
N THR D 373 30.07 -53.90 2.76
CA THR D 373 30.73 -52.62 3.01
C THR D 373 30.02 -51.76 4.07
N PRO D 374 28.65 -51.60 4.10
CA PRO D 374 28.08 -50.82 5.20
C PRO D 374 28.09 -51.53 6.55
N VAL D 375 28.03 -52.86 6.56
CA VAL D 375 28.09 -53.60 7.81
C VAL D 375 29.51 -53.55 8.39
N CYS D 376 30.52 -53.59 7.53
CA CYS D 376 31.91 -53.50 8.00
C CYS D 376 32.25 -52.14 8.59
N GLU D 377 31.56 -51.07 8.19
CA GLU D 377 31.84 -49.78 8.79
C GLU D 377 30.99 -49.52 10.03
N ASP D 378 29.86 -50.20 10.18
CA ASP D 378 29.15 -50.21 11.45
C ASP D 378 29.84 -51.11 12.47
N ILE D 379 30.62 -52.09 12.01
CA ILE D 379 31.41 -52.87 12.96
C ILE D 379 32.65 -52.09 13.40
N GLY D 380 33.32 -51.43 12.47
CA GLY D 380 34.62 -50.85 12.77
C GLY D 380 34.59 -49.57 13.58
N ARG D 381 33.50 -48.81 13.55
CA ARG D 381 33.46 -47.56 14.29
C ARG D 381 32.54 -47.60 15.50
N SER D 382 31.70 -48.64 15.64
CA SER D 382 31.05 -48.88 16.91
C SER D 382 32.04 -49.35 17.97
N LEU D 383 33.09 -50.05 17.57
CA LEU D 383 34.13 -50.47 18.50
C LEU D 383 35.02 -49.31 18.93
N LEU D 384 35.00 -48.19 18.22
CA LEU D 384 35.78 -47.02 18.61
C LEU D 384 34.94 -45.93 19.27
N THR D 385 33.62 -45.96 19.18
CA THR D 385 32.78 -44.99 19.87
C THR D 385 32.18 -45.57 21.14
N TYR D 386 31.41 -46.65 21.02
CA TYR D 386 30.78 -47.27 22.18
C TYR D 386 31.69 -48.24 22.89
N GLY D 387 32.80 -48.66 22.26
CA GLY D 387 33.62 -49.72 22.77
C GLY D 387 33.10 -51.12 22.51
N ARG D 388 31.87 -51.25 22.09
CA ARG D 388 31.30 -52.52 21.67
C ARG D 388 30.40 -52.24 20.49
N ARG D 389 30.04 -53.27 19.76
CA ARG D 389 29.05 -53.11 18.71
C ARG D 389 27.69 -53.35 19.34
N ILE D 390 26.88 -52.31 19.40
CA ILE D 390 25.50 -52.45 19.88
C ILE D 390 24.74 -53.29 18.87
N PRO D 391 24.09 -54.37 19.28
CA PRO D 391 23.28 -55.14 18.33
C PRO D 391 22.00 -54.42 17.91
N LEU D 392 21.24 -55.04 17.02
CA LEU D 392 19.98 -54.46 16.59
C LEU D 392 18.83 -54.79 17.51
N ALA D 393 19.06 -55.61 18.54
CA ALA D 393 18.05 -55.82 19.56
C ALA D 393 18.13 -54.79 20.67
N GLU D 394 19.35 -54.34 21.00
CA GLU D 394 19.51 -53.29 21.99
C GLU D 394 19.08 -51.94 21.44
N TRP D 395 19.19 -51.73 20.12
CA TRP D 395 18.67 -50.49 19.53
C TRP D 395 17.15 -50.43 19.61
N GLU D 396 16.48 -51.56 19.39
CA GLU D 396 15.03 -51.56 19.32
C GLU D 396 14.38 -51.48 20.70
N SER D 397 15.03 -51.98 21.75
CA SER D 397 14.48 -51.88 23.08
C SER D 397 14.68 -50.50 23.70
N ARG D 398 15.52 -49.66 23.09
CA ARG D 398 15.60 -48.26 23.46
C ARG D 398 14.61 -47.40 22.68
N ILE D 399 14.18 -47.84 21.50
CA ILE D 399 13.18 -47.11 20.74
C ILE D 399 11.80 -47.37 21.32
N ALA D 400 11.60 -48.52 21.97
CA ALA D 400 10.28 -48.86 22.50
C ALA D 400 9.88 -48.04 23.72
N GLU D 401 10.84 -47.41 24.40
CA GLU D 401 10.52 -46.68 25.63
C GLU D 401 10.03 -45.27 25.37
N VAL D 402 10.41 -44.68 24.24
CA VAL D 402 10.20 -43.26 24.01
C VAL D 402 8.72 -43.00 23.73
N ASP D 403 8.17 -41.97 24.37
CA ASP D 403 6.84 -41.46 24.02
C ASP D 403 6.86 -39.94 24.15
N ALA D 404 5.67 -39.33 24.14
CA ALA D 404 5.54 -37.89 23.97
C ALA D 404 6.05 -37.10 25.16
N SER D 405 5.96 -37.65 26.37
CA SER D 405 6.47 -36.91 27.52
C SER D 405 7.98 -36.89 27.53
N VAL D 406 8.62 -37.97 27.07
CA VAL D 406 10.08 -38.00 26.95
C VAL D 406 10.54 -37.06 25.85
N VAL D 407 9.79 -36.99 24.75
CA VAL D 407 10.15 -36.13 23.62
C VAL D 407 10.00 -34.67 24.00
N ARG D 408 8.89 -34.32 24.67
CA ARG D 408 8.69 -32.95 25.17
C ARG D 408 9.76 -32.55 26.17
N GLU D 409 10.15 -33.46 27.06
CA GLU D 409 11.15 -33.14 28.05
C GLU D 409 12.54 -33.02 27.45
N VAL D 410 12.89 -33.89 26.51
CA VAL D 410 14.24 -33.83 25.96
C VAL D 410 14.38 -32.71 24.94
N CYS D 411 13.30 -32.27 24.29
CA CYS D 411 13.41 -31.18 23.33
C CYS D 411 13.51 -29.85 24.04
N SER D 412 12.81 -29.70 25.17
CA SER D 412 12.90 -28.48 25.96
C SER D 412 14.27 -28.31 26.57
N LYS D 413 14.96 -29.41 26.84
CA LYS D 413 16.29 -29.35 27.44
C LYS D 413 17.34 -28.81 26.47
N TYR D 414 17.18 -29.10 25.18
CA TYR D 414 18.22 -28.80 24.20
C TYR D 414 17.91 -27.60 23.33
N PHE D 415 16.64 -27.31 23.08
CA PHE D 415 16.24 -26.23 22.19
C PHE D 415 15.79 -24.97 22.91
N TYR D 416 14.91 -25.17 23.90
CA TYR D 416 14.24 -24.04 24.59
C TYR D 416 15.19 -22.98 25.13
N ASP D 417 14.95 -21.74 24.71
CA ASP D 417 15.70 -20.58 25.20
C ASP D 417 17.21 -20.81 25.19
N GLN D 418 17.73 -21.26 24.06
CA GLN D 418 19.17 -21.43 23.87
C GLN D 418 19.65 -20.58 22.70
N CYS D 419 20.94 -20.29 22.70
CA CYS D 419 21.57 -19.52 21.63
C CYS D 419 22.01 -20.45 20.51
N PRO D 420 21.49 -20.31 19.29
CA PRO D 420 21.97 -21.13 18.18
C PRO D 420 23.22 -20.55 17.52
N ALA D 421 23.85 -21.38 16.71
CA ALA D 421 24.88 -20.94 15.77
C ALA D 421 24.28 -20.99 14.37
N VAL D 422 24.52 -19.94 13.57
CA VAL D 422 23.90 -19.79 12.25
C VAL D 422 24.99 -19.55 11.22
N ALA D 423 24.84 -20.14 10.03
CA ALA D 423 25.71 -19.86 8.89
C ALA D 423 24.88 -19.62 7.64
N GLY D 424 25.30 -18.66 6.82
CA GLY D 424 24.58 -18.32 5.60
C GLY D 424 25.50 -17.90 4.48
N LEU D 425 25.13 -18.26 3.26
CA LEU D 425 25.98 -18.03 2.10
C LEU D 425 25.14 -17.73 0.87
N GLY D 426 25.46 -16.62 0.18
CA GLY D 426 24.81 -16.26 -1.05
C GLY D 426 24.05 -14.96 -1.04
N PRO D 427 22.89 -14.92 -1.67
CA PRO D 427 22.03 -13.72 -1.64
C PRO D 427 21.17 -13.62 -0.38
N ILE D 428 21.76 -13.10 0.70
CA ILE D 428 21.22 -13.28 2.04
C ILE D 428 20.88 -11.99 2.77
N GLU D 429 20.43 -10.95 2.06
CA GLU D 429 20.04 -9.71 2.72
C GLU D 429 18.75 -9.84 3.52
N GLN D 430 17.90 -10.80 3.18
CA GLN D 430 16.68 -11.08 3.93
C GLN D 430 16.87 -12.14 5.01
N LEU D 431 18.11 -12.54 5.29
CA LEU D 431 18.35 -13.37 6.47
C LEU D 431 18.18 -12.50 7.71
N PRO D 432 17.27 -12.86 8.63
CA PRO D 432 16.91 -11.95 9.73
C PRO D 432 18.04 -11.71 10.71
N ASP D 433 17.86 -10.68 11.52
CA ASP D 433 18.86 -10.27 12.49
C ASP D 433 18.96 -11.30 13.62
N TYR D 434 20.15 -11.40 14.22
CA TYR D 434 20.40 -12.36 15.28
C TYR D 434 19.55 -12.14 16.54
N ASN D 435 19.20 -10.88 16.83
CA ASN D 435 18.25 -10.59 17.89
C ASN D 435 16.88 -11.15 17.56
N ARG D 436 16.44 -11.01 16.31
CA ARG D 436 15.17 -11.56 15.90
C ARG D 436 15.25 -13.08 15.74
N ILE D 437 16.45 -13.61 15.55
CA ILE D 437 16.65 -15.06 15.52
C ILE D 437 16.55 -15.63 16.94
N ARG D 438 17.31 -15.04 17.88
CA ARG D 438 17.38 -15.52 19.25
C ARG D 438 16.04 -15.37 19.97
N SER D 439 15.25 -14.38 19.59
CA SER D 439 13.91 -14.26 20.11
C SER D 439 12.94 -15.24 19.47
N GLY D 440 13.35 -15.93 18.41
CA GLY D 440 12.49 -17.00 17.95
C GLY D 440 12.58 -18.28 18.76
N MET D 441 13.49 -18.33 19.72
CA MET D 441 13.75 -19.53 20.50
C MET D 441 12.91 -19.60 21.77
N PHE D 442 11.77 -18.89 21.79
CA PHE D 442 10.73 -19.09 22.78
C PHE D 442 9.38 -19.06 22.06
N TRP D 443 8.32 -19.18 22.83
CA TRP D 443 6.99 -18.94 22.36
C TRP D 443 6.31 -17.79 23.07
N LEU D 444 5.17 -17.32 22.56
CA LEU D 444 4.43 -16.18 23.08
C LEU D 444 3.27 -16.57 24.02
N ARG D 445 3.09 -17.88 24.19
CA ARG D 445 2.02 -18.38 25.10
C ARG D 445 2.69 -19.32 26.10
N PHE D 446 3.39 -20.33 25.60
CA PHE D 446 4.13 -21.27 26.49
C PHE D 446 5.56 -21.37 25.98
N PRO E 1 19.36 -70.33 2.26
CA PRO E 1 18.63 -71.51 1.79
C PRO E 1 17.43 -71.15 0.94
N GLN E 2 16.85 -72.17 0.28
CA GLN E 2 15.67 -72.04 -0.58
C GLN E 2 15.90 -71.05 -1.71
N ASP E 3 17.07 -71.16 -2.34
CA ASP E 3 17.81 -70.14 -3.08
C ASP E 3 16.98 -69.18 -3.93
N LEU E 4 15.96 -69.72 -4.60
CA LEU E 4 14.86 -69.01 -5.24
C LEU E 4 13.77 -70.00 -5.59
N GLU E 5 12.53 -69.64 -5.35
CA GLU E 5 11.43 -70.33 -6.00
C GLU E 5 11.01 -69.53 -7.22
N PHE E 6 10.41 -70.21 -8.18
CA PHE E 6 10.22 -69.65 -9.52
C PHE E 6 8.98 -70.28 -10.13
N THR E 7 7.96 -69.46 -10.39
CA THR E 7 6.73 -69.93 -10.99
C THR E 7 6.39 -69.06 -12.19
N ARG E 8 5.94 -69.70 -13.27
CA ARG E 8 5.33 -68.99 -14.39
C ARG E 8 3.85 -69.33 -14.40
N LEU E 9 3.03 -68.29 -14.27
CA LEU E 9 1.58 -68.45 -14.22
C LEU E 9 1.03 -68.77 -15.60
N PRO E 10 -0.24 -69.19 -15.70
CA PRO E 10 -0.83 -69.41 -17.04
C PRO E 10 -0.91 -68.18 -17.94
N ASN E 11 -0.96 -66.96 -17.41
CA ASN E 11 -1.04 -65.77 -18.25
C ASN E 11 0.34 -65.13 -18.42
N GLY E 12 1.36 -65.96 -18.43
CA GLY E 12 2.72 -65.54 -18.67
C GLY E 12 3.34 -64.62 -17.63
N LEU E 13 2.76 -64.54 -16.44
CA LEU E 13 3.33 -63.74 -15.37
C LEU E 13 4.34 -64.57 -14.59
N VAL E 14 5.49 -64.00 -14.33
CA VAL E 14 6.59 -64.69 -13.65
C VAL E 14 6.65 -64.20 -12.21
N ILE E 15 6.45 -65.12 -11.27
CA ILE E 15 6.57 -64.84 -9.84
C ILE E 15 7.84 -65.53 -9.33
N ALA E 16 8.61 -64.81 -8.51
CA ALA E 16 9.84 -65.40 -7.92
C ALA E 16 10.00 -64.88 -6.49
N SER E 17 9.74 -65.72 -5.49
CA SER E 17 9.81 -65.27 -4.07
C SER E 17 10.92 -66.01 -3.34
N LEU E 18 11.85 -65.29 -2.72
CA LEU E 18 12.91 -65.93 -1.90
C LEU E 18 12.67 -65.57 -0.44
N GLU E 19 12.85 -66.54 0.48
CA GLU E 19 12.57 -66.28 1.89
C GLU E 19 13.90 -66.24 2.64
N ASN E 20 14.41 -65.03 2.80
CA ASN E 20 15.45 -64.77 3.79
C ASN E 20 14.80 -64.67 5.17
N TYR E 21 15.61 -64.38 6.17
CA TYR E 21 15.05 -64.09 7.48
C TYR E 21 15.61 -62.77 8.00
N ALA E 22 15.56 -61.78 7.14
CA ALA E 22 15.93 -60.40 7.39
C ALA E 22 14.72 -59.61 7.90
N PRO E 23 14.94 -58.61 8.75
CA PRO E 23 13.80 -57.84 9.27
C PRO E 23 13.15 -56.93 8.24
N ALA E 24 13.87 -56.52 7.20
CA ALA E 24 13.34 -55.67 6.14
C ALA E 24 12.98 -56.51 4.93
N SER E 25 12.02 -56.02 4.15
CA SER E 25 11.61 -56.68 2.92
C SER E 25 11.72 -55.71 1.74
N ARG E 26 11.61 -56.27 0.53
CA ARG E 26 11.62 -55.51 -0.72
C ARG E 26 10.76 -56.24 -1.73
N ILE E 27 9.90 -55.52 -2.44
CA ILE E 27 9.06 -56.10 -3.47
C ILE E 27 9.23 -55.28 -4.75
N GLY E 28 9.44 -55.95 -5.88
CA GLY E 28 9.55 -55.29 -7.17
C GLY E 28 8.48 -55.74 -8.15
N LEU E 29 8.11 -54.84 -9.07
CA LEU E 29 7.32 -55.21 -10.25
C LEU E 29 8.04 -54.67 -11.48
N PHE E 30 8.38 -55.56 -12.41
CA PHE E 30 9.22 -55.25 -13.56
C PHE E 30 8.42 -55.46 -14.84
N ILE E 31 8.35 -54.43 -15.70
CA ILE E 31 7.47 -54.40 -16.87
C ILE E 31 8.31 -54.10 -18.11
N LYS E 32 7.93 -54.71 -19.25
CA LYS E 32 8.49 -54.37 -20.56
C LYS E 32 7.78 -53.15 -21.14
N ALA E 33 8.35 -51.92 -20.80
CA ALA E 33 7.83 -50.64 -21.34
C ALA E 33 9.02 -49.71 -21.54
N GLY E 34 8.80 -48.49 -21.62
CA GLY E 34 9.98 -47.61 -21.81
C GLY E 34 9.97 -46.85 -23.12
N SER E 35 10.85 -45.85 -23.25
CA SER E 35 10.89 -45.00 -24.47
C SER E 35 10.86 -45.86 -25.75
N ARG E 36 11.45 -47.06 -25.72
CA ARG E 36 11.50 -47.83 -26.96
C ARG E 36 10.15 -47.94 -27.64
N TYR E 37 9.07 -47.95 -26.87
CA TYR E 37 7.77 -48.35 -27.35
C TYR E 37 6.86 -47.18 -27.67
N GLU E 38 7.40 -45.97 -27.81
CA GLU E 38 6.61 -44.82 -28.20
C GLU E 38 6.99 -44.35 -29.60
N ASP E 39 5.98 -43.94 -30.38
CA ASP E 39 6.18 -43.51 -31.76
C ASP E 39 6.34 -42.00 -31.82
N SER E 40 6.22 -41.42 -33.01
CA SER E 40 6.52 -40.01 -33.20
C SER E 40 5.43 -39.06 -32.72
N ASN E 41 4.25 -39.56 -32.34
CA ASN E 41 3.19 -38.68 -31.89
C ASN E 41 3.13 -38.50 -30.38
N ASN E 42 3.55 -39.48 -29.59
CA ASN E 42 3.40 -39.42 -28.13
C ASN E 42 4.74 -39.47 -27.44
N LEU E 43 5.72 -38.71 -27.94
CA LEU E 43 7.02 -38.72 -27.31
C LEU E 43 6.96 -38.03 -25.95
N GLY E 44 7.55 -38.65 -24.94
CA GLY E 44 7.54 -38.12 -23.60
C GLY E 44 6.46 -38.65 -22.68
N THR E 45 5.61 -39.56 -23.16
CA THR E 45 4.57 -40.16 -22.32
C THR E 45 5.16 -41.06 -21.23
N SER E 46 6.33 -41.66 -21.48
CA SER E 46 6.94 -42.53 -20.48
C SER E 46 7.67 -41.75 -19.40
N HIS E 47 8.15 -40.55 -19.68
CA HIS E 47 8.68 -39.70 -18.63
C HIS E 47 7.55 -39.20 -17.71
N LEU E 48 6.37 -38.95 -18.25
CA LEU E 48 5.27 -38.51 -17.40
C LEU E 48 4.70 -39.64 -16.57
N LEU E 49 4.70 -40.85 -17.10
CA LEU E 49 4.25 -42.02 -16.35
C LEU E 49 5.16 -42.29 -15.18
N ARG E 50 6.44 -42.02 -15.33
CA ARG E 50 7.41 -42.21 -14.27
C ARG E 50 7.17 -41.25 -13.10
N LEU E 51 6.64 -40.06 -13.36
CA LEU E 51 6.40 -39.07 -12.32
C LEU E 51 5.03 -39.15 -11.67
N ALA E 52 4.16 -40.03 -12.11
CA ALA E 52 2.76 -40.01 -11.71
C ALA E 52 2.38 -41.14 -10.76
N SER E 53 3.34 -41.61 -9.94
CA SER E 53 3.10 -42.80 -9.14
C SER E 53 2.24 -42.52 -7.91
N SER E 54 2.35 -41.34 -7.32
CA SER E 54 1.57 -40.98 -6.14
C SER E 54 0.42 -40.03 -6.47
N LEU E 55 -0.24 -40.24 -7.61
CA LEU E 55 -1.50 -39.56 -7.93
C LEU E 55 -2.66 -40.47 -7.53
N THR E 56 -3.88 -39.97 -7.72
CA THR E 56 -5.07 -40.69 -7.28
C THR E 56 -5.31 -41.93 -8.11
N THR E 57 -5.45 -43.07 -7.45
CA THR E 57 -5.83 -44.32 -8.08
C THR E 57 -7.22 -44.71 -7.61
N LYS E 58 -7.73 -45.83 -8.13
CA LYS E 58 -9.09 -46.22 -7.85
C LYS E 58 -9.30 -46.76 -6.44
N GLY E 59 -8.24 -47.06 -5.70
CA GLY E 59 -8.39 -47.68 -4.42
C GLY E 59 -7.79 -46.90 -3.27
N ALA E 60 -7.06 -45.84 -3.59
CA ALA E 60 -6.46 -44.99 -2.58
C ALA E 60 -6.20 -43.63 -3.19
N SER E 61 -6.56 -42.58 -2.46
CA SER E 61 -6.40 -41.23 -2.97
C SER E 61 -4.94 -40.81 -2.88
N SER E 62 -4.64 -39.62 -3.37
CA SER E 62 -3.28 -39.13 -3.31
C SER E 62 -2.87 -38.69 -1.91
N PHE E 63 -3.84 -38.47 -1.01
CA PHE E 63 -3.53 -38.21 0.38
C PHE E 63 -3.21 -39.49 1.12
N LYS E 64 -3.98 -40.56 0.87
CA LYS E 64 -3.78 -41.81 1.59
C LYS E 64 -2.56 -42.58 1.13
N ILE E 65 -2.12 -42.38 -0.11
CA ILE E 65 -0.89 -43.02 -0.57
C ILE E 65 0.32 -42.38 0.09
N THR E 66 0.34 -41.04 0.15
CA THR E 66 1.46 -40.35 0.79
C THR E 66 1.44 -40.53 2.30
N ARG E 67 0.26 -40.53 2.92
CA ARG E 67 0.20 -40.62 4.37
C ARG E 67 0.28 -42.06 4.85
N GLY E 68 -0.29 -43.00 4.12
CA GLY E 68 -0.25 -44.40 4.54
C GLY E 68 1.12 -45.03 4.45
N ILE E 69 1.97 -44.53 3.55
CA ILE E 69 3.30 -45.08 3.37
C ILE E 69 4.30 -44.42 4.31
N GLU E 70 4.18 -43.11 4.52
CA GLU E 70 5.04 -42.41 5.47
C GLU E 70 4.73 -42.76 6.93
N ALA E 71 3.57 -43.35 7.20
CA ALA E 71 3.18 -43.69 8.57
C ALA E 71 4.03 -44.83 9.13
N VAL E 72 4.39 -45.81 8.30
CA VAL E 72 5.18 -46.94 8.75
C VAL E 72 6.66 -46.81 8.37
N GLY E 73 7.06 -45.69 7.78
CA GLY E 73 8.43 -45.51 7.37
C GLY E 73 8.80 -46.10 6.02
N GLY E 74 7.83 -46.41 5.17
CA GLY E 74 8.09 -47.07 3.91
C GLY E 74 8.65 -46.16 2.83
N LYS E 75 8.91 -46.75 1.65
CA LYS E 75 9.37 -46.06 0.46
C LYS E 75 8.63 -46.58 -0.76
N LEU E 76 8.48 -45.72 -1.76
CA LEU E 76 7.96 -46.10 -3.07
C LEU E 76 8.80 -45.41 -4.13
N SER E 77 9.19 -46.16 -5.18
CA SER E 77 10.16 -45.62 -6.14
C SER E 77 10.04 -46.33 -7.48
N VAL E 78 10.34 -45.59 -8.56
CA VAL E 78 10.24 -46.09 -9.93
C VAL E 78 11.58 -45.90 -10.62
N THR E 79 12.08 -46.95 -11.27
CA THR E 79 13.28 -46.91 -12.09
C THR E 79 12.93 -47.47 -13.45
N SER E 80 13.31 -46.76 -14.50
CA SER E 80 13.06 -47.25 -15.85
C SER E 80 14.31 -47.12 -16.69
N THR E 81 14.30 -47.77 -17.85
CA THR E 81 15.38 -47.66 -18.81
C THR E 81 14.73 -47.60 -20.19
N ARG E 82 15.53 -47.69 -21.25
CA ARG E 82 14.96 -47.70 -22.59
C ARG E 82 14.13 -48.94 -22.86
N GLU E 83 14.35 -50.04 -22.13
CA GLU E 83 13.65 -51.27 -22.42
C GLU E 83 12.78 -51.81 -21.29
N SER E 84 12.79 -51.23 -20.09
CA SER E 84 11.94 -51.75 -19.02
C SER E 84 11.63 -50.67 -18.00
N MET E 85 10.62 -50.94 -17.16
CA MET E 85 10.26 -50.15 -16.00
C MET E 85 10.21 -51.03 -14.76
N ALA E 86 10.52 -50.46 -13.59
CA ALA E 86 10.57 -51.20 -12.34
C ALA E 86 9.99 -50.39 -11.18
N TYR E 87 8.90 -50.90 -10.59
CA TYR E 87 8.28 -50.34 -9.39
C TYR E 87 8.73 -51.11 -8.15
N THR E 88 9.23 -50.41 -7.13
CA THR E 88 9.84 -51.07 -5.98
C THR E 88 9.40 -50.44 -4.65
N VAL E 89 8.87 -51.27 -3.74
CA VAL E 89 8.40 -50.86 -2.43
C VAL E 89 9.25 -51.56 -1.35
N GLU E 90 9.33 -50.97 -0.16
CA GLU E 90 10.10 -51.58 0.93
C GLU E 90 9.63 -51.07 2.29
N CYS E 91 9.64 -51.96 3.28
CA CYS E 91 9.45 -51.61 4.69
C CYS E 91 10.00 -52.73 5.56
N LEU E 92 9.66 -52.72 6.85
CA LEU E 92 9.94 -53.81 7.76
C LEU E 92 8.98 -54.96 7.52
N ARG E 93 9.27 -56.11 8.13
CA ARG E 93 8.67 -57.38 7.72
C ARG E 93 7.18 -57.43 8.01
N ASP E 94 6.75 -56.98 9.18
CA ASP E 94 5.34 -57.03 9.54
C ASP E 94 4.49 -55.97 8.85
N ASP E 95 5.11 -55.04 8.12
CA ASP E 95 4.41 -53.95 7.47
C ASP E 95 4.24 -54.21 5.97
N ILE E 96 4.65 -55.38 5.50
CA ILE E 96 4.84 -55.57 4.06
C ILE E 96 3.52 -55.81 3.35
N GLU E 97 2.49 -56.20 4.07
CA GLU E 97 1.24 -56.55 3.42
C GLU E 97 0.36 -55.33 3.12
N ILE E 98 0.69 -54.16 3.66
CA ILE E 98 -0.08 -52.97 3.32
C ILE E 98 0.61 -52.15 2.22
N LEU E 99 1.93 -52.16 2.15
CA LEU E 99 2.66 -51.51 1.06
C LEU E 99 2.64 -52.31 -0.23
N MET E 100 2.10 -53.52 -0.18
CA MET E 100 1.88 -54.37 -1.34
C MET E 100 0.53 -54.14 -1.98
N GLU E 101 -0.48 -53.72 -1.23
CA GLU E 101 -1.75 -53.36 -1.84
C GLU E 101 -1.74 -51.95 -2.41
N PHE E 102 -0.84 -51.10 -1.96
CA PHE E 102 -0.70 -49.79 -2.58
C PHE E 102 -0.05 -49.90 -3.95
N LEU E 103 1.00 -50.73 -4.07
CA LEU E 103 1.74 -50.95 -5.30
C LEU E 103 0.88 -51.53 -6.42
N LEU E 104 -0.10 -52.35 -6.09
CA LEU E 104 -1.03 -52.87 -7.09
C LEU E 104 -2.14 -51.89 -7.43
N ASN E 105 -2.18 -50.72 -6.82
CA ASN E 105 -3.11 -49.68 -7.25
C ASN E 105 -2.43 -48.64 -8.12
N VAL E 106 -1.16 -48.35 -7.84
CA VAL E 106 -0.37 -47.42 -8.65
C VAL E 106 -0.18 -47.93 -10.06
N THR E 107 0.04 -49.24 -10.23
CA THR E 107 0.39 -49.77 -11.54
C THR E 107 -0.72 -50.54 -12.23
N ALA E 108 -1.83 -50.85 -11.55
CA ALA E 108 -2.85 -51.68 -12.18
C ALA E 108 -4.23 -51.05 -12.23
N ALA E 109 -4.47 -49.92 -11.54
CA ALA E 109 -5.70 -49.17 -11.71
C ALA E 109 -5.50 -47.69 -11.43
N PRO E 110 -4.72 -46.97 -12.24
CA PRO E 110 -4.59 -45.53 -12.00
C PRO E 110 -5.66 -44.72 -12.72
N GLU E 111 -5.96 -43.55 -12.14
CA GLU E 111 -6.91 -42.59 -12.68
C GLU E 111 -6.15 -41.32 -13.00
N PHE E 112 -6.11 -40.96 -14.26
CA PHE E 112 -5.38 -39.78 -14.68
C PHE E 112 -6.40 -38.65 -14.78
N ARG E 113 -6.46 -37.83 -13.72
CA ARG E 113 -7.37 -36.70 -13.65
C ARG E 113 -6.73 -35.46 -14.24
N ARG E 114 -7.55 -34.60 -14.83
CA ARG E 114 -7.08 -33.49 -15.65
C ARG E 114 -6.25 -32.49 -14.87
N TRP E 115 -6.77 -32.03 -13.74
CA TRP E 115 -6.10 -30.96 -12.99
C TRP E 115 -4.85 -31.44 -12.28
N GLU E 116 -4.71 -32.74 -12.07
CA GLU E 116 -3.51 -33.27 -11.46
C GLU E 116 -2.43 -33.53 -12.48
N VAL E 117 -2.81 -33.99 -13.68
CA VAL E 117 -1.85 -34.12 -14.78
C VAL E 117 -1.39 -32.74 -15.23
N ALA E 118 -2.29 -31.75 -15.24
CA ALA E 118 -1.94 -30.40 -15.65
C ALA E 118 -1.01 -29.73 -14.65
N ALA E 119 -1.18 -30.00 -13.37
CA ALA E 119 -0.25 -29.48 -12.36
C ALA E 119 1.06 -30.23 -12.39
N LEU E 120 1.08 -31.44 -12.95
CA LEU E 120 2.27 -32.26 -13.01
C LEU E 120 3.19 -31.87 -14.17
N GLN E 121 2.67 -31.16 -15.17
CA GLN E 121 3.44 -30.85 -16.38
C GLN E 121 4.64 -29.95 -16.10
N SER E 122 4.60 -29.16 -15.03
CA SER E 122 5.76 -28.38 -14.66
C SER E 122 6.87 -29.20 -14.03
N GLN E 123 6.57 -30.43 -13.58
CA GLN E 123 7.60 -31.29 -13.01
C GLN E 123 8.50 -31.89 -14.09
N LEU E 124 8.01 -32.00 -15.33
CA LEU E 124 8.83 -32.50 -16.43
C LEU E 124 10.01 -31.58 -16.70
N ARG E 125 9.78 -30.28 -16.60
CA ARG E 125 10.85 -29.32 -16.83
C ARG E 125 11.84 -29.28 -15.68
N ILE E 126 11.39 -29.62 -14.48
CA ILE E 126 12.29 -29.64 -13.32
C ILE E 126 13.19 -30.87 -13.38
N ASP E 127 12.60 -32.02 -13.67
CA ASP E 127 13.34 -33.27 -13.69
C ASP E 127 14.35 -33.35 -14.83
N LYS E 128 14.02 -32.76 -15.98
CA LYS E 128 14.93 -32.77 -17.11
C LYS E 128 16.12 -31.84 -16.87
N ALA E 129 15.89 -30.71 -16.21
CA ALA E 129 16.98 -29.79 -15.93
C ALA E 129 17.87 -30.27 -14.80
N VAL E 130 17.35 -31.13 -13.91
CA VAL E 130 18.17 -31.73 -12.87
C VAL E 130 19.09 -32.78 -13.48
N ALA E 131 18.55 -33.61 -14.37
CA ALA E 131 19.34 -34.64 -15.02
C ALA E 131 20.40 -34.08 -15.96
N PHE E 132 20.12 -32.94 -16.60
CA PHE E 132 21.03 -32.40 -17.60
C PHE E 132 22.06 -31.45 -17.03
N GLN E 133 22.26 -31.44 -15.72
CA GLN E 133 23.42 -30.76 -15.17
C GLN E 133 24.66 -31.62 -15.18
N ASN E 134 24.52 -32.87 -15.60
CA ASN E 134 25.60 -33.76 -15.93
C ASN E 134 25.77 -33.79 -17.43
N PRO E 135 26.97 -33.55 -17.97
CA PRO E 135 27.13 -33.61 -19.43
C PRO E 135 27.00 -34.99 -20.03
N GLN E 136 27.07 -36.03 -19.21
CA GLN E 136 27.00 -37.42 -19.75
C GLN E 136 25.55 -37.79 -20.07
N ALA E 137 24.57 -36.99 -19.62
CA ALA E 137 23.17 -37.38 -19.80
C ALA E 137 22.67 -37.02 -21.18
N GLN E 138 23.08 -35.88 -21.74
CA GLN E 138 22.59 -35.50 -23.05
C GLN E 138 23.45 -36.00 -24.20
N VAL E 139 24.75 -36.19 -23.97
CA VAL E 139 25.62 -36.82 -24.96
C VAL E 139 25.18 -38.25 -25.24
N LEU E 140 24.62 -38.95 -24.24
CA LEU E 140 24.16 -40.30 -24.50
C LEU E 140 22.75 -40.37 -25.06
N GLU E 141 21.96 -39.31 -24.91
CA GLU E 141 20.64 -39.30 -25.58
C GLU E 141 20.88 -38.94 -27.05
N ASN E 142 21.84 -38.04 -27.30
CA ASN E 142 22.19 -37.69 -28.68
C ASN E 142 22.75 -38.89 -29.41
N LEU E 143 23.56 -39.71 -28.73
CA LEU E 143 24.24 -40.83 -29.36
C LEU E 143 23.27 -41.92 -29.77
N HIS E 144 22.20 -42.10 -29.03
CA HIS E 144 21.20 -43.07 -29.46
C HIS E 144 20.38 -42.52 -30.62
N ALA E 145 20.25 -41.19 -30.72
CA ALA E 145 19.58 -40.57 -31.85
C ALA E 145 20.44 -40.60 -33.11
N ALA E 146 21.75 -40.52 -32.96
CA ALA E 146 22.67 -40.60 -34.08
C ALA E 146 22.95 -42.03 -34.53
N ALA E 147 22.53 -43.04 -33.77
CA ALA E 147 22.81 -44.43 -34.11
C ALA E 147 21.60 -45.19 -34.60
N TYR E 148 20.39 -44.73 -34.34
CA TYR E 148 19.20 -45.44 -34.78
C TYR E 148 18.26 -44.49 -35.51
N ARG E 149 17.44 -45.07 -36.37
CA ARG E 149 16.36 -44.36 -37.03
C ARG E 149 15.08 -44.35 -36.23
N ASN E 150 14.86 -45.38 -35.41
CA ASN E 150 13.63 -45.52 -34.66
C ASN E 150 13.92 -46.39 -33.45
N ALA E 151 13.00 -46.34 -32.48
CA ALA E 151 12.76 -47.37 -31.45
C ALA E 151 13.86 -47.56 -30.42
N LEU E 152 14.98 -46.88 -30.57
CA LEU E 152 15.99 -46.85 -29.54
C LEU E 152 16.67 -45.49 -29.56
N ALA E 153 16.21 -44.61 -30.43
CA ALA E 153 16.69 -43.25 -30.52
C ALA E 153 15.90 -42.29 -29.65
N ASN E 154 14.72 -42.71 -29.20
CA ASN E 154 13.90 -41.90 -28.31
C ASN E 154 14.57 -41.72 -26.96
N SER E 155 14.55 -40.50 -26.48
CA SER E 155 15.19 -40.16 -25.22
C SER E 155 14.36 -40.64 -24.03
N LEU E 156 14.99 -40.68 -22.87
CA LEU E 156 14.29 -41.00 -21.63
C LEU E 156 13.51 -39.82 -21.08
N TYR E 157 13.88 -38.61 -21.45
CA TYR E 157 13.23 -37.39 -21.01
C TYR E 157 12.42 -36.78 -22.15
N CYS E 158 11.36 -36.07 -21.79
CA CYS E 158 10.42 -35.51 -22.74
C CYS E 158 11.04 -34.35 -23.51
N PRO E 159 10.75 -34.21 -24.81
CA PRO E 159 11.29 -33.08 -25.57
C PRO E 159 10.62 -31.75 -25.20
N ASP E 160 11.36 -30.66 -25.42
CA ASP E 160 11.00 -29.35 -24.88
C ASP E 160 9.74 -28.76 -25.50
N TYR E 161 9.48 -29.03 -26.78
CA TYR E 161 8.27 -28.54 -27.43
C TYR E 161 7.02 -29.22 -26.90
N ARG E 162 7.19 -30.37 -26.27
CA ARG E 162 6.12 -31.28 -25.93
C ARG E 162 5.69 -31.16 -24.47
N ILE E 163 6.47 -30.46 -23.64
CA ILE E 163 6.11 -30.19 -22.26
C ILE E 163 4.89 -29.28 -22.21
N GLY E 164 3.89 -29.66 -21.43
CA GLY E 164 2.65 -28.96 -21.37
C GLY E 164 1.58 -29.58 -22.23
N LYS E 165 1.93 -30.57 -23.06
CA LYS E 165 1.02 -31.11 -24.06
C LYS E 165 0.72 -32.59 -23.92
N VAL E 166 1.31 -33.27 -22.94
CA VAL E 166 1.03 -34.70 -22.75
C VAL E 166 -0.34 -34.83 -22.10
N THR E 167 -1.20 -35.54 -22.72
CA THR E 167 -2.58 -35.49 -22.30
C THR E 167 -2.94 -36.68 -21.43
N PRO E 168 -4.03 -36.59 -20.65
CA PRO E 168 -4.52 -37.79 -19.94
C PRO E 168 -4.95 -38.93 -20.83
N ASP E 169 -5.37 -38.68 -22.07
CA ASP E 169 -5.76 -39.78 -22.95
C ASP E 169 -4.56 -40.54 -23.48
N GLN E 170 -3.41 -39.89 -23.57
CA GLN E 170 -2.22 -40.59 -24.01
C GLN E 170 -1.65 -41.48 -22.91
N LEU E 171 -1.76 -41.06 -21.65
CA LEU E 171 -1.30 -41.89 -20.54
C LEU E 171 -2.17 -43.12 -20.37
N HIS E 172 -3.47 -43.00 -20.60
CA HIS E 172 -4.39 -44.13 -20.52
C HIS E 172 -4.08 -45.17 -21.59
N TYR E 173 -3.57 -44.74 -22.73
CA TYR E 173 -3.28 -45.60 -23.86
C TYR E 173 -1.92 -46.29 -23.76
N TYR E 174 -0.96 -45.67 -23.07
CA TYR E 174 0.33 -46.32 -22.89
C TYR E 174 0.28 -47.45 -21.88
N VAL E 175 -0.58 -47.34 -20.87
CA VAL E 175 -0.70 -48.39 -19.88
C VAL E 175 -1.59 -49.52 -20.38
N GLN E 176 -2.60 -49.21 -21.18
CA GLN E 176 -3.54 -50.21 -21.66
C GLN E 176 -2.92 -51.14 -22.70
N ASN E 177 -1.81 -50.74 -23.33
CA ASN E 177 -1.18 -51.53 -24.38
C ASN E 177 0.18 -52.06 -24.03
N HIS E 178 0.79 -51.62 -22.93
CA HIS E 178 2.12 -52.09 -22.59
C HIS E 178 2.26 -52.67 -21.19
N PHE E 179 1.33 -52.45 -20.28
CA PHE E 179 1.41 -52.98 -18.92
C PHE E 179 0.57 -54.26 -18.82
N THR E 180 0.89 -55.27 -19.63
CA THR E 180 0.08 -56.49 -19.70
C THR E 180 0.75 -57.64 -18.94
N SER E 181 0.01 -58.75 -18.85
CA SER E 181 0.40 -59.85 -17.98
C SER E 181 1.67 -60.55 -18.46
N ALA E 182 1.77 -60.84 -19.75
CA ALA E 182 2.90 -61.58 -20.29
C ALA E 182 4.13 -60.72 -20.53
N ARG E 183 4.19 -59.50 -19.98
CA ARG E 183 5.38 -58.68 -20.05
C ARG E 183 5.90 -58.29 -18.66
N MET E 184 5.42 -58.95 -17.61
CA MET E 184 5.63 -58.51 -16.24
C MET E 184 6.25 -59.60 -15.37
N ALA E 185 6.92 -59.17 -14.31
CA ALA E 185 7.59 -60.05 -13.36
C ALA E 185 7.49 -59.48 -11.95
N LEU E 186 6.94 -60.28 -11.02
CA LEU E 186 6.74 -59.90 -9.63
C LEU E 186 7.75 -60.63 -8.75
N ILE E 187 8.70 -59.90 -8.18
CA ILE E 187 9.83 -60.48 -7.45
C ILE E 187 9.80 -59.99 -6.01
N GLY E 188 9.80 -60.92 -5.05
CA GLY E 188 9.82 -60.58 -3.64
C GLY E 188 11.03 -61.14 -2.92
N LEU E 189 11.54 -60.39 -1.92
CA LEU E 189 12.78 -60.76 -1.26
C LEU E 189 12.65 -61.10 0.22
N GLY E 190 11.59 -60.68 0.90
CA GLY E 190 11.40 -61.15 2.25
C GLY E 190 10.04 -61.76 2.46
N VAL E 191 9.42 -62.22 1.39
CA VAL E 191 8.04 -62.65 1.42
C VAL E 191 8.03 -64.16 1.15
N SER E 192 6.96 -64.82 1.55
CA SER E 192 6.77 -66.22 1.21
C SER E 192 6.22 -66.34 -0.21
N HIS E 193 6.25 -67.57 -0.72
CA HIS E 193 5.73 -67.80 -2.07
C HIS E 193 4.20 -67.79 -2.16
N PRO E 194 3.42 -68.51 -1.34
CA PRO E 194 1.97 -68.56 -1.61
C PRO E 194 1.22 -67.27 -1.32
N VAL E 195 1.82 -66.30 -0.64
CA VAL E 195 1.16 -65.03 -0.43
C VAL E 195 1.40 -64.07 -1.60
N LEU E 196 2.58 -64.13 -2.22
CA LEU E 196 2.82 -63.38 -3.46
C LEU E 196 1.99 -63.93 -4.61
N LYS E 197 1.64 -65.21 -4.58
CA LYS E 197 0.72 -65.78 -5.55
C LYS E 197 -0.70 -65.26 -5.37
N GLN E 198 -1.14 -65.16 -4.11
CA GLN E 198 -2.48 -64.64 -3.83
C GLN E 198 -2.54 -63.14 -3.98
N VAL E 199 -1.41 -62.45 -4.07
CA VAL E 199 -1.47 -61.04 -4.42
C VAL E 199 -1.68 -60.89 -5.92
N ALA E 200 -1.00 -61.70 -6.71
CA ALA E 200 -1.02 -61.54 -8.16
C ALA E 200 -2.32 -62.00 -8.80
N GLU E 201 -3.27 -62.58 -8.06
CA GLU E 201 -4.52 -62.95 -8.72
C GLU E 201 -5.54 -61.84 -8.50
N ARG E 202 -5.05 -60.63 -8.28
CA ARG E 202 -5.88 -59.45 -8.13
C ARG E 202 -5.65 -58.45 -9.26
N PHE E 203 -4.85 -58.79 -10.27
CA PHE E 203 -4.91 -58.12 -11.57
C PHE E 203 -5.02 -59.11 -12.73
N LEU E 204 -5.59 -60.29 -12.51
CA LEU E 204 -5.83 -61.17 -13.66
C LEU E 204 -7.02 -60.75 -14.49
N ASN E 205 -7.88 -59.86 -13.95
CA ASN E 205 -9.24 -59.65 -14.44
C ASN E 205 -9.29 -59.13 -15.86
N MET E 206 -8.30 -58.33 -16.27
CA MET E 206 -8.03 -58.08 -17.68
C MET E 206 -6.56 -57.70 -17.79
N ARG E 207 -6.17 -57.24 -18.99
CA ARG E 207 -4.78 -57.09 -19.43
C ARG E 207 -4.00 -58.39 -19.31
N GLY E 208 -4.70 -59.48 -19.63
CA GLY E 208 -4.11 -60.80 -19.76
C GLY E 208 -3.73 -61.16 -21.17
N GLY E 209 -2.69 -60.55 -21.71
CA GLY E 209 -2.19 -60.99 -23.00
C GLY E 209 -0.82 -60.41 -23.28
N LEU E 210 -0.44 -60.47 -24.55
CA LEU E 210 0.69 -59.69 -25.03
C LEU E 210 0.24 -58.28 -25.37
N GLY E 211 1.22 -57.36 -25.45
CA GLY E 211 0.88 -55.96 -25.72
C GLY E 211 1.45 -55.46 -27.04
N LEU E 212 1.39 -54.14 -27.26
CA LEU E 212 1.89 -53.56 -28.54
C LEU E 212 3.31 -54.07 -28.81
N SER E 213 3.50 -54.80 -29.90
CA SER E 213 4.85 -55.31 -30.27
C SER E 213 5.78 -54.13 -30.58
N GLY E 214 7.08 -54.30 -30.34
CA GLY E 214 8.04 -53.20 -30.55
C GLY E 214 8.71 -53.29 -31.91
N ALA E 215 8.71 -52.18 -32.68
CA ALA E 215 9.39 -52.14 -33.95
C ALA E 215 10.86 -52.46 -33.77
N LYS E 216 11.45 -53.09 -34.79
CA LYS E 216 12.86 -53.44 -34.75
C LYS E 216 13.70 -52.19 -34.99
N ALA E 217 14.87 -52.15 -34.37
CA ALA E 217 15.72 -50.97 -34.43
C ALA E 217 16.64 -51.06 -35.64
N LYS E 218 16.57 -50.05 -36.51
CA LYS E 218 17.34 -49.99 -37.73
C LYS E 218 18.58 -49.12 -37.51
N TYR E 219 19.73 -49.63 -37.90
CA TYR E 219 20.97 -48.90 -37.66
C TYR E 219 21.14 -47.80 -38.69
N ARG E 220 21.36 -46.59 -38.20
CA ARG E 220 21.72 -45.43 -38.99
C ARG E 220 23.09 -44.98 -38.55
N GLY E 221 24.01 -44.82 -39.48
CA GLY E 221 25.29 -44.31 -39.06
C GLY E 221 25.33 -42.82 -39.18
N GLY E 222 24.99 -42.12 -38.10
CA GLY E 222 24.88 -40.68 -38.17
C GLY E 222 25.90 -39.95 -37.35
N GLU E 223 25.66 -38.66 -37.12
CA GLU E 223 26.60 -37.81 -36.39
C GLU E 223 25.84 -36.57 -35.95
N ILE E 224 25.82 -36.32 -34.64
CA ILE E 224 25.12 -35.16 -34.09
C ILE E 224 26.13 -34.33 -33.32
N ARG E 225 26.27 -33.08 -33.71
CA ARG E 225 27.19 -32.15 -33.07
C ARG E 225 26.42 -31.09 -32.30
N ASP E 226 27.01 -30.64 -31.19
CA ASP E 226 26.32 -29.77 -30.24
C ASP E 226 27.32 -28.77 -29.64
N GLN E 227 27.49 -27.63 -30.29
CA GLN E 227 28.34 -26.57 -29.78
C GLN E 227 27.67 -25.86 -28.60
N ASN E 228 28.39 -25.72 -27.49
CA ASN E 228 27.90 -24.94 -26.36
C ASN E 228 29.09 -24.37 -25.61
N GLY E 229 28.86 -23.95 -24.37
CA GLY E 229 29.89 -23.26 -23.61
C GLY E 229 30.47 -24.05 -22.44
N ASP E 230 30.38 -25.38 -22.49
CA ASP E 230 31.01 -26.19 -21.47
C ASP E 230 32.52 -26.21 -21.63
N SER E 231 33.20 -26.54 -20.55
CA SER E 231 34.66 -26.45 -20.50
C SER E 231 35.36 -27.61 -21.20
N LEU E 232 34.77 -28.81 -21.14
CA LEU E 232 35.40 -30.00 -21.67
C LEU E 232 34.54 -30.57 -22.80
N VAL E 233 35.17 -31.35 -23.66
CA VAL E 233 34.48 -31.99 -24.78
C VAL E 233 34.15 -33.42 -24.38
N HIS E 234 32.89 -33.78 -24.47
CA HIS E 234 32.46 -35.15 -24.28
C HIS E 234 32.17 -35.76 -25.65
N ALA E 235 32.79 -36.89 -25.95
CA ALA E 235 32.66 -37.48 -27.29
C ALA E 235 32.56 -38.99 -27.19
N ALA E 236 31.73 -39.58 -28.05
CA ALA E 236 31.51 -41.02 -28.08
C ALA E 236 31.55 -41.52 -29.52
N LEU E 237 32.13 -42.69 -29.74
CA LEU E 237 32.29 -43.25 -31.08
C LEU E 237 32.07 -44.76 -31.00
N VAL E 238 30.99 -45.25 -31.60
CA VAL E 238 30.53 -46.61 -31.39
C VAL E 238 30.39 -47.33 -32.74
N ALA E 239 29.97 -48.59 -32.68
CA ALA E 239 29.46 -49.33 -33.83
C ALA E 239 28.50 -50.39 -33.30
N GLU E 240 27.79 -51.04 -34.20
CA GLU E 240 26.81 -52.04 -33.80
C GLU E 240 27.48 -53.39 -33.51
N SER E 241 27.13 -54.02 -32.37
CA SER E 241 27.85 -55.23 -31.94
C SER E 241 27.00 -56.50 -31.81
N ALA E 242 26.10 -56.60 -30.83
CA ALA E 242 25.52 -57.90 -30.49
C ALA E 242 24.40 -57.73 -29.48
N ALA E 243 23.33 -58.49 -29.67
CA ALA E 243 22.23 -58.51 -28.71
C ALA E 243 22.61 -59.30 -27.47
N THR E 244 21.83 -59.10 -26.40
CA THR E 244 22.08 -59.79 -25.15
C THR E 244 21.49 -61.21 -25.20
N GLY E 245 22.21 -62.14 -24.59
CA GLY E 245 21.83 -63.54 -24.70
C GLY E 245 22.34 -64.20 -25.96
N SER E 246 23.64 -64.09 -26.20
CA SER E 246 24.27 -64.70 -27.36
C SER E 246 25.72 -65.01 -26.99
N ALA E 247 26.36 -65.82 -27.82
CA ALA E 247 27.74 -66.20 -27.55
C ALA E 247 28.72 -65.07 -27.83
N GLU E 248 28.40 -64.22 -28.80
CA GLU E 248 29.25 -63.08 -29.12
C GLU E 248 29.13 -61.96 -28.10
N ALA E 249 28.02 -61.93 -27.34
CA ALA E 249 27.80 -60.87 -26.36
C ALA E 249 28.75 -60.98 -25.18
N ASN E 250 29.13 -62.20 -24.79
CA ASN E 250 30.07 -62.36 -23.69
C ASN E 250 31.47 -61.93 -24.08
N ALA E 251 31.81 -62.04 -25.37
CA ALA E 251 33.15 -61.67 -25.82
C ALA E 251 33.33 -60.16 -25.90
N PHE E 252 32.26 -59.41 -26.18
CA PHE E 252 32.34 -57.96 -26.09
C PHE E 252 32.43 -57.51 -24.65
N SER E 253 31.85 -58.28 -23.72
CA SER E 253 32.01 -58.02 -22.30
C SER E 253 33.44 -58.26 -21.84
N VAL E 254 34.10 -59.29 -22.37
CA VAL E 254 35.49 -59.55 -22.01
C VAL E 254 36.40 -58.50 -22.65
N LEU E 255 36.12 -58.13 -23.90
CA LEU E 255 36.91 -57.11 -24.58
C LEU E 255 36.77 -55.74 -23.92
N GLN E 256 35.62 -55.47 -23.30
CA GLN E 256 35.42 -54.24 -22.54
C GLN E 256 36.39 -54.13 -21.37
N HIS E 257 36.63 -55.24 -20.66
CA HIS E 257 37.51 -55.20 -19.51
C HIS E 257 38.98 -55.31 -19.88
N VAL E 258 39.30 -55.82 -21.08
CA VAL E 258 40.67 -55.75 -21.57
C VAL E 258 41.07 -54.31 -21.82
N LEU E 259 40.16 -53.52 -22.41
CA LEU E 259 40.47 -52.15 -22.79
C LEU E 259 40.50 -51.22 -21.59
N GLY E 260 39.59 -51.41 -20.64
CA GLY E 260 39.55 -50.62 -19.43
C GLY E 260 38.20 -49.97 -19.25
N ALA E 261 37.47 -50.33 -18.21
CA ALA E 261 36.07 -49.95 -18.07
C ALA E 261 35.76 -49.42 -16.68
N GLY E 262 36.65 -48.63 -16.12
CA GLY E 262 36.40 -48.09 -14.80
C GLY E 262 37.50 -48.37 -13.80
N PRO E 263 37.36 -47.80 -12.60
CA PRO E 263 38.44 -47.81 -11.63
C PRO E 263 38.36 -48.93 -10.59
N HIS E 264 39.48 -49.16 -9.96
CA HIS E 264 39.55 -50.11 -8.87
C HIS E 264 40.25 -49.56 -7.65
N VAL E 265 41.20 -48.67 -7.83
CA VAL E 265 41.94 -48.04 -6.75
C VAL E 265 41.58 -46.57 -6.74
N LYS E 266 41.19 -46.05 -5.59
CA LYS E 266 40.87 -44.64 -5.44
C LYS E 266 42.10 -43.79 -5.71
N ARG E 267 41.96 -42.87 -6.67
CA ARG E 267 43.04 -42.07 -7.23
C ARG E 267 44.16 -42.93 -7.81
N GLY E 268 43.80 -43.99 -8.51
CA GLY E 268 44.77 -44.82 -9.20
C GLY E 268 44.90 -44.47 -10.68
N SER E 269 46.04 -44.86 -11.25
CA SER E 269 46.38 -44.49 -12.62
C SER E 269 45.95 -45.52 -13.66
N ASN E 270 45.13 -46.50 -13.27
CA ASN E 270 44.53 -47.52 -14.15
C ASN E 270 45.61 -48.31 -14.91
N ALA E 271 46.42 -49.05 -14.15
CA ALA E 271 47.60 -49.68 -14.72
C ALA E 271 47.26 -50.85 -15.64
N THR E 272 46.12 -51.50 -15.45
CA THR E 272 45.69 -52.58 -16.33
C THR E 272 44.63 -52.11 -17.32
N SER E 273 44.71 -50.86 -17.75
CA SER E 273 43.85 -50.34 -18.80
C SER E 273 44.70 -50.08 -20.03
N SER E 274 44.48 -50.87 -21.08
CA SER E 274 45.23 -50.69 -22.31
C SER E 274 44.78 -49.46 -23.09
N LEU E 275 43.52 -49.05 -22.95
CA LEU E 275 43.06 -47.80 -23.54
C LEU E 275 43.71 -46.61 -22.87
N TYR E 276 43.70 -46.59 -21.53
CA TYR E 276 44.17 -45.43 -20.78
C TYR E 276 45.66 -45.23 -20.91
N GLN E 277 46.43 -46.32 -21.04
CA GLN E 277 47.88 -46.16 -21.13
C GLN E 277 48.31 -45.73 -22.53
N ALA E 278 47.53 -46.09 -23.56
CA ALA E 278 47.87 -45.71 -24.92
C ALA E 278 47.61 -44.23 -25.17
N VAL E 279 46.52 -43.70 -24.62
CA VAL E 279 46.23 -42.28 -24.73
C VAL E 279 47.26 -41.45 -23.99
N ALA E 280 47.58 -41.86 -22.76
CA ALA E 280 48.43 -41.07 -21.88
C ALA E 280 49.90 -41.05 -22.27
N LYS E 281 50.29 -41.69 -23.38
CA LYS E 281 51.65 -41.54 -23.88
C LYS E 281 51.92 -40.13 -24.38
N GLY E 282 51.06 -39.64 -25.28
CA GLY E 282 51.29 -38.34 -25.88
C GLY E 282 50.50 -37.22 -25.26
N VAL E 283 49.40 -37.54 -24.60
CA VAL E 283 48.54 -36.56 -23.96
C VAL E 283 49.00 -36.39 -22.52
N HIS E 284 49.31 -35.16 -22.13
CA HIS E 284 49.75 -34.86 -20.77
C HIS E 284 48.76 -34.01 -20.00
N GLN E 285 47.67 -33.61 -20.64
CA GLN E 285 46.63 -32.75 -20.10
C GLN E 285 45.53 -33.61 -19.48
N PRO E 286 44.68 -33.03 -18.61
CA PRO E 286 43.61 -33.81 -17.99
C PRO E 286 42.62 -34.39 -18.99
N PHE E 287 42.39 -35.70 -18.87
CA PHE E 287 41.47 -36.40 -19.74
C PHE E 287 40.85 -37.55 -18.96
N ASP E 288 39.93 -38.25 -19.62
CA ASP E 288 39.43 -39.53 -19.14
C ASP E 288 38.87 -40.30 -20.33
N VAL E 289 39.20 -41.59 -20.42
CA VAL E 289 38.73 -42.45 -21.49
C VAL E 289 38.24 -43.75 -20.88
N SER E 290 37.33 -44.42 -21.57
CA SER E 290 36.70 -45.63 -21.08
C SER E 290 36.26 -46.46 -22.28
N ALA E 291 35.80 -47.66 -22.01
CA ALA E 291 35.10 -48.45 -23.01
C ALA E 291 33.61 -48.45 -22.68
N PHE E 292 32.81 -48.11 -23.66
CA PHE E 292 31.36 -48.09 -23.55
C PHE E 292 30.86 -49.42 -24.07
N ASN E 293 29.78 -49.92 -23.49
CA ASN E 293 29.18 -51.16 -23.94
C ASN E 293 27.73 -51.14 -23.51
N ALA E 294 26.80 -51.16 -24.44
CA ALA E 294 25.39 -51.25 -24.11
C ALA E 294 24.79 -52.45 -24.83
N SER E 295 23.77 -53.04 -24.23
CA SER E 295 23.22 -54.28 -24.76
C SER E 295 21.72 -54.30 -24.57
N TYR E 296 21.00 -54.60 -25.65
CA TYR E 296 19.55 -54.61 -25.61
C TYR E 296 19.06 -55.89 -26.25
N SER E 297 17.76 -56.02 -26.48
CA SER E 297 17.19 -57.32 -26.84
C SER E 297 17.50 -57.72 -28.28
N ASP E 298 17.69 -56.75 -29.18
CA ASP E 298 17.98 -57.10 -30.57
C ASP E 298 19.18 -56.39 -31.16
N SER E 299 19.85 -55.52 -30.40
CA SER E 299 21.04 -54.85 -30.89
C SER E 299 21.87 -54.42 -29.69
N GLY E 300 23.02 -53.83 -29.96
CA GLY E 300 23.84 -53.27 -28.91
C GLY E 300 24.90 -52.37 -29.53
N LEU E 301 25.44 -51.49 -28.69
CA LEU E 301 26.44 -50.54 -29.14
C LEU E 301 27.72 -50.75 -28.35
N PHE E 302 28.83 -50.88 -29.03
CA PHE E 302 30.13 -50.94 -28.39
C PHE E 302 31.02 -49.86 -28.99
N GLY E 303 31.77 -49.19 -28.14
CA GLY E 303 32.73 -48.22 -28.62
C GLY E 303 33.53 -47.60 -27.50
N ILE E 304 34.00 -46.37 -27.69
CA ILE E 304 34.81 -45.67 -26.71
C ILE E 304 34.06 -44.42 -26.26
N TYR E 305 34.66 -43.72 -25.29
CA TYR E 305 34.07 -42.54 -24.68
C TYR E 305 35.22 -41.75 -24.11
N THR E 306 35.37 -40.50 -24.54
CA THR E 306 36.44 -39.65 -24.07
C THR E 306 35.87 -38.40 -23.42
N ILE E 307 36.64 -37.83 -22.49
CA ILE E 307 36.40 -36.52 -21.92
C ILE E 307 37.74 -35.82 -21.93
N SER E 308 37.80 -34.63 -22.51
CA SER E 308 39.09 -33.99 -22.72
C SER E 308 38.91 -32.50 -22.86
N GLN E 309 40.04 -31.79 -22.88
CA GLN E 309 40.03 -30.38 -23.23
C GLN E 309 39.81 -30.22 -24.72
N ALA E 310 39.33 -29.04 -25.11
CA ALA E 310 38.78 -28.84 -26.45
C ALA E 310 39.84 -28.82 -27.53
N ALA E 311 41.02 -28.31 -27.23
CA ALA E 311 42.12 -28.31 -28.19
C ALA E 311 42.85 -29.64 -28.29
N SER E 312 42.46 -30.64 -27.49
CA SER E 312 43.10 -31.94 -27.49
C SER E 312 42.15 -33.06 -27.84
N ALA E 313 40.92 -32.76 -28.23
CA ALA E 313 39.92 -33.79 -28.47
C ALA E 313 40.18 -34.62 -29.72
N GLY E 314 41.08 -34.17 -30.59
CA GLY E 314 41.42 -34.95 -31.75
C GLY E 314 42.53 -35.93 -31.47
N ASP E 315 43.50 -35.53 -30.64
CA ASP E 315 44.58 -36.41 -30.25
C ASP E 315 44.10 -37.55 -29.38
N VAL E 316 43.07 -37.32 -28.58
CA VAL E 316 42.58 -38.31 -27.64
C VAL E 316 41.75 -39.38 -28.33
N ILE E 317 40.87 -38.99 -29.26
CA ILE E 317 40.06 -39.96 -29.98
C ILE E 317 40.90 -40.76 -30.98
N LYS E 318 41.93 -40.15 -31.56
CA LYS E 318 42.77 -40.87 -32.51
C LYS E 318 43.66 -41.90 -31.82
N SER E 319 44.21 -41.56 -30.64
CA SER E 319 45.01 -42.52 -29.88
C SER E 319 44.16 -43.65 -29.35
N ALA E 320 42.92 -43.37 -28.95
CA ALA E 320 42.03 -44.39 -28.43
C ALA E 320 41.34 -45.18 -29.52
N TYR E 321 41.73 -45.00 -30.77
CA TYR E 321 41.20 -45.80 -31.86
C TYR E 321 42.27 -46.66 -32.51
N ASP E 322 43.53 -46.27 -32.40
CA ASP E 322 44.63 -47.11 -32.87
C ASP E 322 44.85 -48.32 -31.98
N GLN E 323 44.50 -48.20 -30.69
CA GLN E 323 44.70 -49.30 -29.75
C GLN E 323 43.70 -50.43 -29.99
N VAL E 324 42.47 -50.11 -30.37
CA VAL E 324 41.51 -51.15 -30.74
C VAL E 324 41.94 -51.80 -32.05
N LYS E 325 42.67 -51.08 -32.90
CA LYS E 325 43.19 -51.66 -34.13
C LYS E 325 44.32 -52.63 -33.87
N ALA E 326 45.10 -52.41 -32.81
CA ALA E 326 46.20 -53.31 -32.48
C ALA E 326 45.70 -54.66 -32.00
N ILE E 327 44.51 -54.70 -31.40
CA ILE E 327 43.98 -55.97 -30.90
C ILE E 327 43.40 -56.81 -32.03
N ALA E 328 42.73 -56.17 -32.99
CA ALA E 328 42.07 -56.89 -34.07
C ALA E 328 43.04 -57.51 -35.06
N GLN E 329 44.29 -57.07 -35.09
CA GLN E 329 45.30 -57.67 -35.95
C GLN E 329 46.20 -58.64 -35.21
N GLY E 330 45.81 -59.07 -33.99
CA GLY E 330 46.41 -60.21 -33.35
C GLY E 330 47.21 -59.95 -32.08
N ASN E 331 47.58 -58.71 -31.78
CA ASN E 331 48.44 -58.42 -30.63
C ASN E 331 47.62 -58.53 -29.34
N LEU E 332 47.46 -59.75 -28.84
CA LEU E 332 46.66 -60.01 -27.65
C LEU E 332 47.33 -61.08 -26.79
N SER E 333 47.87 -60.66 -25.65
CA SER E 333 48.52 -61.57 -24.71
C SER E 333 47.51 -62.46 -24.00
N ASN E 334 48.02 -63.53 -23.41
CA ASN E 334 47.16 -64.53 -22.77
C ASN E 334 46.80 -64.19 -21.33
N THR E 335 47.69 -63.54 -20.59
CA THR E 335 47.39 -63.16 -19.22
C THR E 335 46.46 -61.95 -19.15
N ASP E 336 46.37 -61.16 -20.22
CA ASP E 336 45.45 -60.03 -20.25
C ASP E 336 44.01 -60.48 -20.38
N VAL E 337 43.78 -61.61 -21.02
CA VAL E 337 42.43 -62.16 -21.07
C VAL E 337 42.05 -62.75 -19.72
N GLN E 338 43.01 -63.34 -19.01
CA GLN E 338 42.71 -63.98 -17.73
C GLN E 338 42.51 -62.96 -16.63
N ALA E 339 43.26 -61.87 -16.64
CA ALA E 339 43.04 -60.78 -15.68
C ALA E 339 41.73 -60.06 -15.94
N ALA E 340 41.22 -60.11 -17.17
CA ALA E 340 39.95 -59.49 -17.50
C ALA E 340 38.77 -60.40 -17.18
N LYS E 341 38.98 -61.71 -17.12
CA LYS E 341 37.88 -62.60 -16.74
C LYS E 341 37.60 -62.49 -15.24
N ASN E 342 38.60 -62.12 -14.45
CA ASN E 342 38.41 -61.95 -13.02
C ASN E 342 37.54 -60.74 -12.72
N LYS E 343 37.82 -59.59 -13.35
CA LYS E 343 37.03 -58.38 -13.15
C LYS E 343 35.59 -58.53 -13.60
N LEU E 344 35.34 -59.35 -14.60
CA LEU E 344 33.97 -59.59 -15.04
C LEU E 344 33.25 -60.57 -14.13
N LYS E 345 33.96 -61.52 -13.51
CA LYS E 345 33.32 -62.43 -12.57
C LYS E 345 33.18 -61.81 -11.19
N ALA E 346 34.19 -61.04 -10.74
CA ALA E 346 34.14 -60.43 -9.41
C ALA E 346 33.11 -59.33 -9.34
N GLY E 347 33.03 -58.50 -10.39
CA GLY E 347 32.04 -57.44 -10.45
C GLY E 347 30.63 -57.95 -10.58
N TYR E 348 30.43 -59.15 -11.09
CA TYR E 348 29.11 -59.71 -11.12
C TYR E 348 28.67 -60.18 -9.74
N LEU E 349 29.60 -60.62 -8.90
CA LEU E 349 29.25 -61.09 -7.56
C LEU E 349 29.14 -59.95 -6.57
N MET E 350 29.87 -58.86 -6.74
CA MET E 350 29.69 -57.69 -5.89
C MET E 350 28.44 -56.91 -6.22
N SER E 351 27.90 -57.10 -7.43
CA SER E 351 26.68 -56.44 -7.85
C SER E 351 25.43 -57.09 -7.27
N VAL E 352 25.57 -58.27 -6.68
CA VAL E 352 24.42 -59.02 -6.20
C VAL E 352 24.43 -59.13 -4.68
N GLU E 353 25.30 -58.37 -4.02
CA GLU E 353 25.41 -58.43 -2.53
C GLU E 353 24.21 -57.77 -1.87
N SER E 354 23.81 -56.58 -2.30
CA SER E 354 22.75 -55.83 -1.67
C SER E 354 21.39 -56.44 -2.00
N SER E 355 20.37 -55.93 -1.32
CA SER E 355 19.01 -56.36 -1.59
C SER E 355 18.43 -55.69 -2.81
N GLU E 356 19.00 -54.58 -3.25
CA GLU E 356 18.54 -53.96 -4.48
C GLU E 356 19.29 -54.47 -5.70
N GLY E 357 20.57 -54.82 -5.55
CA GLY E 357 21.30 -55.39 -6.67
C GLY E 357 20.87 -56.80 -6.98
N PHE E 358 20.48 -57.55 -5.96
CA PHE E 358 19.96 -58.90 -6.18
C PHE E 358 18.62 -58.85 -6.88
N LEU E 359 17.70 -58.02 -6.37
CA LEU E 359 16.35 -57.93 -6.92
C LEU E 359 16.34 -57.31 -8.31
N ASP E 360 17.33 -56.48 -8.62
CA ASP E 360 17.54 -55.98 -9.98
C ASP E 360 17.80 -57.14 -10.95
N GLU E 361 18.76 -58.00 -10.60
CA GLU E 361 19.25 -59.05 -11.48
C GLU E 361 18.19 -60.12 -11.74
N VAL E 362 17.40 -60.46 -10.71
CA VAL E 362 16.35 -61.44 -10.88
C VAL E 362 15.22 -60.89 -11.75
N GLY E 363 15.02 -59.58 -11.74
CA GLY E 363 14.00 -58.97 -12.57
C GLY E 363 14.37 -58.85 -14.03
N SER E 364 15.65 -58.64 -14.31
CA SER E 364 16.11 -58.61 -15.70
C SER E 364 16.07 -59.99 -16.33
N GLN E 365 16.42 -61.02 -15.56
CA GLN E 365 16.43 -62.37 -16.11
C GLN E 365 15.03 -62.91 -16.37
N ALA E 366 14.05 -62.47 -15.59
CA ALA E 366 12.68 -62.93 -15.81
C ALA E 366 12.03 -62.31 -17.03
N LEU E 367 12.46 -61.11 -17.43
CA LEU E 367 11.90 -60.48 -18.62
C LEU E 367 12.62 -60.93 -19.89
N VAL E 368 13.95 -61.03 -19.83
CA VAL E 368 14.74 -61.34 -21.02
C VAL E 368 14.63 -62.81 -21.39
N ALA E 369 14.87 -63.72 -20.43
CA ALA E 369 14.93 -65.14 -20.75
C ALA E 369 13.76 -65.95 -20.24
N GLY E 370 13.14 -65.56 -19.14
CA GLY E 370 12.06 -66.36 -18.58
C GLY E 370 12.52 -67.48 -17.66
N SER E 371 13.72 -67.39 -17.13
CA SER E 371 14.27 -68.39 -16.23
C SER E 371 15.24 -67.71 -15.27
N TYR E 372 15.72 -68.47 -14.29
CA TYR E 372 16.75 -68.00 -13.39
C TYR E 372 17.94 -68.96 -13.44
N MET E 373 19.13 -68.40 -13.57
CA MET E 373 20.37 -69.18 -13.54
C MET E 373 21.21 -68.74 -12.36
N GLN E 374 21.79 -69.72 -11.67
CA GLN E 374 22.62 -69.46 -10.51
C GLN E 374 23.89 -68.74 -10.93
N PRO E 375 24.52 -68.00 -10.02
CA PRO E 375 25.80 -67.35 -10.35
C PRO E 375 26.98 -68.30 -10.56
N SER E 376 26.79 -69.61 -10.43
CA SER E 376 27.82 -70.56 -10.85
C SER E 376 27.72 -70.88 -12.33
N THR E 377 26.51 -70.83 -12.89
CA THR E 377 26.34 -70.98 -14.34
C THR E 377 26.95 -69.80 -15.09
N VAL E 378 26.71 -68.59 -14.60
CA VAL E 378 27.19 -67.37 -15.23
C VAL E 378 28.71 -67.31 -15.18
N LEU E 379 29.31 -67.80 -14.10
CA LEU E 379 30.76 -67.75 -13.97
C LEU E 379 31.48 -68.74 -14.89
N GLN E 380 30.79 -69.77 -15.35
CA GLN E 380 31.42 -70.74 -16.26
C GLN E 380 31.48 -70.19 -17.68
N GLN E 381 30.40 -69.55 -18.14
CA GLN E 381 30.29 -68.95 -19.46
C GLN E 381 31.35 -67.88 -19.72
N ILE E 382 31.74 -67.16 -18.67
CA ILE E 382 32.80 -66.18 -18.80
C ILE E 382 34.14 -66.86 -19.02
N ASP E 383 34.37 -68.01 -18.39
CA ASP E 383 35.62 -68.74 -18.56
C ASP E 383 35.68 -69.57 -19.82
N SER E 384 34.59 -69.70 -20.57
CA SER E 384 34.60 -70.41 -21.84
C SER E 384 34.91 -69.50 -23.03
N VAL E 385 35.15 -68.21 -22.80
CA VAL E 385 35.44 -67.26 -23.87
C VAL E 385 36.91 -67.43 -24.27
N ALA E 386 37.15 -67.65 -25.56
CA ALA E 386 38.49 -67.95 -26.04
C ALA E 386 39.19 -66.69 -26.54
N ASP E 387 40.50 -66.82 -26.78
CA ASP E 387 41.26 -65.74 -27.42
C ASP E 387 40.88 -65.51 -28.88
N ALA E 388 40.24 -66.47 -29.52
CA ALA E 388 39.76 -66.29 -30.89
C ALA E 388 38.42 -65.57 -30.94
N ASP E 389 37.83 -65.23 -29.80
CA ASP E 389 36.61 -64.45 -29.79
C ASP E 389 36.83 -63.02 -29.35
N VAL E 390 37.90 -62.73 -28.62
CA VAL E 390 38.25 -61.36 -28.32
C VAL E 390 38.78 -60.67 -29.57
N ILE E 391 39.42 -61.43 -30.46
CA ILE E 391 39.95 -60.85 -31.68
C ILE E 391 38.85 -60.64 -32.71
N ASN E 392 37.91 -61.58 -32.82
CA ASN E 392 36.80 -61.46 -33.74
C ASN E 392 35.71 -60.50 -33.26
N ALA E 393 35.88 -59.87 -32.11
CA ALA E 393 35.02 -58.78 -31.68
C ALA E 393 35.64 -57.42 -31.94
N ALA E 394 36.96 -57.30 -31.83
CA ALA E 394 37.62 -56.08 -32.26
C ALA E 394 37.75 -55.98 -33.78
N LYS E 395 37.52 -57.07 -34.51
CA LYS E 395 37.43 -56.97 -35.97
C LYS E 395 36.08 -56.44 -36.43
N LYS E 396 35.01 -56.79 -35.72
CA LYS E 396 33.69 -56.28 -36.05
C LYS E 396 33.57 -54.80 -35.75
N PHE E 397 34.35 -54.29 -34.80
CA PHE E 397 34.30 -52.87 -34.50
C PHE E 397 35.06 -52.06 -35.55
N VAL E 398 36.24 -52.53 -35.94
CA VAL E 398 37.14 -51.76 -36.79
C VAL E 398 36.58 -51.62 -38.20
N SER E 399 35.88 -52.63 -38.69
CA SER E 399 35.34 -52.60 -40.04
C SER E 399 33.86 -52.22 -40.11
N GLY E 400 33.26 -51.80 -39.02
CA GLY E 400 31.85 -51.46 -39.03
C GLY E 400 31.60 -49.97 -39.22
N ARG E 401 30.39 -49.66 -39.69
CA ARG E 401 30.00 -48.28 -39.90
C ARG E 401 29.75 -47.57 -38.57
N LYS E 402 30.35 -46.40 -38.40
CA LYS E 402 30.42 -45.74 -37.10
C LYS E 402 29.24 -44.83 -36.84
N SER E 403 29.23 -44.25 -35.63
CA SER E 403 28.30 -43.21 -35.20
C SER E 403 29.01 -42.35 -34.19
N MET E 404 28.53 -41.12 -34.03
CA MET E 404 29.23 -40.17 -33.17
C MET E 404 28.23 -39.22 -32.53
N ALA E 405 28.66 -38.63 -31.41
CA ALA E 405 27.95 -37.55 -30.74
C ALA E 405 28.96 -36.77 -29.92
N ALA E 406 28.86 -35.46 -29.95
CA ALA E 406 29.84 -34.64 -29.24
C ALA E 406 29.14 -33.43 -28.63
N SER E 407 29.85 -32.76 -27.73
CA SER E 407 29.35 -31.59 -27.02
C SER E 407 30.54 -30.77 -26.55
N GLY E 408 30.34 -29.46 -26.45
CA GLY E 408 31.38 -28.55 -25.99
C GLY E 408 31.79 -27.58 -27.10
N ASN E 409 33.04 -27.15 -27.02
CA ASN E 409 33.66 -26.32 -28.05
C ASN E 409 34.26 -27.25 -29.10
N LEU E 410 33.55 -27.43 -30.21
CA LEU E 410 33.82 -28.50 -31.17
C LEU E 410 34.71 -28.08 -32.33
N GLY E 411 35.55 -27.06 -32.15
CA GLY E 411 36.38 -26.57 -33.23
C GLY E 411 37.54 -27.46 -33.61
N HIS E 412 37.86 -28.47 -32.79
CA HIS E 412 38.95 -29.39 -33.10
C HIS E 412 38.52 -30.85 -33.06
N THR E 413 37.26 -31.11 -32.96
CA THR E 413 36.79 -32.48 -32.96
C THR E 413 36.72 -32.99 -34.40
N PRO E 414 37.20 -34.20 -34.68
CA PRO E 414 37.10 -34.73 -36.04
C PRO E 414 35.68 -35.07 -36.41
N PHE E 415 35.44 -35.10 -37.72
CA PHE E 415 34.17 -35.60 -38.24
C PHE E 415 34.28 -37.11 -38.46
N VAL E 416 33.12 -37.77 -38.47
CA VAL E 416 33.06 -39.23 -38.43
C VAL E 416 33.59 -39.90 -39.70
N ASP E 417 33.79 -39.14 -40.78
CA ASP E 417 34.49 -39.64 -41.95
C ASP E 417 35.97 -39.31 -41.94
N GLU E 418 36.42 -38.46 -41.03
CA GLU E 418 37.81 -38.04 -41.02
C GLU E 418 38.65 -38.88 -40.07
N ASP F 1 12.98 45.99 67.77
CA ASP F 1 14.40 46.33 67.91
C ASP F 1 15.53 45.30 67.61
N PRO F 2 15.25 44.06 67.17
CA PRO F 2 16.32 43.31 66.50
C PRO F 2 16.82 43.96 65.22
N LEU F 3 16.01 44.80 64.56
CA LEU F 3 16.51 45.62 63.46
C LEU F 3 17.64 46.52 63.90
N THR F 4 17.34 47.47 64.78
CA THR F 4 18.22 48.59 65.06
C THR F 4 19.50 48.20 65.81
N THR F 5 19.60 46.96 66.29
CA THR F 5 20.91 46.49 66.72
C THR F 5 21.66 45.82 65.57
N VAL F 6 20.95 45.12 64.69
CA VAL F 6 21.57 44.60 63.48
C VAL F 6 21.85 45.73 62.51
N ARG F 7 20.86 46.61 62.33
CA ARG F 7 21.02 47.75 61.39
C ARG F 7 22.22 48.60 61.82
N GLU F 8 22.35 48.89 63.12
CA GLU F 8 23.43 49.79 63.55
C GLU F 8 24.81 49.29 63.16
N GLN F 9 25.17 48.05 63.52
CA GLN F 9 26.56 47.64 63.32
C GLN F 9 26.82 47.34 61.84
N CYS F 10 25.75 47.04 61.07
CA CYS F 10 25.92 46.77 59.64
C CYS F 10 26.32 48.00 58.83
N GLU F 11 26.17 49.22 59.35
CA GLU F 11 26.83 50.37 58.73
C GLU F 11 28.21 50.66 59.32
N GLN F 12 28.80 49.71 60.04
CA GLN F 12 30.19 49.76 60.46
C GLN F 12 31.05 48.78 59.67
N ILE F 13 30.64 48.49 58.46
CA ILE F 13 31.46 47.77 57.49
C ILE F 13 32.33 48.80 56.81
N GLU F 14 33.53 48.40 56.35
CA GLU F 14 34.36 49.34 55.59
C GLU F 14 33.93 49.45 54.12
N LYS F 15 32.78 48.86 53.76
CA LYS F 15 32.10 49.12 52.50
C LYS F 15 31.00 50.15 52.65
N CYS F 16 30.33 50.22 53.80
CA CYS F 16 29.40 51.31 54.08
C CYS F 16 30.09 52.56 54.61
N ILE F 17 31.38 52.47 54.96
CA ILE F 17 32.13 53.69 55.25
C ILE F 17 32.48 54.42 53.97
N LYS F 18 32.33 53.77 52.81
CA LYS F 18 32.55 54.45 51.55
C LYS F 18 31.25 54.99 50.96
N ALA F 19 30.13 54.30 51.19
CA ALA F 19 28.88 54.62 50.52
C ALA F 19 28.12 55.77 51.16
N ARG F 20 28.34 56.05 52.44
CA ARG F 20 27.65 57.16 53.10
C ARG F 20 28.57 58.36 53.28
N GLU F 21 29.88 58.16 53.12
CA GLU F 21 30.88 59.22 53.33
C GLU F 21 30.75 60.31 52.28
N ARG F 22 30.23 59.97 51.11
CA ARG F 22 29.97 60.95 50.07
C ARG F 22 28.51 61.38 50.01
N LEU F 23 27.68 60.96 50.98
CA LEU F 23 26.29 61.40 50.97
C LEU F 23 26.15 62.81 51.50
N GLU F 24 26.80 63.13 52.62
CA GLU F 24 26.81 64.52 53.05
C GLU F 24 27.91 65.34 52.39
N LEU F 25 28.75 64.74 51.53
CA LEU F 25 29.55 65.56 50.63
C LEU F 25 28.74 66.08 49.46
N CYS F 26 27.59 65.47 49.17
CA CYS F 26 26.65 66.00 48.18
C CYS F 26 25.40 66.60 48.82
N ASP F 27 25.13 66.31 50.09
CA ASP F 27 23.99 66.89 50.80
C ASP F 27 24.18 68.38 51.04
N GLN F 28 25.42 68.82 51.25
CA GLN F 28 25.73 70.22 51.50
C GLN F 28 25.71 71.07 50.24
N ARG F 29 25.52 70.47 49.07
CA ARG F 29 25.66 71.19 47.81
C ARG F 29 24.34 71.52 47.13
N VAL F 30 23.26 70.83 47.49
CA VAL F 30 21.98 71.08 46.83
C VAL F 30 21.35 72.38 47.32
N SER F 31 21.26 72.56 48.63
CA SER F 31 20.58 73.71 49.20
C SER F 31 21.46 74.96 49.27
N SER F 32 22.63 74.94 48.63
CA SER F 32 23.48 76.13 48.55
C SER F 32 22.82 77.21 47.69
N ARG F 33 22.45 76.86 46.46
CA ARG F 33 21.69 77.76 45.60
C ARG F 33 20.22 77.37 45.63
N SER F 34 19.35 78.35 45.38
CA SER F 34 17.92 78.17 45.57
C SER F 34 17.22 77.54 44.38
N GLN F 35 17.89 77.45 43.22
CA GLN F 35 17.27 76.94 42.00
C GLN F 35 18.20 75.90 41.38
N THR F 36 18.09 74.65 41.83
CA THR F 36 18.80 73.54 41.20
C THR F 36 18.01 72.27 41.45
N GLU F 37 18.08 71.36 40.47
CA GLU F 37 17.30 70.13 40.45
C GLU F 37 18.12 68.88 40.69
N GLU F 38 19.31 69.01 41.27
CA GLU F 38 20.10 67.82 41.60
C GLU F 38 19.55 67.18 42.87
N ASP F 39 19.03 65.97 42.74
CA ASP F 39 18.55 65.22 43.89
C ASP F 39 19.72 64.49 44.54
N CYS F 40 19.44 63.87 45.68
CA CYS F 40 20.43 63.07 46.40
C CYS F 40 19.97 61.63 46.50
N THR F 41 19.22 61.15 45.50
CA THR F 41 18.63 59.82 45.57
C THR F 41 19.66 58.74 45.29
N GLU F 42 20.71 59.06 44.53
CA GLU F 42 21.62 58.04 44.03
C GLU F 42 22.65 57.61 45.07
N GLU F 43 23.26 58.55 45.78
CA GLU F 43 24.11 58.16 46.90
C GLU F 43 23.33 57.66 48.11
N LEU F 44 22.01 57.78 48.11
CA LEU F 44 21.25 57.01 49.08
C LEU F 44 21.06 55.57 48.62
N PHE F 45 20.89 55.35 47.31
CA PHE F 45 20.75 54.00 46.77
C PHE F 45 22.05 53.21 46.89
N ASP F 46 23.20 53.87 46.75
CA ASP F 46 24.47 53.18 47.00
C ASP F 46 24.62 52.80 48.47
N PHE F 47 24.07 53.60 49.37
CA PHE F 47 24.18 53.32 50.79
C PHE F 47 23.21 52.26 51.25
N LEU F 48 21.99 52.26 50.72
CA LEU F 48 20.98 51.31 51.18
C LEU F 48 21.26 49.90 50.65
N HIS F 49 21.67 49.79 49.39
CA HIS F 49 22.04 48.51 48.79
C HIS F 49 23.25 47.90 49.50
N ALA F 50 24.22 48.73 49.88
CA ALA F 50 25.38 48.24 50.61
C ALA F 50 25.08 47.92 52.07
N ARG F 51 23.99 48.45 52.61
CA ARG F 51 23.63 48.16 53.99
C ARG F 51 22.66 46.98 54.09
N ASP F 52 21.71 46.87 53.17
CA ASP F 52 20.66 45.88 53.29
C ASP F 52 21.10 44.46 52.94
N HIS F 53 22.25 44.28 52.30
CA HIS F 53 22.75 42.93 52.08
C HIS F 53 23.30 42.34 53.38
N CYS F 54 24.14 43.11 54.08
CA CYS F 54 24.74 42.68 55.33
C CYS F 54 23.71 42.49 56.44
N VAL F 55 22.60 43.22 56.37
CA VAL F 55 21.49 42.99 57.29
C VAL F 55 20.84 41.64 57.01
N ALA F 56 20.75 41.26 55.74
CA ALA F 56 20.05 40.04 55.35
C ALA F 56 20.78 38.78 55.81
N HIS F 57 22.11 38.81 55.87
CA HIS F 57 22.86 37.63 56.29
C HIS F 57 22.85 37.40 57.79
N LYS F 58 22.43 38.38 58.59
CA LYS F 58 22.61 38.32 60.03
C LYS F 58 21.32 38.44 60.84
N LEU F 59 20.16 38.61 60.21
CA LEU F 59 18.98 39.00 60.97
C LEU F 59 18.06 37.84 61.33
N PHE F 60 17.91 36.85 60.45
CA PHE F 60 16.85 35.86 60.63
C PHE F 60 17.12 34.84 61.72
N ASN F 61 18.32 34.82 62.30
CA ASN F 61 18.59 33.94 63.43
C ASN F 61 18.28 34.59 64.77
N SER F 62 18.21 35.92 64.83
CA SER F 62 17.87 36.60 66.07
C SER F 62 16.40 36.49 66.40
N LEU F 63 15.57 36.17 65.42
CA LEU F 63 14.14 36.28 65.51
C LEU F 63 13.52 34.88 65.64
N LYS F 64 12.19 34.80 65.51
CA LYS F 64 11.31 33.63 65.80
C LYS F 64 11.65 32.78 67.02
N ALA G 1 44.80 31.10 -11.99
CA ALA G 1 45.94 30.38 -12.54
C ALA G 1 47.25 31.04 -12.11
N VAL G 2 47.75 30.64 -10.96
CA VAL G 2 48.99 31.19 -10.41
C VAL G 2 50.15 30.31 -10.84
N ALA G 3 51.34 30.91 -10.91
CA ALA G 3 52.55 30.20 -11.29
C ALA G 3 53.75 30.50 -10.40
N ALA G 4 53.72 31.58 -9.62
CA ALA G 4 54.80 31.88 -8.68
C ALA G 4 54.47 31.45 -7.26
N SER G 5 53.30 31.85 -6.75
CA SER G 5 52.85 31.50 -5.42
C SER G 5 51.87 30.33 -5.43
N SER G 6 52.08 29.36 -6.33
CA SER G 6 51.33 28.11 -6.33
C SER G 6 51.70 27.21 -5.16
N LYS G 7 52.76 27.55 -4.45
CA LYS G 7 53.07 26.99 -3.15
C LYS G 7 51.97 27.25 -2.12
N TRP G 8 51.23 28.35 -2.26
CA TRP G 8 50.24 28.75 -1.27
C TRP G 8 48.91 28.02 -1.44
N LEU G 9 48.41 27.90 -2.67
CA LEU G 9 47.17 27.17 -2.90
C LEU G 9 47.31 25.67 -2.74
N GLU G 10 48.54 25.15 -2.66
CA GLU G 10 48.68 23.72 -2.40
C GLU G 10 48.59 23.40 -0.91
N GLY G 11 49.03 24.32 -0.06
CA GLY G 11 48.89 24.14 1.37
C GLY G 11 47.46 24.25 1.85
N ILE G 12 46.67 25.11 1.21
CA ILE G 12 45.27 25.26 1.59
C ILE G 12 44.43 24.11 1.07
N ARG G 13 44.82 23.48 -0.03
CA ARG G 13 44.10 22.31 -0.50
C ARG G 13 44.41 21.08 0.34
N LYS G 14 45.62 20.98 0.87
CA LYS G 14 45.96 19.92 1.80
C LYS G 14 45.27 20.13 3.14
N TRP G 15 45.24 21.38 3.61
CA TRP G 15 44.68 21.71 4.92
C TRP G 15 43.20 21.41 4.98
N TYR G 16 42.46 21.74 3.92
CA TYR G 16 41.03 21.43 3.89
C TYR G 16 40.79 19.93 3.79
N TYR G 17 41.73 19.19 3.21
CA TYR G 17 41.57 17.74 3.11
C TYR G 17 41.63 17.08 4.48
N ASN G 18 42.53 17.55 5.35
CA ASN G 18 42.69 17.00 6.68
C ASN G 18 41.78 17.64 7.72
N ALA G 19 41.33 18.87 7.48
CA ALA G 19 40.29 19.44 8.34
C ALA G 19 38.97 18.74 8.11
N ALA G 20 38.64 18.43 6.87
CA ALA G 20 37.64 17.41 6.60
C ALA G 20 38.17 16.07 7.06
N GLY G 21 37.28 15.17 7.41
CA GLY G 21 37.77 13.93 7.95
C GLY G 21 37.16 12.70 7.34
N PHE G 22 36.92 12.70 6.03
CA PHE G 22 36.46 11.47 5.41
C PHE G 22 37.60 10.47 5.23
N ASN G 23 38.85 10.93 5.24
CA ASN G 23 39.96 10.01 5.16
C ASN G 23 40.13 9.19 6.44
N LYS G 24 39.73 9.74 7.59
CA LYS G 24 39.83 9.04 8.86
C LYS G 24 38.85 7.88 8.97
N LEU G 25 37.80 7.88 8.16
CA LEU G 25 36.97 6.69 8.01
C LEU G 25 37.44 5.82 6.86
N GLY G 26 38.59 6.14 6.26
CA GLY G 26 39.12 5.41 5.13
C GLY G 26 38.29 5.55 3.87
N LEU G 27 37.80 6.75 3.57
CA LEU G 27 37.02 7.00 2.37
C LEU G 27 37.84 7.79 1.37
N MET G 28 37.43 7.71 0.12
CA MET G 28 37.94 8.55 -0.97
C MET G 28 36.92 9.64 -1.28
N ARG G 29 37.40 10.71 -1.94
CA ARG G 29 36.60 11.91 -2.14
C ARG G 29 35.33 11.64 -2.95
N ASP G 30 35.41 10.76 -3.93
CA ASP G 30 34.23 10.46 -4.74
C ASP G 30 33.22 9.55 -4.04
N ASP G 31 33.53 9.06 -2.83
CA ASP G 31 32.55 8.31 -2.04
C ASP G 31 31.53 9.23 -1.38
N THR G 32 31.95 10.45 -1.02
CA THR G 32 31.21 11.39 -0.21
C THR G 32 30.31 12.31 -1.00
N ILE G 33 30.23 12.15 -2.31
CA ILE G 33 29.48 13.06 -3.16
C ILE G 33 27.98 12.78 -3.00
N TYR G 34 27.18 13.84 -3.13
CA TYR G 34 25.73 13.69 -3.05
C TYR G 34 25.23 13.11 -4.36
N GLU G 35 24.47 12.05 -4.29
CA GLU G 35 23.96 11.42 -5.50
C GLU G 35 22.64 12.07 -5.90
N ASP G 36 22.71 12.93 -6.91
CA ASP G 36 21.56 13.32 -7.70
C ASP G 36 21.44 12.38 -8.90
N ASP G 37 20.61 12.72 -9.89
CA ASP G 37 20.32 11.81 -11.00
C ASP G 37 21.48 11.61 -11.96
N ASP G 38 22.41 12.55 -12.02
CA ASP G 38 23.59 12.36 -12.85
C ASP G 38 24.57 11.40 -12.20
N VAL G 39 24.75 11.51 -10.88
CA VAL G 39 25.69 10.67 -10.16
C VAL G 39 25.19 9.23 -10.09
N LYS G 40 23.88 9.04 -10.02
CA LYS G 40 23.31 7.70 -10.02
C LYS G 40 23.43 7.00 -11.37
N GLU G 41 23.67 7.74 -12.44
CA GLU G 41 23.96 7.15 -13.76
C GLU G 41 25.44 6.88 -13.95
N ALA G 42 26.30 7.69 -13.37
CA ALA G 42 27.73 7.43 -13.45
C ALA G 42 28.16 6.23 -12.61
N ILE G 43 27.43 5.91 -11.54
CA ILE G 43 27.77 4.76 -10.70
C ILE G 43 27.44 3.46 -11.43
N ARG G 44 26.31 3.44 -12.14
CA ARG G 44 25.85 2.35 -12.97
C ARG G 44 26.80 2.00 -14.13
N ARG G 45 27.73 2.88 -14.50
CA ARG G 45 28.62 2.70 -15.63
C ARG G 45 30.03 2.33 -15.21
N LEU G 46 30.25 1.96 -14.00
CA LEU G 46 31.59 1.67 -13.54
C LEU G 46 31.96 0.22 -13.82
N PRO G 47 33.24 -0.07 -14.00
CA PRO G 47 33.66 -1.47 -14.05
C PRO G 47 33.57 -2.10 -12.66
N GLU G 48 33.33 -3.42 -12.65
CA GLU G 48 32.83 -4.09 -11.46
C GLU G 48 33.87 -4.18 -10.35
N ASN G 49 35.15 -4.12 -10.68
CA ASN G 49 36.16 -4.07 -9.64
C ASN G 49 36.18 -2.71 -8.94
N LEU G 50 35.79 -1.65 -9.64
CA LEU G 50 35.72 -0.33 -9.02
C LEU G 50 34.44 -0.15 -8.23
N TYR G 51 33.36 -0.79 -8.65
CA TYR G 51 32.11 -0.68 -7.92
C TYR G 51 32.19 -1.43 -6.59
N ASN G 52 32.82 -2.61 -6.59
CA ASN G 52 32.91 -3.41 -5.38
C ASN G 52 33.86 -2.80 -4.37
N ASP G 53 34.87 -2.06 -4.83
CA ASP G 53 35.79 -1.38 -3.92
C ASP G 53 35.12 -0.25 -3.16
N ARG G 54 34.10 0.37 -3.74
CA ARG G 54 33.41 1.53 -3.20
C ARG G 54 32.30 1.13 -2.22
N VAL G 55 31.61 0.02 -2.48
CA VAL G 55 30.58 -0.46 -1.57
C VAL G 55 31.18 -0.93 -0.24
N PHE G 56 32.39 -1.51 -0.26
CA PHE G 56 32.99 -1.94 0.99
C PHE G 56 33.57 -0.76 1.78
N ARG G 57 34.15 0.22 1.10
CA ARG G 57 34.70 1.38 1.80
C ARG G 57 33.62 2.18 2.50
N ILE G 58 32.41 2.20 1.95
CA ILE G 58 31.31 2.92 2.55
C ILE G 58 30.75 2.15 3.74
N LYS G 59 30.62 0.83 3.63
CA LYS G 59 30.06 0.00 4.70
C LYS G 59 30.96 -0.01 5.94
N ARG G 60 32.26 -0.01 5.73
CA ARG G 60 33.21 0.06 6.83
C ARG G 60 33.18 1.42 7.54
N ALA G 61 32.76 2.48 6.84
CA ALA G 61 32.68 3.80 7.44
C ALA G 61 31.34 4.07 8.12
N LEU G 62 30.26 3.45 7.67
CA LEU G 62 29.01 3.56 8.41
C LEU G 62 29.07 2.79 9.72
N ASP G 63 29.84 1.72 9.75
CA ASP G 63 30.03 0.90 10.93
C ASP G 63 30.96 1.57 11.94
N LEU G 64 31.94 2.34 11.46
CA LEU G 64 32.85 3.03 12.36
C LEU G 64 32.18 4.20 13.08
N THR G 65 31.13 4.77 12.50
CA THR G 65 30.42 5.88 13.11
C THR G 65 29.29 5.43 14.02
N MET G 66 28.89 4.16 13.93
CA MET G 66 27.93 3.61 14.87
C MET G 66 28.53 3.47 16.26
N ARG G 67 29.84 3.32 16.35
CA ARG G 67 30.53 3.20 17.63
C ARG G 67 31.41 4.38 17.98
N GLN G 68 31.32 5.47 17.21
CA GLN G 68 32.12 6.70 17.41
C GLN G 68 33.61 6.42 17.34
N GLN G 69 34.03 5.61 16.38
CA GLN G 69 35.41 5.17 16.26
C GLN G 69 36.06 5.72 15.00
N ILE G 70 37.40 5.75 15.03
CA ILE G 70 38.25 6.17 13.93
C ILE G 70 39.26 5.04 13.68
N LEU G 71 39.63 4.83 12.42
CA LEU G 71 40.71 3.93 12.04
C LEU G 71 42.02 4.45 12.60
N PRO G 72 42.99 3.56 12.87
CA PRO G 72 44.30 4.03 13.30
C PRO G 72 45.02 4.77 12.19
N LYS G 73 45.99 5.62 12.57
CA LYS G 73 46.66 6.49 11.61
C LYS G 73 47.70 5.72 10.80
N GLU G 74 47.28 4.62 10.18
CA GLU G 74 48.00 3.89 9.15
C GLU G 74 47.06 3.42 8.07
N GLN G 75 45.75 3.48 8.31
CA GLN G 75 44.75 3.15 7.32
C GLN G 75 43.95 4.38 6.91
N TRP G 76 44.50 5.57 7.12
CA TRP G 76 43.89 6.80 6.64
C TRP G 76 44.24 7.00 5.18
N THR G 77 43.24 7.32 4.36
CA THR G 77 43.43 7.62 2.95
C THR G 77 44.33 8.84 2.78
N LYS G 78 45.42 8.68 2.03
CA LYS G 78 46.37 9.76 1.88
C LYS G 78 45.88 10.78 0.87
N TYR G 79 46.55 11.94 0.85
CA TYR G 79 46.12 13.03 -0.02
C TYR G 79 46.49 12.76 -1.47
N GLU G 80 47.72 12.33 -1.72
CA GLU G 80 48.19 12.07 -3.07
C GLU G 80 47.92 10.65 -3.54
N GLU G 81 47.02 9.93 -2.88
CA GLU G 81 46.64 8.59 -3.28
C GLU G 81 45.14 8.43 -3.44
N ASP G 82 44.37 9.50 -3.32
CA ASP G 82 42.95 9.46 -3.61
C ASP G 82 42.77 9.42 -5.12
N LYS G 83 42.17 8.33 -5.61
CA LYS G 83 41.91 8.19 -7.03
C LYS G 83 40.54 8.75 -7.33
N PHE G 84 40.47 9.71 -8.25
CA PHE G 84 39.20 10.26 -8.70
C PHE G 84 38.61 9.29 -9.71
N TYR G 85 38.01 8.22 -9.20
CA TYR G 85 37.55 7.15 -10.09
C TYR G 85 36.24 7.49 -10.77
N LEU G 86 35.49 8.47 -10.29
CA LEU G 86 34.17 8.76 -10.83
C LEU G 86 34.14 9.98 -11.73
N GLU G 87 35.12 10.86 -11.63
CA GLU G 87 35.11 12.10 -12.39
C GLU G 87 35.22 11.94 -13.92
N PRO G 88 35.97 10.99 -14.50
CA PRO G 88 35.82 10.75 -15.95
C PRO G 88 34.44 10.25 -16.38
N TYR G 89 33.78 9.43 -15.59
CA TYR G 89 32.48 8.89 -15.99
C TYR G 89 31.37 9.91 -15.83
N LEU G 90 31.52 10.89 -14.94
CA LEU G 90 30.48 11.87 -14.66
C LEU G 90 30.52 13.07 -15.58
N LYS G 91 31.70 13.46 -16.07
CA LYS G 91 31.81 14.55 -17.02
C LYS G 91 31.15 14.23 -18.35
N GLU G 92 31.01 12.94 -18.67
CA GLU G 92 30.34 12.53 -19.88
C GLU G 92 28.83 12.44 -19.71
N VAL G 93 28.34 12.18 -18.50
CA VAL G 93 26.89 12.15 -18.27
C VAL G 93 26.31 13.56 -18.28
N ILE G 94 27.06 14.53 -17.75
CA ILE G 94 26.62 15.92 -17.75
C ILE G 94 26.62 16.48 -19.17
N ARG G 95 27.65 16.17 -19.94
CA ARG G 95 27.77 16.63 -21.32
C ARG G 95 26.68 16.07 -22.23
N GLU G 96 26.16 14.89 -21.93
CA GLU G 96 25.03 14.36 -22.68
C GLU G 96 23.71 14.95 -22.23
N ARG G 97 23.66 15.61 -21.07
CA ARG G 97 22.44 16.29 -20.66
C ARG G 97 22.37 17.69 -21.23
N LYS G 98 23.51 18.37 -21.34
CA LYS G 98 23.57 19.69 -21.93
C LYS G 98 23.45 19.69 -23.44
N GLU G 99 23.45 18.52 -24.08
CA GLU G 99 23.21 18.37 -25.50
C GLU G 99 21.75 18.07 -25.82
N ARG G 100 21.06 17.32 -24.98
CA ARG G 100 19.63 17.13 -25.13
C ARG G 100 18.83 18.36 -24.72
N GLU G 101 19.47 19.34 -24.10
CA GLU G 101 18.84 20.60 -23.71
C GLU G 101 19.03 21.71 -24.72
N GLU G 102 20.20 21.79 -25.35
CA GLU G 102 20.39 22.71 -26.47
C GLU G 102 19.64 22.26 -27.71
N TRP G 103 19.25 21.00 -27.80
CA TRP G 103 18.44 20.53 -28.92
C TRP G 103 16.95 20.78 -28.70
N ALA G 104 16.51 20.94 -27.46
CA ALA G 104 15.11 21.27 -27.22
C ALA G 104 14.86 22.77 -27.31
N LYS G 105 15.91 23.59 -27.28
CA LYS G 105 15.80 25.01 -27.56
C LYS G 105 15.82 25.31 -29.05
N LYS G 106 16.04 24.30 -29.88
CA LYS G 106 15.88 24.47 -31.32
C LYS G 106 14.46 24.04 -31.68
N ARG H 2 11.05 -0.48 -0.90
CA ARG H 2 12.32 -0.71 -0.22
C ARG H 2 12.22 -1.75 0.87
N GLU H 3 12.25 -3.03 0.49
CA GLU H 3 12.33 -4.14 1.43
C GLU H 3 13.77 -4.63 1.51
N PHE H 4 14.02 -5.65 2.33
CA PHE H 4 15.40 -5.97 2.67
C PHE H 4 16.15 -6.67 1.54
N GLY H 5 15.55 -7.64 0.88
CA GLY H 5 16.28 -8.22 -0.24
C GLY H 5 16.15 -7.50 -1.56
N HIS H 6 16.09 -6.16 -1.55
CA HIS H 6 15.91 -5.37 -2.76
C HIS H 6 16.68 -4.05 -2.75
N LEU H 7 17.57 -3.84 -1.79
CA LEU H 7 18.11 -2.51 -1.57
C LEU H 7 19.32 -2.19 -2.45
N THR H 8 20.19 -3.15 -2.67
CA THR H 8 21.48 -2.86 -3.30
C THR H 8 21.99 -4.16 -3.92
N ARG H 9 23.25 -4.16 -4.35
CA ARG H 9 23.92 -5.37 -4.82
C ARG H 9 25.32 -5.39 -4.24
N MET H 10 25.67 -6.45 -3.52
CA MET H 10 26.95 -6.55 -2.83
C MET H 10 27.59 -7.91 -3.03
N ARG H 11 28.92 -7.92 -3.14
CA ARG H 11 29.67 -9.15 -3.34
C ARG H 11 30.93 -9.13 -2.49
N HIS H 12 31.29 -10.32 -1.98
CA HIS H 12 32.58 -10.66 -1.34
C HIS H 12 32.78 -10.05 0.05
N VAL H 13 31.74 -9.93 0.87
CA VAL H 13 31.87 -9.37 2.21
C VAL H 13 31.31 -10.34 3.25
N ILE H 14 32.04 -10.50 4.35
CA ILE H 14 31.76 -11.47 5.40
C ILE H 14 31.59 -10.74 6.73
N THR H 15 30.63 -11.20 7.55
CA THR H 15 30.36 -10.62 8.86
C THR H 15 30.34 -11.70 9.94
N TYR H 16 31.05 -11.45 11.05
CA TYR H 16 31.08 -12.33 12.21
C TYR H 16 30.45 -11.62 13.42
N SER H 17 29.46 -12.25 14.06
CA SER H 17 28.80 -11.67 15.22
C SER H 17 28.62 -12.68 16.35
N LEU H 18 28.62 -12.17 17.59
CA LEU H 18 28.54 -12.94 18.82
C LEU H 18 27.20 -12.75 19.51
N SER H 19 26.80 -13.71 20.34
CA SER H 19 25.51 -13.66 21.01
C SER H 19 25.50 -12.60 22.12
N PRO H 20 24.33 -12.03 22.44
CA PRO H 20 24.27 -11.12 23.60
C PRO H 20 24.54 -11.78 24.94
N PHE H 21 24.45 -13.11 25.03
CA PHE H 21 24.67 -13.87 26.24
C PHE H 21 26.06 -14.43 26.34
N GLU H 22 26.92 -14.10 25.40
CA GLU H 22 28.33 -14.47 25.46
C GLU H 22 29.19 -13.25 25.74
N GLN H 23 28.58 -12.14 26.14
CA GLN H 23 29.28 -10.88 26.31
C GLN H 23 28.97 -10.28 27.68
N ARG H 24 30.02 -9.74 28.29
CA ARG H 24 29.86 -8.93 29.49
C ARG H 24 29.28 -7.56 29.12
N ALA H 25 28.66 -6.91 30.11
CA ALA H 25 27.83 -5.74 29.82
C ALA H 25 28.66 -4.51 29.46
N PHE H 26 29.72 -4.24 30.22
CA PHE H 26 30.57 -3.06 30.01
C PHE H 26 32.01 -3.53 29.85
N PRO H 27 32.49 -3.63 28.60
CA PRO H 27 33.87 -4.10 28.37
C PRO H 27 34.94 -3.11 28.82
N HIS H 28 34.85 -1.88 28.35
CA HIS H 28 35.81 -0.82 28.69
C HIS H 28 35.03 0.47 28.92
N TYR H 29 34.91 0.87 30.18
CA TYR H 29 33.99 1.95 30.56
C TYR H 29 34.71 3.27 30.82
N PHE H 30 35.70 3.29 31.70
CA PHE H 30 36.39 4.54 32.00
C PHE H 30 37.89 4.50 31.73
N THR H 31 38.43 3.35 31.31
CA THR H 31 39.79 3.29 30.82
C THR H 31 39.86 3.67 29.35
N LYS H 32 38.77 3.43 28.62
CA LYS H 32 38.64 3.81 27.22
C LYS H 32 37.61 4.92 27.02
N GLY H 33 36.73 5.15 27.99
CA GLY H 33 35.66 6.14 27.82
C GLY H 33 36.16 7.57 27.75
N ILE H 34 36.91 8.01 28.73
CA ILE H 34 37.45 9.37 28.70
C ILE H 34 38.55 9.66 27.68
N PRO H 35 39.39 8.72 27.19
CA PRO H 35 40.22 9.09 26.03
C PRO H 35 39.46 9.10 24.71
N ASN H 36 38.27 8.53 24.65
CA ASN H 36 37.46 8.64 23.45
C ASN H 36 36.65 9.92 23.41
N VAL H 37 36.16 10.38 24.56
CA VAL H 37 35.39 11.63 24.62
C VAL H 37 36.34 12.82 24.50
N LEU H 38 37.55 12.72 25.06
CA LEU H 38 38.55 13.76 24.88
C LEU H 38 39.03 13.88 23.44
N ARG H 39 38.85 12.84 22.62
CA ARG H 39 39.19 12.98 21.21
C ARG H 39 38.10 13.75 20.46
N ARG H 40 36.83 13.48 20.77
CA ARG H 40 35.73 14.15 20.12
C ARG H 40 35.51 15.57 20.63
N THR H 41 36.09 15.93 21.77
CA THR H 41 36.01 17.29 22.28
C THR H 41 37.06 18.20 21.66
N ARG H 42 38.29 17.70 21.50
CA ARG H 42 39.34 18.46 20.83
C ARG H 42 39.05 18.72 19.36
N ALA H 43 38.21 17.90 18.73
CA ALA H 43 37.86 18.11 17.32
C ALA H 43 36.84 19.24 17.17
N CYS H 44 35.65 19.09 17.75
CA CYS H 44 34.56 20.02 17.54
C CYS H 44 34.35 20.90 18.78
N ILE H 45 35.37 21.69 19.11
CA ILE H 45 35.19 22.80 20.05
C ILE H 45 35.86 24.03 19.45
N LEU H 46 36.57 23.83 18.34
CA LEU H 46 37.15 24.92 17.59
C LEU H 46 36.19 25.45 16.55
N ARG H 47 35.10 24.72 16.30
CA ARG H 47 34.02 25.16 15.44
C ARG H 47 32.79 25.65 16.22
N VAL H 48 32.60 25.17 17.45
CA VAL H 48 31.37 25.44 18.19
C VAL H 48 31.54 26.63 19.12
N ALA H 49 32.63 26.64 19.90
CA ALA H 49 32.77 27.59 21.00
C ALA H 49 33.04 29.04 20.61
N PRO H 50 33.98 29.38 19.69
CA PRO H 50 34.29 30.83 19.43
C PRO H 50 33.14 31.65 18.88
N PRO H 51 32.08 31.08 18.22
CA PRO H 51 30.88 31.89 18.01
C PRO H 51 30.16 32.34 19.28
N PHE H 52 30.29 31.59 20.37
CA PHE H 52 29.57 31.88 21.59
C PHE H 52 30.35 32.73 22.57
N VAL H 53 31.61 33.06 22.27
CA VAL H 53 32.33 34.02 23.12
C VAL H 53 32.18 35.39 22.49
N VAL H 54 31.70 35.42 21.24
CA VAL H 54 31.39 36.67 20.58
C VAL H 54 30.03 37.20 21.07
N PHE H 55 29.11 36.30 21.43
CA PHE H 55 27.91 36.74 22.14
C PHE H 55 28.24 37.25 23.53
N TYR H 56 29.25 36.66 24.18
CA TYR H 56 29.56 37.02 25.56
C TYR H 56 30.16 38.42 25.65
N LEU H 57 31.09 38.76 24.75
CA LEU H 57 31.72 40.08 24.80
C LEU H 57 30.77 41.19 24.39
N VAL H 58 29.68 40.87 23.70
CA VAL H 58 28.65 41.86 23.41
C VAL H 58 27.68 41.99 24.58
N TYR H 59 27.40 40.90 25.28
CA TYR H 59 26.55 40.94 26.46
C TYR H 59 27.19 41.71 27.61
N THR H 60 28.48 41.50 27.85
CA THR H 60 29.16 42.20 28.94
C THR H 60 29.38 43.67 28.62
N TRP H 61 29.51 44.01 27.34
CA TRP H 61 29.60 45.41 26.94
C TRP H 61 28.23 46.04 26.82
N GLY H 62 27.19 45.24 26.55
CA GLY H 62 25.86 45.77 26.36
C GLY H 62 25.10 46.07 27.62
N THR H 63 25.57 45.60 28.77
CA THR H 63 25.02 45.98 30.06
C THR H 63 26.00 46.85 30.86
N GLN H 64 27.13 47.22 30.25
CA GLN H 64 28.01 48.23 30.82
C GLN H 64 27.81 49.57 30.15
N GLU H 65 26.98 49.65 29.12
CA GLU H 65 26.56 50.91 28.53
C GLU H 65 25.18 51.32 28.98
N PHE H 66 24.30 50.35 29.24
CA PHE H 66 22.98 50.64 29.77
C PHE H 66 23.00 51.10 31.22
N GLU H 67 24.02 50.72 32.00
CA GLU H 67 24.14 51.16 33.38
C GLU H 67 24.89 52.47 33.52
N LYS H 68 25.66 52.88 32.51
CA LYS H 68 26.20 54.23 32.46
C LYS H 68 25.30 55.17 31.69
N SER H 69 24.21 54.66 31.11
CA SER H 69 23.20 55.48 30.45
C SER H 69 22.22 56.08 31.44
N LYS H 70 22.35 55.77 32.73
CA LYS H 70 21.37 56.18 33.73
C LYS H 70 22.02 56.92 34.89
N ARG H 71 23.31 57.24 34.77
CA ARG H 71 24.08 57.85 35.85
C ARG H 71 25.05 58.89 35.30
N LYS H 72 26.03 59.27 36.12
CA LYS H 72 27.12 60.14 35.66
C LYS H 72 28.47 59.57 36.07
N ALA I 1 30.54 -20.37 35.44
CA ALA I 1 31.00 -21.08 36.66
C ALA I 1 31.07 -20.08 37.83
N ALA I 2 32.15 -19.29 37.90
CA ALA I 2 32.30 -18.28 38.96
C ALA I 2 31.18 -17.22 38.90
N PRO I 3 30.76 -16.67 37.73
CA PRO I 3 29.64 -15.71 37.68
C PRO I 3 28.33 -16.21 38.31
N THR I 4 27.35 -15.29 38.47
CA THR I 4 26.07 -15.65 39.14
C THR I 4 25.59 -17.02 38.66
N LEU I 5 25.33 -17.94 39.59
CA LEU I 5 24.85 -19.31 39.24
C LEU I 5 23.42 -19.48 39.79
N THR I 6 22.55 -18.49 39.55
CA THR I 6 21.17 -18.55 40.10
C THR I 6 20.18 -18.99 39.02
N ALA I 7 18.90 -18.65 39.18
CA ALA I 7 17.86 -19.09 38.22
C ALA I 7 17.76 -18.09 37.07
N ARG I 8 17.15 -18.50 35.96
CA ARG I 8 17.02 -17.61 34.77
C ARG I 8 15.54 -17.24 34.60
N LEU I 9 15.20 -15.96 34.72
CA LEU I 9 13.76 -15.59 34.68
C LEU I 9 13.38 -14.99 33.33
N TYR I 10 14.08 -15.38 32.24
CA TYR I 10 13.76 -14.96 30.85
C TYR I 10 13.12 -16.12 30.12
N SER I 11 12.92 -17.23 30.79
CA SER I 11 12.13 -18.31 30.16
C SER I 11 10.75 -18.18 30.79
N LEU I 12 10.38 -16.98 31.27
CA LEU I 12 9.00 -16.83 31.80
C LEU I 12 8.64 -15.34 31.83
N LEU I 13 9.52 -14.51 32.40
CA LEU I 13 9.17 -13.08 32.55
C LEU I 13 9.74 -12.26 31.39
N PHE I 14 9.01 -11.23 30.94
CA PHE I 14 9.51 -10.28 29.90
C PHE I 14 9.63 -10.91 28.51
N ARG I 15 10.18 -12.12 28.40
CA ARG I 15 10.44 -12.72 27.06
C ARG I 15 9.22 -12.56 26.14
N ARG I 16 8.00 -12.56 26.68
CA ARG I 16 6.78 -12.51 25.84
C ARG I 16 6.63 -11.15 25.16
N THR I 17 6.50 -11.12 23.83
CA THR I 17 6.22 -9.85 23.12
C THR I 17 4.96 -9.25 23.76
N SER I 18 4.07 -10.12 24.26
CA SER I 18 2.87 -9.65 24.97
C SER I 18 3.27 -8.89 26.23
N THR I 19 4.17 -9.46 27.04
CA THR I 19 4.52 -8.82 28.34
C THR I 19 5.14 -7.45 28.08
N PHE I 20 5.84 -7.30 26.96
CA PHE I 20 6.39 -5.96 26.61
C PHE I 20 5.27 -4.93 26.76
N ALA I 21 4.02 -5.33 26.47
CA ALA I 21 2.86 -4.41 26.62
C ALA I 21 1.95 -4.87 27.76
N LEU I 22 2.25 -6.00 28.42
CA LEU I 22 1.42 -6.37 29.57
C LEU I 22 1.93 -5.84 30.90
N THR I 23 3.17 -5.34 30.94
CA THR I 23 3.66 -4.76 32.18
C THR I 23 3.30 -3.29 32.32
N ILE I 24 2.34 -2.79 31.54
CA ILE I 24 1.49 -1.70 32.00
C ILE I 24 0.33 -2.22 32.84
N ALA I 25 -0.03 -3.49 32.71
CA ALA I 25 -1.21 -4.04 33.36
C ALA I 25 -0.87 -5.15 34.36
N VAL I 26 -0.14 -6.18 33.94
CA VAL I 26 0.18 -7.25 34.89
C VAL I 26 1.39 -6.87 35.73
N GLY I 27 2.36 -6.16 35.15
CA GLY I 27 3.42 -5.58 35.95
C GLY I 27 3.10 -4.19 36.42
N ALA I 28 2.12 -4.03 37.32
CA ALA I 28 1.69 -2.71 37.80
C ALA I 28 1.38 -2.71 39.29
N LEU I 29 2.21 -3.38 40.11
CA LEU I 29 1.91 -3.53 41.53
C LEU I 29 3.18 -3.42 42.40
N PHE I 30 3.04 -3.85 43.65
CA PHE I 30 4.03 -4.24 44.66
C PHE I 30 4.84 -3.10 45.28
N PHE I 31 4.72 -1.86 44.82
CA PHE I 31 5.70 -0.86 45.23
C PHE I 31 5.10 0.48 45.62
N GLU I 32 4.06 0.51 46.46
CA GLU I 32 3.55 1.81 46.88
C GLU I 32 3.85 2.14 48.35
N ARG I 33 3.85 1.17 49.28
CA ARG I 33 4.25 1.50 50.65
C ARG I 33 5.66 1.06 50.96
N ALA I 34 6.30 0.35 50.04
CA ALA I 34 7.77 0.29 50.00
C ALA I 34 8.38 1.64 49.64
N PHE I 35 7.61 2.50 48.96
CA PHE I 35 7.98 3.90 48.75
C PHE I 35 7.02 4.86 49.42
N ASP I 36 6.36 4.42 50.48
CA ASP I 36 5.96 5.32 51.55
C ASP I 36 7.06 5.42 52.59
N GLN I 37 8.10 4.61 52.46
CA GLN I 37 9.42 4.85 53.01
C GLN I 37 10.19 5.81 52.11
N GLY I 38 11.18 6.52 52.64
CA GLY I 38 11.95 7.45 51.84
C GLY I 38 11.22 8.75 51.55
N ALA I 39 10.12 8.64 50.79
CA ALA I 39 9.27 9.76 50.44
C ALA I 39 8.64 10.39 51.67
N ASP I 40 7.97 9.58 52.49
CA ASP I 40 7.35 10.11 53.70
C ASP I 40 8.25 9.89 54.91
N ALA I 41 9.56 9.87 54.69
CA ALA I 41 10.50 9.69 55.78
C ALA I 41 11.56 10.77 55.74
N ILE I 42 11.99 11.14 54.52
CA ILE I 42 12.96 12.23 54.39
C ILE I 42 12.27 13.56 54.16
N TYR I 43 11.01 13.56 53.73
CA TYR I 43 10.24 14.79 53.75
C TYR I 43 9.94 15.21 55.18
N GLU I 44 9.45 14.29 56.00
CA GLU I 44 9.25 14.61 57.42
C GLU I 44 10.49 14.33 58.25
N HIS I 45 11.66 14.74 57.77
CA HIS I 45 12.84 14.74 58.62
C HIS I 45 13.57 16.07 58.47
N ILE I 46 13.59 16.58 57.24
CA ILE I 46 14.12 17.92 56.99
C ILE I 46 13.11 18.94 57.48
N ASN I 47 11.83 18.58 57.43
CA ASN I 47 10.73 19.43 57.89
C ASN I 47 10.39 19.06 59.32
N GLN I 48 11.32 19.29 60.24
CA GLN I 48 11.13 18.84 61.61
C GLN I 48 10.46 19.95 62.42
N GLY I 49 9.22 19.69 62.85
CA GLY I 49 8.49 20.64 63.66
C GLY I 49 7.80 21.75 62.90
N LYS I 50 7.71 21.64 61.57
CA LYS I 50 7.14 22.70 60.75
C LYS I 50 5.78 22.37 60.18
N LEU I 51 5.43 21.10 60.06
CA LEU I 51 4.17 20.75 59.44
C LEU I 51 3.05 20.85 60.46
N TRP I 52 1.83 20.56 60.03
CA TRP I 52 0.68 20.76 60.91
C TRP I 52 0.52 19.64 61.91
N LYS I 53 0.85 18.40 61.54
CA LYS I 53 0.76 17.30 62.50
C LYS I 53 1.93 17.26 63.48
N HIS I 54 2.92 18.13 63.32
CA HIS I 54 3.97 18.24 64.31
C HIS I 54 3.64 19.25 65.40
N ILE I 55 2.64 20.10 65.18
CA ILE I 55 2.31 21.18 66.10
C ILE I 55 0.86 21.14 66.56
N LYS I 56 0.04 20.24 66.03
CA LYS I 56 -1.38 20.28 66.34
C LYS I 56 -1.71 19.80 67.75
N HIS I 57 -0.79 19.11 68.41
CA HIS I 57 -1.04 18.59 69.76
C HIS I 57 -1.15 19.71 70.79
N LYS I 58 -0.57 20.87 70.50
CA LYS I 58 -0.77 22.06 71.33
C LYS I 58 -2.23 22.49 71.35
N TYR I 59 -2.87 22.45 70.19
CA TYR I 59 -4.28 22.93 70.09
C TYR I 59 -5.19 21.75 69.76
N GLU I 60 -4.84 20.65 70.38
CA GLU I 60 -5.72 19.49 70.25
C GLU I 60 -6.47 19.48 71.57
N ASN I 61 -5.84 18.91 72.60
CA ASN I 61 -6.48 18.87 73.95
C ASN I 61 -6.62 20.32 74.42
N LYS I 62 -7.77 20.66 75.01
CA LYS I 62 -8.06 22.05 75.46
C LYS I 62 -7.01 22.49 76.49
N MET J 1 -22.30 -28.35 16.29
CA MET J 1 -21.82 -27.18 15.56
C MET J 1 -20.29 -27.06 15.69
N LEU J 2 -19.79 -27.37 16.89
CA LEU J 2 -18.39 -27.16 17.23
C LEU J 2 -17.67 -28.48 17.49
N SER J 3 -17.84 -29.45 16.57
CA SER J 3 -17.09 -30.71 16.56
C SER J 3 -15.63 -30.54 16.15
N ARG J 4 -15.14 -29.30 15.97
CA ARG J 4 -13.72 -29.00 16.03
C ARG J 4 -13.11 -29.40 17.38
N PHE J 5 -13.90 -29.32 18.44
CA PHE J 5 -13.52 -29.65 19.81
C PHE J 5 -13.41 -31.15 20.06
N LEU J 6 -14.18 -31.98 19.34
CA LEU J 6 -14.26 -33.42 19.59
C LEU J 6 -13.18 -34.14 18.80
N GLY J 7 -12.41 -35.00 19.47
CA GLY J 7 -11.42 -35.82 18.82
C GLY J 7 -10.68 -36.70 19.80
N PRO J 8 -10.15 -37.83 19.33
CA PRO J 8 -9.30 -38.65 20.22
C PRO J 8 -7.94 -38.03 20.51
N ARG J 9 -7.49 -37.05 19.73
CA ARG J 9 -6.19 -36.44 19.97
C ARG J 9 -6.19 -34.92 19.78
N TYR J 10 -7.30 -34.25 20.09
CA TYR J 10 -7.27 -32.81 20.31
C TYR J 10 -7.23 -32.46 21.79
N ARG J 11 -7.69 -33.36 22.65
CA ARG J 11 -7.62 -33.22 24.09
C ARG J 11 -6.21 -33.44 24.63
N GLU J 12 -5.27 -33.87 23.77
CA GLU J 12 -3.84 -33.85 24.06
C GLU J 12 -3.35 -32.45 24.38
N LEU J 13 -3.95 -31.43 23.76
CA LEU J 13 -3.50 -30.04 23.85
C LEU J 13 -4.01 -29.32 25.09
N ALA J 14 -4.79 -29.99 25.94
CA ALA J 14 -5.35 -29.33 27.11
C ALA J 14 -4.62 -29.65 28.41
N ARG J 15 -4.25 -30.91 28.64
CA ARG J 15 -3.78 -31.32 29.96
C ARG J 15 -2.35 -30.86 30.24
N ASN J 16 -1.63 -30.33 29.25
CA ASN J 16 -0.42 -29.58 29.50
C ASN J 16 -0.61 -28.07 29.32
N TRP J 17 -1.79 -27.63 28.91
CA TRP J 17 -2.14 -26.22 28.87
C TRP J 17 -2.70 -25.74 30.20
N ILE J 18 -3.34 -26.64 30.95
CA ILE J 18 -3.87 -26.27 32.28
C ILE J 18 -2.79 -26.03 33.32
N PRO J 19 -1.66 -26.78 33.39
CA PRO J 19 -0.55 -26.32 34.26
C PRO J 19 0.02 -24.94 33.92
N THR J 20 -0.19 -24.44 32.70
CA THR J 20 0.00 -23.02 32.43
C THR J 20 -1.24 -22.22 32.84
N ALA J 21 -2.43 -22.72 32.49
CA ALA J 21 -3.68 -21.95 32.74
C ALA J 21 -3.89 -21.71 34.24
N SER J 22 -3.73 -22.65 35.09
CA SER J 22 -4.09 -22.59 36.54
C SER J 22 -3.50 -21.36 37.23
N MET J 23 -2.37 -20.94 36.66
CA MET J 23 -1.71 -19.82 37.31
C MET J 23 -2.18 -18.45 36.83
N TRP J 24 -2.63 -18.29 35.58
CA TRP J 24 -3.23 -17.01 35.25
C TRP J 24 -4.68 -16.89 35.71
N GLY J 25 -5.25 -17.92 36.33
CA GLY J 25 -6.51 -17.73 37.03
C GLY J 25 -6.37 -16.89 38.27
N ALA J 26 -5.16 -16.77 38.82
CA ALA J 26 -4.88 -15.99 40.01
C ALA J 26 -4.08 -14.72 39.73
N VAL J 27 -3.98 -14.26 38.48
CA VAL J 27 -3.39 -12.94 38.23
C VAL J 27 -4.36 -11.84 38.67
N GLY J 28 -5.64 -12.18 38.81
CA GLY J 28 -6.55 -11.27 39.47
C GLY J 28 -6.46 -11.37 40.98
N ALA J 29 -6.06 -12.54 41.48
CA ALA J 29 -5.89 -12.76 42.91
C ALA J 29 -4.68 -12.04 43.47
N VAL J 30 -3.82 -11.51 42.61
CA VAL J 30 -2.83 -10.52 43.04
C VAL J 30 -3.06 -9.17 42.38
N GLY J 31 -3.36 -9.11 41.09
CA GLY J 31 -3.39 -7.85 40.37
C GLY J 31 -4.50 -6.87 40.70
N LEU J 32 -5.76 -7.31 40.64
CA LEU J 32 -6.88 -6.44 40.99
C LEU J 32 -7.19 -6.41 42.47
N VAL J 33 -6.57 -7.29 43.26
CA VAL J 33 -6.60 -7.13 44.71
C VAL J 33 -5.84 -5.87 45.11
N TRP J 34 -4.71 -5.61 44.45
CA TRP J 34 -3.98 -4.36 44.66
C TRP J 34 -4.77 -3.18 44.13
N ALA J 35 -5.16 -3.26 42.86
CA ALA J 35 -5.31 -2.09 42.00
C ALA J 35 -6.55 -1.26 42.30
N THR J 36 -7.60 -1.89 42.83
CA THR J 36 -8.76 -1.11 43.24
C THR J 36 -8.65 -0.70 44.71
N ASP J 37 -7.61 -1.16 45.41
CA ASP J 37 -7.48 -1.16 46.87
C ASP J 37 -8.72 -1.81 47.49
N TRP J 38 -8.90 -3.08 47.16
CA TRP J 38 -10.08 -3.79 47.55
C TRP J 38 -10.02 -4.22 49.01
N ARG J 39 -11.19 -4.27 49.64
CA ARG J 39 -11.47 -4.69 51.01
C ARG J 39 -11.42 -6.19 51.20
N LEU J 40 -11.15 -6.95 50.13
CA LEU J 40 -11.40 -8.39 50.15
C LEU J 40 -10.35 -9.15 50.96
N ILE J 41 -9.12 -9.19 50.45
CA ILE J 41 -8.09 -10.14 50.88
C ILE J 41 -6.88 -9.39 51.49
N LEU J 42 -7.15 -8.30 52.20
CA LEU J 42 -6.05 -7.53 52.79
C LEU J 42 -5.68 -8.04 54.18
N ASP J 43 -6.69 -8.37 55.00
CA ASP J 43 -6.45 -8.91 56.34
C ASP J 43 -6.21 -10.41 56.34
N TRP J 44 -6.03 -11.00 55.16
CA TRP J 44 -5.71 -12.42 55.01
C TRP J 44 -4.24 -12.69 55.30
N VAL J 45 -3.37 -11.87 54.73
CA VAL J 45 -1.93 -11.89 55.03
C VAL J 45 -1.65 -10.94 56.18
N PRO J 46 -0.88 -11.35 57.18
CA PRO J 46 -0.63 -10.49 58.35
C PRO J 46 0.46 -9.45 58.14
N TYR J 47 1.01 -9.36 56.93
CA TYR J 47 2.05 -8.38 56.66
C TYR J 47 1.48 -7.09 56.10
N ILE J 48 0.37 -7.17 55.37
CA ILE J 48 -0.10 -6.05 54.57
C ILE J 48 -1.39 -5.54 55.19
N ASN J 49 -1.27 -4.52 56.04
CA ASN J 49 -2.41 -3.81 56.62
C ASN J 49 -2.06 -2.32 56.76
N MET K 1 18.59 -63.32 -19.41
CA MET K 1 20.02 -62.95 -19.49
C MET K 1 20.26 -61.67 -18.73
N LEU K 2 21.41 -61.10 -18.97
CA LEU K 2 21.76 -60.05 -18.03
C LEU K 2 20.95 -58.79 -18.24
N SER K 3 21.23 -57.85 -17.36
CA SER K 3 20.54 -56.55 -17.44
C SER K 3 21.50 -55.63 -18.12
N VAL K 4 21.29 -54.35 -17.88
CA VAL K 4 22.06 -53.34 -18.58
C VAL K 4 22.90 -52.61 -17.54
N ALA K 5 22.70 -52.94 -16.27
CA ALA K 5 23.56 -52.38 -15.22
C ALA K 5 24.85 -53.21 -15.25
N SER K 6 24.81 -54.42 -15.79
CA SER K 6 26.02 -55.21 -16.10
C SER K 6 26.30 -55.01 -17.59
N ARG K 7 27.45 -54.40 -17.89
CA ARG K 7 27.82 -53.92 -19.24
C ARG K 7 27.35 -52.50 -18.98
N SER K 8 27.99 -51.78 -18.04
CA SER K 8 27.50 -50.45 -17.55
C SER K 8 26.62 -49.69 -18.54
N GLY K 9 27.14 -48.71 -19.31
CA GLY K 9 26.52 -47.97 -20.44
C GLY K 9 25.18 -47.31 -20.39
N PRO K 10 24.15 -48.04 -20.78
CA PRO K 10 22.85 -47.48 -20.87
C PRO K 10 22.66 -46.71 -19.59
N PHE K 11 22.22 -45.49 -19.64
CA PHE K 11 21.98 -44.64 -18.49
C PHE K 11 20.64 -45.09 -18.06
N ALA K 12 20.35 -44.78 -16.82
CA ALA K 12 19.04 -45.14 -16.25
C ALA K 12 18.54 -43.99 -15.43
N PRO K 13 17.25 -43.68 -15.43
CA PRO K 13 16.67 -42.74 -14.53
C PRO K 13 15.75 -43.29 -13.44
N VAL K 14 15.94 -42.74 -12.27
CA VAL K 14 15.14 -43.13 -11.05
C VAL K 14 14.30 -41.97 -10.49
N LEU K 15 13.08 -42.24 -10.18
CA LEU K 15 12.17 -41.23 -9.52
C LEU K 15 11.65 -41.60 -8.12
N SER K 16 11.80 -40.76 -7.11
CA SER K 16 11.16 -41.08 -5.77
C SER K 16 10.07 -40.26 -5.16
N ALA K 17 8.86 -40.80 -5.00
CA ALA K 17 7.76 -40.07 -4.33
C ALA K 17 8.11 -39.81 -2.86
N THR K 18 9.39 -39.90 -2.49
CA THR K 18 9.78 -39.74 -1.06
C THR K 18 11.25 -39.33 -0.94
N SER K 19 12.03 -39.48 -2.01
CA SER K 19 13.48 -39.18 -1.97
C SER K 19 13.88 -38.42 -3.24
N ARG K 20 15.17 -38.17 -3.48
CA ARG K 20 15.50 -37.33 -4.67
C ARG K 20 15.56 -38.08 -6.03
N GLY K 21 14.84 -37.67 -7.09
CA GLY K 21 14.97 -38.14 -8.50
C GLY K 21 16.39 -38.34 -9.00
N VAL K 22 16.73 -39.45 -9.67
CA VAL K 22 18.17 -39.71 -10.06
C VAL K 22 18.37 -40.29 -11.49
N ALA K 23 19.59 -40.22 -11.96
CA ALA K 23 20.00 -40.77 -13.28
C ALA K 23 21.38 -41.39 -13.10
N GLY K 24 21.59 -42.62 -13.58
CA GLY K 24 22.99 -43.09 -13.50
C GLY K 24 23.39 -44.47 -13.91
N ALA K 25 22.55 -45.31 -14.51
CA ALA K 25 22.97 -46.73 -14.82
C ALA K 25 24.45 -46.74 -15.19
N LEU K 26 24.88 -45.76 -16.00
CA LEU K 26 26.32 -45.49 -16.25
C LEU K 26 26.47 -44.05 -16.74
N ARG K 27 26.83 -43.12 -15.85
CA ARG K 27 27.13 -41.72 -16.23
C ARG K 27 28.22 -41.14 -15.35
N PRO K 28 28.93 -41.84 -14.42
CA PRO K 28 29.89 -41.18 -13.54
C PRO K 28 31.25 -41.03 -14.23
N LEU K 29 31.48 -41.78 -15.31
CA LEU K 29 32.81 -41.76 -15.99
C LEU K 29 33.87 -41.53 -14.91
N VAL K 30 34.02 -42.45 -13.95
CA VAL K 30 34.97 -42.24 -12.81
C VAL K 30 36.38 -41.98 -13.36
N GLN K 31 37.29 -41.49 -12.51
CA GLN K 31 38.65 -41.09 -12.98
C GLN K 31 38.55 -39.82 -13.82
N ALA K 32 37.35 -39.28 -14.01
CA ALA K 32 37.17 -37.99 -14.71
C ALA K 32 37.23 -36.88 -13.68
N ALA K 33 37.20 -37.25 -12.39
CA ALA K 33 37.34 -36.25 -11.31
C ALA K 33 38.83 -35.98 -11.10
N LEU K 34 39.67 -36.96 -11.46
CA LEU K 34 41.14 -36.75 -11.37
C LEU K 34 41.49 -35.45 -12.08
N PRO K 35 41.12 -35.21 -13.37
CA PRO K 35 41.34 -33.90 -14.00
C PRO K 35 41.12 -32.78 -12.99
N ALA K 36 42.14 -31.93 -12.80
CA ALA K 36 42.05 -30.85 -11.77
C ALA K 36 40.97 -29.82 -12.12
N THR K 37 40.71 -28.90 -11.19
CA THR K 37 39.70 -27.82 -11.41
C THR K 37 38.38 -28.40 -11.91
N SER K 38 38.06 -29.65 -11.57
CA SER K 38 36.72 -30.20 -11.92
C SER K 38 35.71 -29.64 -10.91
N GLU K 39 35.53 -28.32 -10.89
CA GLU K 39 34.63 -27.67 -9.88
C GLU K 39 33.28 -28.40 -9.84
N SER K 40 32.83 -28.76 -8.64
CA SER K 40 31.54 -29.48 -8.47
C SER K 40 30.38 -28.62 -8.98
N PRO K 41 29.58 -29.09 -9.96
CA PRO K 41 28.42 -28.36 -10.44
C PRO K 41 27.34 -28.25 -9.35
N VAL K 42 27.12 -27.04 -8.84
CA VAL K 42 26.10 -26.83 -7.77
C VAL K 42 24.73 -27.21 -8.31
N LEU K 43 24.09 -28.24 -7.73
CA LEU K 43 22.72 -28.63 -8.17
C LEU K 43 21.75 -27.51 -7.81
N ASP K 44 20.96 -27.03 -8.79
CA ASP K 44 19.94 -26.00 -8.50
C ASP K 44 18.94 -26.57 -7.49
N ALA K 45 18.34 -27.73 -7.83
CA ALA K 45 17.39 -28.38 -6.91
C ALA K 45 18.12 -28.84 -5.64
N LYS K 46 19.45 -28.80 -5.65
CA LYS K 46 20.26 -29.24 -4.48
C LYS K 46 19.74 -30.62 -4.03
N ARG K 47 19.60 -31.55 -4.96
CA ARG K 47 19.08 -32.91 -4.63
C ARG K 47 20.24 -33.78 -4.14
N SER K 48 19.98 -35.06 -3.87
CA SER K 48 21.03 -35.94 -3.31
C SER K 48 21.70 -35.25 -2.12
N PHE K 49 20.93 -34.56 -1.27
CA PHE K 49 21.49 -33.92 -0.06
C PHE K 49 22.32 -34.96 0.67
N LEU K 50 23.65 -34.99 0.45
CA LEU K 50 24.48 -36.06 1.04
C LEU K 50 23.76 -37.39 0.75
N CYS K 51 23.43 -37.66 -0.52
CA CYS K 51 22.65 -38.88 -0.88
C CYS K 51 21.52 -39.08 0.14
N ARG K 52 20.68 -38.06 0.34
CA ARG K 52 19.56 -38.14 1.32
C ARG K 52 20.06 -38.81 2.62
N GLU K 53 21.16 -38.29 3.19
CA GLU K 53 21.66 -38.83 4.48
C GLU K 53 20.61 -38.57 5.56
N SER K 54 19.88 -37.45 5.44
CA SER K 54 18.79 -37.15 6.40
C SER K 54 17.99 -38.42 6.65
N LEU K 55 17.94 -38.89 7.90
CA LEU K 55 17.18 -40.12 8.27
C LEU K 55 17.73 -41.33 7.50
N SER K 56 19.02 -41.62 7.65
CA SER K 56 19.64 -42.82 7.01
C SER K 56 20.73 -43.38 7.92
N GLY K 57 20.36 -44.21 8.89
CA GLY K 57 21.33 -44.76 9.85
C GLY K 57 20.67 -45.26 11.12
N THR L 1 3.87 8.28 -15.77
CA THR L 1 4.07 9.72 -15.72
C THR L 1 2.68 10.33 -15.65
N ASN L 2 1.69 9.46 -15.52
CA ASN L 2 0.37 9.83 -15.01
C ASN L 2 0.52 10.19 -13.54
N ILE L 3 0.27 11.47 -13.20
CA ILE L 3 0.53 11.93 -11.83
C ILE L 3 -0.52 11.41 -10.86
N ARG L 4 -1.66 10.94 -11.35
CA ARG L 4 -2.68 10.29 -10.55
C ARG L 4 -2.28 8.91 -10.10
N LYS L 5 -1.20 8.34 -10.64
CA LYS L 5 -0.78 6.99 -10.33
C LYS L 5 0.56 6.89 -9.64
N SER L 6 1.30 7.98 -9.50
CA SER L 6 2.65 7.91 -8.97
C SER L 6 2.92 8.88 -7.83
N HIS L 7 2.03 9.83 -7.54
CA HIS L 7 2.23 10.75 -6.44
C HIS L 7 1.88 10.07 -5.12
N PRO L 8 2.70 10.25 -4.07
CA PRO L 8 2.47 9.52 -2.81
C PRO L 8 1.16 9.81 -2.10
N LEU L 9 0.69 11.06 -2.10
CA LEU L 9 -0.66 11.32 -1.59
C LEU L 9 -1.72 10.89 -2.57
N MET L 10 -1.50 11.13 -3.85
CA MET L 10 -2.57 11.03 -4.83
C MET L 10 -2.87 9.58 -5.19
N LYS L 11 -1.87 8.68 -5.00
CA LYS L 11 -2.08 7.24 -5.17
C LYS L 11 -3.18 6.71 -4.25
N ILE L 12 -3.18 7.14 -3.00
CA ILE L 12 -4.11 6.61 -2.01
C ILE L 12 -5.52 7.03 -2.32
N ILE L 13 -5.70 8.27 -2.78
CA ILE L 13 -7.01 8.77 -3.19
C ILE L 13 -7.46 8.09 -4.47
N ASN L 14 -6.52 7.87 -5.40
CA ASN L 14 -6.82 7.25 -6.68
C ASN L 14 -7.20 5.78 -6.52
N ASN L 15 -6.55 5.08 -5.59
CA ASN L 15 -6.85 3.67 -5.36
C ASN L 15 -8.18 3.49 -4.64
N ALA L 16 -8.55 4.43 -3.77
CA ALA L 16 -9.72 4.27 -2.93
C ALA L 16 -11.00 4.82 -3.54
N PHE L 17 -10.94 5.90 -4.30
CA PHE L 17 -12.15 6.57 -4.78
C PHE L 17 -12.27 6.73 -6.29
N ILE L 18 -11.17 6.70 -7.04
CA ILE L 18 -11.20 7.06 -8.46
C ILE L 18 -11.18 5.80 -9.32
N ASP L 19 -10.11 5.01 -9.22
CA ASP L 19 -9.89 3.85 -10.07
C ASP L 19 -10.37 2.55 -9.45
N LEU L 20 -11.14 2.62 -8.37
CA LEU L 20 -11.59 1.44 -7.65
C LEU L 20 -12.55 0.61 -8.49
N PRO L 21 -12.35 -0.70 -8.62
CA PRO L 21 -13.34 -1.52 -9.30
C PRO L 21 -14.58 -1.71 -8.44
N ALA L 22 -15.73 -1.38 -9.01
CA ALA L 22 -17.01 -1.43 -8.33
C ALA L 22 -17.97 -2.25 -9.18
N PRO L 23 -18.89 -2.98 -8.56
CA PRO L 23 -19.90 -3.70 -9.34
C PRO L 23 -20.77 -2.73 -10.14
N SER L 24 -21.28 -3.19 -11.26
CA SER L 24 -22.03 -2.30 -12.12
C SER L 24 -23.49 -2.16 -11.71
N ASN L 25 -24.04 -3.09 -10.92
CA ASN L 25 -25.46 -3.10 -10.61
C ASN L 25 -25.78 -2.68 -9.18
N ILE L 26 -24.92 -1.86 -8.56
CA ILE L 26 -25.12 -1.29 -7.23
C ILE L 26 -26.35 -0.36 -7.19
N SER L 27 -27.31 -0.64 -6.31
CA SER L 27 -28.54 0.13 -6.24
C SER L 27 -28.51 1.28 -5.25
N SER L 28 -29.68 1.83 -4.92
CA SER L 28 -29.77 3.04 -4.11
C SER L 28 -29.47 2.79 -2.63
N TRP L 29 -29.62 1.54 -2.17
CA TRP L 29 -29.35 1.19 -0.78
C TRP L 29 -27.88 1.26 -0.40
N TRP L 30 -26.98 1.35 -1.38
CA TRP L 30 -25.57 1.53 -1.11
C TRP L 30 -25.19 2.99 -0.97
N ASN L 31 -26.18 3.89 -0.99
CA ASN L 31 -25.90 5.31 -0.85
C ASN L 31 -25.89 5.76 0.61
N PHE L 32 -26.53 5.02 1.50
CA PHE L 32 -26.70 5.41 2.88
C PHE L 32 -25.46 5.23 3.74
N GLY L 33 -24.35 4.79 3.17
CA GLY L 33 -23.12 4.65 3.92
C GLY L 33 -22.31 5.91 3.80
N SER L 34 -22.44 6.60 2.67
CA SER L 34 -21.86 7.93 2.53
C SER L 34 -22.76 9.01 3.14
N LEU L 35 -24.06 8.75 3.27
CA LEU L 35 -24.93 9.67 3.99
C LEU L 35 -24.67 9.62 5.49
N LEU L 36 -24.18 8.50 6.02
CA LEU L 36 -23.75 8.44 7.41
C LEU L 36 -22.48 9.23 7.65
N GLY L 37 -21.60 9.31 6.65
CA GLY L 37 -20.43 10.15 6.76
C GLY L 37 -20.72 11.61 6.51
N ILE L 38 -21.85 11.92 5.88
CA ILE L 38 -22.32 13.30 5.77
C ILE L 38 -22.94 13.75 7.08
N CYS L 39 -23.78 12.90 7.66
CA CYS L 39 -24.44 13.21 8.93
C CYS L 39 -23.44 13.30 10.07
N LEU L 40 -22.30 12.63 9.99
CA LEU L 40 -21.32 12.66 11.05
C LEU L 40 -20.50 13.94 11.04
N ILE L 41 -20.13 14.46 9.87
CA ILE L 41 -19.35 15.69 9.81
C ILE L 41 -20.22 16.89 10.18
N LEU L 42 -21.51 16.83 9.86
CA LEU L 42 -22.44 17.88 10.21
C LEU L 42 -22.65 17.98 11.72
N GLN L 43 -22.78 16.84 12.41
CA GLN L 43 -22.94 16.85 13.86
C GLN L 43 -21.66 17.29 14.58
N ILE L 44 -20.51 17.20 13.94
CA ILE L 44 -19.28 17.61 14.61
C ILE L 44 -19.09 19.11 14.49
N LEU L 45 -19.45 19.68 13.34
CA LEU L 45 -19.30 21.13 13.14
C LEU L 45 -20.33 21.91 13.94
N THR L 46 -21.58 21.45 13.89
CA THR L 46 -22.66 22.09 14.64
C THR L 46 -22.44 21.95 16.15
N GLY L 47 -21.90 20.81 16.59
CA GLY L 47 -21.64 20.58 18.00
C GLY L 47 -20.53 21.40 18.59
N LEU L 48 -19.57 21.83 17.78
CA LEU L 48 -18.50 22.66 18.30
C LEU L 48 -18.91 24.11 18.49
N PHE L 49 -19.91 24.58 17.74
CA PHE L 49 -20.47 25.90 17.99
C PHE L 49 -21.27 25.91 19.28
N LEU L 50 -22.08 24.86 19.51
CA LEU L 50 -22.89 24.77 20.71
C LEU L 50 -22.07 24.56 21.97
N ALA L 51 -20.83 24.09 21.85
CA ALA L 51 -19.98 23.92 23.02
C ALA L 51 -19.31 25.21 23.45
N MET L 52 -19.29 26.24 22.61
CA MET L 52 -18.70 27.51 23.01
C MET L 52 -19.59 28.33 23.93
N HIS L 53 -20.87 28.00 24.00
CA HIS L 53 -21.82 28.78 24.77
C HIS L 53 -22.51 28.00 25.88
N TYR L 54 -22.30 26.69 25.98
CA TYR L 54 -22.93 25.87 27.00
C TYR L 54 -22.17 25.97 28.33
N THR L 55 -22.91 25.86 29.43
CA THR L 55 -22.33 25.83 30.77
C THR L 55 -22.86 24.62 31.52
N SER L 56 -21.96 23.75 31.97
CA SER L 56 -22.33 22.52 32.67
C SER L 56 -22.45 22.82 34.16
N ASP L 57 -23.68 23.03 34.61
CA ASP L 57 -24.03 23.42 35.97
C ASP L 57 -25.52 23.21 36.10
N THR L 58 -25.96 22.43 37.09
CA THR L 58 -27.37 22.06 37.17
C THR L 58 -28.29 23.21 37.58
N THR L 59 -27.75 24.37 37.91
CA THR L 59 -28.54 25.57 38.15
C THR L 59 -28.64 26.47 36.92
N THR L 60 -27.67 26.39 36.01
CA THR L 60 -27.67 27.33 34.85
C THR L 60 -27.83 26.61 33.50
N ALA L 61 -27.73 25.27 33.47
CA ALA L 61 -27.77 24.55 32.18
C ALA L 61 -28.97 24.97 31.32
N PHE L 62 -30.19 24.87 31.86
CA PHE L 62 -31.38 25.15 31.07
C PHE L 62 -31.39 26.58 30.55
N SER L 63 -30.69 27.49 31.21
CA SER L 63 -30.64 28.88 30.78
C SER L 63 -29.55 29.14 29.76
N SER L 64 -28.50 28.31 29.74
CA SER L 64 -27.49 28.45 28.70
C SER L 64 -28.02 28.06 27.33
N VAL L 65 -28.99 27.16 27.29
CA VAL L 65 -29.54 26.70 26.03
C VAL L 65 -30.52 27.71 25.45
N THR L 66 -31.32 28.35 26.31
CA THR L 66 -32.21 29.42 25.86
C THR L 66 -31.46 30.67 25.44
N HIS L 67 -30.23 30.85 25.91
CA HIS L 67 -29.42 32.01 25.54
C HIS L 67 -28.99 31.96 24.08
N ILE L 68 -28.73 30.77 23.54
CA ILE L 68 -28.36 30.66 22.13
C ILE L 68 -29.60 30.79 21.24
N CYS L 69 -30.75 30.25 21.67
CA CYS L 69 -31.97 30.33 20.89
C CYS L 69 -32.59 31.72 20.86
N ARG L 70 -32.16 32.63 21.72
CA ARG L 70 -32.72 33.97 21.76
C ARG L 70 -31.71 35.07 21.52
N ASP L 71 -30.48 34.93 22.00
CA ASP L 71 -29.53 36.03 21.95
C ASP L 71 -28.45 35.89 20.89
N VAL L 72 -27.88 34.70 20.73
CA VAL L 72 -26.73 34.50 19.85
C VAL L 72 -27.20 34.45 18.40
N ASN L 73 -26.42 35.05 17.50
CA ASN L 73 -26.76 35.13 16.09
C ASN L 73 -26.69 33.76 15.43
N TYR L 74 -27.75 33.41 14.69
CA TYR L 74 -28.02 32.12 14.08
C TYR L 74 -28.15 30.97 15.08
N GLY L 75 -28.29 31.27 16.38
CA GLY L 75 -28.30 30.20 17.36
C GLY L 75 -29.54 29.33 17.30
N TRP L 76 -30.64 29.89 16.80
CA TRP L 76 -31.84 29.08 16.65
C TRP L 76 -31.73 28.12 15.46
N VAL L 77 -30.99 28.47 14.42
CA VAL L 77 -30.88 27.55 13.29
C VAL L 77 -29.78 26.50 13.54
N ILE L 78 -28.77 26.82 14.36
CA ILE L 78 -27.72 25.86 14.62
C ILE L 78 -28.14 24.87 15.69
N ARG L 79 -28.91 25.31 16.69
CA ARG L 79 -29.39 24.36 17.69
C ARG L 79 -30.39 23.38 17.09
N TYR L 80 -31.33 23.85 16.28
CA TYR L 80 -32.33 22.94 15.76
C TYR L 80 -31.82 22.11 14.58
N LEU L 81 -30.69 22.49 13.99
CA LEU L 81 -29.96 21.56 13.14
C LEU L 81 -29.45 20.36 13.91
N HIS L 82 -28.91 20.61 15.10
CA HIS L 82 -28.26 19.56 15.88
C HIS L 82 -29.26 18.55 16.43
N ALA L 83 -30.40 19.01 16.94
CA ALA L 83 -31.40 18.10 17.45
C ALA L 83 -32.08 17.31 16.34
N ASN L 84 -32.16 17.87 15.14
CA ASN L 84 -32.74 17.17 14.01
C ASN L 84 -31.71 16.46 13.17
N GLY L 85 -30.44 16.86 13.24
CA GLY L 85 -29.40 16.14 12.54
C GLY L 85 -28.94 14.88 13.25
N ALA L 86 -29.52 14.59 14.42
CA ALA L 86 -29.30 13.32 15.08
C ALA L 86 -30.43 12.35 14.83
N SER L 87 -31.62 12.83 14.50
CA SER L 87 -32.67 11.94 14.03
C SER L 87 -32.38 11.43 12.62
N MET L 88 -31.63 12.20 11.84
CA MET L 88 -31.27 11.80 10.49
C MET L 88 -30.12 10.79 10.50
N PHE L 89 -29.18 10.94 11.43
CA PHE L 89 -28.14 9.94 11.68
C PHE L 89 -28.75 8.58 12.02
N PHE L 90 -29.80 8.57 12.83
CA PHE L 90 -30.36 7.31 13.28
C PHE L 90 -31.29 6.68 12.28
N ILE L 91 -31.85 7.46 11.34
CA ILE L 91 -32.65 6.82 10.31
C ILE L 91 -31.76 6.26 9.21
N CYS L 92 -30.59 6.87 8.99
CA CYS L 92 -29.65 6.33 8.02
C CYS L 92 -28.97 5.08 8.57
N LEU L 93 -28.78 5.02 9.89
CA LEU L 93 -28.10 3.90 10.53
C LEU L 93 -28.95 2.64 10.53
N PHE L 94 -30.26 2.77 10.62
CA PHE L 94 -31.10 1.58 10.65
C PHE L 94 -31.39 1.05 9.26
N ILE L 95 -31.32 1.91 8.24
CA ILE L 95 -31.40 1.44 6.86
C ILE L 95 -30.11 0.75 6.46
N HIS L 96 -28.98 1.25 6.96
CA HIS L 96 -27.68 0.68 6.64
C HIS L 96 -27.49 -0.71 7.23
N VAL L 97 -28.00 -0.95 8.44
CA VAL L 97 -27.88 -2.25 9.07
C VAL L 97 -28.84 -3.24 8.42
N GLY L 98 -30.02 -2.80 8.02
CA GLY L 98 -30.96 -3.68 7.35
C GLY L 98 -30.57 -4.04 5.93
N ARG L 99 -29.72 -3.23 5.29
CA ARG L 99 -29.15 -3.59 4.00
C ARG L 99 -28.18 -4.75 4.14
N GLY L 100 -27.20 -4.62 5.04
CA GLY L 100 -26.19 -5.63 5.26
C GLY L 100 -26.74 -6.93 5.80
N LEU L 101 -27.91 -6.91 6.42
CA LEU L 101 -28.56 -8.11 6.88
C LEU L 101 -29.31 -8.80 5.76
N TYR L 102 -29.83 -8.03 4.80
CA TYR L 102 -30.65 -8.56 3.71
C TYR L 102 -29.78 -9.17 2.60
N TYR L 103 -28.71 -8.48 2.22
CA TYR L 103 -27.89 -8.91 1.10
C TYR L 103 -26.71 -9.75 1.54
N GLY L 104 -26.71 -10.22 2.79
CA GLY L 104 -25.70 -11.13 3.29
C GLY L 104 -24.36 -10.51 3.51
N SER L 105 -24.29 -9.20 3.71
CA SER L 105 -23.00 -8.52 3.74
C SER L 105 -22.20 -8.78 5.01
N TYR L 106 -22.77 -9.47 6.00
CA TYR L 106 -22.05 -9.80 7.23
C TYR L 106 -20.96 -10.84 7.03
N MET L 107 -20.92 -11.51 5.86
CA MET L 107 -19.85 -12.43 5.51
C MET L 107 -18.49 -11.77 5.39
N PHE L 108 -18.42 -10.45 5.27
CA PHE L 108 -17.17 -9.73 5.47
C PHE L 108 -17.05 -9.57 6.98
N LEU L 109 -16.42 -10.55 7.63
CA LEU L 109 -16.50 -10.70 9.09
C LEU L 109 -15.78 -9.57 9.82
N GLU L 110 -14.62 -9.15 9.32
CA GLU L 110 -13.90 -8.09 10.00
C GLU L 110 -14.56 -6.74 9.79
N THR L 111 -15.33 -6.58 8.71
CA THR L 111 -16.07 -5.34 8.47
C THR L 111 -17.33 -5.30 9.32
N TRP L 112 -18.03 -6.42 9.43
CA TRP L 112 -19.28 -6.49 10.18
C TRP L 112 -19.07 -6.35 11.68
N ASN L 113 -17.96 -6.82 12.22
CA ASN L 113 -17.73 -6.79 13.66
C ASN L 113 -17.38 -5.39 14.15
N ILE L 114 -16.64 -4.63 13.35
CA ILE L 114 -16.39 -3.22 13.67
C ILE L 114 -17.68 -2.40 13.55
N GLY L 115 -18.61 -2.84 12.70
CA GLY L 115 -19.90 -2.19 12.62
C GLY L 115 -20.71 -2.30 13.89
N VAL L 116 -20.72 -3.47 14.54
CA VAL L 116 -21.46 -3.65 15.78
C VAL L 116 -20.84 -2.84 16.91
N VAL L 117 -19.53 -2.59 16.85
CA VAL L 117 -18.90 -1.67 17.79
C VAL L 117 -19.34 -0.24 17.51
N LEU L 118 -19.59 0.11 16.25
CA LEU L 118 -20.04 1.45 15.91
C LEU L 118 -21.49 1.68 16.33
N LEU L 119 -22.28 0.63 16.42
CA LEU L 119 -23.67 0.77 16.85
C LEU L 119 -23.79 1.00 18.35
N PHE L 120 -22.83 0.54 19.16
CA PHE L 120 -22.82 0.82 20.58
C PHE L 120 -22.35 2.24 20.88
N THR L 121 -21.28 2.68 20.24
CA THR L 121 -20.70 3.99 20.51
C THR L 121 -21.56 5.14 20.02
N VAL L 122 -22.45 4.88 19.07
CA VAL L 122 -23.40 5.89 18.63
C VAL L 122 -24.58 5.99 19.58
N MET L 123 -25.14 4.88 20.02
CA MET L 123 -26.25 4.86 20.96
C MET L 123 -25.86 5.38 22.34
N ALA L 124 -24.59 5.33 22.69
CA ALA L 124 -24.16 5.87 23.98
C ALA L 124 -23.89 7.37 23.90
N THR L 125 -23.46 7.88 22.75
CA THR L 125 -23.20 9.30 22.59
C THR L 125 -24.48 10.12 22.55
N ALA L 126 -25.52 9.60 21.92
CA ALA L 126 -26.79 10.31 21.89
C ALA L 126 -27.51 10.27 23.24
N PHE L 127 -27.07 9.42 24.18
CA PHE L 127 -27.63 9.43 25.52
C PHE L 127 -26.99 10.51 26.37
N MET L 128 -25.68 10.69 26.25
CA MET L 128 -24.99 11.67 27.09
C MET L 128 -25.34 13.10 26.70
N GLY L 129 -25.80 13.33 25.47
CA GLY L 129 -26.10 14.66 25.01
C GLY L 129 -27.52 15.08 25.29
N TYR L 130 -28.43 14.12 25.44
CA TYR L 130 -29.80 14.48 25.77
C TYR L 130 -29.98 14.85 27.22
N VAL L 131 -29.11 14.39 28.10
CA VAL L 131 -29.16 14.79 29.50
C VAL L 131 -28.69 16.23 29.68
N LEU L 132 -27.85 16.72 28.79
CA LEU L 132 -27.24 18.06 28.86
C LEU L 132 -28.18 19.28 28.79
N PRO L 133 -29.32 19.29 28.06
CA PRO L 133 -30.24 20.43 28.20
C PRO L 133 -30.88 20.58 29.57
N TRP L 134 -30.96 19.49 30.35
CA TRP L 134 -31.33 19.52 31.77
C TRP L 134 -32.76 20.03 31.98
N GLY L 135 -33.70 19.33 31.36
CA GLY L 135 -35.09 19.56 31.59
C GLY L 135 -35.74 18.38 32.28
N GLN L 136 -37.06 18.34 32.21
CA GLN L 136 -37.80 17.31 32.92
C GLN L 136 -37.72 15.94 32.25
N MET L 137 -37.27 15.85 31.01
CA MET L 137 -36.97 14.56 30.39
C MET L 137 -35.51 14.19 30.50
N SER L 138 -34.62 15.17 30.69
CA SER L 138 -33.21 14.90 30.83
C SER L 138 -32.87 14.38 32.22
N PHE L 139 -33.63 14.76 33.25
CA PHE L 139 -33.37 14.26 34.59
C PHE L 139 -34.00 12.89 34.79
N TRP L 140 -35.27 12.72 34.41
CA TRP L 140 -35.96 11.46 34.64
C TRP L 140 -35.70 10.42 33.57
N GLY L 141 -34.62 10.56 32.82
CA GLY L 141 -34.19 9.51 31.93
C GLY L 141 -32.84 9.02 32.37
N ALA L 142 -32.09 9.90 33.01
CA ALA L 142 -30.80 9.52 33.55
C ALA L 142 -30.93 8.74 34.85
N THR L 143 -31.95 9.03 35.66
CA THR L 143 -32.14 8.23 36.87
C THR L 143 -32.87 6.92 36.61
N VAL L 144 -33.41 6.71 35.41
CA VAL L 144 -33.92 5.40 35.04
C VAL L 144 -32.79 4.51 34.56
N ILE L 145 -31.79 5.11 33.92
CA ILE L 145 -30.65 4.33 33.42
C ILE L 145 -29.72 3.92 34.56
N THR L 146 -29.39 4.86 35.46
CA THR L 146 -28.44 4.57 36.52
C THR L 146 -29.00 3.64 37.58
N ASN L 147 -30.32 3.48 37.66
CA ASN L 147 -30.89 2.42 38.49
C ASN L 147 -30.62 1.05 37.89
N LEU L 148 -30.65 0.94 36.56
CA LEU L 148 -30.33 -0.32 35.91
C LEU L 148 -28.83 -0.52 35.77
N LEU L 149 -28.01 0.45 36.14
CA LEU L 149 -26.57 0.28 36.17
C LEU L 149 -26.01 0.04 37.56
N SER L 150 -26.80 0.23 38.63
CA SER L 150 -26.39 -0.22 39.96
C SER L 150 -27.01 -1.55 40.32
N ALA L 151 -27.32 -2.38 39.33
CA ALA L 151 -27.80 -3.73 39.57
C ALA L 151 -26.80 -4.78 39.12
N ILE L 152 -25.68 -4.37 38.53
CA ILE L 152 -24.58 -5.28 38.23
C ILE L 152 -23.89 -5.63 39.55
N PRO L 153 -23.78 -6.91 39.90
CA PRO L 153 -23.60 -7.27 41.32
C PRO L 153 -22.21 -6.99 41.89
N TYR L 154 -21.20 -6.72 41.07
CA TYR L 154 -19.85 -6.57 41.59
C TYR L 154 -19.18 -5.24 41.25
N ILE L 155 -19.72 -4.47 40.30
CA ILE L 155 -19.10 -3.21 39.92
C ILE L 155 -20.19 -2.14 39.82
N GLY L 156 -21.44 -2.55 39.96
CA GLY L 156 -22.55 -1.69 39.59
C GLY L 156 -22.79 -0.52 40.51
N THR L 157 -22.57 -0.71 41.81
CA THR L 157 -22.95 0.34 42.77
C THR L 157 -21.85 1.38 42.96
N ASP L 158 -20.62 1.08 42.58
CA ASP L 158 -19.56 2.08 42.67
C ASP L 158 -19.32 2.78 41.33
N LEU L 159 -19.97 2.30 40.26
CA LEU L 159 -19.81 2.89 38.93
C LEU L 159 -20.75 4.07 38.72
N VAL L 160 -22.00 3.98 39.20
CA VAL L 160 -22.92 5.10 39.05
C VAL L 160 -22.54 6.24 39.98
N GLU L 161 -21.81 5.95 41.05
CA GLU L 161 -21.30 6.96 41.95
C GLU L 161 -20.17 7.75 41.30
N TRP L 162 -19.51 7.20 40.29
CA TRP L 162 -18.47 7.95 39.61
C TRP L 162 -18.99 8.83 38.49
N ILE L 163 -20.08 8.45 37.81
CA ILE L 163 -20.52 9.21 36.65
C ILE L 163 -21.32 10.44 37.09
N TRP L 164 -22.00 10.35 38.23
CA TRP L 164 -22.73 11.49 38.79
C TRP L 164 -21.79 12.48 39.50
N GLY L 165 -20.48 12.22 39.50
CA GLY L 165 -19.52 13.07 40.13
C GLY L 165 -19.31 12.85 41.62
N GLY L 166 -19.81 11.74 42.16
CA GLY L 166 -19.71 11.48 43.59
C GLY L 166 -20.91 11.92 44.40
N PHE L 167 -21.85 12.63 43.80
CA PHE L 167 -23.03 13.20 44.45
C PHE L 167 -24.27 12.73 43.70
N SER L 168 -25.41 13.37 43.96
CA SER L 168 -26.54 13.07 43.11
C SER L 168 -26.55 13.94 41.84
N VAL L 169 -26.91 15.23 41.97
CA VAL L 169 -27.02 16.14 40.83
C VAL L 169 -26.67 17.58 41.23
N ASP L 170 -25.45 18.00 40.90
CA ASP L 170 -24.87 19.34 41.20
C ASP L 170 -24.02 19.79 40.02
N LYS L 171 -23.12 20.76 40.27
CA LYS L 171 -22.31 21.34 39.20
C LYS L 171 -21.35 20.32 38.60
N ALA L 172 -20.66 19.55 39.44
CA ALA L 172 -19.74 18.53 38.97
C ALA L 172 -20.44 17.22 38.63
N THR L 173 -21.77 17.24 38.47
CA THR L 173 -22.49 16.09 37.97
C THR L 173 -22.50 16.06 36.44
N LEU L 174 -22.84 17.18 35.81
CA LEU L 174 -22.93 17.22 34.36
C LEU L 174 -21.59 17.47 33.69
N THR L 175 -20.51 17.51 34.44
CA THR L 175 -19.18 17.68 33.87
C THR L 175 -18.65 16.39 33.27
N ARG L 176 -19.11 15.24 33.76
CA ARG L 176 -18.72 13.94 33.25
C ARG L 176 -19.63 13.44 32.14
N PHE L 177 -20.91 13.81 32.17
CA PHE L 177 -21.77 13.54 31.03
C PHE L 177 -21.40 14.39 29.83
N PHE L 178 -20.83 15.58 30.05
CA PHE L 178 -20.43 16.44 28.96
C PHE L 178 -19.08 16.07 28.39
N ALA L 179 -18.19 15.51 29.20
CA ALA L 179 -16.85 15.17 28.72
C ALA L 179 -16.87 13.91 27.86
N PHE L 180 -17.67 12.91 28.24
CA PHE L 180 -17.75 11.72 27.41
C PHE L 180 -18.54 11.97 26.14
N HIS L 181 -19.38 13.00 26.15
CA HIS L 181 -20.16 13.33 24.97
C HIS L 181 -19.37 14.13 23.94
N PHE L 182 -18.33 14.79 24.37
CA PHE L 182 -17.45 15.51 23.47
C PHE L 182 -16.47 14.57 22.78
N ILE L 183 -16.11 13.46 23.42
CA ILE L 183 -14.96 12.66 23.01
C ILE L 183 -15.36 11.51 22.10
N LEU L 184 -16.43 10.79 22.44
CA LEU L 184 -16.84 9.61 21.68
C LEU L 184 -17.14 9.82 20.19
N PRO L 185 -17.64 10.98 19.69
CA PRO L 185 -17.72 11.13 18.23
C PRO L 185 -16.40 11.16 17.49
N PHE L 186 -15.29 11.50 18.13
CA PHE L 186 -13.99 11.41 17.45
C PHE L 186 -13.42 10.00 17.48
N ILE L 187 -14.03 9.09 18.22
CA ILE L 187 -13.68 7.68 18.19
C ILE L 187 -14.55 6.90 17.21
N ILE L 188 -15.81 7.33 17.02
CA ILE L 188 -16.65 6.83 15.93
C ILE L 188 -16.04 7.11 14.57
N THR L 189 -15.32 8.24 14.44
CA THR L 189 -14.66 8.60 13.19
C THR L 189 -13.52 7.63 12.86
N ALA L 190 -12.63 7.39 13.83
CA ALA L 190 -11.48 6.52 13.63
C ALA L 190 -11.88 5.06 13.42
N LEU L 191 -12.98 4.63 14.02
CA LEU L 191 -13.50 3.29 13.80
C LEU L 191 -14.21 3.13 12.46
N ALA L 192 -14.51 4.24 11.78
CA ALA L 192 -15.12 4.16 10.46
C ALA L 192 -14.09 4.14 9.35
N ALA L 193 -12.86 4.59 9.61
CA ALA L 193 -11.79 4.44 8.65
C ALA L 193 -11.20 3.03 8.68
N VAL L 194 -11.16 2.39 9.85
CA VAL L 194 -10.78 0.98 9.94
C VAL L 194 -11.87 0.11 9.37
N HIS L 195 -13.11 0.59 9.39
CA HIS L 195 -14.25 -0.11 8.82
C HIS L 195 -14.11 -0.27 7.31
N LEU L 196 -13.52 0.71 6.64
CA LEU L 196 -13.39 0.70 5.20
C LEU L 196 -12.04 0.18 4.72
N LEU L 197 -11.08 0.02 5.62
CA LEU L 197 -9.86 -0.69 5.28
C LEU L 197 -10.10 -2.18 5.12
N PHE L 198 -11.13 -2.72 5.77
CA PHE L 198 -11.43 -4.14 5.64
C PHE L 198 -12.38 -4.44 4.51
N LEU L 199 -13.14 -3.45 4.03
CA LEU L 199 -13.97 -3.64 2.85
C LEU L 199 -13.16 -3.58 1.57
N HIS L 200 -12.00 -2.90 1.61
CA HIS L 200 -11.13 -2.78 0.45
C HIS L 200 -10.49 -4.10 0.07
N GLU L 201 -10.47 -5.09 0.96
CA GLU L 201 -9.83 -6.36 0.64
C GLU L 201 -10.66 -7.20 -0.31
N THR L 202 -11.98 -7.06 -0.26
CA THR L 202 -12.84 -7.80 -1.16
C THR L 202 -13.61 -6.92 -2.13
N GLY L 203 -13.65 -5.61 -1.91
CA GLY L 203 -14.60 -4.77 -2.60
C GLY L 203 -16.01 -5.03 -2.11
N SER L 204 -16.96 -4.45 -2.83
CA SER L 204 -18.34 -4.47 -2.39
C SER L 204 -19.06 -5.73 -2.83
N ASN L 205 -20.20 -6.00 -2.18
CA ASN L 205 -21.07 -7.11 -2.63
C ASN L 205 -22.20 -6.46 -3.44
N ASN L 206 -22.92 -7.21 -4.27
CA ASN L 206 -23.97 -6.61 -5.15
C ASN L 206 -25.31 -7.30 -4.88
N PRO L 207 -26.50 -6.70 -5.14
CA PRO L 207 -27.78 -7.31 -4.73
C PRO L 207 -27.89 -8.82 -5.02
N THR L 208 -27.08 -9.28 -6.03
CA THR L 208 -27.16 -10.70 -6.46
C THR L 208 -26.37 -11.61 -5.51
N GLY L 209 -25.39 -11.05 -4.79
CA GLY L 209 -24.54 -11.88 -3.92
C GLY L 209 -23.44 -12.55 -4.72
N ILE L 210 -23.75 -12.98 -5.94
CA ILE L 210 -22.75 -13.58 -6.82
C ILE L 210 -21.62 -12.59 -7.06
N SER L 211 -20.40 -13.12 -7.14
CA SER L 211 -19.23 -12.29 -7.37
C SER L 211 -19.24 -11.72 -8.78
N SER L 212 -18.54 -10.61 -8.96
CA SER L 212 -18.72 -9.77 -10.11
C SER L 212 -17.38 -9.26 -10.64
N ASP L 213 -16.37 -10.13 -10.68
CA ASP L 213 -15.07 -9.65 -11.14
C ASP L 213 -14.96 -9.58 -12.65
N MET L 214 -15.92 -10.12 -13.39
CA MET L 214 -15.95 -9.93 -14.83
C MET L 214 -16.56 -8.58 -15.22
N ASP L 215 -17.40 -7.99 -14.39
CA ASP L 215 -18.23 -6.84 -14.76
C ASP L 215 -17.98 -5.63 -13.86
N LYS L 216 -16.74 -5.24 -13.70
CA LYS L 216 -16.42 -4.06 -12.91
C LYS L 216 -16.45 -2.79 -13.77
N ILE L 217 -16.81 -1.67 -13.15
CA ILE L 217 -16.65 -0.33 -13.73
C ILE L 217 -15.87 0.51 -12.72
N PRO L 218 -15.22 1.59 -13.15
CA PRO L 218 -14.55 2.46 -12.17
C PRO L 218 -15.55 3.25 -11.34
N PHE L 219 -15.07 3.69 -10.17
CA PHE L 219 -15.94 4.39 -9.21
C PHE L 219 -16.26 5.81 -9.70
N HIS L 220 -15.26 6.49 -10.22
CA HIS L 220 -15.42 7.78 -10.89
C HIS L 220 -15.45 7.57 -12.40
N PRO L 221 -16.45 8.07 -13.13
CA PRO L 221 -17.47 9.04 -12.77
C PRO L 221 -18.82 8.50 -12.35
N TYR L 222 -18.96 7.20 -12.17
CA TYR L 222 -20.29 6.62 -12.11
C TYR L 222 -20.93 6.71 -10.74
N TYR L 223 -20.15 6.62 -9.66
CA TYR L 223 -20.70 6.69 -8.31
C TYR L 223 -20.24 7.92 -7.56
N THR L 224 -19.29 8.69 -8.09
CA THR L 224 -19.04 10.01 -7.53
C THR L 224 -20.16 10.98 -7.86
N ILE L 225 -20.85 10.80 -8.99
CA ILE L 225 -21.98 11.66 -9.31
C ILE L 225 -23.30 11.12 -8.76
N LYS L 226 -23.42 9.80 -8.57
CA LYS L 226 -24.65 9.25 -8.05
C LYS L 226 -24.75 9.42 -6.54
N ASP L 227 -23.63 9.60 -5.85
CA ASP L 227 -23.66 9.83 -4.41
C ASP L 227 -23.96 11.29 -4.09
N ILE L 228 -23.44 12.20 -4.92
CA ILE L 228 -23.66 13.64 -4.79
C ILE L 228 -25.14 13.97 -4.97
N LEU L 229 -25.80 13.27 -5.88
CA LEU L 229 -27.24 13.44 -6.07
C LEU L 229 -28.03 12.98 -4.84
N GLY L 230 -27.53 11.95 -4.15
CA GLY L 230 -28.20 11.47 -2.96
C GLY L 230 -27.93 12.31 -1.73
N ALA L 231 -26.76 12.96 -1.68
CA ALA L 231 -26.44 13.84 -0.56
C ALA L 231 -27.19 15.16 -0.61
N LEU L 232 -27.51 15.66 -1.81
CA LEU L 232 -28.32 16.88 -1.92
C LEU L 232 -29.79 16.60 -1.67
N PHE L 233 -30.25 15.39 -1.94
CA PHE L 233 -31.62 15.02 -1.61
C PHE L 233 -31.79 14.82 -0.10
N MET L 234 -30.71 14.59 0.63
CA MET L 234 -30.75 14.46 2.07
C MET L 234 -30.82 15.82 2.75
N MET L 235 -30.02 16.78 2.26
CA MET L 235 -30.03 18.14 2.79
C MET L 235 -31.31 18.88 2.46
N LEU L 236 -32.06 18.46 1.44
CA LEU L 236 -33.38 19.03 1.22
C LEU L 236 -34.33 18.65 2.35
N ILE L 237 -34.48 17.34 2.61
CA ILE L 237 -35.39 16.85 3.65
C ILE L 237 -34.95 17.26 5.05
N LEU L 238 -33.64 17.46 5.26
CA LEU L 238 -33.17 17.90 6.56
C LEU L 238 -33.55 19.35 6.83
N LEU L 239 -33.29 20.23 5.87
CA LEU L 239 -33.62 21.64 6.04
C LEU L 239 -35.11 21.92 5.94
N ILE L 240 -35.92 20.97 5.47
CA ILE L 240 -37.36 21.12 5.59
C ILE L 240 -37.78 21.06 7.06
N LEU L 241 -37.14 20.20 7.83
CA LEU L 241 -37.54 20.05 9.23
C LEU L 241 -36.95 21.15 10.11
N VAL L 242 -35.81 21.73 9.74
CA VAL L 242 -35.26 22.82 10.55
C VAL L 242 -36.05 24.10 10.34
N LEU L 243 -36.59 24.33 9.15
CA LEU L 243 -37.22 25.60 8.82
C LEU L 243 -38.73 25.55 8.73
N PHE L 244 -39.36 24.39 8.79
CA PHE L 244 -40.82 24.36 8.75
C PHE L 244 -41.47 23.73 9.98
N SER L 245 -40.82 22.76 10.64
CA SER L 245 -41.33 22.19 11.89
C SER L 245 -40.18 21.69 12.75
N PRO L 246 -39.38 22.57 13.42
CA PRO L 246 -38.19 22.10 14.15
C PRO L 246 -38.51 21.47 15.52
N ASP L 247 -39.80 21.41 15.89
CA ASP L 247 -40.20 20.80 17.19
C ASP L 247 -41.17 19.64 16.90
N LEU L 248 -41.07 19.03 15.72
CA LEU L 248 -41.96 17.94 15.36
C LEU L 248 -41.55 16.64 16.03
N LEU L 249 -40.25 16.43 16.21
CA LEU L 249 -39.74 15.15 16.71
C LEU L 249 -39.44 15.14 18.20
N GLY L 250 -39.17 16.29 18.82
CA GLY L 250 -38.85 16.36 20.23
C GLY L 250 -40.04 16.21 21.14
N ASP L 251 -39.90 16.73 22.36
CA ASP L 251 -40.94 16.65 23.38
C ASP L 251 -41.08 17.99 24.10
N PRO L 252 -42.32 18.41 24.38
CA PRO L 252 -42.53 19.68 25.09
C PRO L 252 -42.04 19.70 26.52
N ASP L 253 -42.04 18.55 27.20
CA ASP L 253 -41.73 18.48 28.62
C ASP L 253 -40.26 18.77 28.92
N ASN L 254 -39.40 18.74 27.91
CA ASN L 254 -38.02 19.18 28.06
C ASN L 254 -37.88 20.69 27.96
N TYR L 255 -38.98 21.43 27.84
CA TYR L 255 -38.98 22.88 27.99
C TYR L 255 -39.38 23.33 29.38
N THR L 256 -39.71 22.40 30.28
CA THR L 256 -39.82 22.69 31.70
C THR L 256 -38.48 22.42 32.37
N PRO L 257 -37.93 23.35 33.12
CA PRO L 257 -36.61 23.15 33.73
C PRO L 257 -36.61 22.03 34.75
N ALA L 258 -35.41 21.49 35.00
CA ALA L 258 -35.25 20.29 35.82
C ALA L 258 -35.51 20.62 37.29
N ASN L 259 -36.49 19.94 37.86
CA ASN L 259 -36.88 20.16 39.24
C ASN L 259 -37.48 18.88 39.78
N PRO L 260 -36.83 18.20 40.73
CA PRO L 260 -37.44 17.01 41.35
C PRO L 260 -38.65 17.31 42.22
N LEU L 261 -38.96 18.58 42.53
CA LEU L 261 -40.09 18.86 43.40
C LEU L 261 -41.43 18.70 42.68
N ASN L 262 -41.35 18.61 41.35
CA ASN L 262 -42.55 18.35 40.53
C ASN L 262 -42.27 17.05 39.77
N THR L 263 -43.29 16.49 39.11
CA THR L 263 -43.14 15.23 38.40
C THR L 263 -43.84 15.29 37.05
N PRO L 264 -43.21 14.80 35.98
CA PRO L 264 -43.86 14.85 34.67
C PRO L 264 -44.91 13.78 34.56
N PRO L 265 -45.90 13.94 33.68
CA PRO L 265 -46.94 12.91 33.52
C PRO L 265 -46.42 11.61 32.95
N HIS L 266 -45.46 11.66 32.03
CA HIS L 266 -44.92 10.46 31.42
C HIS L 266 -43.40 10.53 31.36
N ILE L 267 -42.79 9.37 31.17
CA ILE L 267 -41.37 9.26 30.85
C ILE L 267 -41.28 8.78 29.41
N LYS L 268 -40.68 9.59 28.54
CA LYS L 268 -40.63 9.25 27.12
C LYS L 268 -39.26 9.61 26.55
N PRO L 269 -38.50 8.64 26.06
CA PRO L 269 -37.27 8.96 25.32
C PRO L 269 -37.56 9.43 23.90
N GLU L 270 -36.50 9.73 23.16
CA GLU L 270 -36.61 10.04 21.74
C GLU L 270 -37.08 8.83 20.96
N TRP L 271 -37.49 9.06 19.71
CA TRP L 271 -38.10 8.01 18.90
C TRP L 271 -37.15 6.85 18.62
N TYR L 272 -35.85 7.09 18.63
CA TYR L 272 -34.88 6.06 18.26
C TYR L 272 -34.35 5.28 19.44
N PHE L 273 -34.82 5.53 20.65
CA PHE L 273 -34.53 4.68 21.79
C PHE L 273 -35.76 3.97 22.30
N LEU L 274 -36.90 4.12 21.64
CA LEU L 274 -38.14 3.57 22.14
C LEU L 274 -38.23 2.06 22.01
N PHE L 275 -37.49 1.45 21.08
CA PHE L 275 -37.48 0.00 20.98
C PHE L 275 -36.67 -0.62 22.11
N ALA L 276 -35.63 0.06 22.57
CA ALA L 276 -34.79 -0.44 23.65
C ALA L 276 -35.37 -0.15 25.03
N TYR L 277 -36.37 0.72 25.11
CA TYR L 277 -37.05 1.01 26.34
C TYR L 277 -38.27 0.13 26.55
N ALA L 278 -38.83 -0.44 25.48
CA ALA L 278 -39.92 -1.39 25.63
C ALA L 278 -39.44 -2.77 26.05
N ILE L 279 -38.13 -2.98 26.09
CA ILE L 279 -37.55 -4.26 26.49
C ILE L 279 -37.08 -4.23 27.94
N LEU L 280 -36.61 -3.07 28.43
CA LEU L 280 -36.31 -2.91 29.86
C LEU L 280 -37.55 -3.10 30.71
N ARG L 281 -38.65 -2.42 30.37
CA ARG L 281 -39.87 -2.49 31.16
C ARG L 281 -40.65 -3.80 30.95
N SER L 282 -40.19 -4.66 30.05
CA SER L 282 -40.84 -5.92 29.79
C SER L 282 -40.38 -7.03 30.73
N ILE L 283 -39.27 -6.83 31.44
CA ILE L 283 -38.73 -7.81 32.37
C ILE L 283 -38.75 -7.19 33.76
N PRO L 284 -39.49 -7.76 34.71
CA PRO L 284 -39.70 -7.11 36.01
C PRO L 284 -38.58 -7.38 37.01
N ASN L 285 -37.37 -6.92 36.66
CA ASN L 285 -36.16 -7.13 37.45
C ASN L 285 -35.12 -6.18 36.90
N LYS L 286 -34.26 -5.67 37.78
CA LYS L 286 -33.21 -4.77 37.35
C LYS L 286 -31.98 -5.49 36.83
N LEU L 287 -31.96 -6.82 36.90
CA LEU L 287 -30.88 -7.60 36.32
C LEU L 287 -31.26 -8.19 34.97
N GLY L 288 -32.48 -8.68 34.84
CA GLY L 288 -32.95 -9.18 33.56
C GLY L 288 -33.40 -8.10 32.60
N GLY L 289 -33.17 -6.83 32.95
CA GLY L 289 -33.42 -5.75 32.03
C GLY L 289 -32.14 -5.22 31.45
N VAL L 290 -31.09 -5.10 32.26
CA VAL L 290 -29.81 -4.64 31.76
C VAL L 290 -29.11 -5.74 30.96
N LEU L 291 -29.54 -6.99 31.10
CA LEU L 291 -29.02 -8.08 30.29
C LEU L 291 -29.82 -8.26 29.01
N ALA L 292 -31.13 -8.02 29.05
CA ALA L 292 -31.93 -8.03 27.84
C ALA L 292 -31.76 -6.77 27.01
N LEU L 293 -31.16 -5.72 27.57
CA LEU L 293 -30.82 -4.55 26.79
C LEU L 293 -29.60 -4.80 25.92
N VAL L 294 -28.52 -5.29 26.53
CA VAL L 294 -27.27 -5.45 25.81
C VAL L 294 -27.32 -6.68 24.91
N ALA L 295 -28.26 -7.59 25.14
CA ALA L 295 -28.41 -8.73 24.24
C ALA L 295 -29.10 -8.34 22.94
N SER L 296 -29.76 -7.19 22.89
CA SER L 296 -30.44 -6.78 21.67
C SER L 296 -29.48 -6.16 20.66
N ILE L 297 -28.33 -5.67 21.09
CA ILE L 297 -27.34 -5.13 20.17
C ILE L 297 -26.20 -6.12 19.97
N LEU L 298 -25.89 -6.94 20.97
CA LEU L 298 -24.84 -7.94 20.82
C LEU L 298 -25.27 -9.16 20.00
N ILE L 299 -26.55 -9.30 19.67
CA ILE L 299 -26.98 -10.48 18.92
C ILE L 299 -26.59 -10.37 17.45
N LEU L 300 -26.12 -9.21 17.00
CA LEU L 300 -25.67 -9.05 15.63
C LEU L 300 -24.38 -9.81 15.34
N ILE L 301 -23.57 -10.11 16.36
CA ILE L 301 -22.32 -10.82 16.13
C ILE L 301 -22.55 -12.30 15.86
N LEU L 302 -23.70 -12.84 16.22
CA LEU L 302 -24.01 -14.23 15.93
C LEU L 302 -24.56 -14.44 14.53
N MET L 303 -24.79 -13.37 13.78
CA MET L 303 -25.35 -13.51 12.43
C MET L 303 -24.42 -14.20 11.42
N PRO L 304 -23.08 -14.02 11.43
CA PRO L 304 -22.27 -14.89 10.56
C PRO L 304 -22.32 -16.37 10.90
N MET L 305 -22.49 -16.74 12.18
CA MET L 305 -22.47 -18.13 12.58
C MET L 305 -23.80 -18.83 12.43
N LEU L 306 -24.88 -18.09 12.27
CA LEU L 306 -26.21 -18.69 12.18
C LEU L 306 -26.67 -18.89 10.75
N HIS L 307 -25.84 -18.55 9.77
CA HIS L 307 -26.21 -18.65 8.36
C HIS L 307 -26.03 -20.07 7.86
N THR L 308 -27.14 -20.71 7.47
CA THR L 308 -27.14 -22.09 7.02
C THR L 308 -27.67 -22.23 5.59
N SER L 309 -27.53 -21.20 4.77
CA SER L 309 -28.01 -21.27 3.40
C SER L 309 -26.84 -21.42 2.44
N LYS L 310 -27.15 -21.98 1.26
CA LYS L 310 -26.17 -22.15 0.20
C LYS L 310 -25.87 -20.86 -0.54
N GLN L 311 -26.79 -19.90 -0.55
CA GLN L 311 -26.67 -18.60 -1.21
C GLN L 311 -26.39 -17.50 -0.19
N ARG L 312 -25.84 -16.39 -0.68
CA ARG L 312 -25.39 -15.31 0.19
C ARG L 312 -26.47 -14.25 0.45
N SER L 313 -27.14 -13.78 -0.60
CA SER L 313 -28.14 -12.71 -0.54
C SER L 313 -29.54 -13.30 -0.46
N MET L 314 -30.51 -12.43 -0.16
CA MET L 314 -31.90 -12.82 -0.05
C MET L 314 -32.71 -12.48 -1.30
N MET L 315 -32.06 -12.16 -2.42
CA MET L 315 -32.78 -11.84 -3.64
C MET L 315 -33.52 -13.05 -4.20
N PHE L 316 -32.91 -14.23 -4.12
CA PHE L 316 -33.53 -15.43 -4.66
C PHE L 316 -34.13 -16.31 -3.57
N ARG L 317 -34.24 -15.80 -2.34
CA ARG L 317 -34.76 -16.55 -1.19
C ARG L 317 -36.08 -15.96 -0.74
N PRO L 318 -37.21 -16.40 -1.27
CA PRO L 318 -38.48 -15.72 -0.99
C PRO L 318 -39.11 -16.03 0.36
N LEU L 319 -38.73 -17.13 1.03
CA LEU L 319 -39.24 -17.40 2.36
C LEU L 319 -38.38 -16.75 3.43
N SER L 320 -37.13 -16.45 3.12
CA SER L 320 -36.26 -15.80 4.06
C SER L 320 -36.50 -14.30 4.13
N GLN L 321 -37.08 -13.70 3.09
CA GLN L 321 -37.35 -12.28 3.13
C GLN L 321 -38.76 -12.00 3.64
N CYS L 322 -39.63 -13.01 3.62
CA CYS L 322 -40.90 -12.92 4.33
C CYS L 322 -40.70 -12.79 5.83
N LEU L 323 -39.61 -13.33 6.35
CA LEU L 323 -39.23 -13.16 7.75
C LEU L 323 -38.35 -11.95 8.00
N PHE L 324 -37.81 -11.33 6.95
CA PHE L 324 -37.07 -10.08 7.15
C PHE L 324 -38.01 -8.92 7.45
N TRP L 325 -39.21 -8.90 6.87
CA TRP L 325 -40.14 -7.83 7.13
C TRP L 325 -41.07 -8.08 8.31
N MET L 326 -41.10 -9.31 8.84
CA MET L 326 -41.65 -9.51 10.16
C MET L 326 -40.71 -8.98 11.24
N LEU L 327 -39.42 -8.92 10.96
CA LEU L 327 -38.50 -8.34 11.91
C LEU L 327 -38.54 -6.81 11.88
N VAL L 328 -38.85 -6.23 10.73
CA VAL L 328 -38.97 -4.78 10.65
C VAL L 328 -40.29 -4.32 11.25
N ALA L 329 -41.37 -5.07 10.99
CA ALA L 329 -42.66 -4.76 11.58
C ALA L 329 -42.77 -5.11 13.06
N ASP L 330 -41.72 -5.64 13.67
CA ASP L 330 -41.63 -5.87 15.10
C ASP L 330 -40.79 -4.83 15.82
N LEU L 331 -39.88 -4.16 15.13
CA LEU L 331 -39.22 -3.00 15.70
C LEU L 331 -40.08 -1.75 15.58
N ILE L 332 -41.13 -1.78 14.77
CA ILE L 332 -42.13 -0.73 14.76
C ILE L 332 -43.08 -0.89 15.94
N THR L 333 -43.48 -2.14 16.23
CA THR L 333 -44.33 -2.42 17.37
C THR L 333 -43.64 -2.13 18.69
N LEU L 334 -42.33 -2.33 18.76
CA LEU L 334 -41.59 -1.99 19.96
C LEU L 334 -41.30 -0.51 20.07
N THR L 335 -41.55 0.28 19.04
CA THR L 335 -41.40 1.72 19.13
C THR L 335 -42.69 2.40 19.53
N TRP L 336 -43.84 1.81 19.20
CA TRP L 336 -45.11 2.33 19.65
C TRP L 336 -45.39 1.98 21.11
N ILE L 337 -45.03 0.76 21.53
CA ILE L 337 -45.22 0.33 22.91
C ILE L 337 -44.29 1.11 23.84
N GLY L 338 -43.10 1.44 23.37
CA GLY L 338 -42.11 2.13 24.17
C GLY L 338 -42.45 3.55 24.59
N GLY L 339 -43.54 4.13 24.06
CA GLY L 339 -44.00 5.43 24.47
C GLY L 339 -45.43 5.41 24.94
N GLN L 340 -45.83 4.33 25.60
CA GLN L 340 -47.16 4.18 26.19
C GLN L 340 -47.05 4.05 27.70
N PRO L 341 -48.13 4.30 28.44
CA PRO L 341 -48.11 4.03 29.88
C PRO L 341 -48.14 2.54 30.19
N VAL L 342 -47.53 2.19 31.32
CA VAL L 342 -47.42 0.79 31.71
C VAL L 342 -48.77 0.36 32.26
N GLU L 343 -49.65 -0.09 31.38
CA GLU L 343 -51.04 -0.37 31.72
C GLU L 343 -51.32 -1.80 31.27
N HIS L 344 -52.61 -2.17 31.24
CA HIS L 344 -52.97 -3.55 30.94
C HIS L 344 -52.60 -4.00 29.52
N PRO L 345 -53.02 -3.31 28.41
CA PRO L 345 -52.71 -3.92 27.10
C PRO L 345 -51.26 -3.71 26.70
N PHE L 346 -50.61 -2.67 27.20
CA PHE L 346 -49.28 -2.29 26.74
C PHE L 346 -48.17 -3.07 27.41
N ILE L 347 -48.48 -4.13 28.15
CA ILE L 347 -47.45 -5.03 28.67
C ILE L 347 -47.59 -6.46 28.14
N ILE L 348 -48.79 -6.92 27.79
CA ILE L 348 -48.90 -8.20 27.10
C ILE L 348 -48.38 -8.08 25.66
N ILE L 349 -48.49 -6.90 25.06
CA ILE L 349 -47.88 -6.67 23.74
C ILE L 349 -46.39 -6.36 23.87
N GLY L 350 -45.96 -5.79 24.99
CA GLY L 350 -44.55 -5.45 25.11
C GLY L 350 -43.64 -6.64 25.36
N GLN L 351 -44.19 -7.72 25.92
CA GLN L 351 -43.38 -8.91 26.20
C GLN L 351 -43.58 -10.02 25.18
N LEU L 352 -44.73 -10.09 24.51
CA LEU L 352 -44.87 -11.04 23.42
C LEU L 352 -44.16 -10.59 22.16
N ALA L 353 -43.70 -9.34 22.12
CA ALA L 353 -42.92 -8.83 21.01
C ALA L 353 -41.47 -8.61 21.38
N SER L 354 -41.12 -8.68 22.65
CA SER L 354 -39.72 -8.74 23.02
C SER L 354 -39.19 -10.17 22.96
N ILE L 355 -40.10 -11.15 22.97
CA ILE L 355 -39.73 -12.54 22.74
C ILE L 355 -39.50 -12.78 21.25
N LEU L 356 -40.44 -12.34 20.41
CA LEU L 356 -40.42 -12.56 18.97
C LEU L 356 -39.23 -11.91 18.27
N TYR L 357 -38.62 -10.89 18.89
CA TYR L 357 -37.40 -10.32 18.33
C TYR L 357 -36.24 -11.29 18.43
N PHE L 358 -36.19 -12.11 19.48
CA PHE L 358 -35.10 -13.06 19.66
C PHE L 358 -35.40 -14.41 19.04
N LEU L 359 -36.68 -14.77 18.91
CA LEU L 359 -37.05 -16.03 18.29
C LEU L 359 -36.85 -16.02 16.77
N ILE L 360 -36.86 -14.85 16.15
CA ILE L 360 -36.70 -14.76 14.71
C ILE L 360 -35.23 -14.87 14.32
N ILE L 361 -34.35 -14.17 15.05
CA ILE L 361 -32.94 -14.15 14.69
C ILE L 361 -32.27 -15.48 15.04
N LEU L 362 -32.54 -15.99 16.24
CA LEU L 362 -31.78 -17.12 16.77
C LEU L 362 -32.31 -18.48 16.35
N VAL L 363 -33.60 -18.61 16.08
CA VAL L 363 -34.22 -19.92 15.87
C VAL L 363 -34.90 -20.00 14.51
N LEU L 364 -35.79 -19.06 14.22
CA LEU L 364 -36.63 -19.20 13.03
C LEU L 364 -35.88 -18.90 11.74
N MET L 365 -34.85 -18.06 11.79
CA MET L 365 -34.06 -17.84 10.58
C MET L 365 -33.20 -19.04 10.19
N PRO L 366 -32.40 -19.69 11.09
CA PRO L 366 -31.55 -20.79 10.61
C PRO L 366 -32.29 -22.05 10.20
N ILE L 367 -33.52 -22.25 10.65
CA ILE L 367 -34.30 -23.42 10.24
C ILE L 367 -34.94 -23.20 8.87
N THR L 368 -35.28 -21.97 8.51
CA THR L 368 -35.89 -21.70 7.22
C THR L 368 -34.85 -21.65 6.09
N SER L 369 -33.60 -21.30 6.40
CA SER L 369 -32.54 -21.43 5.43
C SER L 369 -32.24 -22.89 5.07
N ILE L 370 -32.55 -23.83 5.95
CA ILE L 370 -32.30 -25.25 5.69
C ILE L 370 -33.42 -25.85 4.84
N ILE L 371 -34.67 -25.42 5.03
CA ILE L 371 -35.78 -25.87 4.20
C ILE L 371 -35.60 -25.39 2.76
N GLU L 372 -34.93 -24.26 2.56
CA GLU L 372 -34.68 -23.72 1.23
C GLU L 372 -33.63 -24.53 0.48
N ASN L 373 -32.56 -24.92 1.18
CA ASN L 373 -31.54 -25.84 0.64
C ASN L 373 -32.13 -27.17 0.23
N ASN L 374 -33.07 -27.69 0.98
CA ASN L 374 -33.67 -28.99 0.71
C ASN L 374 -34.63 -28.96 -0.48
N LEU L 375 -35.16 -27.79 -0.83
CA LEU L 375 -36.06 -27.68 -1.97
C LEU L 375 -35.34 -27.27 -3.25
N LEU L 376 -34.10 -26.84 -3.16
CA LEU L 376 -33.26 -26.59 -4.31
C LEU L 376 -32.37 -27.79 -4.63
N LYS L 377 -32.58 -28.92 -3.95
CA LYS L 377 -31.70 -30.10 -3.95
C LYS L 377 -30.26 -29.73 -3.66
N TRP L 378 -30.08 -28.95 -2.61
CA TRP L 378 -28.85 -28.28 -2.16
C TRP L 378 -28.28 -27.27 -3.15
N THR M 1 -57.26 11.84 35.32
CA THR M 1 -56.85 10.44 35.46
C THR M 1 -57.88 9.55 34.77
N ASP M 2 -59.14 9.98 34.81
CA ASP M 2 -60.25 9.22 34.23
C ASP M 2 -60.31 9.36 32.70
N LEU M 3 -60.56 10.57 32.22
CA LEU M 3 -60.33 10.97 30.84
C LEU M 3 -59.66 12.32 30.86
N GLU M 4 -59.12 12.73 29.72
CA GLU M 4 -58.56 14.05 29.54
C GLU M 4 -59.23 14.72 28.35
N LEU M 5 -59.64 15.97 28.55
CA LEU M 5 -60.24 16.77 27.49
C LEU M 5 -59.11 17.39 26.68
N HIS M 6 -59.14 17.21 25.36
CA HIS M 6 -58.12 17.74 24.48
C HIS M 6 -58.64 18.97 23.76
N ALA M 7 -57.78 19.98 23.63
CA ALA M 7 -58.16 21.24 23.04
C ALA M 7 -58.39 21.09 21.53
N PRO M 8 -59.42 21.75 21.00
CA PRO M 8 -59.70 21.66 19.55
C PRO M 8 -58.67 22.43 18.74
N SER M 9 -58.86 22.37 17.43
CA SER M 9 -57.95 23.05 16.50
C SER M 9 -58.67 24.26 15.92
N TYR M 10 -58.18 25.47 16.29
CA TYR M 10 -58.69 26.75 15.82
C TYR M 10 -57.92 27.21 14.59
N PRO M 11 -58.57 27.88 13.64
CA PRO M 11 -57.84 28.37 12.45
C PRO M 11 -57.06 29.64 12.75
N TRP M 12 -55.88 29.48 13.30
CA TRP M 12 -55.04 30.62 13.61
C TRP M 12 -54.49 31.22 12.31
N SER M 13 -54.12 32.50 12.39
CA SER M 13 -53.60 33.21 11.23
C SER M 13 -52.14 32.91 10.96
N HIS M 14 -51.49 32.08 11.79
CA HIS M 14 -50.13 31.64 11.56
C HIS M 14 -50.05 30.14 11.28
N ARG M 15 -51.20 29.49 11.03
CA ARG M 15 -51.25 28.05 10.80
C ARG M 15 -51.11 27.68 9.32
N GLY M 16 -50.41 28.50 8.54
CA GLY M 16 -50.06 28.10 7.19
C GLY M 16 -48.58 27.79 7.12
N LEU M 17 -48.15 27.13 6.06
CA LEU M 17 -46.75 26.80 5.93
C LEU M 17 -45.89 28.00 5.54
N LEU M 18 -46.48 29.02 4.91
CA LEU M 18 -45.78 30.25 4.60
C LEU M 18 -46.41 31.47 5.27
N SER M 19 -47.33 31.26 6.21
CA SER M 19 -48.08 32.33 6.86
C SER M 19 -47.26 33.02 7.95
N SER M 20 -47.84 34.05 8.53
CA SER M 20 -47.12 34.91 9.46
C SER M 20 -47.97 35.16 10.71
N LEU M 21 -47.39 35.92 11.63
CA LEU M 21 -48.07 36.38 12.84
C LEU M 21 -48.63 37.78 12.59
N ASP M 22 -49.91 37.97 12.90
CA ASP M 22 -50.54 39.28 12.79
C ASP M 22 -49.98 40.20 13.86
N HIS M 23 -49.22 41.21 13.45
CA HIS M 23 -48.45 42.00 14.40
C HIS M 23 -49.26 43.05 15.16
N THR M 24 -50.53 43.28 14.78
CA THR M 24 -51.38 44.07 15.66
C THR M 24 -52.00 43.22 16.77
N SER M 25 -52.18 41.93 16.53
CA SER M 25 -52.64 41.04 17.60
C SER M 25 -51.54 40.80 18.64
N ILE M 26 -50.27 40.93 18.26
CA ILE M 26 -49.21 40.86 19.25
C ILE M 26 -49.10 42.18 19.99
N ARG M 27 -49.53 43.27 19.36
CA ARG M 27 -49.52 44.58 20.03
C ARG M 27 -50.61 44.65 21.09
N ARG M 28 -51.82 44.22 20.73
CA ARG M 28 -52.89 44.14 21.71
C ARG M 28 -52.61 43.11 22.79
N GLY M 29 -51.84 42.06 22.45
CA GLY M 29 -51.59 40.98 23.39
C GLY M 29 -50.54 41.29 24.44
N PHE M 30 -49.67 42.27 24.21
CA PHE M 30 -48.76 42.66 25.27
C PHE M 30 -49.47 43.49 26.34
N GLN M 31 -50.48 44.27 25.96
CA GLN M 31 -51.20 45.07 26.94
C GLN M 31 -52.18 44.25 27.76
N VAL M 32 -52.61 43.09 27.27
CA VAL M 32 -53.38 42.20 28.12
C VAL M 32 -52.44 41.48 29.08
N TYR M 33 -51.18 41.30 28.70
CA TYR M 33 -50.20 40.72 29.62
C TYR M 33 -49.82 41.72 30.71
N LYS M 34 -49.65 42.99 30.35
CA LYS M 34 -49.15 43.95 31.34
C LYS M 34 -50.21 44.39 32.33
N GLN M 35 -51.49 44.12 32.06
CA GLN M 35 -52.55 44.65 32.91
C GLN M 35 -53.46 43.60 33.53
N VAL M 36 -53.53 42.39 33.00
CA VAL M 36 -54.34 41.36 33.63
C VAL M 36 -53.45 40.44 34.44
N CYS M 37 -52.23 39.95 33.74
CA CYS M 37 -51.16 39.27 34.46
C CYS M 37 -50.01 40.26 34.63
N SER M 38 -48.87 39.65 34.85
CA SER M 38 -47.67 40.43 35.18
C SER M 38 -47.71 40.55 36.72
N SER M 39 -48.90 40.49 37.30
CA SER M 39 -49.06 40.50 38.78
C SER M 39 -48.83 39.10 39.34
N CYS M 40 -49.28 38.02 38.67
CA CYS M 40 -48.96 36.67 39.23
C CYS M 40 -48.03 35.79 38.39
N HIS M 41 -47.58 36.19 37.19
CA HIS M 41 -46.71 35.42 36.24
C HIS M 41 -45.52 36.31 35.89
N SER M 42 -44.28 35.84 35.72
CA SER M 42 -42.96 36.52 35.61
C SER M 42 -42.52 36.79 34.17
N MET M 43 -42.30 35.75 33.34
CA MET M 43 -41.78 35.95 31.99
C MET M 43 -40.36 36.54 32.01
N ASP M 44 -39.43 35.72 32.50
CA ASP M 44 -38.07 36.17 32.78
C ASP M 44 -37.13 36.11 31.59
N TYR M 45 -37.61 35.78 30.39
CA TYR M 45 -36.75 35.71 29.23
C TYR M 45 -37.00 36.81 28.20
N VAL M 46 -38.12 37.52 28.29
CA VAL M 46 -38.48 38.56 27.33
C VAL M 46 -38.21 39.92 27.97
N ALA M 47 -37.62 40.84 27.21
CA ALA M 47 -37.38 42.20 27.64
C ALA M 47 -38.24 43.16 26.80
N TYR M 48 -38.10 44.46 27.05
CA TYR M 48 -38.69 45.46 26.17
C TYR M 48 -37.88 45.65 24.90
N ARG M 49 -36.63 45.23 24.91
CA ARG M 49 -35.69 45.39 23.80
C ARG M 49 -36.09 44.53 22.61
N HIS M 50 -36.87 43.48 22.85
CA HIS M 50 -37.27 42.53 21.82
C HIS M 50 -38.54 42.96 21.12
N LEU M 51 -39.19 44.02 21.57
CA LEU M 51 -40.43 44.48 20.97
C LEU M 51 -40.24 45.53 19.91
N VAL M 52 -39.06 46.13 19.79
CA VAL M 52 -38.83 47.18 18.80
C VAL M 52 -38.68 46.53 17.43
N GLY M 53 -39.64 46.80 16.55
CA GLY M 53 -39.65 46.12 15.27
C GLY M 53 -40.72 45.04 15.21
N VAL M 54 -41.33 44.73 16.35
CA VAL M 54 -42.35 43.71 16.43
C VAL M 54 -43.72 44.29 16.77
N CYS M 55 -43.80 45.11 17.82
CA CYS M 55 -45.07 45.65 18.29
C CYS M 55 -45.06 47.16 18.38
N TYR M 56 -43.93 47.73 18.80
CA TYR M 56 -43.83 49.16 19.07
C TYR M 56 -42.59 49.72 18.39
N THR M 57 -42.58 51.04 18.22
CA THR M 57 -41.36 51.71 17.80
C THR M 57 -40.47 51.88 19.03
N GLU M 58 -39.26 52.40 18.86
CA GLU M 58 -38.31 52.43 19.97
C GLU M 58 -38.74 53.42 21.07
N GLU M 59 -39.09 54.64 20.67
CA GLU M 59 -40.04 55.42 21.46
C GLU M 59 -41.39 54.76 21.29
N GLU M 60 -42.18 54.71 22.37
CA GLU M 60 -43.25 53.77 22.76
C GLU M 60 -42.70 52.53 23.45
N ALA M 61 -41.39 52.40 23.53
CA ALA M 61 -40.79 51.28 24.24
C ALA M 61 -39.74 51.70 25.25
N LYS M 62 -38.97 52.76 24.95
CA LYS M 62 -38.19 53.42 25.98
C LYS M 62 -39.11 54.07 27.01
N ALA M 63 -40.21 54.66 26.54
CA ALA M 63 -41.20 55.28 27.40
C ALA M 63 -42.12 54.27 28.08
N LEU M 64 -42.18 53.04 27.57
CA LEU M 64 -42.94 51.99 28.24
C LEU M 64 -42.14 51.30 29.33
N ALA M 65 -40.81 51.34 29.25
CA ALA M 65 -39.99 50.82 30.34
C ALA M 65 -39.98 51.75 31.54
N GLU M 66 -40.19 53.04 31.31
CA GLU M 66 -40.18 54.05 32.37
C GLU M 66 -41.45 54.04 33.21
N GLU M 67 -42.42 53.19 32.89
CA GLU M 67 -43.64 53.11 33.69
C GLU M 67 -43.39 52.50 35.07
N VAL M 68 -42.35 51.68 35.20
CA VAL M 68 -42.05 51.00 36.46
C VAL M 68 -40.60 51.29 36.83
N GLU M 69 -40.35 51.44 38.13
CA GLU M 69 -39.01 51.68 38.65
C GLU M 69 -38.52 50.42 39.35
N VAL M 70 -37.30 50.01 39.00
CA VAL M 70 -36.79 48.72 39.45
C VAL M 70 -35.70 48.94 40.48
N GLN M 71 -35.22 47.85 41.09
CA GLN M 71 -34.09 47.89 42.01
C GLN M 71 -32.86 47.42 41.26
N ASP M 72 -31.88 48.31 41.10
CA ASP M 72 -30.60 47.90 40.54
C ASP M 72 -29.60 47.79 41.67
N GLY M 73 -28.34 47.51 41.32
CA GLY M 73 -27.36 47.06 42.28
C GLY M 73 -26.84 48.10 43.24
N PRO M 74 -25.77 47.76 43.96
CA PRO M 74 -25.23 48.67 44.97
C PRO M 74 -24.41 49.79 44.34
N ASN M 75 -23.99 50.72 45.19
CA ASN M 75 -23.28 51.91 44.75
C ASN M 75 -22.56 52.55 45.91
N GLU M 76 -21.66 53.48 45.58
CA GLU M 76 -21.24 54.47 46.55
C GLU M 76 -22.24 55.61 46.59
N ASP M 77 -22.03 56.51 47.56
CA ASP M 77 -22.92 57.62 47.90
C ASP M 77 -24.32 57.15 48.26
N GLY M 78 -24.43 55.92 48.76
CA GLY M 78 -25.76 55.41 49.19
C GLY M 78 -25.89 53.91 48.96
N GLU M 79 -27.12 53.43 48.79
CA GLU M 79 -27.36 51.98 48.56
C GLU M 79 -28.77 51.77 48.02
N MET M 80 -29.07 50.56 47.53
CA MET M 80 -30.43 50.23 47.04
C MET M 80 -31.07 51.43 46.33
N PHE M 81 -30.35 52.05 45.39
CA PHE M 81 -30.99 53.14 44.58
C PHE M 81 -31.97 52.63 43.51
N MET M 82 -33.14 53.26 43.44
CA MET M 82 -34.17 53.00 42.45
C MET M 82 -33.79 53.57 41.09
N ARG M 83 -34.37 52.99 40.04
CA ARG M 83 -34.09 53.38 38.67
C ARG M 83 -35.24 52.91 37.81
N PRO M 84 -35.71 53.72 36.85
CA PRO M 84 -36.73 53.22 35.91
C PRO M 84 -36.15 52.24 34.88
N GLY M 85 -36.97 51.85 33.91
CA GLY M 85 -36.52 50.90 32.92
C GLY M 85 -35.54 51.52 31.94
N LYS M 86 -34.49 50.77 31.60
CA LYS M 86 -33.43 51.23 30.72
C LYS M 86 -33.40 50.46 29.41
N LEU M 87 -34.48 49.74 29.09
CA LEU M 87 -34.74 48.90 27.91
C LEU M 87 -33.91 47.62 27.90
N SER M 88 -32.90 47.48 28.76
CA SER M 88 -32.24 46.21 29.01
C SER M 88 -32.86 45.61 30.26
N ASP M 89 -34.15 45.33 30.19
CA ASP M 89 -34.91 45.03 31.38
C ASP M 89 -35.89 43.91 31.09
N TYR M 90 -35.69 42.77 31.75
CA TYR M 90 -36.65 41.68 31.66
C TYR M 90 -37.88 42.06 32.45
N PHE M 91 -39.01 41.49 32.05
CA PHE M 91 -40.33 41.84 32.55
C PHE M 91 -40.42 41.57 34.04
N PRO M 92 -40.93 42.55 34.84
CA PRO M 92 -40.82 42.49 36.31
C PRO M 92 -41.47 41.28 36.98
N LYS M 93 -40.84 40.80 38.05
CA LYS M 93 -41.24 39.65 38.83
C LYS M 93 -42.44 39.98 39.71
N PRO M 94 -43.41 39.09 39.78
CA PRO M 94 -44.60 39.32 40.61
C PRO M 94 -44.43 38.98 42.08
N TYR M 95 -43.33 38.32 42.45
CA TYR M 95 -43.09 37.82 43.79
C TYR M 95 -41.60 37.90 44.06
N PRO M 96 -41.19 38.05 45.32
CA PRO M 96 -39.75 38.15 45.61
C PRO M 96 -39.04 36.81 45.59
N ASN M 97 -39.76 35.74 45.92
CA ASN M 97 -39.16 34.43 46.15
C ASN M 97 -40.27 33.39 46.02
N PRO M 98 -39.91 32.12 45.84
CA PRO M 98 -40.95 31.07 45.77
C PRO M 98 -41.77 30.89 47.04
N GLU M 99 -41.28 31.43 48.14
CA GLU M 99 -41.98 31.16 49.41
C GLU M 99 -43.25 31.99 49.45
N ALA M 100 -43.12 33.25 49.12
CA ALA M 100 -44.27 34.16 49.17
C ALA M 100 -45.33 33.77 48.16
N ALA M 101 -44.91 33.18 47.04
CA ALA M 101 -45.86 32.83 45.99
C ALA M 101 -46.71 31.63 46.36
N ARG M 102 -46.22 30.76 47.26
CA ARG M 102 -47.05 29.66 47.70
C ARG M 102 -48.17 30.11 48.61
N ALA M 103 -47.96 31.15 49.41
CA ALA M 103 -48.92 31.59 50.39
C ALA M 103 -49.79 32.75 49.91
N ALA M 104 -49.39 33.42 48.83
CA ALA M 104 -50.27 34.39 48.17
C ALA M 104 -51.23 33.72 47.20
N ASN M 105 -51.13 32.41 47.04
CA ASN M 105 -51.88 31.72 46.01
C ASN M 105 -52.48 30.39 46.46
N ASN M 106 -52.65 30.16 47.77
CA ASN M 106 -53.26 28.96 48.37
C ASN M 106 -52.50 27.70 47.99
N GLY M 107 -51.20 27.66 48.29
CA GLY M 107 -50.41 26.47 48.03
C GLY M 107 -49.72 26.45 46.69
N ALA M 108 -50.49 26.50 45.61
CA ALA M 108 -49.98 26.33 44.25
C ALA M 108 -49.14 27.52 43.80
N LEU M 109 -48.11 27.23 43.00
CA LEU M 109 -47.18 28.22 42.46
C LEU M 109 -47.52 28.50 41.00
N PRO M 110 -47.74 29.75 40.61
CA PRO M 110 -48.01 30.08 39.21
C PRO M 110 -46.74 30.01 38.38
N PRO M 111 -46.78 29.35 37.24
CA PRO M 111 -45.56 29.12 36.47
C PRO M 111 -45.10 30.35 35.72
N ASP M 112 -43.84 30.28 35.28
CA ASP M 112 -43.34 31.22 34.29
C ASP M 112 -44.10 31.02 32.98
N LEU M 113 -44.39 32.12 32.30
CA LEU M 113 -45.16 32.08 31.06
C LEU M 113 -44.30 32.31 29.82
N SER M 114 -42.97 32.25 29.95
CA SER M 114 -42.12 32.53 28.81
C SER M 114 -42.09 31.38 27.79
N TYR M 115 -42.26 30.14 28.25
CA TYR M 115 -42.27 28.98 27.37
C TYR M 115 -43.55 28.18 27.48
N ILE M 116 -44.66 28.81 27.83
CA ILE M 116 -45.83 28.05 28.22
C ILE M 116 -46.52 27.41 27.01
N VAL M 117 -46.34 27.97 25.82
CA VAL M 117 -46.95 27.37 24.64
C VAL M 117 -46.10 26.21 24.10
N ARG M 118 -44.79 26.41 24.06
CA ARG M 118 -43.83 25.33 23.70
C ARG M 118 -43.84 24.18 24.72
N ALA M 119 -44.33 24.29 25.97
CA ALA M 119 -44.22 23.27 27.00
C ALA M 119 -45.57 22.65 27.32
N ARG M 120 -46.47 22.66 26.35
CA ARG M 120 -47.78 22.05 26.53
C ARG M 120 -48.09 21.20 25.31
N HIS M 121 -48.85 20.13 25.54
CA HIS M 121 -49.38 19.32 24.46
C HIS M 121 -50.62 20.03 23.92
N GLY M 122 -50.44 20.87 22.92
CA GLY M 122 -51.55 21.61 22.37
C GLY M 122 -51.21 23.03 21.95
N GLY M 123 -50.20 23.62 22.56
CA GLY M 123 -49.79 24.93 22.09
C GLY M 123 -50.71 26.05 22.59
N GLU M 124 -50.97 27.02 21.72
CA GLU M 124 -51.87 28.14 22.10
C GLU M 124 -53.29 27.58 22.24
N ASP M 125 -53.62 26.54 21.48
CA ASP M 125 -54.97 25.98 21.53
C ASP M 125 -55.33 25.47 22.91
N TYR M 126 -54.33 25.07 23.68
CA TYR M 126 -54.61 24.68 25.09
C TYR M 126 -54.78 25.95 25.90
N VAL M 127 -53.89 26.94 25.69
CA VAL M 127 -53.92 28.16 26.48
C VAL M 127 -55.17 28.96 26.20
N PHE M 128 -55.64 28.95 24.94
CA PHE M 128 -56.89 29.63 24.61
C PHE M 128 -58.08 28.93 25.24
N SER M 129 -58.15 27.61 25.13
CA SER M 129 -59.31 26.87 25.61
C SER M 129 -59.32 26.69 27.12
N LEU M 130 -58.24 27.02 27.80
CA LEU M 130 -58.21 27.02 29.26
C LEU M 130 -58.95 28.24 29.79
N LEU M 131 -58.63 29.41 29.25
CA LEU M 131 -59.18 30.70 29.65
C LEU M 131 -60.67 30.81 29.33
N THR M 132 -61.13 30.00 28.37
CA THR M 132 -62.37 30.28 27.65
C THR M 132 -63.32 29.11 27.87
N GLY M 133 -63.19 28.44 29.02
CA GLY M 133 -63.90 27.19 29.22
C GLY M 133 -64.24 26.85 30.66
N TYR M 134 -64.11 27.83 31.55
CA TYR M 134 -64.44 27.64 32.97
C TYR M 134 -65.93 27.32 33.15
N CYS M 135 -66.24 26.54 34.17
CA CYS M 135 -67.62 26.21 34.48
C CYS M 135 -67.73 25.79 35.94
N GLU M 136 -68.98 25.89 36.49
CA GLU M 136 -69.21 25.42 37.85
C GLU M 136 -69.23 23.89 37.88
N PRO M 137 -68.81 23.25 38.97
CA PRO M 137 -68.64 21.79 38.97
C PRO M 137 -69.98 21.08 38.94
N PRO M 138 -70.11 19.87 38.33
CA PRO M 138 -71.41 19.20 38.24
C PRO M 138 -71.67 18.34 39.50
N THR M 139 -72.64 17.44 39.42
CA THR M 139 -72.99 16.59 40.60
C THR M 139 -71.83 15.65 40.92
N GLY M 140 -71.75 15.24 42.19
CA GLY M 140 -70.71 14.28 42.57
C GLY M 140 -69.33 14.91 42.69
N VAL M 141 -69.15 16.14 42.16
CA VAL M 141 -67.80 16.67 42.26
C VAL M 141 -67.82 17.79 43.29
N SER M 142 -66.98 17.66 44.31
CA SER M 142 -66.87 18.66 45.35
C SER M 142 -65.40 18.98 45.56
N LEU M 143 -65.12 20.26 45.77
CA LEU M 143 -63.77 20.79 45.68
C LEU M 143 -63.34 21.37 47.02
N ARG M 144 -62.14 21.94 47.02
CA ARG M 144 -61.59 22.61 48.20
C ARG M 144 -62.08 24.05 48.21
N GLU M 145 -61.49 24.90 49.05
CA GLU M 145 -62.04 26.24 49.19
C GLU M 145 -61.53 27.17 48.09
N GLY M 146 -60.23 27.28 47.88
CA GLY M 146 -59.76 27.94 46.68
C GLY M 146 -59.30 26.94 45.65
N LEU M 147 -60.21 26.51 44.78
CA LEU M 147 -60.05 25.62 43.65
C LEU M 147 -61.30 25.74 42.79
N TYR M 148 -61.11 25.69 41.48
CA TYR M 148 -62.17 25.96 40.53
C TYR M 148 -62.18 24.82 39.51
N PHE M 149 -63.36 24.58 38.94
CA PHE M 149 -63.55 23.42 38.06
C PHE M 149 -63.26 23.82 36.61
N ASN M 150 -61.98 23.82 36.28
CA ASN M 150 -61.56 23.98 34.89
C ASN M 150 -61.50 22.62 34.22
N PRO M 151 -62.32 22.35 33.20
CA PRO M 151 -62.31 21.02 32.58
C PRO M 151 -61.09 20.77 31.70
N TYR M 152 -60.33 21.80 31.35
CA TYR M 152 -59.16 21.65 30.51
C TYR M 152 -57.89 21.64 31.33
N PHE M 153 -57.96 21.12 32.55
CA PHE M 153 -56.78 21.06 33.39
C PHE M 153 -56.54 19.63 33.84
N PRO M 154 -55.26 19.20 33.94
CA PRO M 154 -54.98 17.87 34.49
C PRO M 154 -55.41 17.75 35.95
N GLY M 155 -56.45 16.95 36.19
CA GLY M 155 -57.05 16.85 37.50
C GLY M 155 -58.30 17.68 37.70
N GLN M 156 -58.73 18.41 36.65
CA GLN M 156 -59.92 19.28 36.59
C GLN M 156 -60.13 20.18 37.82
N ALA M 157 -59.06 20.62 38.47
CA ALA M 157 -59.18 21.47 39.64
C ALA M 157 -57.93 22.35 39.73
N ILE M 158 -58.08 23.63 39.45
CA ILE M 158 -56.96 24.55 39.32
C ILE M 158 -57.07 25.63 40.39
N ALA M 159 -55.92 26.02 40.94
CA ALA M 159 -55.85 27.06 41.96
C ALA M 159 -55.55 28.42 41.37
N MET M 160 -56.42 28.87 40.48
CA MET M 160 -56.26 30.12 39.75
C MET M 160 -57.64 30.68 39.46
N ALA M 161 -57.90 31.89 39.95
CA ALA M 161 -59.19 32.52 39.69
C ALA M 161 -59.27 32.92 38.22
N PRO M 162 -60.48 32.89 37.63
CA PRO M 162 -60.65 33.29 36.22
C PRO M 162 -60.22 34.74 35.99
N PRO M 163 -59.20 34.96 35.17
CA PRO M 163 -58.57 36.29 35.10
C PRO M 163 -59.20 37.26 34.12
N ILE M 164 -59.96 36.81 33.11
CA ILE M 164 -60.47 37.72 32.10
C ILE M 164 -61.98 37.54 31.95
N TYR M 165 -62.66 38.67 31.74
CA TYR M 165 -64.07 38.75 31.43
C TYR M 165 -64.24 39.94 30.49
N ASN M 166 -65.49 40.37 30.29
CA ASN M 166 -65.76 41.48 29.36
C ASN M 166 -65.27 42.81 29.94
N GLU M 167 -64.34 43.42 29.21
CA GLU M 167 -63.67 44.68 29.53
C GLU M 167 -62.97 44.64 30.89
N VAL M 168 -61.92 43.84 30.98
CA VAL M 168 -60.91 44.00 32.02
C VAL M 168 -60.02 45.20 31.74
N LEU M 169 -59.96 45.61 30.48
CA LEU M 169 -59.20 46.78 30.06
C LEU M 169 -59.82 47.29 28.76
N GLU M 170 -59.27 48.35 28.18
CA GLU M 170 -59.69 48.80 26.87
C GLU M 170 -58.48 49.20 26.04
N PHE M 171 -58.46 48.75 24.79
CA PHE M 171 -57.31 48.90 23.92
C PHE M 171 -57.24 50.33 23.38
N ASP M 172 -56.09 50.66 22.79
CA ASP M 172 -55.97 51.91 22.03
C ASP M 172 -56.31 51.70 20.56
N ASP M 173 -57.44 51.05 20.31
CA ASP M 173 -57.82 50.67 18.95
C ASP M 173 -59.27 50.93 18.61
N GLY M 174 -60.17 51.02 19.60
CA GLY M 174 -61.59 50.97 19.32
C GLY M 174 -62.15 49.59 19.13
N THR M 175 -61.29 48.57 19.18
CA THR M 175 -61.73 47.19 19.15
C THR M 175 -62.47 46.87 20.44
N PRO M 176 -63.63 46.23 20.36
CA PRO M 176 -64.39 45.94 21.59
C PRO M 176 -63.71 44.90 22.45
N ALA M 177 -63.21 45.41 23.63
CA ALA M 177 -62.45 44.45 24.45
C ALA M 177 -63.38 43.39 25.02
N THR M 178 -63.46 42.21 24.35
CA THR M 178 -64.39 41.14 24.81
C THR M 178 -63.59 39.94 25.32
N MET M 179 -64.25 39.04 26.04
CA MET M 179 -63.58 37.82 26.59
C MET M 179 -62.73 37.17 25.50
N SER M 180 -63.25 37.06 24.27
CA SER M 180 -62.53 36.36 23.23
C SER M 180 -61.39 37.19 22.68
N GLN M 181 -61.60 38.50 22.56
CA GLN M 181 -60.60 39.38 21.95
C GLN M 181 -59.35 39.46 22.81
N VAL M 182 -59.51 39.55 24.12
CA VAL M 182 -58.36 39.62 25.02
C VAL M 182 -57.67 38.26 25.11
N ALA M 183 -58.40 37.18 24.81
CA ALA M 183 -57.86 35.83 24.90
C ALA M 183 -57.03 35.48 23.68
N LYS M 184 -57.54 35.80 22.48
CA LYS M 184 -56.83 35.58 21.22
C LYS M 184 -55.56 36.41 21.15
N ASP M 185 -55.56 37.56 21.82
CA ASP M 185 -54.41 38.45 21.75
C ASP M 185 -53.25 37.94 22.60
N VAL M 186 -53.50 37.34 23.77
CA VAL M 186 -52.41 36.75 24.54
C VAL M 186 -52.04 35.39 23.97
N CYS M 187 -52.84 34.86 23.06
CA CYS M 187 -52.43 33.65 22.37
C CYS M 187 -51.77 33.95 21.04
N THR M 188 -51.69 35.22 20.65
CA THR M 188 -50.85 35.66 19.54
C THR M 188 -49.65 36.41 20.07
N PHE M 189 -49.78 36.95 21.28
CA PHE M 189 -48.68 36.99 22.22
C PHE M 189 -48.43 35.56 22.73
N LEU M 190 -47.38 35.36 23.53
CA LEU M 190 -47.01 34.07 24.14
C LEU M 190 -46.66 32.97 23.14
N ARG M 191 -46.75 33.28 21.84
CA ARG M 191 -46.26 32.36 20.80
C ARG M 191 -45.01 33.07 20.31
N TRP M 192 -45.10 34.37 20.06
CA TRP M 192 -43.89 35.14 19.67
C TRP M 192 -42.88 34.98 20.80
N ALA M 193 -43.36 34.93 22.05
CA ALA M 193 -42.44 34.69 23.18
C ALA M 193 -41.83 33.29 23.00
N SER M 194 -42.68 32.28 22.79
CA SER M 194 -42.18 30.89 22.64
C SER M 194 -41.24 30.80 21.43
N GLU M 195 -41.67 31.28 20.25
CA GLU M 195 -40.75 31.30 19.08
C GLU M 195 -40.61 32.70 18.48
N PRO M 196 -39.66 33.54 18.94
CA PRO M 196 -39.36 34.82 18.31
C PRO M 196 -38.80 34.73 16.91
N GLU M 197 -38.55 33.52 16.40
CA GLU M 197 -38.01 33.33 15.06
C GLU M 197 -39.03 32.74 14.10
N HIS M 198 -40.31 32.71 14.46
CA HIS M 198 -41.40 32.12 13.69
C HIS M 198 -41.55 32.68 12.28
N ASP M 199 -41.38 33.98 12.13
CA ASP M 199 -41.53 34.62 10.82
C ASP M 199 -40.23 34.62 10.03
N HIS M 200 -39.08 34.72 10.70
CA HIS M 200 -37.81 34.69 10.00
C HIS M 200 -37.48 33.32 9.42
N ARG M 201 -38.03 32.24 9.97
CA ARG M 201 -37.77 30.90 9.45
C ARG M 201 -38.73 30.47 8.38
N LYS M 202 -39.92 31.04 8.30
CA LYS M 202 -40.84 30.66 7.23
C LYS M 202 -40.52 31.37 5.93
N ARG M 203 -39.65 32.37 5.96
CA ARG M 203 -39.20 33.09 4.78
C ARG M 203 -37.84 32.61 4.28
N MET M 204 -36.98 32.10 5.18
CA MET M 204 -35.79 31.38 4.73
C MET M 204 -36.13 30.01 4.18
N GLY M 205 -37.28 29.45 4.54
CA GLY M 205 -37.78 28.24 3.93
C GLY M 205 -38.38 28.44 2.55
N LEU M 206 -38.47 29.69 2.09
CA LEU M 206 -38.78 29.98 0.70
C LEU M 206 -37.54 30.25 -0.14
N LYS M 207 -36.49 30.81 0.45
CA LYS M 207 -35.18 31.06 -0.16
C LYS M 207 -34.34 29.84 -0.27
N MET M 208 -34.89 28.70 0.16
CA MET M 208 -34.26 27.39 0.03
C MET M 208 -35.00 26.47 -0.91
N LEU M 209 -36.31 26.54 -0.99
CA LEU M 209 -37.07 25.76 -1.95
C LEU M 209 -36.95 26.29 -3.38
N MET M 210 -36.39 27.48 -3.57
CA MET M 210 -36.17 28.02 -4.90
C MET M 210 -34.75 27.82 -5.39
N MET M 211 -33.81 27.55 -4.49
CA MET M 211 -32.46 27.15 -4.87
C MET M 211 -32.33 25.63 -4.94
N MET M 212 -33.40 24.89 -4.65
CA MET M 212 -33.43 23.45 -4.87
C MET M 212 -34.26 23.06 -6.07
N GLY M 213 -35.10 23.95 -6.59
CA GLY M 213 -35.73 23.74 -7.88
C GLY M 213 -34.84 24.10 -9.03
N LEU M 214 -33.69 24.74 -8.76
CA LEU M 214 -32.67 24.99 -9.76
C LEU M 214 -31.63 23.89 -9.72
N LEU M 215 -31.00 23.70 -8.58
CA LEU M 215 -29.88 22.79 -8.41
C LEU M 215 -30.21 21.31 -8.60
N LEU M 216 -31.37 20.85 -8.15
CA LEU M 216 -31.67 19.42 -8.26
C LEU M 216 -31.98 18.89 -9.67
N PRO M 217 -32.70 19.61 -10.59
CA PRO M 217 -32.87 19.03 -11.94
C PRO M 217 -31.59 19.07 -12.77
N LEU M 218 -30.58 19.76 -12.27
CA LEU M 218 -29.39 20.07 -13.02
C LEU M 218 -28.16 19.30 -12.56
N VAL M 219 -28.24 18.56 -11.47
CA VAL M 219 -27.30 17.50 -11.19
C VAL M 219 -27.88 16.15 -11.64
N TYR M 220 -29.20 16.07 -11.79
CA TYR M 220 -29.83 14.83 -12.22
C TYR M 220 -29.57 14.55 -13.69
N ALA M 221 -29.55 15.57 -14.53
CA ALA M 221 -29.28 15.36 -15.95
C ALA M 221 -27.79 15.34 -16.28
N MET M 222 -26.95 15.81 -15.37
CA MET M 222 -25.53 15.50 -15.44
C MET M 222 -25.26 14.04 -15.14
N LYS M 223 -26.06 13.43 -14.28
CA LYS M 223 -26.01 12.01 -13.99
C LYS M 223 -26.56 11.18 -15.13
N ARG M 224 -27.59 11.67 -15.81
CA ARG M 224 -28.20 10.90 -16.93
C ARG M 224 -27.21 10.83 -18.10
N HIS M 225 -26.38 11.87 -18.27
CA HIS M 225 -25.44 11.96 -19.37
C HIS M 225 -24.36 10.88 -19.27
N LYS M 226 -23.75 10.71 -18.08
CA LYS M 226 -22.66 9.75 -17.91
C LYS M 226 -23.15 8.31 -17.98
N TRP M 227 -24.31 8.04 -17.42
CA TRP M 227 -24.77 6.67 -17.32
C TRP M 227 -25.38 6.14 -18.60
N SER M 228 -25.52 6.96 -19.63
CA SER M 228 -26.13 6.52 -20.89
C SER M 228 -25.21 5.65 -21.73
N VAL M 229 -23.89 5.74 -21.50
CA VAL M 229 -22.94 4.82 -22.11
C VAL M 229 -23.25 3.38 -21.71
N LEU M 230 -23.43 3.16 -20.41
CA LEU M 230 -23.71 1.84 -19.90
C LEU M 230 -25.14 1.39 -20.18
N LYS M 231 -26.08 2.32 -20.22
CA LYS M 231 -27.47 1.94 -20.37
C LYS M 231 -27.85 1.57 -21.79
N SER M 232 -26.99 1.83 -22.78
CA SER M 232 -27.28 1.54 -24.16
C SER M 232 -26.52 0.36 -24.74
N ARG M 233 -25.57 -0.21 -23.99
CA ARG M 233 -24.61 -1.15 -24.55
C ARG M 233 -25.24 -2.52 -24.87
N LYS M 234 -24.60 -3.23 -25.79
CA LYS M 234 -25.03 -4.54 -26.25
C LYS M 234 -23.94 -5.57 -26.01
N LEU M 235 -24.34 -6.84 -25.81
CA LEU M 235 -23.41 -7.93 -25.52
C LEU M 235 -23.68 -9.13 -26.40
N ALA M 236 -22.62 -9.85 -26.79
CA ALA M 236 -22.78 -11.08 -27.55
C ALA M 236 -21.68 -12.07 -27.20
N TYR M 237 -22.03 -13.36 -27.29
CA TYR M 237 -21.15 -14.48 -26.96
C TYR M 237 -20.96 -15.33 -28.20
N ARG M 238 -19.72 -15.41 -28.68
CA ARG M 238 -19.38 -16.14 -29.90
C ARG M 238 -18.36 -17.24 -29.61
N PRO M 239 -18.80 -18.40 -29.07
CA PRO M 239 -17.86 -19.49 -28.81
C PRO M 239 -17.47 -20.25 -30.08
N SER N 1 -16.31 -16.27 -38.75
CA SER N 1 -15.32 -15.34 -39.26
C SER N 1 -15.55 -13.96 -38.68
N HIS N 2 -14.52 -13.11 -38.72
CA HIS N 2 -14.66 -11.75 -38.22
C HIS N 2 -15.50 -10.88 -39.13
N THR N 3 -15.63 -11.25 -40.40
CA THR N 3 -16.46 -10.52 -41.35
C THR N 3 -17.93 -10.91 -41.26
N ASP N 4 -18.32 -11.63 -40.21
CA ASP N 4 -19.70 -12.04 -39.99
C ASP N 4 -20.38 -11.22 -38.91
N ILE N 5 -19.74 -10.16 -38.40
CA ILE N 5 -20.34 -9.37 -37.35
C ILE N 5 -20.69 -8.00 -37.91
N ARG N 6 -21.82 -7.47 -37.46
CA ARG N 6 -22.24 -6.10 -37.68
C ARG N 6 -22.57 -5.48 -36.34
N VAL N 7 -22.31 -4.17 -36.22
CA VAL N 7 -22.82 -3.42 -35.07
C VAL N 7 -24.34 -3.41 -35.12
N PRO N 8 -25.04 -3.75 -34.05
CA PRO N 8 -26.50 -3.89 -34.11
C PRO N 8 -27.22 -2.54 -34.16
N ASP N 9 -28.55 -2.62 -34.20
CA ASP N 9 -29.39 -1.45 -34.45
C ASP N 9 -29.39 -0.50 -33.25
N PHE N 10 -29.08 0.76 -33.51
CA PHE N 10 -29.08 1.79 -32.47
C PHE N 10 -30.14 2.86 -32.74
N SER N 11 -31.16 2.55 -33.53
CA SER N 11 -32.15 3.56 -33.92
C SER N 11 -33.11 3.93 -32.80
N ASP N 12 -33.17 3.15 -31.73
CA ASP N 12 -34.02 3.50 -30.60
C ASP N 12 -33.35 4.45 -29.62
N TYR N 13 -32.12 4.89 -29.88
CA TYR N 13 -31.38 5.71 -28.95
C TYR N 13 -30.75 6.95 -29.55
N ARG N 14 -30.81 7.15 -30.85
CA ARG N 14 -30.13 8.29 -31.46
C ARG N 14 -30.90 9.58 -31.22
N ARG N 15 -30.22 10.71 -31.49
CA ARG N 15 -30.92 11.98 -31.59
C ARG N 15 -31.86 11.95 -32.80
N ALA N 16 -32.82 12.89 -32.82
CA ALA N 16 -34.00 12.76 -33.67
C ALA N 16 -33.67 12.83 -35.15
N GLU N 17 -32.82 13.78 -35.55
CA GLU N 17 -32.42 13.89 -36.95
C GLU N 17 -31.05 13.28 -37.22
N VAL N 18 -30.51 12.48 -36.29
CA VAL N 18 -29.36 11.64 -36.59
C VAL N 18 -29.81 10.21 -36.86
N LEU N 19 -31.13 9.98 -36.96
CA LEU N 19 -31.63 8.82 -37.69
C LEU N 19 -31.37 8.94 -39.20
N ASP N 20 -30.97 10.12 -39.68
CA ASP N 20 -30.59 10.39 -41.07
C ASP N 20 -29.36 9.56 -41.40
N SER N 21 -29.55 8.48 -42.18
CA SER N 21 -28.47 7.56 -42.50
C SER N 21 -27.78 7.88 -43.82
N THR N 22 -28.31 8.83 -44.60
CA THR N 22 -27.85 9.10 -45.96
C THR N 22 -27.12 10.43 -46.10
N LYS N 23 -26.94 11.13 -44.98
CA LYS N 23 -26.14 12.38 -45.00
C LYS N 23 -24.70 12.02 -44.59
N SER N 24 -23.86 13.02 -44.32
CA SER N 24 -22.47 12.75 -43.86
C SER N 24 -22.27 13.36 -42.47
N SER N 25 -23.34 13.57 -41.70
CA SER N 25 -23.24 14.15 -40.33
C SER N 25 -22.40 15.43 -40.35
N LYS N 26 -22.48 16.23 -41.42
CA LYS N 26 -21.76 17.52 -41.45
C LYS N 26 -22.74 18.57 -40.93
N GLU N 27 -23.74 18.91 -41.74
CA GLU N 27 -24.79 19.87 -41.30
C GLU N 27 -25.38 19.36 -39.99
N SER N 28 -25.16 18.09 -39.66
CA SER N 28 -25.63 17.52 -38.37
C SER N 28 -24.43 17.25 -37.46
N SER N 29 -23.46 18.18 -37.42
CA SER N 29 -22.29 18.04 -36.51
C SER N 29 -22.15 19.34 -35.71
N ASP N 30 -21.42 19.30 -34.58
CA ASP N 30 -21.29 20.50 -33.69
C ASP N 30 -22.62 21.27 -33.69
N ALA N 31 -23.77 20.50 -33.63
CA ALA N 31 -25.08 21.18 -33.58
C ALA N 31 -26.03 20.30 -32.78
N ARG N 32 -25.48 19.18 -32.24
CA ARG N 32 -26.28 18.29 -31.41
C ARG N 32 -25.46 17.59 -30.31
N LYS N 33 -24.32 18.16 -29.96
CA LYS N 33 -23.55 17.58 -28.82
C LYS N 33 -23.81 18.42 -27.56
N GLY N 34 -25.13 18.89 -27.37
CA GLY N 34 -25.29 19.54 -26.08
C GLY N 34 -26.60 19.66 -25.31
N PHE N 35 -27.62 18.82 -25.54
CA PHE N 35 -28.91 19.13 -24.92
C PHE N 35 -28.96 18.73 -23.46
N SER N 36 -28.30 17.62 -23.10
CA SER N 36 -28.03 17.28 -21.71
C SER N 36 -26.80 18.00 -21.17
N TYR N 37 -26.31 19.03 -21.86
CA TYR N 37 -25.09 19.74 -21.50
C TYR N 37 -25.29 21.18 -21.04
N LEU N 38 -26.14 21.99 -21.70
CA LEU N 38 -26.40 23.33 -21.16
C LEU N 38 -27.26 23.28 -19.91
N ILE N 39 -27.79 22.11 -19.58
CA ILE N 39 -28.10 21.70 -18.21
C ILE N 39 -26.95 22.05 -17.28
N THR N 40 -25.72 21.65 -17.64
CA THR N 40 -24.59 21.88 -16.74
C THR N 40 -24.08 23.32 -16.78
N ALA N 41 -24.46 24.10 -17.80
CA ALA N 41 -24.06 25.50 -17.85
C ALA N 41 -24.86 26.36 -16.87
N THR N 42 -26.16 26.10 -16.71
CA THR N 42 -26.96 26.77 -15.70
C THR N 42 -26.89 26.07 -14.34
N THR N 43 -26.23 24.92 -14.27
CA THR N 43 -25.86 24.35 -12.97
C THR N 43 -24.74 25.14 -12.32
N THR N 44 -23.88 25.76 -13.16
CA THR N 44 -22.83 26.66 -12.68
C THR N 44 -23.43 27.81 -11.87
N VAL N 45 -24.60 28.30 -12.32
CA VAL N 45 -25.42 29.22 -11.53
C VAL N 45 -26.01 28.56 -10.28
N GLY N 46 -26.24 27.26 -10.32
CA GLY N 46 -26.91 26.57 -9.22
C GLY N 46 -26.00 25.96 -8.16
N VAL N 47 -24.73 25.72 -8.48
CA VAL N 47 -23.77 25.13 -7.55
C VAL N 47 -23.18 26.29 -6.72
N ALA N 48 -23.55 27.52 -7.06
CA ALA N 48 -23.20 28.71 -6.28
C ALA N 48 -23.90 28.79 -4.92
N TYR N 49 -24.75 27.81 -4.57
CA TYR N 49 -25.33 27.77 -3.23
C TYR N 49 -24.30 27.41 -2.17
N ALA N 50 -23.31 26.58 -2.53
CA ALA N 50 -22.32 26.10 -1.57
C ALA N 50 -21.27 27.13 -1.18
N ALA N 51 -21.31 28.34 -1.76
CA ALA N 51 -20.43 29.43 -1.35
C ALA N 51 -21.21 30.61 -0.80
N LYS N 52 -22.26 31.06 -1.49
CA LYS N 52 -23.02 32.23 -1.12
C LYS N 52 -24.02 31.94 0.02
N ASN N 53 -24.20 30.66 0.38
CA ASN N 53 -25.05 30.33 1.51
C ASN N 53 -24.36 29.48 2.57
N ALA N 54 -23.13 29.01 2.33
CA ALA N 54 -22.37 28.30 3.36
C ALA N 54 -21.33 29.15 4.05
N VAL N 55 -20.62 30.02 3.32
CA VAL N 55 -19.52 30.79 3.89
C VAL N 55 -19.98 32.23 4.06
N SER N 56 -20.82 32.72 3.15
CA SER N 56 -21.26 34.11 3.21
C SER N 56 -22.26 34.36 4.33
N GLN N 57 -22.79 33.31 4.96
CA GLN N 57 -23.67 33.46 6.11
C GLN N 57 -22.91 33.52 7.42
N PHE N 58 -21.94 32.63 7.62
CA PHE N 58 -21.41 32.34 8.96
C PHE N 58 -20.17 33.17 9.28
N VAL N 59 -20.35 34.49 9.26
CA VAL N 59 -19.46 35.41 9.96
C VAL N 59 -20.20 36.20 11.05
N SER N 60 -21.53 36.34 10.92
CA SER N 60 -22.25 37.37 11.65
C SER N 60 -22.49 37.02 13.11
N SER N 61 -22.15 35.81 13.55
CA SER N 61 -22.24 35.53 14.99
C SER N 61 -21.09 36.20 15.73
N MET N 62 -19.90 36.22 15.14
CA MET N 62 -18.71 36.83 15.73
C MET N 62 -18.19 37.99 14.88
N SER N 63 -19.07 38.90 14.47
CA SER N 63 -18.69 40.04 13.65
C SER N 63 -19.19 41.33 14.32
N ALA N 64 -19.21 42.42 13.55
CA ALA N 64 -19.70 43.70 14.07
C ALA N 64 -21.19 43.68 14.36
N SER N 65 -21.93 42.74 13.75
CA SER N 65 -23.27 42.43 14.22
C SER N 65 -23.20 41.88 15.64
N ALA N 66 -24.08 42.37 16.50
CA ALA N 66 -23.85 42.31 17.93
C ALA N 66 -24.43 41.05 18.57
N ASP N 67 -24.48 41.09 19.91
CA ASP N 67 -25.19 40.14 20.77
C ASP N 67 -26.45 40.74 21.39
N VAL N 68 -26.29 41.93 21.99
CA VAL N 68 -27.47 42.63 22.58
C VAL N 68 -27.90 43.70 21.57
N LEU N 69 -29.21 43.92 21.43
CA LEU N 69 -29.71 44.89 20.43
C LEU N 69 -29.23 46.29 20.80
N ALA N 70 -29.70 46.82 21.93
CA ALA N 70 -29.33 48.19 22.36
C ALA N 70 -28.15 48.14 23.33
N MET N 71 -26.93 48.42 22.88
CA MET N 71 -25.81 48.27 23.82
C MET N 71 -25.27 49.61 24.29
N SER N 72 -24.68 50.40 23.39
CA SER N 72 -24.06 51.67 23.72
C SER N 72 -24.32 52.68 22.61
N LYS N 73 -24.64 52.16 21.42
CA LYS N 73 -24.83 52.99 20.24
C LYS N 73 -26.15 53.74 20.29
N ILE N 74 -27.19 53.12 20.82
CA ILE N 74 -28.48 53.77 21.00
C ILE N 74 -28.76 54.09 22.46
N GLU N 75 -27.95 53.55 23.39
CA GLU N 75 -28.11 53.85 24.80
C GLU N 75 -27.74 55.29 25.11
N ILE N 76 -28.71 56.04 25.59
CA ILE N 76 -28.53 57.44 25.95
C ILE N 76 -27.87 57.48 27.33
N LYS N 77 -26.94 58.40 27.52
CA LYS N 77 -26.12 58.35 28.73
C LYS N 77 -26.48 59.43 29.73
N LEU N 78 -26.33 59.08 31.00
CA LEU N 78 -26.72 59.82 32.19
C LEU N 78 -25.62 60.83 32.56
N SER N 79 -25.90 61.67 33.56
CA SER N 79 -24.85 62.45 34.21
C SER N 79 -24.35 61.69 35.44
N ASP N 80 -23.75 60.53 35.17
CA ASP N 80 -22.99 59.76 36.16
C ASP N 80 -21.54 60.22 36.19
N ILE N 81 -21.23 61.35 35.55
CA ILE N 81 -19.87 61.86 35.44
C ILE N 81 -19.83 63.24 36.09
N PRO N 82 -19.23 63.40 37.27
CA PRO N 82 -18.94 64.73 37.78
C PRO N 82 -17.74 65.32 37.07
N GLU N 83 -17.82 66.62 36.79
CA GLU N 83 -16.75 67.30 36.07
C GLU N 83 -15.54 67.46 36.98
N GLY N 84 -14.38 67.09 36.48
CA GLY N 84 -13.16 67.10 37.27
C GLY N 84 -12.31 65.88 37.03
N LYS N 85 -12.93 64.71 36.89
CA LYS N 85 -12.21 63.48 36.60
C LYS N 85 -13.17 62.58 35.83
N ASN N 86 -12.61 61.53 35.22
CA ASN N 86 -13.42 60.61 34.38
C ASN N 86 -12.93 59.19 34.66
N MET N 87 -13.86 58.29 34.97
CA MET N 87 -13.51 56.91 35.30
C MET N 87 -14.29 55.97 34.37
N ALA N 88 -14.04 54.66 34.53
CA ALA N 88 -14.14 53.67 33.46
C ALA N 88 -15.58 53.34 33.05
N PHE N 89 -15.69 52.68 31.90
CA PHE N 89 -16.93 52.20 31.29
C PHE N 89 -16.87 50.69 31.02
N LYS N 90 -17.82 50.19 30.23
CA LYS N 90 -18.03 48.76 30.09
C LYS N 90 -17.86 48.24 28.64
N TRP N 91 -18.31 48.97 27.62
CA TRP N 91 -18.30 48.41 26.27
C TRP N 91 -17.54 49.33 25.32
N ARG N 92 -17.49 48.94 24.05
CA ARG N 92 -16.68 49.65 23.03
C ARG N 92 -15.23 49.38 23.45
N GLY N 93 -15.04 48.32 24.24
CA GLY N 93 -13.68 47.91 24.67
C GLY N 93 -13.18 48.69 25.87
N LYS N 94 -12.33 49.68 25.65
CA LYS N 94 -11.72 50.43 26.77
C LYS N 94 -12.60 51.63 27.15
N PRO N 95 -12.37 52.32 28.29
CA PRO N 95 -13.23 53.43 28.74
C PRO N 95 -13.21 54.61 27.77
N LEU N 96 -14.33 54.81 27.09
CA LEU N 96 -14.53 55.96 26.21
C LEU N 96 -14.94 57.15 27.07
N PHE N 97 -13.94 57.87 27.60
CA PHE N 97 -14.10 58.84 28.68
C PHE N 97 -14.89 60.06 28.18
N VAL N 98 -16.17 60.12 28.55
CA VAL N 98 -17.06 61.20 28.13
C VAL N 98 -16.77 62.44 28.96
N ARG N 99 -16.91 63.62 28.36
CA ARG N 99 -16.33 64.85 28.92
C ARG N 99 -17.40 65.93 29.09
N HIS N 100 -17.43 66.53 30.29
CA HIS N 100 -18.14 67.78 30.57
C HIS N 100 -17.09 68.77 31.06
N ARG N 101 -16.52 69.53 30.13
CA ARG N 101 -15.50 70.54 30.51
C ARG N 101 -16.23 71.63 31.30
N THR N 102 -17.48 71.93 30.94
CA THR N 102 -18.24 73.03 31.59
C THR N 102 -17.42 74.33 31.45
N LYS N 103 -17.34 74.89 30.25
CA LYS N 103 -16.59 76.16 29.99
C LYS N 103 -15.10 76.00 30.33
N LYS N 104 -14.62 74.76 30.48
CA LYS N 104 -13.16 74.54 30.72
C LYS N 104 -12.54 73.96 29.44
N GLU N 105 -11.24 73.64 29.47
CA GLU N 105 -10.53 73.14 28.26
C GLU N 105 -10.49 74.23 27.18
N ILE N 106 -11.21 75.37 27.42
CA ILE N 106 -11.18 76.43 26.37
C ILE N 106 -9.85 77.19 26.52
N ASP N 107 -9.29 77.69 25.41
CA ASP N 107 -7.97 78.38 25.43
C ASP N 107 -6.87 77.32 25.57
N GLN N 108 -6.93 76.45 26.59
CA GLN N 108 -5.93 75.35 26.65
C GLN N 108 -5.80 74.75 25.25
N GLU N 109 -6.92 74.57 24.55
CA GLU N 109 -6.85 74.05 23.19
C GLU N 109 -5.99 74.88 22.24
N ALA N 110 -6.21 76.18 22.15
CA ALA N 110 -5.61 76.99 21.09
C ALA N 110 -4.40 77.81 21.54
N ALA N 111 -3.87 77.56 22.73
CA ALA N 111 -2.71 78.31 23.19
C ALA N 111 -1.44 77.88 22.47
N VAL N 112 -1.20 76.57 22.36
CA VAL N 112 -0.04 76.06 21.63
C VAL N 112 -0.45 75.75 20.19
N GLU N 113 0.39 76.16 19.26
CA GLU N 113 0.07 76.04 17.84
C GLU N 113 0.85 74.89 17.20
N VAL N 114 0.82 74.83 15.87
CA VAL N 114 0.92 73.60 15.11
C VAL N 114 2.37 73.16 14.90
N SER N 115 3.34 74.04 15.17
CA SER N 115 4.69 73.94 14.59
C SER N 115 5.46 72.70 15.04
N GLN N 116 5.77 72.61 16.33
CA GLN N 116 6.46 71.43 16.84
C GLN N 116 5.49 70.27 17.10
N LEU N 117 4.18 70.52 17.07
CA LEU N 117 3.16 69.50 17.27
C LEU N 117 3.24 68.43 16.19
N ARG N 118 3.31 67.17 16.60
CA ARG N 118 3.53 66.05 15.69
C ARG N 118 2.38 65.81 14.72
N ASP N 119 1.14 65.90 15.20
CA ASP N 119 -0.04 65.53 14.41
C ASP N 119 -0.96 66.72 14.21
N PRO N 120 -1.21 67.14 12.96
CA PRO N 120 -2.31 68.09 12.77
C PRO N 120 -3.66 67.39 12.93
N GLN N 121 -4.22 67.54 14.13
CA GLN N 121 -5.56 67.02 14.43
C GLN N 121 -6.03 67.81 15.65
N HIS N 122 -6.86 68.82 15.41
CA HIS N 122 -7.33 69.69 16.46
C HIS N 122 -8.83 69.53 16.67
N ASP N 123 -9.29 69.97 17.84
CA ASP N 123 -10.68 69.81 18.23
C ASP N 123 -11.57 70.95 17.76
N LEU N 124 -11.20 71.62 16.67
CA LEU N 124 -12.06 72.63 16.08
C LEU N 124 -13.12 72.06 15.17
N GLU N 125 -12.91 70.83 14.68
CA GLU N 125 -13.75 70.29 13.60
C GLU N 125 -14.30 68.90 13.95
N ARG N 126 -13.53 68.11 14.71
CA ARG N 126 -13.95 66.75 15.05
C ARG N 126 -15.16 66.77 15.97
N VAL N 127 -15.06 67.47 17.08
CA VAL N 127 -16.21 67.81 17.89
C VAL N 127 -16.73 69.17 17.44
N LYS N 128 -18.05 69.35 17.53
CA LYS N 128 -18.66 70.49 16.85
C LYS N 128 -18.72 71.74 17.74
N LYS N 129 -19.07 71.62 19.01
CA LYS N 129 -18.98 72.82 19.85
C LYS N 129 -18.14 72.51 21.09
N PRO N 130 -17.28 73.44 21.52
CA PRO N 130 -16.09 73.04 22.30
C PRO N 130 -16.32 72.68 23.77
N GLU N 131 -17.56 72.42 24.22
CA GLU N 131 -17.78 71.83 25.54
C GLU N 131 -18.00 70.33 25.46
N TRP N 132 -17.46 69.66 24.46
CA TRP N 132 -17.86 68.31 24.08
C TRP N 132 -16.64 67.58 23.55
N VAL N 133 -16.33 66.42 24.14
CA VAL N 133 -15.42 65.44 23.54
C VAL N 133 -15.69 64.10 24.21
N ILE N 134 -15.32 63.02 23.53
CA ILE N 134 -15.20 61.68 24.11
C ILE N 134 -13.85 61.12 23.69
N LEU N 135 -13.29 60.24 24.51
CA LEU N 135 -11.93 59.76 24.34
C LEU N 135 -11.91 58.29 23.93
N ILE N 136 -10.71 57.77 23.73
CA ILE N 136 -10.50 56.37 23.36
C ILE N 136 -9.51 55.77 24.35
N GLY N 137 -9.67 54.49 24.66
CA GLY N 137 -8.78 53.82 25.59
C GLY N 137 -7.58 53.14 24.94
N VAL N 138 -7.30 53.47 23.68
CA VAL N 138 -6.17 52.87 22.98
C VAL N 138 -5.04 53.90 22.95
N CYS N 139 -3.92 53.39 22.44
CA CYS N 139 -2.79 54.30 22.18
C CYS N 139 -2.47 54.09 20.70
N THR N 140 -1.45 54.75 20.21
CA THR N 140 -0.99 54.57 18.84
C THR N 140 0.12 53.54 18.71
N HIS N 141 0.74 53.13 19.82
CA HIS N 141 1.81 52.16 19.78
C HIS N 141 1.61 51.00 20.75
N LEU N 142 0.99 51.23 21.90
CA LEU N 142 0.98 50.25 22.98
C LEU N 142 -0.41 49.89 23.47
N GLY N 143 -1.33 50.85 23.57
CA GLY N 143 -2.59 50.57 24.24
C GLY N 143 -2.62 51.12 25.66
N CYS N 144 -2.22 52.38 25.82
CA CYS N 144 -1.95 53.00 27.11
C CYS N 144 -2.95 54.10 27.42
N VAL N 145 -3.62 53.98 28.57
CA VAL N 145 -4.28 55.10 29.23
C VAL N 145 -3.89 55.08 30.70
N PRO N 146 -3.68 56.22 31.34
CA PRO N 146 -3.24 56.23 32.73
C PRO N 146 -4.37 56.31 33.75
N ILE N 147 -3.97 56.27 35.03
CA ILE N 147 -4.86 56.66 36.10
C ILE N 147 -5.18 58.14 35.96
N ALA N 148 -6.48 58.46 35.96
CA ALA N 148 -6.98 59.74 35.49
C ALA N 148 -6.61 60.90 36.41
N ASN N 149 -6.42 62.07 35.78
CA ASN N 149 -6.06 63.34 36.43
C ASN N 149 -4.75 63.24 37.21
N ALA N 150 -3.67 63.04 36.47
CA ALA N 150 -2.32 63.13 37.02
C ALA N 150 -1.41 63.74 35.95
N GLY N 151 -0.72 64.80 36.32
CA GLY N 151 0.13 65.50 35.37
C GLY N 151 0.44 66.90 35.85
N ASP N 152 1.19 67.63 35.02
CA ASP N 152 1.53 69.01 35.32
C ASP N 152 0.65 70.02 34.57
N PHE N 153 0.39 69.78 33.28
CA PHE N 153 -0.40 70.72 32.48
C PHE N 153 -1.90 70.48 32.60
N GLY N 154 -2.31 69.28 33.00
CA GLY N 154 -3.72 68.94 33.11
C GLY N 154 -4.03 67.70 32.31
N GLY N 155 -3.00 66.95 31.96
CA GLY N 155 -3.14 65.82 31.07
C GLY N 155 -2.96 64.47 31.71
N TYR N 156 -2.13 63.62 31.09
CA TYR N 156 -2.04 62.21 31.44
C TYR N 156 -0.62 61.88 31.88
N TYR N 157 -0.53 60.96 32.85
CA TYR N 157 0.73 60.52 33.44
C TYR N 157 0.97 59.08 33.00
N CYS N 158 1.54 58.92 31.80
CA CYS N 158 1.93 57.61 31.30
C CYS N 158 3.24 57.19 31.96
N PRO N 159 3.25 56.22 32.91
CA PRO N 159 4.48 55.89 33.63
C PRO N 159 5.26 54.73 33.00
N CYS N 160 4.92 54.37 31.75
CA CYS N 160 5.67 53.32 31.02
C CYS N 160 7.05 53.86 30.63
N HIS N 161 7.09 54.87 29.76
CA HIS N 161 8.38 55.44 29.30
C HIS N 161 8.34 56.97 29.44
N GLY N 162 7.94 57.47 30.61
CA GLY N 162 7.93 58.92 30.86
C GLY N 162 7.20 59.69 29.78
N SER N 163 6.32 59.04 29.02
CA SER N 163 5.52 59.77 28.04
C SER N 163 4.47 60.62 28.75
N HIS N 164 3.88 61.54 28.00
CA HIS N 164 2.88 62.45 28.54
C HIS N 164 1.81 62.74 27.51
N TYR N 165 0.54 62.53 27.89
CA TYR N 165 -0.58 62.75 26.93
C TYR N 165 -1.42 63.94 27.41
N ASP N 166 -2.32 64.44 26.54
CA ASP N 166 -3.18 65.61 26.91
C ASP N 166 -4.61 65.12 27.17
N ALA N 167 -5.47 66.00 27.68
CA ALA N 167 -6.82 65.56 28.02
C ALA N 167 -7.63 65.15 26.80
N SER N 168 -7.67 66.01 25.76
CA SER N 168 -8.46 65.69 24.57
C SER N 168 -7.66 64.92 23.52
N GLY N 169 -6.53 64.35 23.88
CA GLY N 169 -5.89 63.37 23.03
C GLY N 169 -4.82 63.79 22.06
N ARG N 170 -3.78 64.47 22.55
CA ARG N 170 -2.56 64.66 21.77
C ARG N 170 -1.35 64.43 22.67
N ILE N 171 -0.18 64.38 22.03
CA ILE N 171 1.03 63.83 22.63
C ILE N 171 2.13 64.87 22.55
N ARG N 172 2.84 65.06 23.67
CA ARG N 172 4.05 65.86 23.72
C ARG N 172 5.28 65.08 23.23
N LYS N 173 5.37 63.81 23.61
CA LYS N 173 6.58 63.01 23.68
C LYS N 173 6.66 62.02 22.52
N GLY N 174 7.63 61.11 22.60
CA GLY N 174 7.70 59.95 21.75
C GLY N 174 7.53 58.70 22.60
N PRO N 175 7.53 57.52 21.96
CA PRO N 175 7.65 57.25 20.53
C PRO N 175 6.29 57.02 19.87
N ALA N 176 5.34 57.90 20.16
CA ALA N 176 3.98 57.79 19.62
C ALA N 176 3.92 58.32 18.20
N PRO N 177 3.66 57.47 17.20
CA PRO N 177 3.68 57.93 15.81
C PRO N 177 2.50 58.80 15.43
N LEU N 178 1.31 58.43 15.88
CA LEU N 178 0.05 59.09 15.56
C LEU N 178 -0.47 59.76 16.84
N ASN N 179 -1.63 60.40 16.76
CA ASN N 179 -2.37 60.74 17.96
C ASN N 179 -3.58 59.83 18.09
N LEU N 180 -4.25 59.91 19.25
CA LEU N 180 -5.25 58.93 19.65
C LEU N 180 -6.50 59.03 18.79
N GLU N 181 -6.93 57.87 18.28
CA GLU N 181 -7.87 57.79 17.16
C GLU N 181 -9.30 58.10 17.59
N VAL N 182 -10.21 57.89 16.64
CA VAL N 182 -11.51 58.56 16.62
C VAL N 182 -12.61 57.57 17.05
N PRO N 183 -13.62 58.03 17.78
CA PRO N 183 -14.84 57.25 17.95
C PRO N 183 -15.90 57.68 16.91
N THR N 184 -16.85 56.79 16.68
CA THR N 184 -17.87 57.04 15.67
C THR N 184 -19.17 57.51 16.32
N TYR N 185 -19.64 58.67 15.88
CA TYR N 185 -20.80 59.28 16.51
C TYR N 185 -21.49 60.21 15.52
N GLU N 186 -22.78 60.43 15.76
CA GLU N 186 -23.56 61.47 15.09
C GLU N 186 -24.46 62.11 16.15
N PHE N 187 -24.03 63.21 16.75
CA PHE N 187 -24.85 63.90 17.75
C PHE N 187 -25.96 64.66 17.06
N THR N 188 -27.20 64.32 17.40
CA THR N 188 -28.37 64.99 16.81
C THR N 188 -29.26 65.67 17.83
N SER N 189 -29.73 64.94 18.84
CA SER N 189 -30.87 65.34 19.65
C SER N 189 -30.43 66.14 20.87
N ASP N 190 -31.34 66.28 21.85
CA ASP N 190 -31.24 67.29 22.89
C ASP N 190 -30.15 66.94 23.91
N ASP N 191 -30.32 65.81 24.59
CA ASP N 191 -29.41 65.40 25.65
C ASP N 191 -29.02 63.94 25.48
N LEU N 192 -29.66 63.22 24.56
CA LEU N 192 -29.46 61.79 24.42
C LEU N 192 -28.14 61.56 23.67
N VAL N 193 -27.24 60.83 24.30
CA VAL N 193 -25.91 60.62 23.74
C VAL N 193 -25.89 59.33 22.93
N ILE N 194 -25.70 59.46 21.62
CA ILE N 194 -25.55 58.33 20.72
C ILE N 194 -24.13 58.39 20.11
N VAL N 195 -23.28 57.48 20.56
CA VAL N 195 -21.96 57.24 19.98
C VAL N 195 -22.00 55.84 19.35
N GLY N 196 -21.96 55.81 18.02
CA GLY N 196 -22.16 54.58 17.29
C GLY N 196 -23.10 54.73 16.09
N THR O 1 25.86 20.09 -61.51
CA THR O 1 25.09 20.07 -60.27
C THR O 1 23.65 20.53 -60.49
N ALA O 2 22.73 19.93 -59.77
CA ALA O 2 21.32 20.24 -59.86
C ALA O 2 20.77 20.65 -58.50
N THR O 3 19.46 20.82 -58.43
CA THR O 3 18.77 21.25 -57.23
C THR O 3 17.53 20.38 -57.07
N TYR O 4 16.99 20.33 -55.85
CA TYR O 4 15.70 19.69 -55.64
C TYR O 4 14.59 20.46 -56.33
N ALA O 5 14.75 21.77 -56.49
CA ALA O 5 13.78 22.57 -57.24
C ALA O 5 13.86 22.27 -58.73
N GLN O 6 15.08 22.19 -59.26
CA GLN O 6 15.27 21.93 -60.71
C GLN O 6 14.79 20.52 -61.06
N ALA O 7 15.11 19.55 -60.19
CA ALA O 7 14.78 18.15 -60.48
C ALA O 7 13.28 17.89 -60.44
N LEU O 8 12.48 18.76 -59.86
CA LEU O 8 11.04 18.62 -59.95
C LEU O 8 10.48 19.18 -61.26
N GLN O 9 11.26 19.96 -61.99
CA GLN O 9 10.89 20.46 -63.32
C GLN O 9 11.36 19.52 -64.42
N SER O 10 11.78 18.33 -64.03
CA SER O 10 12.30 17.37 -65.00
C SER O 10 11.55 16.05 -64.98
N VAL O 11 10.56 15.88 -64.12
CA VAL O 11 9.73 14.69 -64.17
C VAL O 11 8.87 14.82 -65.42
N PRO O 12 8.89 13.83 -66.32
CA PRO O 12 8.07 13.91 -67.52
C PRO O 12 6.58 13.84 -67.20
N GLU O 13 5.82 14.66 -67.88
CA GLU O 13 4.42 14.87 -67.58
C GLU O 13 3.57 13.70 -68.03
N THR O 14 2.39 13.61 -67.46
CA THR O 14 1.46 12.53 -67.78
C THR O 14 0.54 13.00 -68.89
N GLN O 15 0.68 12.41 -70.05
CA GLN O 15 -0.14 12.77 -71.21
C GLN O 15 -1.45 12.00 -71.12
N VAL O 16 -2.55 12.72 -71.07
CA VAL O 16 -3.87 12.12 -70.95
C VAL O 16 -4.61 12.34 -72.25
N SER O 17 -5.22 11.27 -72.76
CA SER O 17 -6.08 11.33 -73.92
C SER O 17 -7.38 10.63 -73.59
N GLN O 18 -8.29 10.61 -74.55
CA GLN O 18 -9.63 10.09 -74.30
C GLN O 18 -10.22 9.57 -75.60
N LEU O 19 -10.71 8.36 -75.58
CA LEU O 19 -11.41 7.77 -76.70
C LEU O 19 -12.85 8.25 -76.71
N ASP O 20 -13.56 7.94 -77.80
CA ASP O 20 -14.99 8.22 -77.87
C ASP O 20 -15.83 7.29 -77.00
N ASN O 21 -15.16 6.33 -76.35
CA ASN O 21 -15.88 5.49 -75.36
C ASN O 21 -15.76 6.18 -74.00
N GLY O 22 -14.96 7.25 -73.91
CA GLY O 22 -14.78 7.93 -72.66
C GLY O 22 -13.58 7.43 -71.88
N LEU O 23 -12.94 6.36 -72.34
CA LEU O 23 -11.78 5.78 -71.68
C LEU O 23 -10.62 6.76 -71.68
N ARG O 24 -10.09 7.03 -70.50
CA ARG O 24 -8.92 7.87 -70.40
C ARG O 24 -7.67 7.01 -70.52
N VAL O 25 -6.64 7.55 -71.16
CA VAL O 25 -5.40 6.85 -71.46
C VAL O 25 -4.23 7.72 -71.01
N ALA O 26 -3.48 7.26 -70.03
CA ALA O 26 -2.40 8.07 -69.47
C ALA O 26 -1.11 7.29 -69.50
N SER O 27 0.00 8.02 -69.41
CA SER O 27 1.31 7.44 -69.70
C SER O 27 2.40 8.29 -69.07
N GLU O 28 3.59 7.71 -69.02
CA GLU O 28 4.81 8.45 -68.73
C GLU O 28 5.97 7.66 -69.31
N GLN O 29 6.89 8.35 -69.97
CA GLN O 29 8.00 7.73 -70.69
C GLN O 29 9.33 8.21 -70.13
N SER O 30 10.17 7.26 -69.69
CA SER O 30 11.49 7.66 -69.17
C SER O 30 12.60 6.71 -69.58
N SER O 31 12.51 6.11 -70.78
CA SER O 31 13.59 5.33 -71.42
C SER O 31 14.02 4.11 -70.61
N GLN O 32 13.12 3.12 -70.47
CA GLN O 32 13.46 1.90 -69.76
C GLN O 32 13.08 0.67 -70.57
N PRO O 33 13.80 -0.46 -70.41
CA PRO O 33 13.45 -1.68 -71.16
C PRO O 33 12.28 -2.48 -70.59
N THR O 34 11.70 -2.10 -69.47
CA THR O 34 10.52 -2.78 -68.95
C THR O 34 9.40 -1.77 -68.73
N CYS O 35 8.16 -2.24 -68.81
CA CYS O 35 7.02 -1.29 -68.71
C CYS O 35 5.85 -1.93 -67.96
N THR O 36 5.17 -1.15 -67.11
CA THR O 36 3.97 -1.67 -66.43
C THR O 36 2.74 -1.20 -67.20
N VAL O 37 1.70 -2.04 -67.25
CA VAL O 37 0.44 -1.65 -67.94
C VAL O 37 -0.74 -2.25 -67.18
N GLY O 38 -1.73 -1.45 -66.82
CA GLY O 38 -2.91 -2.03 -66.21
C GLY O 38 -4.15 -1.19 -66.42
N VAL O 39 -5.26 -1.66 -65.85
CA VAL O 39 -6.52 -0.92 -65.85
C VAL O 39 -6.94 -0.68 -64.40
N TRP O 40 -7.39 0.54 -64.13
CA TRP O 40 -7.87 0.95 -62.82
C TRP O 40 -9.35 1.30 -62.92
N ILE O 41 -10.17 0.67 -62.08
CA ILE O 41 -11.62 0.75 -62.19
C ILE O 41 -12.16 1.41 -60.94
N ASP O 42 -13.22 2.22 -61.10
CA ASP O 42 -13.98 2.76 -59.97
C ASP O 42 -15.10 1.80 -59.58
N ALA O 43 -14.70 0.69 -58.98
CA ALA O 43 -15.63 -0.24 -58.35
C ALA O 43 -15.02 -0.69 -57.04
N GLY O 44 -15.85 -1.24 -56.17
CA GLY O 44 -15.39 -1.61 -54.85
C GLY O 44 -16.55 -2.17 -54.06
N SER O 45 -16.31 -2.33 -52.77
CA SER O 45 -17.35 -2.89 -51.90
C SER O 45 -18.32 -1.83 -51.39
N ARG O 46 -17.97 -0.55 -51.48
CA ARG O 46 -18.87 0.55 -51.17
C ARG O 46 -19.91 0.81 -52.25
N TYR O 47 -19.86 0.08 -53.37
CA TYR O 47 -20.92 0.12 -54.38
C TYR O 47 -21.80 -1.13 -54.33
N GLU O 48 -21.80 -1.84 -53.20
CA GLU O 48 -22.58 -3.05 -53.05
C GLU O 48 -23.59 -2.90 -51.92
N ASN O 49 -24.75 -3.51 -52.10
CA ASN O 49 -25.74 -3.61 -51.07
C ASN O 49 -25.61 -4.97 -50.42
N GLU O 50 -26.53 -5.29 -49.52
CA GLU O 50 -26.36 -6.48 -48.68
C GLU O 50 -26.73 -7.77 -49.38
N LYS O 51 -27.04 -7.75 -50.67
CA LYS O 51 -27.30 -8.99 -51.38
C LYS O 51 -26.02 -9.57 -51.98
N ASN O 52 -25.05 -8.73 -52.32
CA ASN O 52 -23.87 -9.18 -53.06
C ASN O 52 -22.60 -8.48 -52.58
N ASN O 53 -22.39 -8.41 -51.26
CA ASN O 53 -21.17 -7.81 -50.73
C ASN O 53 -19.93 -8.63 -51.08
N GLY O 54 -20.06 -9.92 -51.34
CA GLY O 54 -18.86 -10.64 -51.72
C GLY O 54 -18.47 -10.51 -53.18
N ALA O 55 -19.32 -9.90 -54.00
CA ALA O 55 -19.28 -10.10 -55.45
C ALA O 55 -18.05 -9.50 -56.11
N GLY O 56 -17.52 -8.40 -55.56
CA GLY O 56 -16.36 -7.78 -56.18
C GLY O 56 -15.07 -8.52 -55.98
N TYR O 57 -14.96 -9.28 -54.89
CA TYR O 57 -13.79 -10.08 -54.58
C TYR O 57 -13.84 -11.44 -55.26
N PHE O 58 -15.04 -11.96 -55.48
CA PHE O 58 -15.26 -13.20 -56.22
C PHE O 58 -14.85 -13.06 -57.68
N VAL O 59 -15.09 -11.89 -58.28
CA VAL O 59 -14.78 -11.65 -59.69
C VAL O 59 -13.28 -11.53 -59.91
N GLU O 60 -12.55 -11.00 -58.92
CA GLU O 60 -11.10 -10.89 -59.05
C GLU O 60 -10.42 -12.25 -58.99
N HIS O 61 -11.04 -13.24 -58.34
CA HIS O 61 -10.49 -14.59 -58.33
C HIS O 61 -10.58 -15.24 -59.71
N LEU O 62 -11.67 -15.04 -60.42
CA LEU O 62 -11.88 -15.73 -61.68
C LEU O 62 -11.25 -15.03 -62.88
N ALA O 63 -10.49 -13.97 -62.66
CA ALA O 63 -10.05 -13.14 -63.77
C ALA O 63 -8.86 -13.74 -64.53
N PHE O 64 -8.06 -14.59 -63.88
CA PHE O 64 -6.89 -15.18 -64.54
C PHE O 64 -7.08 -16.66 -64.83
N LYS O 65 -8.32 -17.11 -65.04
CA LYS O 65 -8.61 -18.54 -65.10
C LYS O 65 -9.41 -18.91 -66.34
N GLY O 66 -9.27 -18.15 -67.42
CA GLY O 66 -10.02 -18.57 -68.60
C GLY O 66 -10.80 -17.44 -69.24
N THR O 67 -10.56 -17.25 -70.55
CA THR O 67 -11.20 -16.18 -71.31
C THR O 67 -11.89 -16.84 -72.51
N LYS O 68 -12.52 -16.07 -73.42
CA LYS O 68 -13.14 -16.63 -74.60
C LYS O 68 -12.14 -17.01 -75.69
N ASN O 69 -11.00 -16.34 -75.77
CA ASN O 69 -9.97 -16.59 -76.77
C ASN O 69 -8.79 -17.37 -76.23
N ARG O 70 -8.45 -17.18 -74.96
CA ARG O 70 -7.43 -17.97 -74.30
C ARG O 70 -8.09 -18.77 -73.19
N PRO O 71 -8.47 -20.02 -73.42
CA PRO O 71 -9.23 -20.76 -72.40
C PRO O 71 -8.32 -21.44 -71.38
N GLY O 72 -8.83 -21.49 -70.15
CA GLY O 72 -8.17 -22.14 -69.03
C GLY O 72 -6.78 -21.62 -68.70
N SER O 73 -5.79 -22.50 -68.74
CA SER O 73 -4.43 -22.13 -68.41
C SER O 73 -3.60 -21.76 -69.63
N ALA O 74 -4.25 -21.52 -70.78
CA ALA O 74 -3.51 -21.02 -71.92
C ALA O 74 -3.09 -19.57 -71.72
N LEU O 75 -3.86 -18.82 -70.93
CA LEU O 75 -3.45 -17.48 -70.54
C LEU O 75 -2.23 -17.54 -69.64
N GLU O 76 -2.18 -18.56 -68.76
CA GLU O 76 -1.04 -18.74 -67.87
C GLU O 76 0.23 -19.08 -68.63
N LYS O 77 0.10 -19.89 -69.69
CA LYS O 77 1.27 -20.29 -70.48
C LYS O 77 1.87 -19.11 -71.23
N GLU O 78 1.02 -18.19 -71.71
CA GLU O 78 1.51 -17.10 -72.54
C GLU O 78 2.20 -16.02 -71.72
N VAL O 79 1.69 -15.74 -70.52
CA VAL O 79 2.36 -14.78 -69.64
C VAL O 79 3.68 -15.35 -69.15
N GLU O 80 3.73 -16.65 -68.90
CA GLU O 80 4.93 -17.26 -68.36
C GLU O 80 6.03 -17.40 -69.41
N SER O 81 5.66 -17.59 -70.69
CA SER O 81 6.66 -17.86 -71.72
C SER O 81 7.48 -16.64 -72.10
N MET O 82 7.00 -15.42 -71.84
CA MET O 82 7.77 -14.22 -72.14
C MET O 82 8.36 -13.57 -70.91
N GLY O 83 8.19 -14.15 -69.72
CA GLY O 83 8.79 -13.64 -68.51
C GLY O 83 8.00 -12.53 -67.85
N ALA O 84 6.68 -12.63 -67.87
CA ALA O 84 5.80 -11.54 -67.44
C ALA O 84 5.06 -11.91 -66.18
N HIS O 85 4.73 -10.91 -65.36
CA HIS O 85 4.01 -11.08 -64.11
C HIS O 85 2.61 -10.50 -64.26
N LEU O 86 1.68 -10.97 -63.44
CA LEU O 86 0.26 -10.68 -63.62
C LEU O 86 -0.41 -10.54 -62.25
N ASN O 87 -0.44 -9.32 -61.71
CA ASN O 87 -0.93 -9.04 -60.37
C ASN O 87 -2.35 -8.45 -60.41
N ALA O 88 -2.92 -8.25 -59.23
CA ALA O 88 -4.24 -7.64 -59.04
C ALA O 88 -4.31 -7.12 -57.60
N TYR O 89 -5.33 -6.30 -57.31
CA TYR O 89 -5.78 -6.00 -55.95
C TYR O 89 -7.21 -5.50 -55.95
N SER O 90 -7.72 -5.15 -54.76
CA SER O 90 -9.12 -4.80 -54.55
C SER O 90 -9.30 -4.12 -53.20
N THR O 91 -9.91 -2.94 -53.16
CA THR O 91 -10.24 -2.23 -51.92
C THR O 91 -11.72 -1.90 -51.89
N ARG O 92 -12.08 -0.98 -51.00
CA ARG O 92 -13.47 -0.53 -50.91
C ARG O 92 -13.83 0.45 -52.03
N GLU O 93 -12.84 1.12 -52.62
CA GLU O 93 -13.04 2.16 -53.62
C GLU O 93 -12.56 1.79 -55.02
N HIS O 94 -11.46 1.06 -55.15
CA HIS O 94 -10.80 0.79 -56.43
C HIS O 94 -10.76 -0.70 -56.71
N THR O 95 -10.32 -1.04 -57.93
CA THR O 95 -10.07 -2.41 -58.36
C THR O 95 -9.10 -2.34 -59.52
N ALA O 96 -7.99 -3.08 -59.46
CA ALA O 96 -6.97 -3.04 -60.48
C ALA O 96 -6.70 -4.43 -61.05
N TYR O 97 -6.08 -4.47 -62.24
CA TYR O 97 -5.44 -5.63 -62.82
C TYR O 97 -4.28 -5.11 -63.65
N TYR O 98 -3.07 -5.66 -63.50
CA TYR O 98 -1.96 -5.10 -64.25
C TYR O 98 -0.96 -6.18 -64.65
N ILE O 99 0.07 -5.77 -65.39
CA ILE O 99 1.08 -6.64 -65.99
C ILE O 99 2.42 -5.93 -65.95
N LYS O 100 3.45 -6.61 -65.47
CA LYS O 100 4.82 -6.23 -65.77
C LYS O 100 5.29 -7.07 -66.95
N ALA O 101 6.03 -6.46 -67.87
CA ALA O 101 6.55 -7.16 -69.04
C ALA O 101 7.76 -6.42 -69.55
N LEU O 102 8.28 -6.87 -70.68
CA LEU O 102 9.29 -6.15 -71.43
C LEU O 102 8.63 -5.16 -72.37
N SER O 103 9.32 -4.06 -72.65
CA SER O 103 8.73 -3.05 -73.51
C SER O 103 8.95 -3.35 -74.98
N LYS O 104 8.63 -4.58 -75.38
CA LYS O 104 8.41 -4.98 -76.76
C LYS O 104 7.27 -5.98 -76.88
N ASP O 105 6.81 -6.56 -75.78
CA ASP O 105 5.59 -7.34 -75.73
C ASP O 105 4.41 -6.51 -75.26
N LEU O 106 4.57 -5.18 -75.24
CA LEU O 106 3.44 -4.27 -75.02
C LEU O 106 2.27 -4.46 -75.98
N PRO O 107 2.43 -4.73 -77.30
CA PRO O 107 1.24 -5.09 -78.09
C PRO O 107 0.56 -6.37 -77.64
N LYS O 108 1.32 -7.36 -77.19
CA LYS O 108 0.70 -8.57 -76.66
C LYS O 108 0.11 -8.32 -75.28
N ALA O 109 0.78 -7.51 -74.46
CA ALA O 109 0.34 -7.28 -73.09
C ALA O 109 -0.97 -6.49 -73.05
N VAL O 110 -1.11 -5.48 -73.90
CA VAL O 110 -2.33 -4.68 -73.94
C VAL O 110 -3.50 -5.51 -74.45
N GLU O 111 -3.23 -6.42 -75.40
CA GLU O 111 -4.27 -7.34 -75.87
C GLU O 111 -4.69 -8.31 -74.78
N LEU O 112 -3.77 -8.69 -73.90
CA LEU O 112 -4.09 -9.55 -72.77
C LEU O 112 -4.99 -8.84 -71.77
N LEU O 113 -4.67 -7.58 -71.45
CA LEU O 113 -5.46 -6.81 -70.49
C LEU O 113 -6.84 -6.47 -71.04
N ALA O 114 -6.93 -6.17 -72.34
CA ALA O 114 -8.23 -5.85 -72.92
C ALA O 114 -9.12 -7.08 -73.02
N ASP O 115 -8.54 -8.25 -73.19
CA ASP O 115 -9.33 -9.47 -73.26
C ASP O 115 -9.81 -9.90 -71.87
N ILE O 116 -9.00 -9.65 -70.83
CA ILE O 116 -9.37 -10.03 -69.46
C ILE O 116 -10.62 -9.28 -69.01
N VAL O 117 -10.61 -7.96 -69.16
CA VAL O 117 -11.70 -7.16 -68.59
C VAL O 117 -12.96 -7.15 -69.42
N GLN O 118 -12.95 -7.75 -70.61
CA GLN O 118 -14.14 -7.77 -71.45
C GLN O 118 -14.84 -9.12 -71.52
N ASN O 119 -14.11 -10.23 -71.62
CA ASN O 119 -14.72 -11.50 -72.04
C ASN O 119 -14.36 -12.65 -71.10
N CYS O 120 -14.47 -12.46 -69.79
CA CYS O 120 -14.26 -13.58 -68.87
C CYS O 120 -15.43 -14.56 -68.95
N SER O 121 -15.12 -15.84 -68.69
CA SER O 121 -16.12 -16.88 -68.84
C SER O 121 -17.07 -16.94 -67.67
N LEU O 122 -16.53 -16.92 -66.44
CA LEU O 122 -17.26 -17.13 -65.18
C LEU O 122 -18.10 -18.39 -65.25
N GLU O 123 -17.45 -19.50 -65.57
CA GLU O 123 -18.12 -20.76 -65.82
C GLU O 123 -18.50 -21.43 -64.50
N ASP O 124 -19.51 -22.30 -64.58
CA ASP O 124 -20.11 -22.86 -63.37
C ASP O 124 -19.20 -23.86 -62.67
N SER O 125 -18.31 -24.52 -63.40
CA SER O 125 -17.44 -25.51 -62.77
C SER O 125 -16.26 -24.89 -62.04
N GLN O 126 -15.90 -23.66 -62.40
CA GLN O 126 -14.78 -22.98 -61.76
C GLN O 126 -15.20 -22.20 -60.53
N ILE O 127 -16.43 -21.69 -60.49
CA ILE O 127 -16.84 -20.90 -59.34
C ILE O 127 -17.11 -21.79 -58.12
N GLU O 128 -17.51 -23.05 -58.35
CA GLU O 128 -17.70 -23.95 -57.23
C GLU O 128 -16.37 -24.39 -56.65
N LYS O 129 -15.35 -24.50 -57.50
CA LYS O 129 -14.00 -24.73 -57.01
C LYS O 129 -13.40 -23.48 -56.41
N GLU O 130 -13.94 -22.30 -56.75
CA GLU O 130 -13.43 -21.05 -56.22
C GLU O 130 -14.07 -20.67 -54.90
N ARG O 131 -15.24 -21.25 -54.60
CA ARG O 131 -15.89 -20.99 -53.34
C ARG O 131 -15.08 -21.56 -52.17
N ASP O 132 -14.46 -22.71 -52.37
CA ASP O 132 -13.68 -23.35 -51.30
C ASP O 132 -12.38 -22.61 -51.03
N VAL O 133 -11.77 -22.03 -52.06
CA VAL O 133 -10.54 -21.28 -51.84
C VAL O 133 -10.80 -19.99 -51.06
N ILE O 134 -11.99 -19.40 -51.22
CA ILE O 134 -12.30 -18.18 -50.47
C ILE O 134 -12.69 -18.49 -49.04
N LEU O 135 -13.45 -19.56 -48.80
CA LEU O 135 -13.90 -19.90 -47.47
C LEU O 135 -12.75 -20.28 -46.53
N GLN O 136 -11.68 -20.84 -47.08
CA GLN O 136 -10.51 -21.17 -46.27
C GLN O 136 -9.62 -19.97 -46.01
N GLU O 137 -9.51 -19.05 -46.96
CA GLU O 137 -8.67 -17.88 -46.70
C GLU O 137 -9.39 -16.85 -45.85
N LEU O 138 -10.69 -17.00 -45.64
CA LEU O 138 -11.35 -16.27 -44.58
C LEU O 138 -10.90 -16.75 -43.21
N GLN O 139 -10.66 -18.06 -43.07
CA GLN O 139 -10.17 -18.62 -41.81
C GLN O 139 -8.72 -18.24 -41.55
N GLU O 140 -7.91 -18.14 -42.60
CA GLU O 140 -6.56 -17.62 -42.45
C GLU O 140 -6.55 -16.14 -42.10
N ASN O 141 -7.61 -15.41 -42.45
CA ASN O 141 -7.72 -14.00 -42.15
C ASN O 141 -8.05 -13.73 -40.70
N ASP O 142 -8.68 -14.67 -40.01
CA ASP O 142 -8.99 -14.48 -38.59
C ASP O 142 -7.76 -14.51 -37.71
N SER O 143 -6.66 -15.10 -38.17
CA SER O 143 -5.44 -15.16 -37.39
C SER O 143 -4.60 -13.91 -37.54
N SER O 144 -4.87 -13.08 -38.55
CA SER O 144 -4.18 -11.80 -38.68
C SER O 144 -4.94 -10.78 -37.85
N MET O 145 -4.33 -10.32 -36.77
CA MET O 145 -5.05 -9.49 -35.81
C MET O 145 -5.21 -8.06 -36.30
N ARG O 146 -4.27 -7.58 -37.11
CA ARG O 146 -4.34 -6.23 -37.65
C ARG O 146 -5.44 -6.10 -38.69
N ASP O 147 -5.69 -7.15 -39.46
CA ASP O 147 -6.78 -7.11 -40.43
C ASP O 147 -8.14 -7.13 -39.74
N VAL O 148 -8.25 -7.85 -38.62
CA VAL O 148 -9.51 -7.94 -37.92
C VAL O 148 -9.79 -6.66 -37.13
N VAL O 149 -8.76 -6.02 -36.58
CA VAL O 149 -9.04 -4.84 -35.77
C VAL O 149 -9.32 -3.61 -36.65
N PHE O 150 -8.72 -3.53 -37.84
CA PHE O 150 -9.05 -2.45 -38.76
C PHE O 150 -10.37 -2.69 -39.45
N ASP O 151 -10.84 -3.92 -39.54
CA ASP O 151 -12.21 -4.16 -39.99
C ASP O 151 -13.23 -3.77 -38.93
N TYR O 152 -12.86 -3.82 -37.65
CA TYR O 152 -13.74 -3.38 -36.58
C TYR O 152 -13.92 -1.86 -36.60
N LEU O 153 -12.86 -1.14 -36.93
CA LEU O 153 -12.90 0.32 -36.97
C LEU O 153 -13.78 0.84 -38.12
N HIS O 154 -13.90 0.10 -39.21
CA HIS O 154 -14.80 0.54 -40.27
C HIS O 154 -16.24 0.13 -39.98
N ALA O 155 -16.45 -0.98 -39.29
CA ALA O 155 -17.80 -1.38 -38.96
C ALA O 155 -18.39 -0.57 -37.82
N THR O 156 -17.55 0.11 -37.02
CA THR O 156 -18.06 0.94 -35.94
C THR O 156 -18.09 2.43 -36.25
N ALA O 157 -17.23 2.93 -37.13
CA ALA O 157 -17.22 4.36 -37.42
C ALA O 157 -18.22 4.76 -38.47
N PHE O 158 -18.67 3.83 -39.31
CA PHE O 158 -19.58 4.11 -40.41
C PHE O 158 -20.74 3.14 -40.40
N GLN O 159 -21.38 2.98 -39.24
CA GLN O 159 -22.22 1.83 -38.90
C GLN O 159 -23.36 1.57 -39.87
N GLY O 160 -24.15 2.58 -40.17
CA GLY O 160 -25.35 2.35 -40.96
C GLY O 160 -25.21 2.42 -42.46
N THR O 161 -24.01 2.61 -42.98
CA THR O 161 -23.72 3.01 -44.35
C THR O 161 -23.00 1.91 -45.14
N PRO O 162 -22.88 2.05 -46.47
CA PRO O 162 -22.06 1.10 -47.24
C PRO O 162 -20.55 1.15 -46.99
N LEU O 163 -20.04 2.10 -46.22
CA LEU O 163 -18.62 2.14 -45.97
C LEU O 163 -18.24 1.33 -44.75
N ALA O 164 -19.21 0.64 -44.14
CA ALA O 164 -18.96 -0.24 -43.00
C ALA O 164 -18.52 -1.63 -43.45
N GLN O 165 -19.15 -2.15 -44.50
CA GLN O 165 -18.91 -3.50 -44.95
C GLN O 165 -17.47 -3.65 -45.46
N SER O 166 -16.99 -4.89 -45.47
CA SER O 166 -15.62 -5.20 -45.86
C SER O 166 -15.59 -5.78 -47.27
N VAL O 167 -14.37 -5.93 -47.79
CA VAL O 167 -14.18 -6.26 -49.20
C VAL O 167 -14.60 -7.71 -49.49
N GLU O 168 -14.30 -8.61 -48.57
CA GLU O 168 -14.52 -10.03 -48.82
C GLU O 168 -15.97 -10.43 -48.63
N GLY O 169 -16.73 -9.69 -47.84
CA GLY O 169 -18.11 -10.01 -47.61
C GLY O 169 -18.29 -11.00 -46.49
N PRO O 170 -19.51 -11.16 -46.00
CA PRO O 170 -19.76 -12.18 -44.99
C PRO O 170 -19.70 -13.57 -45.60
N SER O 171 -19.46 -14.55 -44.75
CA SER O 171 -19.30 -15.92 -45.23
C SER O 171 -20.60 -16.51 -45.73
N GLU O 172 -21.74 -15.99 -45.30
CA GLU O 172 -23.00 -16.46 -45.86
C GLU O 172 -23.22 -15.96 -47.29
N ASN O 173 -22.63 -14.83 -47.65
CA ASN O 173 -22.67 -14.39 -49.05
C ASN O 173 -21.63 -15.08 -49.91
N VAL O 174 -20.46 -15.41 -49.34
CA VAL O 174 -19.40 -16.13 -50.04
C VAL O 174 -19.92 -17.51 -50.43
N ARG O 175 -20.78 -18.07 -49.59
CA ARG O 175 -21.36 -19.37 -49.85
C ARG O 175 -22.46 -19.39 -50.89
N LYS O 176 -23.09 -18.25 -51.22
CA LYS O 176 -24.31 -18.29 -52.01
C LYS O 176 -24.29 -17.39 -53.25
N LEU O 177 -23.17 -16.74 -53.58
CA LEU O 177 -23.07 -15.91 -54.77
C LEU O 177 -23.24 -16.69 -56.07
N SER O 178 -24.24 -16.34 -56.86
CA SER O 178 -24.64 -17.14 -58.02
C SER O 178 -23.73 -16.87 -59.21
N ARG O 179 -24.06 -17.50 -60.35
CA ARG O 179 -23.46 -17.12 -61.61
C ARG O 179 -24.15 -15.90 -62.22
N ALA O 180 -25.46 -15.79 -62.00
CA ALA O 180 -26.21 -14.66 -62.53
C ALA O 180 -25.84 -13.37 -61.84
N ASP O 181 -25.54 -13.43 -60.54
CA ASP O 181 -25.18 -12.22 -59.81
C ASP O 181 -23.74 -11.80 -60.02
N LEU O 182 -22.94 -12.59 -60.71
CA LEU O 182 -21.58 -12.19 -61.03
C LEU O 182 -21.49 -11.44 -62.35
N THR O 183 -22.30 -11.83 -63.34
CA THR O 183 -22.28 -11.11 -64.61
C THR O 183 -23.04 -9.78 -64.52
N GLU O 184 -24.01 -9.67 -63.61
CA GLU O 184 -24.75 -8.42 -63.49
C GLU O 184 -23.96 -7.42 -62.65
N TYR O 185 -22.87 -7.87 -62.03
CA TYR O 185 -21.88 -6.98 -61.45
C TYR O 185 -20.93 -6.43 -62.49
N VAL O 186 -20.62 -7.20 -63.53
CA VAL O 186 -19.69 -6.76 -64.56
C VAL O 186 -20.32 -5.68 -65.43
N SER O 187 -21.62 -5.82 -65.72
CA SER O 187 -22.32 -4.88 -66.59
C SER O 187 -22.44 -3.50 -65.95
N GLN O 188 -22.60 -3.45 -64.64
CA GLN O 188 -22.86 -2.18 -63.97
C GLN O 188 -21.62 -1.46 -63.50
N HIS O 189 -20.49 -2.14 -63.33
CA HIS O 189 -19.36 -1.46 -62.72
C HIS O 189 -18.08 -1.59 -63.52
N TYR O 190 -18.12 -2.19 -64.71
CA TYR O 190 -16.96 -2.28 -65.60
C TYR O 190 -17.27 -1.57 -66.90
N LYS O 191 -17.78 -0.34 -66.82
CA LYS O 191 -18.09 0.47 -67.97
C LYS O 191 -16.90 1.33 -68.35
N ALA O 192 -16.90 1.80 -69.60
CA ALA O 192 -15.74 2.52 -70.13
C ALA O 192 -15.39 3.87 -69.50
N PRO O 193 -16.32 4.73 -69.06
CA PRO O 193 -15.87 5.97 -68.39
C PRO O 193 -15.25 5.75 -67.01
N ARG O 194 -15.47 4.60 -66.37
CA ARG O 194 -14.91 4.32 -65.06
C ARG O 194 -13.50 3.76 -65.11
N MET O 195 -13.04 3.28 -66.25
CA MET O 195 -11.74 2.64 -66.36
C MET O 195 -10.68 3.65 -66.76
N VAL O 196 -9.45 3.39 -66.33
CA VAL O 196 -8.28 4.17 -66.72
C VAL O 196 -7.20 3.21 -67.20
N LEU O 197 -6.72 3.39 -68.42
CA LEU O 197 -5.62 2.59 -68.96
C LEU O 197 -4.32 3.37 -68.76
N ALA O 198 -3.53 2.96 -67.77
CA ALA O 198 -2.28 3.63 -67.47
C ALA O 198 -1.09 2.78 -67.87
N ALA O 199 0.08 3.40 -67.90
CA ALA O 199 1.32 2.76 -68.32
C ALA O 199 2.50 3.61 -67.89
N ALA O 200 3.59 2.96 -67.55
CA ALA O 200 4.81 3.66 -67.21
C ALA O 200 5.99 2.85 -67.74
N GLY O 201 7.15 3.51 -67.80
CA GLY O 201 8.33 2.89 -68.36
C GLY O 201 8.61 3.34 -69.78
N GLY O 202 9.21 2.47 -70.58
CA GLY O 202 9.46 2.81 -71.96
C GLY O 202 8.26 2.51 -72.82
N VAL O 203 7.46 3.53 -73.11
CA VAL O 203 6.19 3.37 -73.82
C VAL O 203 5.92 4.67 -74.57
N GLU O 204 5.35 4.55 -75.76
CA GLU O 204 4.86 5.70 -76.49
C GLU O 204 3.40 5.92 -76.16
N HIS O 205 3.03 7.19 -75.95
CA HIS O 205 1.61 7.50 -75.77
C HIS O 205 0.83 7.29 -77.06
N ARG O 206 1.46 7.57 -78.20
CA ARG O 206 0.80 7.43 -79.49
C ARG O 206 0.58 5.97 -79.85
N GLN O 207 1.53 5.10 -79.50
CA GLN O 207 1.35 3.67 -79.74
C GLN O 207 0.29 3.09 -78.81
N LEU O 208 0.26 3.55 -77.55
CA LEU O 208 -0.74 3.09 -76.59
C LEU O 208 -2.14 3.53 -76.99
N LEU O 209 -2.26 4.64 -77.72
CA LEU O 209 -3.57 5.13 -78.13
C LEU O 209 -4.17 4.27 -79.24
N ASP O 210 -3.35 3.88 -80.22
CA ASP O 210 -3.85 3.03 -81.30
C ASP O 210 -4.14 1.62 -80.82
N LEU O 211 -3.32 1.12 -79.88
CA LEU O 211 -3.60 -0.14 -79.24
C LEU O 211 -4.88 -0.07 -78.41
N ALA O 212 -5.16 1.09 -77.82
CA ALA O 212 -6.43 1.31 -77.15
C ALA O 212 -7.57 1.42 -78.16
N GLN O 213 -7.33 2.00 -79.34
CA GLN O 213 -8.38 2.08 -80.34
C GLN O 213 -8.67 0.72 -80.95
N LYS O 214 -7.64 -0.11 -81.11
CA LYS O 214 -7.81 -1.41 -81.74
C LYS O 214 -8.52 -2.39 -80.81
N HIS O 215 -8.27 -2.29 -79.51
CA HIS O 215 -8.75 -3.29 -78.55
C HIS O 215 -9.93 -2.83 -77.71
N PHE O 216 -10.02 -1.55 -77.37
CA PHE O 216 -11.04 -1.07 -76.45
C PHE O 216 -12.19 -0.36 -77.13
N SER O 217 -12.34 -0.50 -78.45
CA SER O 217 -13.41 0.18 -79.15
C SER O 217 -14.76 -0.50 -79.01
N SER O 218 -14.78 -1.80 -78.70
CA SER O 218 -16.04 -2.53 -78.59
C SER O 218 -16.77 -2.26 -77.28
N LEU O 219 -16.18 -1.50 -76.36
CA LEU O 219 -16.90 -1.05 -75.18
C LEU O 219 -18.01 -0.07 -75.57
N SER O 220 -19.06 -0.05 -74.76
CA SER O 220 -20.19 0.85 -74.99
C SER O 220 -19.99 2.11 -74.15
N GLY O 221 -19.71 3.24 -74.80
CA GLY O 221 -19.64 4.50 -74.08
C GLY O 221 -20.99 5.17 -74.00
N THR O 222 -21.96 4.48 -73.38
CA THR O 222 -23.36 4.87 -73.38
C THR O 222 -23.96 4.65 -72.00
N TYR O 223 -25.16 5.20 -71.81
CA TYR O 223 -25.94 4.98 -70.58
C TYR O 223 -27.07 3.99 -70.83
N VAL O 224 -26.69 2.73 -71.05
CA VAL O 224 -27.69 1.66 -71.09
C VAL O 224 -28.14 1.36 -69.66
N GLU O 225 -29.41 0.92 -69.52
CA GLU O 225 -30.16 0.54 -68.32
C GLU O 225 -30.59 1.77 -67.51
N ASP O 226 -30.07 2.96 -67.89
CA ASP O 226 -30.35 4.25 -67.28
C ASP O 226 -30.13 4.24 -65.76
N ALA O 227 -29.08 3.53 -65.35
CA ALA O 227 -28.73 3.41 -63.93
C ALA O 227 -27.52 4.31 -63.68
N VAL O 228 -27.79 5.57 -63.41
CA VAL O 228 -26.80 6.50 -62.86
C VAL O 228 -27.14 6.70 -61.39
N PRO O 229 -26.56 5.91 -60.49
CA PRO O 229 -26.99 5.96 -59.08
C PRO O 229 -26.48 7.22 -58.38
N ALA O 230 -27.38 7.81 -57.60
CA ALA O 230 -27.03 9.00 -56.82
C ALA O 230 -26.08 8.61 -55.71
N PHE O 231 -24.88 9.19 -55.73
CA PHE O 231 -23.87 8.92 -54.72
C PHE O 231 -24.31 9.54 -53.40
N THR O 232 -24.69 8.71 -52.44
CA THR O 232 -25.10 9.26 -51.16
C THR O 232 -23.99 9.14 -50.15
N PRO O 233 -23.69 10.20 -49.39
CA PRO O 233 -22.51 10.19 -48.54
C PRO O 233 -22.73 9.41 -47.24
N CYS O 234 -21.63 9.19 -46.52
CA CYS O 234 -21.60 8.32 -45.36
C CYS O 234 -21.12 9.10 -44.15
N ARG O 235 -21.82 8.96 -43.03
CA ARG O 235 -21.53 9.76 -41.84
C ARG O 235 -20.70 9.01 -40.82
N PHE O 236 -20.03 9.78 -39.96
CA PHE O 236 -19.18 9.30 -38.88
C PHE O 236 -19.97 9.22 -37.58
N THR O 237 -19.53 8.34 -36.67
CA THR O 237 -20.17 8.10 -35.39
C THR O 237 -19.12 7.82 -34.33
N GLY O 238 -19.28 8.42 -33.16
CA GLY O 238 -18.49 8.05 -32.00
C GLY O 238 -19.13 6.87 -31.29
N SER O 239 -18.39 5.78 -31.14
CA SER O 239 -18.87 4.50 -30.62
C SER O 239 -17.67 3.60 -30.37
N GLU O 240 -17.91 2.33 -30.01
CA GLU O 240 -16.84 1.46 -29.54
C GLU O 240 -17.15 0.00 -29.83
N ILE O 241 -16.08 -0.77 -30.07
CA ILE O 241 -16.12 -2.23 -30.21
C ILE O 241 -15.02 -2.83 -29.33
N ARG O 242 -15.42 -3.77 -28.46
CA ARG O 242 -14.45 -4.42 -27.54
C ARG O 242 -14.59 -5.94 -27.64
N HIS O 243 -13.53 -6.64 -28.05
CA HIS O 243 -13.54 -8.09 -28.18
C HIS O 243 -12.50 -8.67 -27.21
N ARG O 244 -12.98 -9.35 -26.17
CA ARG O 244 -12.18 -9.78 -25.04
C ARG O 244 -11.80 -11.25 -25.20
N ASP O 245 -10.50 -11.52 -25.26
CA ASP O 245 -10.01 -12.89 -25.42
C ASP O 245 -8.67 -12.99 -24.72
N ASP O 246 -8.68 -13.56 -23.53
CA ASP O 246 -7.50 -13.61 -22.67
C ASP O 246 -6.47 -14.63 -23.09
N ALA O 247 -6.81 -15.56 -23.98
CA ALA O 247 -5.88 -16.57 -24.46
C ALA O 247 -4.93 -16.05 -25.53
N LEU O 248 -5.18 -14.87 -26.11
CA LEU O 248 -4.24 -14.26 -27.05
C LEU O 248 -3.12 -13.57 -26.28
N PRO O 249 -1.89 -13.57 -26.79
CA PRO O 249 -0.78 -13.04 -25.99
C PRO O 249 -0.74 -11.52 -25.92
N LEU O 250 -1.20 -10.81 -26.94
CA LEU O 250 -1.11 -9.36 -27.00
C LEU O 250 -2.45 -8.78 -27.41
N ALA O 251 -2.61 -7.48 -27.23
CA ALA O 251 -3.85 -6.77 -27.54
C ALA O 251 -3.61 -5.70 -28.60
N HIS O 252 -4.59 -5.57 -29.50
CA HIS O 252 -4.59 -4.62 -30.60
C HIS O 252 -5.69 -3.58 -30.37
N VAL O 253 -5.35 -2.29 -30.42
CA VAL O 253 -6.29 -1.19 -30.24
C VAL O 253 -6.10 -0.16 -31.34
N ALA O 254 -7.22 0.26 -31.99
CA ALA O 254 -7.23 1.32 -32.99
C ALA O 254 -8.31 2.36 -32.68
N ILE O 255 -7.97 3.65 -32.80
CA ILE O 255 -8.87 4.75 -32.47
C ILE O 255 -8.74 5.87 -33.51
N ALA O 256 -9.87 6.47 -33.90
CA ALA O 256 -9.88 7.48 -34.95
C ALA O 256 -11.05 8.45 -34.83
N VAL O 257 -10.83 9.69 -35.31
CA VAL O 257 -11.85 10.71 -35.51
C VAL O 257 -12.11 10.82 -37.00
N GLU O 258 -13.14 11.60 -37.36
CA GLU O 258 -13.46 11.82 -38.77
C GLU O 258 -12.42 12.72 -39.43
N GLY O 259 -12.11 12.42 -40.68
CA GLY O 259 -11.12 13.14 -41.42
C GLY O 259 -11.63 13.68 -42.74
N PRO O 260 -10.78 14.39 -43.47
CA PRO O 260 -11.21 14.96 -44.75
C PRO O 260 -11.17 13.95 -45.88
N GLY O 261 -11.93 14.22 -46.92
CA GLY O 261 -11.98 13.38 -48.09
C GLY O 261 -10.77 13.55 -48.98
N TRP O 262 -10.91 13.07 -50.21
CA TRP O 262 -9.78 13.06 -51.14
C TRP O 262 -9.44 14.47 -51.62
N ALA O 263 -10.42 15.19 -52.14
CA ALA O 263 -10.17 16.47 -52.78
C ALA O 263 -10.00 17.62 -51.80
N ASN O 264 -10.24 17.39 -50.52
CA ASN O 264 -10.17 18.43 -49.52
C ASN O 264 -8.73 18.91 -49.35
N PRO O 265 -8.47 20.21 -49.37
CA PRO O 265 -7.10 20.72 -49.20
C PRO O 265 -6.57 20.66 -47.78
N ASP O 266 -7.35 20.16 -46.82
CA ASP O 266 -6.89 20.01 -45.45
C ASP O 266 -5.98 18.81 -45.24
N ASN O 267 -5.84 17.94 -46.25
CA ASN O 267 -5.08 16.70 -46.10
C ASN O 267 -3.59 16.95 -45.93
N VAL O 268 -3.04 17.98 -46.57
CA VAL O 268 -1.62 18.27 -46.47
C VAL O 268 -1.22 18.76 -45.08
N PRO O 269 -1.94 19.67 -44.38
CA PRO O 269 -1.57 19.92 -42.99
C PRO O 269 -1.89 18.78 -42.03
N LEU O 270 -2.79 17.88 -42.39
CA LEU O 270 -3.08 16.73 -41.52
C LEU O 270 -2.15 15.55 -41.75
N GLN O 271 -1.09 15.74 -42.55
CA GLN O 271 -0.10 14.72 -42.80
C GLN O 271 1.25 15.24 -42.35
N VAL O 272 1.35 16.55 -42.22
CA VAL O 272 2.43 17.11 -41.40
C VAL O 272 2.16 16.77 -39.94
N ALA O 273 0.89 16.67 -39.56
CA ALA O 273 0.48 16.38 -38.19
C ALA O 273 0.80 14.95 -37.79
N ASN O 274 0.30 13.97 -38.55
CA ASN O 274 0.49 12.56 -38.23
C ASN O 274 1.93 12.11 -38.41
N ALA O 275 2.75 12.87 -39.12
CA ALA O 275 4.17 12.62 -39.20
C ALA O 275 4.94 13.19 -38.01
N ILE O 276 4.29 13.96 -37.14
CA ILE O 276 4.93 14.41 -35.92
C ILE O 276 4.75 13.39 -34.79
N ILE O 277 3.59 12.72 -34.76
CA ILE O 277 3.42 11.57 -33.89
C ILE O 277 4.31 10.41 -34.35
N GLY O 278 4.01 9.83 -35.50
CA GLY O 278 4.90 8.88 -36.13
C GLY O 278 4.58 7.41 -35.91
N HIS O 279 5.62 6.58 -35.94
CA HIS O 279 5.48 5.14 -35.83
C HIS O 279 6.63 4.58 -35.00
N TYR O 280 6.45 3.36 -34.51
CA TYR O 280 7.48 2.70 -33.72
C TYR O 280 7.32 1.20 -33.87
N ASP O 281 8.42 0.46 -33.68
CA ASP O 281 8.42 -0.98 -33.61
C ASP O 281 9.60 -1.41 -32.75
N SER O 282 9.45 -2.55 -32.07
CA SER O 282 10.46 -2.97 -31.09
C SER O 282 11.76 -3.45 -31.72
N THR O 283 11.81 -3.63 -33.03
CA THR O 283 13.04 -3.95 -33.73
C THR O 283 13.78 -2.71 -34.24
N TYR O 284 13.34 -1.50 -33.87
CA TYR O 284 14.02 -0.29 -34.33
C TYR O 284 15.33 -0.13 -33.60
N GLY O 285 16.25 0.59 -34.22
CA GLY O 285 17.59 0.69 -33.70
C GLY O 285 17.85 1.79 -32.69
N GLY O 286 17.18 2.92 -32.81
CA GLY O 286 17.59 4.05 -31.99
C GLY O 286 16.55 4.63 -31.05
N GLY O 287 15.70 3.78 -30.46
CA GLY O 287 14.74 4.25 -29.48
C GLY O 287 15.42 4.81 -28.24
N THR O 288 14.62 5.56 -27.47
CA THR O 288 14.96 6.46 -26.36
C THR O 288 15.73 7.69 -26.82
N HIS O 289 16.02 7.80 -28.12
CA HIS O 289 16.61 8.99 -28.70
C HIS O 289 15.75 9.55 -29.80
N MET O 290 14.60 8.96 -30.06
CA MET O 290 13.82 9.34 -31.23
C MET O 290 13.13 10.69 -31.03
N SER O 291 12.90 11.39 -32.15
CA SER O 291 12.33 12.74 -32.13
C SER O 291 10.89 12.74 -31.67
N SER O 292 10.14 11.70 -32.00
CA SER O 292 8.79 11.54 -31.51
C SER O 292 8.81 11.34 -29.99
N THR O 293 7.74 11.81 -29.35
CA THR O 293 7.64 11.73 -27.90
C THR O 293 6.94 10.45 -27.45
N LEU O 294 5.90 10.03 -28.17
CA LEU O 294 5.25 8.77 -27.86
C LEU O 294 6.16 7.57 -28.18
N ALA O 295 7.07 7.71 -29.13
CA ALA O 295 8.00 6.63 -29.45
C ALA O 295 9.17 6.58 -28.47
N SER O 296 9.64 7.74 -28.02
CA SER O 296 10.73 7.76 -27.06
C SER O 296 10.27 7.31 -25.68
N VAL O 297 8.99 7.50 -25.36
CA VAL O 297 8.45 7.06 -24.09
C VAL O 297 8.21 5.55 -24.10
N ALA O 298 7.62 5.03 -25.17
CA ALA O 298 7.25 3.62 -25.23
C ALA O 298 8.44 2.70 -25.37
N ALA O 299 9.60 3.22 -25.78
CA ALA O 299 10.80 2.41 -25.78
C ALA O 299 11.38 2.31 -24.38
N THR O 300 11.41 3.43 -23.65
CA THR O 300 12.04 3.49 -22.33
C THR O 300 11.26 2.71 -21.27
N ARG O 301 9.95 2.62 -21.38
CA ARG O 301 9.16 1.92 -20.38
C ARG O 301 8.65 0.57 -20.85
N LYS O 302 8.97 0.16 -22.08
CA LYS O 302 8.51 -1.05 -22.75
C LYS O 302 6.99 -1.14 -22.74
N LEU O 303 6.33 -0.08 -23.20
CA LEU O 303 4.88 -0.01 -23.10
C LEU O 303 4.18 -0.79 -24.20
N CYS O 304 4.76 -0.87 -25.40
CA CYS O 304 4.08 -1.51 -26.52
C CYS O 304 5.08 -2.31 -27.34
N GLN O 305 4.56 -3.04 -28.32
CA GLN O 305 5.37 -3.64 -29.36
C GLN O 305 5.51 -2.71 -30.58
N SER O 306 4.43 -2.08 -31.02
CA SER O 306 4.47 -1.15 -32.14
C SER O 306 3.25 -0.23 -32.13
N PHE O 307 3.41 0.98 -32.68
CA PHE O 307 2.27 1.83 -33.01
C PHE O 307 2.47 2.50 -34.36
N GLN O 308 1.35 2.91 -34.97
CA GLN O 308 1.31 3.60 -36.26
C GLN O 308 0.13 4.57 -36.32
N THR O 309 0.33 5.70 -37.01
CA THR O 309 -0.74 6.63 -37.36
C THR O 309 -1.17 6.42 -38.80
N PHE O 310 -2.41 6.76 -39.11
CA PHE O 310 -2.93 6.63 -40.47
C PHE O 310 -3.74 7.86 -40.87
N ASN O 311 -4.03 7.96 -42.17
CA ASN O 311 -4.91 8.95 -42.78
C ASN O 311 -5.66 8.30 -43.93
N ILE O 312 -6.84 7.76 -43.70
CA ILE O 312 -7.52 6.95 -44.71
C ILE O 312 -8.63 7.79 -45.34
N CYS O 313 -8.38 8.29 -46.55
CA CYS O 313 -9.30 9.21 -47.21
C CYS O 313 -10.30 8.47 -48.08
N TYR O 314 -11.44 9.11 -48.32
CA TYR O 314 -12.44 8.65 -49.28
C TYR O 314 -12.96 9.83 -50.11
N ALA O 315 -14.07 9.64 -50.80
CA ALA O 315 -14.62 10.70 -51.66
C ALA O 315 -15.16 11.86 -50.85
N GLU O 316 -15.87 11.56 -49.75
CA GLU O 316 -16.53 12.59 -48.95
C GLU O 316 -16.12 12.59 -47.48
N THR O 317 -15.31 11.62 -47.00
CA THR O 317 -15.00 11.41 -45.55
C THR O 317 -13.67 10.77 -45.37
N GLY O 318 -13.36 10.42 -44.19
CA GLY O 318 -12.03 9.91 -43.90
C GLY O 318 -11.91 9.37 -42.51
N LEU O 319 -10.79 8.82 -42.18
CA LEU O 319 -10.43 8.32 -40.86
C LEU O 319 -9.06 8.84 -40.51
N LEU O 320 -8.89 9.27 -39.27
CA LEU O 320 -7.67 9.94 -38.86
C LEU O 320 -7.35 9.50 -37.44
N GLY O 321 -6.23 8.81 -37.25
CA GLY O 321 -5.99 8.22 -35.94
C GLY O 321 -4.73 7.40 -35.73
N ALA O 322 -4.84 6.28 -35.01
CA ALA O 322 -3.68 5.50 -34.58
C ALA O 322 -4.07 4.07 -34.26
N HIS O 323 -3.06 3.19 -34.25
CA HIS O 323 -3.18 1.77 -33.94
C HIS O 323 -1.96 1.35 -33.14
N PHE O 324 -2.14 0.55 -32.08
CA PHE O 324 -1.00 0.07 -31.28
C PHE O 324 -1.21 -1.36 -30.78
N VAL O 325 -0.10 -2.03 -30.47
CA VAL O 325 -0.09 -3.42 -29.98
C VAL O 325 0.68 -3.48 -28.66
N CYS O 326 0.06 -4.02 -27.60
CA CYS O 326 0.70 -4.12 -26.29
C CYS O 326 0.15 -5.31 -25.50
N ASP O 327 0.73 -5.55 -24.32
CA ASP O 327 0.27 -6.58 -23.40
C ASP O 327 -0.87 -6.07 -22.50
N ASN O 328 -1.38 -6.95 -21.65
CA ASN O 328 -2.65 -6.70 -20.97
C ASN O 328 -2.55 -5.67 -19.84
N MET O 329 -1.35 -5.38 -19.34
CA MET O 329 -1.18 -4.43 -18.25
C MET O 329 -0.61 -3.11 -18.71
N SER O 330 -0.72 -2.77 -20.00
CA SER O 330 -0.14 -1.54 -20.51
C SER O 330 -1.10 -0.70 -21.35
N ILE O 331 -2.37 -1.09 -21.47
CA ILE O 331 -3.29 -0.40 -22.37
C ILE O 331 -3.61 1.00 -21.86
N ASP O 332 -3.75 1.14 -20.54
CA ASP O 332 -4.21 2.39 -19.95
C ASP O 332 -3.14 3.48 -20.01
N ASP O 333 -1.86 3.12 -19.94
CA ASP O 333 -0.82 4.12 -20.11
C ASP O 333 -0.58 4.47 -21.58
N MET O 334 -0.83 3.55 -22.51
CA MET O 334 -0.67 3.89 -23.93
C MET O 334 -1.74 4.86 -24.39
N MET O 335 -2.96 4.72 -23.89
CA MET O 335 -4.03 5.65 -24.22
C MET O 335 -3.85 7.01 -23.56
N PHE O 336 -3.20 7.06 -22.41
CA PHE O 336 -2.94 8.32 -21.73
C PHE O 336 -1.93 9.17 -22.48
N PHE O 337 -0.86 8.57 -22.97
CA PHE O 337 0.20 9.32 -23.62
C PHE O 337 -0.13 9.68 -25.06
N LEU O 338 -0.92 8.87 -25.76
CA LEU O 338 -1.34 9.18 -27.12
C LEU O 338 -2.33 10.35 -27.15
N GLN O 339 -3.33 10.33 -26.27
CA GLN O 339 -4.34 11.38 -26.24
C GLN O 339 -3.78 12.70 -25.78
N GLY O 340 -2.74 12.68 -24.95
CA GLY O 340 -2.09 13.91 -24.56
C GLY O 340 -1.17 14.50 -25.59
N GLN O 341 -0.97 13.81 -26.71
CA GLN O 341 -0.18 14.32 -27.83
C GLN O 341 -1.05 14.94 -28.90
N TRP O 342 -2.26 14.42 -29.10
CA TRP O 342 -3.24 15.08 -29.95
C TRP O 342 -3.59 16.46 -29.41
N MET O 343 -3.75 16.57 -28.10
CA MET O 343 -4.15 17.82 -27.47
C MET O 343 -3.00 18.81 -27.39
N ARG O 344 -1.75 18.33 -27.41
CA ARG O 344 -0.62 19.23 -27.42
C ARG O 344 -0.32 19.75 -28.84
N LEU O 345 -1.08 19.34 -29.85
CA LEU O 345 -0.96 19.92 -31.17
C LEU O 345 -2.13 20.82 -31.52
N CYS O 346 -3.29 20.63 -30.87
CA CYS O 346 -4.39 21.58 -31.00
C CYS O 346 -4.00 22.93 -30.45
N THR O 347 -3.24 22.95 -29.36
CA THR O 347 -2.53 24.11 -28.84
C THR O 347 -1.06 23.86 -29.05
N SER O 348 -0.22 24.79 -28.59
CA SER O 348 1.19 24.53 -28.27
C SER O 348 2.13 24.01 -29.36
N ALA O 349 1.65 23.77 -30.58
CA ALA O 349 2.47 23.15 -31.62
C ALA O 349 3.55 24.11 -32.11
N THR O 350 4.78 23.62 -32.18
CA THR O 350 5.94 24.46 -32.37
C THR O 350 6.25 24.61 -33.86
N GLU O 351 7.03 25.64 -34.20
CA GLU O 351 7.52 25.81 -35.56
C GLU O 351 8.68 24.87 -35.89
N SER O 352 9.29 24.25 -34.90
CA SER O 352 10.33 23.25 -35.18
C SER O 352 9.76 21.88 -35.47
N GLU O 353 8.64 21.51 -34.83
CA GLU O 353 8.02 20.23 -35.11
C GLU O 353 7.44 20.19 -36.50
N VAL O 354 6.93 21.32 -36.99
CA VAL O 354 6.27 21.36 -38.29
C VAL O 354 7.29 21.28 -39.42
N VAL O 355 8.49 21.82 -39.22
CA VAL O 355 9.54 21.74 -40.23
C VAL O 355 10.01 20.30 -40.43
N ARG O 356 10.22 19.55 -39.33
CA ARG O 356 10.56 18.14 -39.44
C ARG O 356 9.42 17.33 -40.05
N GLY O 357 8.18 17.63 -39.69
CA GLY O 357 7.04 16.94 -40.28
C GLY O 357 6.80 17.27 -41.74
N LYS O 358 7.33 18.39 -42.23
CA LYS O 358 7.27 18.70 -43.64
C LYS O 358 8.39 18.03 -44.41
N ASN O 359 9.57 17.90 -43.81
CA ASN O 359 10.68 17.16 -44.42
C ASN O 359 10.33 15.67 -44.54
N ILE O 360 9.63 15.13 -43.54
CA ILE O 360 9.25 13.74 -43.57
C ILE O 360 8.23 13.48 -44.66
N LEU O 361 7.37 14.45 -44.95
CA LEU O 361 6.31 14.25 -45.92
C LEU O 361 6.81 14.31 -47.38
N ARG O 362 7.79 15.16 -47.66
CA ARG O 362 8.38 15.19 -49.00
C ARG O 362 9.14 13.90 -49.28
N ASN O 363 9.93 13.43 -48.31
CA ASN O 363 10.70 12.19 -48.46
C ASN O 363 9.79 10.97 -48.65
N ALA O 364 8.59 11.00 -48.11
CA ALA O 364 7.72 9.85 -48.21
C ALA O 364 7.06 9.73 -49.58
N LEU O 365 6.89 10.81 -50.32
CA LEU O 365 6.19 10.71 -51.59
C LEU O 365 7.11 10.55 -52.79
N VAL O 366 8.38 10.94 -52.72
CA VAL O 366 9.27 10.59 -53.82
C VAL O 366 9.83 9.18 -53.65
N SER O 367 9.90 8.66 -52.42
CA SER O 367 10.35 7.29 -52.22
C SER O 367 9.30 6.29 -52.64
N HIS O 368 8.06 6.73 -52.73
CA HIS O 368 6.97 5.88 -53.15
C HIS O 368 6.80 5.83 -54.66
N LEU O 369 7.62 6.56 -55.41
CA LEU O 369 7.49 6.56 -56.87
C LEU O 369 8.74 6.01 -57.53
N ASP O 370 9.26 4.89 -57.03
CA ASP O 370 10.51 4.30 -57.53
C ASP O 370 10.19 2.99 -58.23
N GLY O 371 10.34 2.97 -59.54
CA GLY O 371 10.02 1.80 -60.32
C GLY O 371 8.72 1.98 -61.08
N THR O 372 8.53 1.14 -62.09
CA THR O 372 7.41 1.37 -63.00
C THR O 372 6.09 0.94 -62.38
N THR O 373 6.10 0.02 -61.43
CA THR O 373 4.86 -0.43 -60.79
C THR O 373 4.24 0.57 -59.81
N PRO O 374 4.99 1.26 -58.92
CA PRO O 374 4.30 2.28 -58.11
C PRO O 374 3.97 3.55 -58.85
N VAL O 375 4.71 3.90 -59.91
CA VAL O 375 4.37 5.08 -60.70
C VAL O 375 3.10 4.82 -61.49
N CYS O 376 2.93 3.59 -61.97
CA CYS O 376 1.72 3.25 -62.73
C CYS O 376 0.47 3.25 -61.86
N GLU O 377 0.59 3.03 -60.55
CA GLU O 377 -0.60 3.09 -59.71
C GLU O 377 -0.85 4.49 -59.14
N ASP O 378 0.17 5.33 -59.09
CA ASP O 378 -0.05 6.75 -58.86
C ASP O 378 -0.60 7.46 -60.10
N ILE O 379 -0.46 6.87 -61.28
CA ILE O 379 -1.11 7.45 -62.44
C ILE O 379 -2.57 7.00 -62.52
N GLY O 380 -2.84 5.74 -62.25
CA GLY O 380 -4.16 5.20 -62.51
C GLY O 380 -5.23 5.58 -61.52
N ARG O 381 -4.86 5.90 -60.28
CA ARG O 381 -5.87 6.25 -59.29
C ARG O 381 -5.88 7.74 -58.94
N SER O 382 -4.87 8.51 -59.36
CA SER O 382 -4.99 9.95 -59.31
C SER O 382 -6.00 10.47 -60.32
N LEU O 383 -6.16 9.79 -61.45
CA LEU O 383 -7.17 10.17 -62.43
C LEU O 383 -8.56 9.74 -62.05
N LEU O 384 -8.72 8.91 -61.02
CA LEU O 384 -10.03 8.55 -60.53
C LEU O 384 -10.41 9.27 -59.23
N THR O 385 -9.46 9.87 -58.53
CA THR O 385 -9.78 10.66 -57.33
C THR O 385 -9.78 12.15 -57.61
N TYR O 386 -8.66 12.69 -58.08
CA TYR O 386 -8.56 14.11 -58.37
C TYR O 386 -9.06 14.46 -59.76
N GLY O 387 -9.25 13.48 -60.64
CA GLY O 387 -9.55 13.74 -62.03
C GLY O 387 -8.36 14.11 -62.87
N ARG O 388 -7.22 14.40 -62.26
CA ARG O 388 -5.98 14.65 -62.97
C ARG O 388 -4.87 14.08 -62.11
N ARG O 389 -3.70 13.89 -62.70
CA ARG O 389 -2.56 13.49 -61.91
C ARG O 389 -1.88 14.76 -61.44
N ILE O 390 -1.89 14.99 -60.13
CA ILE O 390 -1.18 16.11 -59.53
C ILE O 390 0.30 15.86 -59.70
N PRO O 391 1.05 16.76 -60.29
CA PRO O 391 2.51 16.56 -60.39
C PRO O 391 3.23 16.69 -59.05
N LEU O 392 4.53 16.50 -59.06
CA LEU O 392 5.32 16.63 -57.85
C LEU O 392 5.75 18.05 -57.59
N ALA O 393 5.44 18.99 -58.48
CA ALA O 393 5.66 20.39 -58.20
C ALA O 393 4.47 21.02 -57.52
N GLU O 394 3.26 20.57 -57.84
CA GLU O 394 2.08 21.07 -57.16
C GLU O 394 1.97 20.50 -55.74
N TRP O 395 2.53 19.31 -55.49
CA TRP O 395 2.57 18.81 -54.12
C TRP O 395 3.51 19.62 -53.25
N GLU O 396 4.64 20.05 -53.80
CA GLU O 396 5.64 20.73 -52.99
C GLU O 396 5.28 22.17 -52.70
N SER O 397 4.54 22.83 -53.58
CA SER O 397 4.12 24.20 -53.33
C SER O 397 2.94 24.28 -52.36
N ARG O 398 2.30 23.16 -52.06
CA ARG O 398 1.35 23.09 -50.97
C ARG O 398 1.99 22.74 -49.65
N ILE O 399 3.14 22.08 -49.66
CA ILE O 399 3.86 21.78 -48.43
C ILE O 399 4.59 23.02 -47.95
N ALA O 400 4.94 23.93 -48.85
CA ALA O 400 5.70 25.11 -48.46
C ALA O 400 4.88 26.13 -47.68
N GLU O 401 3.56 26.07 -47.76
CA GLU O 401 2.70 27.05 -47.12
C GLU O 401 2.39 26.73 -45.66
N VAL O 402 2.49 25.49 -45.24
CA VAL O 402 2.02 25.06 -43.93
C VAL O 402 3.00 25.56 -42.87
N ASP O 403 2.45 26.14 -41.79
CA ASP O 403 3.20 26.62 -40.65
C ASP O 403 2.50 26.16 -39.37
N ALA O 404 3.02 26.61 -38.23
CA ALA O 404 2.50 26.16 -36.94
C ALA O 404 1.10 26.71 -36.66
N SER O 405 0.76 27.88 -37.19
CA SER O 405 -0.58 28.41 -36.95
C SER O 405 -1.62 27.64 -37.74
N VAL O 406 -1.29 27.22 -38.96
CA VAL O 406 -2.20 26.39 -39.75
C VAL O 406 -2.34 25.01 -39.13
N VAL O 407 -1.24 24.47 -38.58
CA VAL O 407 -1.27 23.15 -37.95
C VAL O 407 -2.10 23.18 -36.66
N ARG O 408 -1.91 24.21 -35.83
CA ARG O 408 -2.73 24.40 -34.63
C ARG O 408 -4.21 24.59 -34.98
N GLU O 409 -4.49 25.31 -36.06
CA GLU O 409 -5.86 25.58 -36.44
C GLU O 409 -6.53 24.34 -37.03
N VAL O 410 -5.80 23.59 -37.85
CA VAL O 410 -6.43 22.45 -38.51
C VAL O 410 -6.56 21.26 -37.57
N CYS O 411 -5.69 21.17 -36.55
CA CYS O 411 -5.79 20.07 -35.60
C CYS O 411 -6.93 20.30 -34.62
N SER O 412 -7.16 21.56 -34.24
CA SER O 412 -8.25 21.89 -33.34
C SER O 412 -9.60 21.64 -33.99
N LYS O 413 -9.66 21.76 -35.32
CA LYS O 413 -10.92 21.55 -36.03
C LYS O 413 -11.33 20.09 -36.04
N TYR O 414 -10.37 19.18 -36.11
CA TYR O 414 -10.69 17.77 -36.32
C TYR O 414 -10.63 16.92 -35.05
N PHE O 415 -9.84 17.37 -34.09
CA PHE O 415 -9.66 16.65 -32.82
C PHE O 415 -10.34 17.20 -31.54
N TYR O 416 -10.25 18.49 -31.10
CA TYR O 416 -10.53 19.14 -29.76
C TYR O 416 -11.79 18.76 -28.93
N ASP O 417 -12.86 18.39 -29.50
CA ASP O 417 -13.88 17.90 -28.56
C ASP O 417 -14.78 17.04 -29.39
N GLN O 418 -14.24 16.09 -30.16
CA GLN O 418 -14.99 15.14 -30.96
C GLN O 418 -15.05 13.79 -30.28
N CYS O 419 -16.08 13.05 -30.65
CA CYS O 419 -16.26 11.67 -30.21
C CYS O 419 -15.47 10.75 -31.12
N PRO O 420 -14.47 10.02 -30.61
CA PRO O 420 -13.76 9.06 -31.45
C PRO O 420 -14.52 7.74 -31.58
N ALA O 421 -14.07 6.95 -32.55
CA ALA O 421 -14.45 5.55 -32.65
C ALA O 421 -13.26 4.71 -32.21
N VAL O 422 -13.50 3.67 -31.39
CA VAL O 422 -12.44 2.86 -30.81
C VAL O 422 -12.71 1.39 -31.11
N ALA O 423 -11.66 0.61 -31.37
CA ALA O 423 -11.75 -0.84 -31.52
C ALA O 423 -10.65 -1.53 -30.73
N GLY O 424 -10.98 -2.66 -30.11
CA GLY O 424 -10.04 -3.42 -29.32
C GLY O 424 -10.20 -4.94 -29.36
N LEU O 425 -9.08 -5.68 -29.34
CA LEU O 425 -9.07 -7.13 -29.47
C LEU O 425 -8.16 -7.73 -28.41
N GLY O 426 -8.72 -8.67 -27.60
CA GLY O 426 -8.27 -8.99 -26.25
C GLY O 426 -6.83 -9.45 -26.09
N PRO O 427 -6.29 -9.40 -24.86
CA PRO O 427 -6.78 -9.16 -23.50
C PRO O 427 -6.92 -7.69 -23.03
N ILE O 428 -8.16 -7.20 -22.96
CA ILE O 428 -8.41 -5.76 -22.95
C ILE O 428 -9.20 -5.27 -21.74
N GLU O 429 -9.03 -5.90 -20.57
CA GLU O 429 -9.75 -5.45 -19.38
C GLU O 429 -9.25 -4.11 -18.85
N GLN O 430 -8.01 -3.73 -19.15
CA GLN O 430 -7.47 -2.43 -18.79
C GLN O 430 -7.66 -1.37 -19.88
N LEU O 431 -8.43 -1.67 -20.92
CA LEU O 431 -8.82 -0.62 -21.86
C LEU O 431 -9.83 0.29 -21.17
N PRO O 432 -9.55 1.60 -21.04
CA PRO O 432 -10.38 2.47 -20.20
C PRO O 432 -11.79 2.66 -20.74
N ASP O 433 -12.64 3.17 -19.87
CA ASP O 433 -14.05 3.39 -20.17
C ASP O 433 -14.22 4.50 -21.20
N TYR O 434 -15.31 4.45 -21.96
CA TYR O 434 -15.55 5.42 -23.02
C TYR O 434 -15.79 6.83 -22.48
N ASN O 435 -16.35 6.96 -21.27
CA ASN O 435 -16.43 8.27 -20.62
C ASN O 435 -15.05 8.81 -20.31
N ARG O 436 -14.15 7.96 -19.81
CA ARG O 436 -12.79 8.38 -19.55
C ARG O 436 -11.99 8.58 -20.82
N ILE O 437 -12.42 7.95 -21.92
CA ILE O 437 -11.79 8.19 -23.22
C ILE O 437 -12.22 9.54 -23.77
N ARG O 438 -13.54 9.80 -23.80
CA ARG O 438 -14.10 11.02 -24.35
C ARG O 438 -13.66 12.25 -23.58
N SER O 439 -13.44 12.12 -22.29
CA SER O 439 -12.93 13.22 -21.48
C SER O 439 -11.45 13.46 -21.68
N GLY O 440 -10.74 12.56 -22.36
CA GLY O 440 -9.35 12.83 -22.68
C GLY O 440 -9.14 13.73 -23.87
N MET O 441 -10.22 14.14 -24.52
CA MET O 441 -10.17 15.00 -25.68
C MET O 441 -10.18 16.49 -25.34
N PHE O 442 -10.02 16.87 -24.07
CA PHE O 442 -9.91 18.34 -23.82
C PHE O 442 -8.69 18.64 -22.94
N TRP O 443 -8.15 19.86 -23.06
CA TRP O 443 -6.95 20.26 -22.28
C TRP O 443 -7.33 20.58 -20.84
N LEU O 444 -6.35 21.00 -20.03
CA LEU O 444 -6.63 21.39 -18.62
C LEU O 444 -6.09 22.79 -18.38
N ARG O 445 -5.02 23.16 -19.09
CA ARG O 445 -4.40 24.48 -18.89
C ARG O 445 -4.98 25.56 -19.78
N PHE O 446 -4.80 25.43 -21.10
CA PHE O 446 -5.15 26.49 -22.07
C PHE O 446 -6.64 26.83 -22.11
N PRO P 1 21.49 8.77 -69.25
CA PRO P 1 22.82 9.04 -69.78
C PRO P 1 23.92 8.85 -68.75
N GLN P 2 25.17 8.84 -69.21
CA GLN P 2 26.38 8.72 -68.39
C GLN P 2 26.35 7.42 -67.57
N ASP P 3 25.98 6.32 -68.25
CA ASP P 3 25.38 5.09 -67.73
C ASP P 3 25.92 4.58 -66.39
N LEU P 4 27.24 4.68 -66.22
CA LEU P 4 27.97 4.55 -64.96
C LEU P 4 29.38 5.05 -65.16
N GLU P 5 29.89 5.80 -64.20
CA GLU P 5 31.33 5.98 -64.11
C GLU P 5 31.88 4.98 -63.10
N PHE P 6 33.16 4.66 -63.24
CA PHE P 6 33.74 3.52 -62.55
C PHE P 6 35.22 3.79 -62.32
N THR P 7 35.62 3.91 -61.06
CA THR P 7 37.02 4.15 -60.72
C THR P 7 37.47 3.12 -59.70
N ARG P 8 38.68 2.61 -59.87
CA ARG P 8 39.35 1.82 -58.85
C ARG P 8 40.52 2.64 -58.31
N LEU P 9 40.47 2.94 -57.01
CA LEU P 9 41.47 3.74 -56.35
C LEU P 9 42.77 2.95 -56.19
N PRO P 10 43.89 3.62 -55.84
CA PRO P 10 45.12 2.87 -55.56
C PRO P 10 45.06 1.87 -54.41
N ASN P 11 44.18 2.05 -53.42
CA ASN P 11 44.11 1.11 -52.30
C ASN P 11 42.97 0.11 -52.51
N GLY P 12 42.70 -0.22 -53.77
CA GLY P 12 41.72 -1.21 -54.12
C GLY P 12 40.28 -0.88 -53.81
N LEU P 13 39.97 0.38 -53.53
CA LEU P 13 38.59 0.79 -53.29
C LEU P 13 37.91 1.11 -54.60
N VAL P 14 36.70 0.60 -54.79
CA VAL P 14 35.96 0.78 -56.02
C VAL P 14 34.87 1.82 -55.79
N ILE P 15 34.93 2.91 -56.54
CA ILE P 15 33.93 3.97 -56.52
C ILE P 15 33.15 3.90 -57.82
N ALA P 16 31.83 4.03 -57.75
CA ALA P 16 31.00 3.99 -58.95
C ALA P 16 29.78 4.86 -58.74
N SER P 17 29.65 5.92 -59.54
CA SER P 17 28.55 6.87 -59.42
C SER P 17 27.80 6.98 -60.73
N LEU P 18 26.49 7.17 -60.65
CA LEU P 18 25.65 7.47 -61.80
C LEU P 18 24.86 8.73 -61.47
N GLU P 19 24.91 9.71 -62.36
CA GLU P 19 24.18 10.96 -62.14
C GLU P 19 22.87 10.90 -62.90
N ASN P 20 21.82 10.48 -62.20
CA ASN P 20 20.45 10.71 -62.63
C ASN P 20 20.07 12.15 -62.33
N TYR P 21 18.83 12.50 -62.64
CA TYR P 21 18.33 13.81 -62.22
C TYR P 21 17.02 13.63 -61.48
N ALA P 22 17.02 12.72 -60.54
CA ALA P 22 15.95 12.41 -59.62
C ALA P 22 16.08 13.25 -58.35
N PRO P 23 14.96 13.61 -57.73
CA PRO P 23 15.04 14.43 -56.52
C PRO P 23 15.58 13.70 -55.30
N ALA P 24 15.47 12.37 -55.25
CA ALA P 24 15.99 11.57 -54.16
C ALA P 24 17.32 10.95 -54.53
N SER P 25 18.15 10.67 -53.53
CA SER P 25 19.42 10.02 -53.73
C SER P 25 19.52 8.76 -52.87
N ARG P 26 20.53 7.95 -53.15
CA ARG P 26 20.84 6.73 -52.41
C ARG P 26 22.34 6.50 -52.46
N ILE P 27 22.95 6.19 -51.31
CA ILE P 27 24.37 5.89 -51.23
C ILE P 27 24.54 4.56 -50.52
N GLY P 28 25.38 3.68 -51.08
CA GLY P 28 25.68 2.40 -50.46
C GLY P 28 27.16 2.24 -50.16
N LEU P 29 27.46 1.45 -49.12
CA LEU P 29 28.81 0.97 -48.87
C LEU P 29 28.76 -0.55 -48.70
N PHE P 30 29.49 -1.28 -49.53
CA PHE P 30 29.41 -2.73 -49.62
C PHE P 30 30.76 -3.33 -49.23
N ILE P 31 30.75 -4.25 -48.26
CA ILE P 31 31.98 -4.78 -47.64
C ILE P 31 31.97 -6.31 -47.72
N LYS P 32 33.15 -6.91 -47.91
CA LYS P 32 33.33 -8.37 -47.81
C LYS P 32 33.51 -8.78 -46.34
N ALA P 33 32.44 -9.18 -45.70
CA ALA P 33 32.33 -9.44 -44.24
C ALA P 33 31.07 -10.23 -44.25
N GLY P 34 30.51 -10.72 -43.20
CA GLY P 34 29.38 -11.70 -43.20
C GLY P 34 29.68 -12.93 -42.35
N SER P 35 28.78 -13.79 -41.94
CA SER P 35 28.96 -14.98 -41.09
C SER P 35 30.16 -15.86 -41.56
N ARG P 36 30.54 -15.87 -42.84
CA ARG P 36 31.58 -16.75 -43.39
C ARG P 36 32.92 -16.59 -42.68
N TYR P 37 33.20 -15.40 -42.17
CA TYR P 37 34.55 -15.05 -41.75
C TYR P 37 34.73 -15.12 -40.24
N GLU P 38 33.85 -15.80 -39.52
CA GLU P 38 34.01 -15.99 -38.08
C GLU P 38 34.29 -17.45 -37.77
N ASP P 39 35.19 -17.68 -36.81
CA ASP P 39 35.61 -19.03 -36.42
C ASP P 39 34.77 -19.52 -35.24
N SER P 40 35.22 -20.57 -34.58
CA SER P 40 34.42 -21.23 -33.55
C SER P 40 34.41 -20.49 -32.21
N ASN P 41 35.23 -19.47 -32.03
CA ASN P 41 35.24 -18.76 -30.76
C ASN P 41 34.35 -17.52 -30.72
N ASN P 42 34.13 -16.85 -31.85
CA ASN P 42 33.39 -15.59 -31.85
C ASN P 42 32.14 -15.69 -32.69
N LEU P 43 31.40 -16.76 -32.55
CA LEU P 43 30.18 -16.92 -33.33
C LEU P 43 29.12 -15.92 -32.85
N GLY P 44 28.48 -15.24 -33.80
CA GLY P 44 27.48 -14.25 -33.48
C GLY P 44 27.95 -12.82 -33.42
N THR P 45 29.25 -12.56 -33.67
CA THR P 45 29.77 -11.20 -33.69
C THR P 45 29.22 -10.39 -34.85
N SER P 46 28.90 -11.03 -35.97
CA SER P 46 28.37 -10.32 -37.12
C SER P 46 26.90 -9.97 -36.98
N HIS P 47 26.13 -10.74 -36.22
CA HIS P 47 24.77 -10.33 -35.90
C HIS P 47 24.76 -9.13 -34.96
N LEU P 48 25.72 -9.03 -34.05
CA LEU P 48 25.75 -7.87 -33.16
C LEU P 48 26.25 -6.62 -33.88
N LEU P 49 27.15 -6.78 -34.83
CA LEU P 49 27.62 -5.66 -35.63
C LEU P 49 26.50 -5.07 -36.47
N ARG P 50 25.59 -5.92 -36.93
CA ARG P 50 24.46 -5.49 -37.72
C ARG P 50 23.50 -4.63 -36.91
N LEU P 51 23.40 -4.86 -35.60
CA LEU P 51 22.47 -4.12 -34.74
C LEU P 51 23.07 -2.86 -34.13
N ALA P 52 24.33 -2.56 -34.34
CA ALA P 52 25.03 -1.53 -33.59
C ALA P 52 25.33 -0.29 -34.43
N SER P 53 24.48 0.01 -35.42
CA SER P 53 24.79 1.09 -36.35
C SER P 53 24.53 2.47 -35.78
N SER P 54 23.53 2.63 -34.92
CA SER P 54 23.24 3.91 -34.30
C SER P 54 23.70 4.00 -32.84
N LEU P 55 24.87 3.45 -32.55
CA LEU P 55 25.55 3.65 -31.27
C LEU P 55 26.55 4.79 -31.42
N THR P 56 27.22 5.14 -30.33
CA THR P 56 28.12 6.28 -30.31
C THR P 56 29.37 6.02 -31.14
N THR P 57 29.68 6.90 -32.07
CA THR P 57 30.90 6.86 -32.85
C THR P 57 31.76 8.06 -32.46
N LYS P 58 32.94 8.15 -33.05
CA LYS P 58 33.90 9.17 -32.66
C LYS P 58 33.53 10.57 -33.14
N GLY P 59 32.56 10.70 -34.03
CA GLY P 59 32.26 12.00 -34.60
C GLY P 59 30.83 12.45 -34.38
N ALA P 60 30.00 11.56 -33.88
CA ALA P 60 28.61 11.90 -33.59
C ALA P 60 28.09 10.94 -32.54
N SER P 61 27.40 11.48 -31.55
CA SER P 61 26.91 10.66 -30.47
C SER P 61 25.67 9.89 -30.92
N SER P 62 25.14 9.05 -30.04
CA SER P 62 23.96 8.28 -30.39
C SER P 62 22.70 9.14 -30.38
N PHE P 63 22.74 10.31 -29.75
CA PHE P 63 21.62 11.25 -29.84
C PHE P 63 21.64 12.01 -31.16
N LYS P 64 22.83 12.44 -31.61
CA LYS P 64 22.93 13.23 -32.82
C LYS P 64 22.76 12.41 -34.09
N ILE P 65 23.05 11.11 -34.04
CA ILE P 65 22.81 10.26 -35.20
C ILE P 65 21.32 10.03 -35.38
N THR P 66 20.59 9.77 -34.30
CA THR P 66 19.16 9.55 -34.39
C THR P 66 18.42 10.85 -34.68
N ARG P 67 18.87 11.97 -34.09
CA ARG P 67 18.15 13.23 -34.27
C ARG P 67 18.54 13.92 -35.56
N GLY P 68 19.81 13.82 -35.97
CA GLY P 68 20.26 14.48 -37.18
C GLY P 68 19.70 13.86 -38.45
N ILE P 69 19.39 12.57 -38.41
CA ILE P 69 18.87 11.88 -39.59
C ILE P 69 17.36 11.99 -39.68
N GLU P 70 16.66 11.91 -38.54
CA GLU P 70 15.22 12.09 -38.53
C GLU P 70 14.79 13.54 -38.78
N ALA P 71 15.72 14.50 -38.67
CA ALA P 71 15.39 15.91 -38.88
C ALA P 71 15.07 16.20 -40.33
N VAL P 72 15.79 15.57 -41.26
CA VAL P 72 15.58 15.81 -42.69
C VAL P 72 14.75 14.71 -43.35
N GLY P 73 14.25 13.75 -42.59
CA GLY P 73 13.48 12.67 -43.14
C GLY P 73 14.27 11.51 -43.70
N GLY P 74 15.55 11.37 -43.35
CA GLY P 74 16.40 10.35 -43.91
C GLY P 74 16.17 8.96 -43.35
N LYS P 75 16.94 8.00 -43.87
CA LYS P 75 16.94 6.61 -43.42
C LYS P 75 18.37 6.10 -43.34
N LEU P 76 18.60 5.14 -42.44
CA LEU P 76 19.87 4.42 -42.35
C LEU P 76 19.55 2.94 -42.14
N SER P 77 20.23 2.06 -42.86
CA SER P 77 19.85 0.65 -42.86
C SER P 77 21.03 -0.24 -43.24
N VAL P 78 21.05 -1.45 -42.69
CA VAL P 78 22.13 -2.42 -42.91
C VAL P 78 21.52 -3.72 -43.43
N THR P 79 22.08 -4.26 -44.51
CA THR P 79 21.71 -5.56 -45.06
C THR P 79 22.97 -6.38 -45.20
N SER P 80 22.96 -7.61 -44.71
CA SER P 80 24.12 -8.48 -44.85
C SER P 80 23.68 -9.85 -45.34
N THR P 81 24.65 -10.65 -45.76
CA THR P 81 24.41 -12.02 -46.16
C THR P 81 25.57 -12.84 -45.62
N ARG P 82 25.68 -14.10 -46.04
CA ARG P 82 26.80 -14.92 -45.61
C ARG P 82 28.12 -14.42 -46.16
N GLU P 83 28.12 -13.67 -47.25
CA GLU P 83 29.37 -13.26 -47.88
C GLU P 83 29.60 -11.76 -47.96
N SER P 84 28.64 -10.91 -47.60
CA SER P 84 28.86 -9.47 -47.67
C SER P 84 27.96 -8.71 -46.70
N MET P 85 28.31 -7.45 -46.46
CA MET P 85 27.51 -6.49 -45.71
C MET P 85 27.30 -5.23 -46.54
N ALA P 86 26.16 -4.56 -46.34
CA ALA P 86 25.80 -3.37 -47.11
C ALA P 86 25.15 -2.31 -46.24
N TYR P 87 25.80 -1.15 -46.12
CA TYR P 87 25.26 0.03 -45.43
C TYR P 87 24.67 1.01 -46.44
N THR P 88 23.42 1.43 -46.24
CA THR P 88 22.71 2.24 -47.22
C THR P 88 21.94 3.40 -46.60
N VAL P 89 22.21 4.62 -47.08
CA VAL P 89 21.60 5.86 -46.61
C VAL P 89 20.80 6.48 -47.76
N GLU P 90 19.78 7.29 -47.43
CA GLU P 90 18.97 7.94 -48.47
C GLU P 90 18.27 9.18 -47.92
N CYS P 91 18.16 10.21 -48.77
CA CYS P 91 17.34 11.38 -48.51
C CYS P 91 17.05 12.10 -49.83
N LEU P 92 16.55 13.33 -49.76
CA LEU P 92 16.42 14.20 -50.92
C LEU P 92 17.77 14.76 -51.31
N ARG P 93 17.82 15.39 -52.48
CA ARG P 93 19.07 15.66 -53.18
C ARG P 93 19.94 16.67 -52.43
N ASP P 94 19.34 17.75 -51.93
CA ASP P 94 20.11 18.78 -51.24
C ASP P 94 20.52 18.39 -49.83
N ASP P 95 20.05 17.25 -49.33
CA ASP P 95 20.33 16.81 -47.96
C ASP P 95 21.40 15.72 -47.94
N ILE P 96 21.97 15.40 -49.09
CA ILE P 96 22.74 14.15 -49.23
C ILE P 96 24.14 14.29 -48.64
N GLU P 97 24.62 15.51 -48.46
CA GLU P 97 25.98 15.69 -47.99
C GLU P 97 26.12 15.59 -46.48
N ILE P 98 25.01 15.60 -45.74
CA ILE P 98 25.11 15.42 -44.29
C ILE P 98 24.86 13.97 -43.87
N LEU P 99 24.02 13.23 -44.61
CA LEU P 99 23.81 11.81 -44.36
C LEU P 99 24.94 10.96 -44.88
N MET P 100 25.88 11.56 -45.60
CA MET P 100 27.08 10.90 -46.08
C MET P 100 28.24 11.00 -45.08
N GLU P 101 28.27 12.04 -44.26
CA GLU P 101 29.28 12.09 -43.20
C GLU P 101 28.87 11.29 -41.98
N PHE P 102 27.60 10.99 -41.81
CA PHE P 102 27.19 10.10 -40.73
C PHE P 102 27.58 8.66 -41.05
N LEU P 103 27.36 8.23 -42.29
CA LEU P 103 27.66 6.89 -42.78
C LEU P 103 29.14 6.54 -42.67
N LEU P 104 30.02 7.50 -42.86
CA LEU P 104 31.45 7.28 -42.67
C LEU P 104 31.89 7.32 -41.22
N ASN P 105 30.99 7.57 -40.28
CA ASN P 105 31.31 7.44 -38.87
C ASN P 105 30.82 6.13 -38.29
N VAL P 106 29.69 5.64 -38.77
CA VAL P 106 29.14 4.36 -38.35
C VAL P 106 30.05 3.20 -38.74
N THR P 107 30.66 3.26 -39.93
CA THR P 107 31.42 2.13 -40.44
C THR P 107 32.93 2.31 -40.40
N ALA P 108 33.44 3.51 -40.12
CA ALA P 108 34.87 3.71 -40.19
C ALA P 108 35.50 4.22 -38.90
N ALA P 109 34.73 4.64 -37.92
CA ALA P 109 35.26 4.95 -36.60
C ALA P 109 34.22 4.73 -35.50
N PRO P 110 33.79 3.49 -35.25
CA PRO P 110 32.85 3.29 -34.14
C PRO P 110 33.55 3.04 -32.81
N GLU P 111 32.85 3.39 -31.74
CA GLU P 111 33.29 3.20 -30.37
C GLU P 111 32.32 2.25 -29.70
N PHE P 112 32.82 1.10 -29.29
CA PHE P 112 31.96 0.10 -28.67
C PHE P 112 32.13 0.27 -27.16
N ARG P 113 31.18 0.98 -26.56
CA ARG P 113 31.19 1.24 -25.12
C ARG P 113 30.45 0.13 -24.38
N ARG P 114 30.90 -0.15 -23.16
CA ARG P 114 30.48 -1.33 -22.41
C ARG P 114 28.99 -1.34 -22.12
N TRP P 115 28.47 -0.26 -21.56
CA TRP P 115 27.09 -0.22 -21.10
C TRP P 115 26.11 -0.16 -22.25
N GLU P 116 26.55 0.25 -23.44
CA GLU P 116 25.68 0.27 -24.59
C GLU P 116 25.65 -1.07 -25.30
N VAL P 117 26.80 -1.75 -25.36
CA VAL P 117 26.84 -3.12 -25.88
C VAL P 117 26.08 -4.05 -24.94
N ALA P 118 26.20 -3.84 -23.62
CA ALA P 118 25.51 -4.68 -22.66
C ALA P 118 24.00 -4.49 -22.71
N ALA P 119 23.54 -3.27 -22.95
CA ALA P 119 22.12 -3.04 -23.13
C ALA P 119 21.63 -3.55 -24.48
N LEU P 120 22.54 -3.73 -25.43
CA LEU P 120 22.18 -4.20 -26.76
C LEU P 120 22.03 -5.71 -26.83
N GLN P 121 22.57 -6.46 -25.85
CA GLN P 121 22.57 -7.92 -25.90
C GLN P 121 21.16 -8.51 -25.84
N SER P 122 20.20 -7.79 -25.26
CA SER P 122 18.83 -8.26 -25.28
C SER P 122 18.17 -8.10 -26.63
N GLN P 123 18.73 -7.29 -27.53
CA GLN P 123 18.16 -7.14 -28.86
C GLN P 123 18.46 -8.34 -29.75
N LEU P 124 19.52 -9.10 -29.45
CA LEU P 124 19.84 -10.31 -30.21
C LEU P 124 18.75 -11.34 -30.06
N ARG P 125 18.18 -11.47 -28.86
CA ARG P 125 17.12 -12.42 -28.63
C ARG P 125 15.80 -11.99 -29.25
N ILE P 126 15.60 -10.68 -29.40
CA ILE P 126 14.38 -10.18 -30.02
C ILE P 126 14.42 -10.39 -31.53
N ASP P 127 15.57 -10.06 -32.15
CA ASP P 127 15.72 -10.15 -33.59
C ASP P 127 15.70 -11.60 -34.08
N LYS P 128 16.26 -12.51 -33.30
CA LYS P 128 16.29 -13.92 -33.71
C LYS P 128 14.90 -14.55 -33.60
N ALA P 129 14.12 -14.15 -32.61
CA ALA P 129 12.78 -14.69 -32.46
C ALA P 129 11.81 -14.09 -33.46
N VAL P 130 12.10 -12.88 -33.97
CA VAL P 130 11.27 -12.30 -35.02
C VAL P 130 11.52 -13.02 -36.33
N ALA P 131 12.79 -13.29 -36.65
CA ALA P 131 13.14 -13.98 -37.88
C ALA P 131 12.69 -15.43 -37.89
N PHE P 132 12.65 -16.09 -36.74
CA PHE P 132 12.34 -17.51 -36.68
C PHE P 132 10.85 -17.79 -36.51
N GLN P 133 9.98 -16.81 -36.74
CA GLN P 133 8.57 -17.10 -36.86
C GLN P 133 8.19 -17.54 -38.25
N ASN P 134 9.13 -17.52 -39.17
CA ASN P 134 9.04 -18.13 -40.48
C ASN P 134 9.78 -19.45 -40.45
N PRO P 135 9.16 -20.57 -40.85
CA PRO P 135 9.88 -21.85 -40.84
C PRO P 135 11.00 -21.94 -41.86
N GLN P 136 11.02 -21.11 -42.89
CA GLN P 136 12.09 -21.15 -43.89
C GLN P 136 13.42 -20.66 -43.32
N ALA P 137 13.39 -19.89 -42.24
CA ALA P 137 14.61 -19.24 -41.78
C ALA P 137 15.54 -20.22 -41.07
N GLN P 138 15.00 -21.15 -40.30
CA GLN P 138 15.86 -22.07 -39.57
C GLN P 138 16.17 -23.35 -40.35
N VAL P 139 15.28 -23.78 -41.25
CA VAL P 139 15.56 -24.89 -42.15
C VAL P 139 16.72 -24.55 -43.07
N LEU P 140 16.89 -23.28 -43.43
CA LEU P 140 18.02 -22.93 -44.29
C LEU P 140 19.31 -22.67 -43.53
N GLU P 141 19.21 -22.39 -42.22
CA GLU P 141 20.46 -22.28 -41.43
C GLU P 141 20.93 -23.70 -41.13
N ASN P 142 19.99 -24.61 -40.87
CA ASN P 142 20.33 -26.01 -40.63
C ASN P 142 20.97 -26.63 -41.86
N LEU P 143 20.46 -26.27 -43.06
CA LEU P 143 20.92 -26.87 -44.30
C LEU P 143 22.34 -26.47 -44.64
N HIS P 144 22.74 -25.26 -44.27
CA HIS P 144 24.13 -24.89 -44.48
C HIS P 144 25.04 -25.55 -43.47
N ALA P 145 24.51 -25.88 -42.29
CA ALA P 145 25.27 -26.63 -41.30
C ALA P 145 25.42 -28.10 -41.66
N ALA P 146 24.42 -28.66 -42.33
CA ALA P 146 24.46 -30.04 -42.79
C ALA P 146 25.24 -30.21 -44.09
N ALA P 147 25.62 -29.12 -44.77
CA ALA P 147 26.31 -29.22 -46.04
C ALA P 147 27.77 -28.84 -45.97
N TYR P 148 28.20 -28.11 -44.95
CA TYR P 148 29.59 -27.70 -44.85
C TYR P 148 30.14 -28.06 -43.48
N ARG P 149 31.46 -28.21 -43.43
CA ARG P 149 32.18 -28.38 -42.18
C ARG P 149 32.58 -27.06 -41.55
N ASN P 150 32.79 -26.03 -42.36
CA ASN P 150 33.26 -24.75 -41.88
C ASN P 150 32.83 -23.68 -42.87
N ALA P 151 32.90 -22.42 -42.43
CA ALA P 151 33.00 -21.21 -43.25
C ALA P 151 31.79 -20.88 -44.11
N LEU P 152 30.80 -21.72 -44.16
CA LEU P 152 29.52 -21.39 -44.78
C LEU P 152 28.41 -22.07 -44.01
N ALA P 153 28.75 -22.77 -42.94
CA ALA P 153 27.80 -23.42 -42.07
C ALA P 153 27.37 -22.52 -40.93
N ASN P 154 28.12 -21.45 -40.67
CA ASN P 154 27.77 -20.49 -39.64
C ASN P 154 26.48 -19.76 -39.99
N SER P 155 25.60 -19.63 -39.01
CA SER P 155 24.31 -19.01 -39.20
C SER P 155 24.45 -17.48 -39.26
N LEU P 156 23.41 -16.82 -39.76
CA LEU P 156 23.35 -15.37 -39.75
C LEU P 156 22.97 -14.80 -38.40
N TYR P 157 22.32 -15.59 -37.56
CA TYR P 157 21.90 -15.18 -36.23
C TYR P 157 22.76 -15.85 -35.17
N CYS P 158 22.91 -15.17 -34.04
CA CYS P 158 23.79 -15.62 -32.97
C CYS P 158 23.21 -16.85 -32.26
N PRO P 159 24.05 -17.82 -31.86
CA PRO P 159 23.55 -18.99 -31.13
C PRO P 159 23.13 -18.65 -29.71
N ASP P 160 22.20 -19.47 -29.19
CA ASP P 160 21.49 -19.15 -27.95
C ASP P 160 22.38 -19.17 -26.72
N TYR P 161 23.39 -20.03 -26.67
CA TYR P 161 24.31 -20.06 -25.54
C TYR P 161 25.19 -18.83 -25.47
N ARG P 162 25.30 -18.11 -26.58
CA ARG P 162 26.28 -17.08 -26.78
C ARG P 162 25.70 -15.68 -26.59
N ILE P 163 24.37 -15.56 -26.51
CA ILE P 163 23.71 -14.29 -26.23
C ILE P 163 24.05 -13.84 -24.81
N GLY P 164 24.46 -12.60 -24.67
CA GLY P 164 24.91 -12.09 -23.41
C GLY P 164 26.40 -12.11 -23.24
N LYS P 165 27.12 -12.73 -24.18
CA LYS P 165 28.55 -12.98 -24.04
C LYS P 165 29.41 -12.35 -25.12
N VAL P 166 28.83 -11.68 -26.10
CA VAL P 166 29.61 -11.05 -27.16
C VAL P 166 30.23 -9.78 -26.58
N THR P 167 31.51 -9.69 -26.64
CA THR P 167 32.18 -8.65 -25.88
C THR P 167 32.53 -7.45 -26.77
N PRO P 168 32.78 -6.29 -26.17
CA PRO P 168 33.31 -5.16 -26.96
C PRO P 168 34.66 -5.41 -27.60
N ASP P 169 35.50 -6.28 -27.04
CA ASP P 169 36.79 -6.54 -27.65
C ASP P 169 36.67 -7.42 -28.88
N GLN P 170 35.63 -8.24 -28.96
CA GLN P 170 35.44 -9.03 -30.16
C GLN P 170 34.91 -8.20 -31.31
N LEU P 171 34.07 -7.20 -31.03
CA LEU P 171 33.56 -6.33 -32.08
C LEU P 171 34.67 -5.45 -32.65
N HIS P 172 35.59 -4.99 -31.80
CA HIS P 172 36.73 -4.20 -32.26
C HIS P 172 37.65 -5.00 -33.19
N TYR P 173 37.70 -6.31 -33.00
CA TYR P 173 38.58 -7.19 -33.76
C TYR P 173 37.96 -7.62 -35.08
N TYR P 174 36.62 -7.70 -35.15
CA TYR P 174 35.98 -8.05 -36.44
C TYR P 174 36.15 -6.90 -37.44
N VAL P 175 36.01 -5.66 -36.97
CA VAL P 175 36.06 -4.54 -37.89
C VAL P 175 37.50 -4.23 -38.29
N GLN P 176 38.44 -4.46 -37.39
CA GLN P 176 39.84 -4.14 -37.66
C GLN P 176 40.48 -5.10 -38.67
N ASN P 177 39.88 -6.26 -38.89
CA ASN P 177 40.45 -7.27 -39.78
C ASN P 177 39.61 -7.55 -41.01
N HIS P 178 38.38 -7.05 -41.09
CA HIS P 178 37.54 -7.34 -42.23
C HIS P 178 36.96 -6.12 -42.93
N PHE P 179 36.97 -4.95 -42.32
CA PHE P 179 36.44 -3.73 -42.94
C PHE P 179 37.58 -2.92 -43.56
N THR P 180 38.32 -3.51 -44.49
CA THR P 180 39.50 -2.87 -45.06
C THR P 180 39.22 -2.31 -46.44
N SER P 181 40.21 -1.59 -46.98
CA SER P 181 40.04 -0.81 -48.20
C SER P 181 39.80 -1.69 -49.42
N ALA P 182 40.61 -2.73 -49.59
CA ALA P 182 40.51 -3.58 -50.77
C ALA P 182 39.39 -4.61 -50.71
N ARG P 183 38.44 -4.47 -49.79
CA ARG P 183 37.27 -5.33 -49.75
C ARG P 183 35.97 -4.55 -49.84
N MET P 184 36.04 -3.27 -50.23
CA MET P 184 34.92 -2.35 -50.11
C MET P 184 34.57 -1.68 -51.44
N ALA P 185 33.32 -1.25 -51.55
CA ALA P 185 32.80 -0.60 -52.75
C ALA P 185 31.80 0.49 -52.35
N LEU P 186 32.05 1.72 -52.81
CA LEU P 186 31.23 2.89 -52.52
C LEU P 186 30.43 3.27 -53.77
N ILE P 187 29.11 3.08 -53.73
CA ILE P 187 28.25 3.26 -54.90
C ILE P 187 27.22 4.34 -54.62
N GLY P 188 27.17 5.36 -55.49
CA GLY P 188 26.20 6.44 -55.35
C GLY P 188 25.28 6.54 -56.55
N LEU P 189 24.02 6.93 -56.31
CA LEU P 189 23.01 6.93 -57.35
C LEU P 189 22.44 8.31 -57.71
N GLY P 190 22.57 9.31 -56.85
CA GLY P 190 22.18 10.64 -57.27
C GLY P 190 23.27 11.65 -57.06
N VAL P 191 24.51 11.19 -56.99
CA VAL P 191 25.63 12.02 -56.60
C VAL P 191 26.54 12.15 -57.82
N SER P 192 27.37 13.19 -57.83
CA SER P 192 28.38 13.33 -58.84
C SER P 192 29.59 12.47 -58.52
N HIS P 193 30.48 12.38 -59.50
CA HIS P 193 31.67 11.53 -59.33
C HIS P 193 32.73 12.21 -58.46
N PRO P 194 33.17 13.48 -58.68
CA PRO P 194 34.31 14.00 -57.90
C PRO P 194 33.99 14.32 -56.45
N VAL P 195 32.73 14.35 -56.04
CA VAL P 195 32.42 14.56 -54.63
C VAL P 195 32.41 13.24 -53.85
N LEU P 196 32.01 12.14 -54.48
CA LEU P 196 32.17 10.82 -53.87
C LEU P 196 33.63 10.41 -53.76
N LYS P 197 34.48 10.92 -54.65
CA LYS P 197 35.92 10.71 -54.52
C LYS P 197 36.50 11.47 -53.33
N GLN P 198 36.05 12.72 -53.13
CA GLN P 198 36.52 13.49 -51.99
C GLN P 198 35.89 13.05 -50.69
N VAL P 199 34.84 12.24 -50.73
CA VAL P 199 34.37 11.65 -49.49
C VAL P 199 35.27 10.49 -49.09
N ALA P 200 35.65 9.66 -50.07
CA ALA P 200 36.39 8.45 -49.78
C ALA P 200 37.85 8.68 -49.39
N GLU P 201 38.36 9.91 -49.43
CA GLU P 201 39.74 10.09 -49.00
C GLU P 201 39.74 10.52 -47.53
N ARG P 202 38.68 10.18 -46.82
CA ARG P 202 38.56 10.44 -45.39
C ARG P 202 38.53 9.16 -44.57
N PHE P 203 38.72 7.99 -45.20
CA PHE P 203 39.15 6.80 -44.48
C PHE P 203 40.36 6.12 -45.12
N LEU P 204 41.21 6.87 -45.82
CA LEU P 204 42.44 6.25 -46.32
C LEU P 204 43.48 6.08 -45.22
N ASN P 205 43.31 6.75 -44.07
CA ASN P 205 44.38 6.98 -43.10
C ASN P 205 44.94 5.71 -42.51
N MET P 206 44.11 4.68 -42.35
CA MET P 206 44.58 3.32 -42.14
C MET P 206 43.47 2.38 -42.61
N ARG P 207 43.65 1.08 -42.34
CA ARG P 207 42.89 -0.02 -42.92
C ARG P 207 42.96 -0.01 -44.44
N GLY P 208 44.15 0.34 -44.94
CA GLY P 208 44.48 0.24 -46.35
C GLY P 208 45.20 -1.03 -46.71
N GLY P 209 44.50 -2.16 -46.73
CA GLY P 209 45.09 -3.37 -47.23
C GLY P 209 44.06 -4.44 -47.48
N LEU P 210 44.53 -5.67 -47.61
CA LEU P 210 43.66 -6.82 -47.53
C LEU P 210 43.43 -7.22 -46.08
N GLY P 211 42.36 -7.98 -45.84
CA GLY P 211 42.03 -8.32 -44.44
C GLY P 211 41.89 -9.82 -44.22
N LEU P 212 41.67 -10.22 -42.97
CA LEU P 212 41.51 -11.66 -42.64
C LEU P 212 40.54 -12.29 -43.64
N SER P 213 41.03 -13.25 -44.43
CA SER P 213 40.17 -13.93 -45.45
C SER P 213 39.37 -15.05 -44.79
N GLY P 214 38.62 -15.81 -45.59
CA GLY P 214 37.80 -16.92 -45.06
C GLY P 214 38.33 -18.26 -45.51
N ALA P 215 38.42 -19.23 -44.59
CA ALA P 215 38.89 -20.59 -44.95
C ALA P 215 38.00 -21.17 -46.06
N LYS P 216 38.58 -21.95 -46.97
CA LYS P 216 37.80 -22.54 -48.03
C LYS P 216 36.75 -23.47 -47.43
N ALA P 217 35.61 -23.56 -48.11
CA ALA P 217 34.48 -24.32 -47.58
C ALA P 217 34.58 -25.77 -48.04
N LYS P 218 34.61 -26.69 -47.08
CA LYS P 218 34.73 -28.12 -47.33
C LYS P 218 33.36 -28.76 -47.30
N TYR P 219 33.06 -29.55 -48.33
CA TYR P 219 31.74 -30.16 -48.42
C TYR P 219 31.65 -31.36 -47.49
N ARG P 220 30.62 -31.35 -46.66
CA ARG P 220 30.24 -32.46 -45.80
C ARG P 220 28.85 -32.90 -46.22
N GLY P 221 28.68 -34.18 -46.49
CA GLY P 221 27.35 -34.61 -46.82
C GLY P 221 26.62 -35.08 -45.58
N GLY P 222 25.91 -34.19 -44.93
CA GLY P 222 25.31 -34.52 -43.66
C GLY P 222 23.79 -34.53 -43.70
N GLU P 223 23.18 -34.54 -42.51
CA GLU P 223 21.74 -34.60 -42.40
C GLU P 223 21.36 -34.15 -41.00
N ILE P 224 20.54 -33.12 -40.89
CA ILE P 224 20.11 -32.58 -39.60
C ILE P 224 18.60 -32.66 -39.54
N ARG P 225 18.09 -33.35 -38.53
CA ARG P 225 16.67 -33.51 -38.33
C ARG P 225 16.21 -32.73 -37.10
N ASP P 226 14.98 -32.22 -37.15
CA ASP P 226 14.47 -31.29 -36.14
C ASP P 226 12.98 -31.53 -35.93
N GLN P 227 12.66 -32.42 -35.01
CA GLN P 227 11.27 -32.69 -34.64
C GLN P 227 10.72 -31.55 -33.80
N ASN P 228 9.55 -31.03 -34.19
CA ASN P 228 8.85 -30.02 -33.37
C ASN P 228 7.36 -30.14 -33.63
N GLY P 229 6.62 -29.10 -33.27
CA GLY P 229 5.18 -29.16 -33.35
C GLY P 229 4.53 -28.30 -34.42
N ASP P 230 5.29 -27.98 -35.48
CA ASP P 230 4.71 -27.25 -36.59
C ASP P 230 3.81 -28.17 -37.42
N SER P 231 2.92 -27.53 -38.18
CA SER P 231 1.87 -28.27 -38.90
C SER P 231 2.38 -28.91 -40.18
N LEU P 232 3.33 -28.29 -40.86
CA LEU P 232 3.82 -28.76 -42.14
C LEU P 232 5.30 -29.12 -42.04
N VAL P 233 5.75 -29.97 -42.95
CA VAL P 233 7.15 -30.39 -42.99
C VAL P 233 7.87 -29.55 -44.04
N HIS P 234 8.93 -28.91 -43.64
CA HIS P 234 9.80 -28.20 -44.56
C HIS P 234 11.05 -29.04 -44.78
N ALA P 235 11.38 -29.35 -46.03
CA ALA P 235 12.50 -30.23 -46.32
C ALA P 235 13.27 -29.75 -47.53
N ALA P 236 14.59 -29.90 -47.48
CA ALA P 236 15.47 -29.47 -48.56
C ALA P 236 16.50 -30.56 -48.84
N LEU P 237 16.82 -30.77 -50.12
CA LEU P 237 17.74 -31.82 -50.55
C LEU P 237 18.60 -31.28 -51.68
N VAL P 238 19.90 -31.11 -51.44
CA VAL P 238 20.78 -30.39 -52.35
C VAL P 238 21.97 -31.26 -52.73
N ALA P 239 22.85 -30.70 -53.56
CA ALA P 239 24.20 -31.21 -53.79
C ALA P 239 25.07 -30.04 -54.18
N GLU P 240 26.37 -30.26 -54.26
CA GLU P 240 27.32 -29.19 -54.59
C GLU P 240 27.38 -28.98 -56.11
N SER P 241 27.29 -27.71 -56.56
CA SER P 241 27.19 -27.43 -57.99
C SER P 241 28.31 -26.59 -58.60
N ALA P 242 28.42 -25.30 -58.28
CA ALA P 242 29.26 -24.40 -59.08
C ALA P 242 29.37 -23.04 -58.42
N ALA P 243 30.57 -22.47 -58.45
CA ALA P 243 30.79 -21.12 -57.97
C ALA P 243 30.24 -20.09 -58.95
N THR P 244 30.06 -18.86 -58.47
CA THR P 244 29.56 -17.79 -59.30
C THR P 244 30.68 -17.21 -60.15
N GLY P 245 30.34 -16.83 -61.38
CA GLY P 245 31.35 -16.40 -62.32
C GLY P 245 32.05 -17.54 -63.02
N SER P 246 31.26 -18.43 -63.62
CA SER P 246 31.77 -19.57 -64.36
C SER P 246 30.77 -19.92 -65.45
N ALA P 247 31.22 -20.76 -66.39
CA ALA P 247 30.33 -21.13 -67.49
C ALA P 247 29.27 -22.13 -67.06
N GLU P 248 29.59 -22.98 -66.08
CA GLU P 248 28.62 -23.94 -65.56
C GLU P 248 27.59 -23.29 -64.66
N ALA P 249 27.89 -22.12 -64.11
CA ALA P 249 26.96 -21.45 -63.20
C ALA P 249 25.74 -20.92 -63.92
N ASN P 250 25.88 -20.51 -65.18
CA ASN P 250 24.72 -20.04 -65.94
C ASN P 250 23.79 -21.18 -66.31
N ALA P 251 24.33 -22.39 -66.47
CA ALA P 251 23.51 -23.54 -66.83
C ALA P 251 22.68 -24.04 -65.68
N PHE P 252 23.17 -23.91 -64.44
CA PHE P 252 22.33 -24.23 -63.29
C PHE P 252 21.25 -23.19 -63.11
N SER P 253 21.50 -21.95 -63.53
CA SER P 253 20.49 -20.91 -63.53
C SER P 253 19.40 -21.20 -64.55
N VAL P 254 19.77 -21.72 -65.72
CA VAL P 254 18.78 -22.07 -66.73
C VAL P 254 18.00 -23.32 -66.30
N LEU P 255 18.69 -24.30 -65.71
CA LEU P 255 18.03 -25.51 -65.23
C LEU P 255 17.07 -25.21 -64.08
N GLN P 256 17.36 -24.17 -63.29
CA GLN P 256 16.46 -23.74 -62.23
C GLN P 256 15.10 -23.29 -62.78
N HIS P 257 15.12 -22.57 -63.90
CA HIS P 257 13.87 -22.07 -64.47
C HIS P 257 13.16 -23.10 -65.33
N VAL P 258 13.86 -24.12 -65.80
CA VAL P 258 13.19 -25.25 -66.45
C VAL P 258 12.33 -26.01 -65.44
N LEU P 259 12.87 -26.22 -64.24
CA LEU P 259 12.19 -27.01 -63.23
C LEU P 259 11.03 -26.26 -62.58
N GLY P 260 11.21 -24.97 -62.35
CA GLY P 260 10.18 -24.12 -61.78
C GLY P 260 10.65 -23.45 -60.52
N ALA P 261 10.73 -22.12 -60.52
CA ALA P 261 11.39 -21.39 -59.45
C ALA P 261 10.57 -20.21 -58.99
N GLY P 262 9.27 -20.38 -58.86
CA GLY P 262 8.43 -19.30 -58.40
C GLY P 262 7.29 -18.96 -59.33
N PRO P 263 6.44 -18.03 -58.91
CA PRO P 263 5.18 -17.77 -59.60
C PRO P 263 5.23 -16.61 -60.58
N HIS P 264 4.25 -16.61 -61.45
CA HIS P 264 4.08 -15.51 -62.39
C HIS P 264 2.66 -14.99 -62.42
N VAL P 265 1.67 -15.83 -62.20
CA VAL P 265 0.27 -15.46 -62.18
C VAL P 265 -0.23 -15.63 -60.76
N LYS P 266 -0.87 -14.59 -60.23
CA LYS P 266 -1.44 -14.65 -58.89
C LYS P 266 -2.54 -15.69 -58.83
N ARG P 267 -2.40 -16.66 -57.91
CA ARG P 267 -3.37 -17.78 -57.82
C ARG P 267 -3.31 -18.58 -59.12
N GLY P 268 -2.11 -19.04 -59.51
CA GLY P 268 -1.93 -19.81 -60.76
C GLY P 268 -1.63 -21.27 -60.49
N SER P 269 -1.54 -22.09 -61.54
CA SER P 269 -1.28 -23.54 -61.40
C SER P 269 0.15 -23.87 -61.84
N ASN P 270 0.99 -22.85 -62.00
CA ASN P 270 2.38 -23.04 -62.44
C ASN P 270 2.47 -24.03 -63.61
N ALA P 271 1.89 -23.63 -64.74
CA ALA P 271 1.74 -24.55 -65.86
C ALA P 271 3.06 -24.87 -66.55
N THR P 272 4.04 -23.97 -66.49
CA THR P 272 5.35 -24.22 -67.07
C THR P 272 6.37 -24.62 -66.01
N SER P 273 5.94 -25.31 -64.96
CA SER P 273 6.82 -25.86 -63.96
C SER P 273 6.81 -27.38 -64.09
N SER P 274 7.94 -27.95 -64.51
CA SER P 274 8.02 -29.39 -64.66
C SER P 274 8.12 -30.09 -63.31
N LEU P 275 8.70 -29.43 -62.30
CA LEU P 275 8.70 -29.99 -60.95
C LEU P 275 7.29 -30.03 -60.37
N TYR P 276 6.55 -28.93 -60.49
CA TYR P 276 5.24 -28.83 -59.86
C TYR P 276 4.22 -29.75 -60.49
N GLN P 277 4.32 -29.99 -61.81
CA GLN P 277 3.34 -30.84 -62.46
C GLN P 277 3.60 -32.31 -62.20
N ALA P 278 4.87 -32.68 -61.97
CA ALA P 278 5.21 -34.08 -61.71
C ALA P 278 4.78 -34.50 -60.31
N VAL P 279 4.93 -33.60 -59.33
CA VAL P 279 4.48 -33.89 -57.96
C VAL P 279 2.97 -34.00 -57.92
N ALA P 280 2.27 -33.06 -58.56
CA ALA P 280 0.82 -32.94 -58.45
C ALA P 280 0.06 -34.03 -59.20
N LYS P 281 0.73 -34.99 -59.84
CA LYS P 281 0.03 -36.12 -60.42
C LYS P 281 -0.58 -37.01 -59.34
N GLY P 282 0.23 -37.43 -58.37
CA GLY P 282 -0.23 -38.36 -57.35
C GLY P 282 -0.62 -37.70 -56.05
N VAL P 283 -0.09 -36.52 -55.78
CA VAL P 283 -0.36 -35.78 -54.55
C VAL P 283 -1.55 -34.88 -54.81
N HIS P 284 -2.59 -35.00 -53.99
CA HIS P 284 -3.78 -34.17 -54.12
C HIS P 284 -3.97 -33.23 -52.94
N GLN P 285 -3.11 -33.30 -51.94
CA GLN P 285 -3.14 -32.54 -50.72
C GLN P 285 -2.32 -31.25 -50.89
N PRO P 286 -2.52 -30.25 -50.04
CA PRO P 286 -1.76 -29.00 -50.15
C PRO P 286 -0.26 -29.18 -50.01
N PHE P 287 0.48 -28.65 -50.97
CA PHE P 287 1.92 -28.74 -50.97
C PHE P 287 2.49 -27.51 -51.66
N ASP P 288 3.81 -27.42 -51.68
CA ASP P 288 4.53 -26.46 -52.51
C ASP P 288 5.94 -26.98 -52.74
N VAL P 289 6.42 -26.91 -53.98
CA VAL P 289 7.76 -27.36 -54.34
C VAL P 289 8.40 -26.29 -55.21
N SER P 290 9.72 -26.24 -55.20
CA SER P 290 10.47 -25.23 -55.91
C SER P 290 11.84 -25.81 -56.24
N ALA P 291 12.61 -25.06 -57.02
CA ALA P 291 14.02 -25.33 -57.20
C ALA P 291 14.82 -24.31 -56.41
N PHE P 292 15.73 -24.80 -55.59
CA PHE P 292 16.63 -23.96 -54.80
C PHE P 292 17.92 -23.83 -55.57
N ASN P 293 18.55 -22.68 -55.46
CA ASN P 293 19.83 -22.44 -56.12
C ASN P 293 20.55 -21.36 -55.34
N ALA P 294 21.70 -21.65 -54.77
CA ALA P 294 22.49 -20.64 -54.10
C ALA P 294 23.87 -20.65 -54.70
N SER P 295 24.53 -19.50 -54.70
CA SER P 295 25.80 -19.36 -55.38
C SER P 295 26.71 -18.43 -54.59
N TYR P 296 27.94 -18.88 -54.34
CA TYR P 296 28.89 -18.12 -53.56
C TYR P 296 30.22 -18.09 -54.30
N SER P 297 31.27 -17.58 -53.66
CA SER P 297 32.49 -17.29 -54.41
C SER P 297 33.29 -18.54 -54.75
N ASP P 298 33.17 -19.62 -53.98
CA ASP P 298 33.93 -20.83 -54.28
C ASP P 298 33.10 -22.10 -54.29
N SER P 299 31.80 -22.01 -54.01
CA SER P 299 30.94 -23.18 -54.06
C SER P 299 29.51 -22.72 -54.27
N GLY P 300 28.60 -23.66 -54.38
CA GLY P 300 27.19 -23.35 -54.46
C GLY P 300 26.37 -24.60 -54.24
N LEU P 301 25.12 -24.40 -53.89
CA LEU P 301 24.22 -25.51 -53.60
C LEU P 301 23.04 -25.45 -54.54
N PHE P 302 22.74 -26.56 -55.20
CA PHE P 302 21.55 -26.68 -56.02
C PHE P 302 20.75 -27.88 -55.56
N GLY P 303 19.44 -27.72 -55.49
CA GLY P 303 18.57 -28.83 -55.16
C GLY P 303 17.11 -28.46 -55.19
N ILE P 304 16.31 -29.15 -54.40
CA ILE P 304 14.87 -28.91 -54.36
C ILE P 304 14.49 -28.46 -52.95
N TYR P 305 13.21 -28.12 -52.80
CA TYR P 305 12.67 -27.60 -51.55
C TYR P 305 11.18 -27.89 -51.57
N THR P 306 10.69 -28.63 -50.57
CA THR P 306 9.29 -28.99 -50.50
C THR P 306 8.69 -28.46 -49.21
N ILE P 307 7.39 -28.22 -49.26
CA ILE P 307 6.57 -27.93 -48.09
C ILE P 307 5.33 -28.79 -48.24
N SER P 308 5.01 -29.58 -47.22
CA SER P 308 3.95 -30.56 -47.38
C SER P 308 3.39 -30.94 -46.03
N GLN P 309 2.30 -31.70 -46.05
CA GLN P 309 1.79 -32.33 -44.84
C GLN P 309 2.69 -33.48 -44.44
N ALA P 310 2.63 -33.84 -43.15
CA ALA P 310 3.64 -34.71 -42.55
C ALA P 310 3.52 -36.15 -43.02
N ALA P 311 2.31 -36.62 -43.27
CA ALA P 311 2.11 -37.98 -43.78
C ALA P 311 2.35 -38.11 -45.27
N SER P 312 2.66 -37.02 -45.96
CA SER P 312 2.89 -37.04 -47.40
C SER P 312 4.28 -36.58 -47.78
N ALA P 313 5.16 -36.34 -46.81
CA ALA P 313 6.48 -35.79 -47.10
C ALA P 313 7.40 -36.76 -47.81
N GLY P 314 7.07 -38.05 -47.84
CA GLY P 314 7.88 -39.00 -48.57
C GLY P 314 7.48 -39.09 -50.02
N ASP P 315 6.17 -38.99 -50.28
CA ASP P 315 5.68 -39.02 -51.66
C ASP P 315 6.09 -37.78 -52.43
N VAL P 316 6.22 -36.64 -51.74
CA VAL P 316 6.52 -35.38 -52.40
C VAL P 316 7.99 -35.28 -52.77
N ILE P 317 8.88 -35.69 -51.86
CA ILE P 317 10.32 -35.64 -52.16
C ILE P 317 10.71 -36.71 -53.19
N LYS P 318 10.04 -37.86 -53.20
CA LYS P 318 10.37 -38.90 -54.15
C LYS P 318 9.91 -38.54 -55.56
N SER P 319 8.73 -37.93 -55.70
CA SER P 319 8.26 -37.48 -57.00
C SER P 319 9.09 -36.33 -57.54
N ALA P 320 9.55 -35.44 -56.66
CA ALA P 320 10.37 -34.31 -57.07
C ALA P 320 11.83 -34.67 -57.25
N TYR P 321 12.17 -35.95 -57.19
CA TYR P 321 13.53 -36.39 -57.45
C TYR P 321 13.61 -37.27 -58.70
N ASP P 322 12.51 -37.92 -59.07
CA ASP P 322 12.47 -38.67 -60.33
C ASP P 322 12.44 -37.75 -61.54
N GLN P 323 11.90 -36.54 -61.37
CA GLN P 323 11.79 -35.60 -62.49
C GLN P 323 13.16 -35.01 -62.86
N VAL P 324 14.02 -34.78 -61.88
CA VAL P 324 15.39 -34.36 -62.19
C VAL P 324 16.16 -35.51 -62.84
N LYS P 325 15.78 -36.75 -62.55
CA LYS P 325 16.41 -37.90 -63.19
C LYS P 325 16.00 -38.02 -64.65
N ALA P 326 14.78 -37.60 -64.99
CA ALA P 326 14.32 -37.67 -66.36
C ALA P 326 15.06 -36.70 -67.27
N ILE P 327 15.54 -35.59 -66.72
CA ILE P 327 16.26 -34.60 -67.53
C ILE P 327 17.68 -35.05 -67.80
N ALA P 328 18.34 -35.65 -66.80
CA ALA P 328 19.74 -36.03 -66.94
C ALA P 328 19.96 -37.20 -67.89
N GLN P 329 18.92 -37.96 -68.20
CA GLN P 329 19.03 -39.05 -69.16
C GLN P 329 18.50 -38.66 -70.55
N GLY P 330 18.30 -37.36 -70.80
CA GLY P 330 18.13 -36.86 -72.15
C GLY P 330 16.76 -36.29 -72.49
N ASN P 331 15.73 -36.51 -71.69
CA ASN P 331 14.37 -36.06 -72.03
C ASN P 331 14.25 -34.56 -71.80
N LEU P 332 14.70 -33.77 -72.78
CA LEU P 332 14.70 -32.32 -72.67
C LEU P 332 14.32 -31.70 -74.01
N SER P 333 13.12 -31.13 -74.08
CA SER P 333 12.63 -30.48 -75.28
C SER P 333 13.35 -29.16 -75.53
N ASN P 334 13.22 -28.66 -76.77
CA ASN P 334 13.94 -27.46 -77.18
C ASN P 334 13.21 -26.17 -76.84
N THR P 335 11.88 -26.17 -76.86
CA THR P 335 11.14 -24.97 -76.50
C THR P 335 11.11 -24.72 -75.00
N ASP P 336 11.37 -25.76 -74.19
CA ASP P 336 11.42 -25.58 -72.75
C ASP P 336 12.68 -24.84 -72.33
N VAL P 337 13.76 -24.99 -73.08
CA VAL P 337 14.95 -24.21 -72.79
C VAL P 337 14.75 -22.76 -73.21
N GLN P 338 14.02 -22.52 -74.29
CA GLN P 338 13.84 -21.17 -74.78
C GLN P 338 12.85 -20.39 -73.93
N ALA P 339 11.80 -21.04 -73.43
CA ALA P 339 10.89 -20.40 -72.51
C ALA P 339 11.53 -20.11 -71.16
N ALA P 340 12.57 -20.86 -70.80
CA ALA P 340 13.29 -20.62 -69.57
C ALA P 340 14.35 -19.55 -69.71
N LYS P 341 14.84 -19.30 -70.92
CA LYS P 341 15.80 -18.21 -71.09
C LYS P 341 15.11 -16.85 -70.99
N ASN P 342 13.82 -16.80 -71.31
CA ASN P 342 13.06 -15.55 -71.20
C ASN P 342 12.87 -15.15 -69.75
N LYS P 343 12.46 -16.09 -68.89
CA LYS P 343 12.26 -15.80 -67.47
C LYS P 343 13.55 -15.41 -66.76
N LEU P 344 14.68 -15.92 -67.21
CA LEU P 344 15.95 -15.53 -66.62
C LEU P 344 16.43 -14.17 -67.13
N LYS P 345 16.08 -13.80 -68.37
CA LYS P 345 16.45 -12.48 -68.87
C LYS P 345 15.45 -11.41 -68.41
N ALA P 346 14.16 -11.73 -68.36
CA ALA P 346 13.15 -10.76 -67.97
C ALA P 346 13.25 -10.44 -66.49
N GLY P 347 13.46 -11.46 -65.65
CA GLY P 347 13.62 -11.26 -64.22
C GLY P 347 14.89 -10.52 -63.86
N TYR P 348 15.90 -10.57 -64.71
CA TYR P 348 17.09 -9.78 -64.44
C TYR P 348 16.84 -8.29 -64.72
N LEU P 349 15.98 -7.98 -65.70
CA LEU P 349 15.71 -6.58 -66.02
C LEU P 349 14.66 -5.97 -65.11
N MET P 350 13.73 -6.76 -64.58
CA MET P 350 12.78 -6.23 -63.60
C MET P 350 13.41 -6.06 -62.22
N SER P 351 14.53 -6.73 -61.97
CA SER P 351 15.24 -6.61 -60.71
C SER P 351 16.07 -5.35 -60.63
N VAL P 352 16.24 -4.64 -61.74
CA VAL P 352 17.13 -3.49 -61.79
C VAL P 352 16.33 -2.21 -62.04
N GLU P 353 15.00 -2.28 -61.98
CA GLU P 353 14.14 -1.12 -62.16
C GLU P 353 14.33 -0.10 -61.04
N SER P 354 14.16 -0.54 -59.80
CA SER P 354 14.13 0.36 -58.67
C SER P 354 15.52 0.91 -58.39
N SER P 355 15.57 1.88 -57.48
CA SER P 355 16.84 2.46 -57.07
C SER P 355 17.57 1.57 -56.07
N GLU P 356 16.87 0.65 -55.42
CA GLU P 356 17.54 -0.27 -54.53
C GLU P 356 17.98 -1.54 -55.24
N GLY P 357 17.23 -1.99 -56.25
CA GLY P 357 17.64 -3.15 -57.02
C GLY P 357 18.80 -2.85 -57.93
N PHE P 358 18.88 -1.62 -58.44
CA PHE P 358 20.01 -1.23 -59.25
C PHE P 358 21.27 -1.13 -58.42
N LEU P 359 21.19 -0.45 -57.26
CA LEU P 359 22.34 -0.23 -56.39
C LEU P 359 22.81 -1.52 -55.74
N ASP P 360 21.90 -2.49 -55.56
CA ASP P 360 22.27 -3.84 -55.14
C ASP P 360 23.21 -4.50 -56.14
N GLU P 361 22.81 -4.49 -57.42
CA GLU P 361 23.51 -5.22 -58.48
C GLU P 361 24.88 -4.63 -58.76
N VAL P 362 25.02 -3.32 -58.70
CA VAL P 362 26.30 -2.68 -58.93
C VAL P 362 27.25 -2.96 -57.77
N GLY P 363 26.72 -3.15 -56.57
CA GLY P 363 27.55 -3.46 -55.42
C GLY P 363 28.06 -4.89 -55.39
N SER P 364 27.25 -5.83 -55.88
CA SER P 364 27.71 -7.21 -55.97
C SER P 364 28.77 -7.38 -57.05
N GLN P 365 28.64 -6.68 -58.17
CA GLN P 365 29.61 -6.83 -59.24
C GLN P 365 30.95 -6.20 -58.89
N ALA P 366 30.95 -5.15 -58.07
CA ALA P 366 32.21 -4.53 -57.68
C ALA P 366 33.01 -5.36 -56.69
N LEU P 367 32.35 -6.20 -55.89
CA LEU P 367 33.06 -7.04 -54.95
C LEU P 367 33.50 -8.35 -55.59
N VAL P 368 32.64 -8.95 -56.41
CA VAL P 368 32.92 -10.27 -56.98
C VAL P 368 33.94 -10.17 -58.10
N ALA P 369 33.70 -9.29 -59.09
CA ALA P 369 34.55 -9.24 -60.27
C ALA P 369 35.47 -8.03 -60.35
N GLY P 370 35.07 -6.89 -59.80
CA GLY P 370 35.88 -5.69 -59.93
C GLY P 370 35.63 -4.90 -61.19
N SER P 371 34.48 -5.10 -61.83
CA SER P 371 34.12 -4.39 -63.05
C SER P 371 32.61 -4.25 -63.11
N TYR P 372 32.13 -3.50 -64.10
CA TYR P 372 30.71 -3.40 -64.36
C TYR P 372 30.43 -3.82 -65.80
N MET P 373 29.43 -4.66 -65.98
CA MET P 373 28.98 -5.08 -67.30
C MET P 373 27.55 -4.64 -67.51
N GLN P 374 27.27 -4.13 -68.71
CA GLN P 374 25.95 -3.66 -69.07
C GLN P 374 24.97 -4.83 -69.12
N PRO P 375 23.68 -4.56 -68.94
CA PRO P 375 22.69 -5.65 -69.06
C PRO P 375 22.49 -6.19 -70.47
N SER P 376 23.22 -5.68 -71.48
CA SER P 376 23.24 -6.31 -72.79
C SER P 376 24.28 -7.43 -72.86
N THR P 377 25.36 -7.29 -72.10
CA THR P 377 26.36 -8.36 -71.98
C THR P 377 25.78 -9.56 -71.27
N VAL P 378 25.06 -9.33 -70.17
CA VAL P 378 24.48 -10.39 -69.37
C VAL P 378 23.40 -11.13 -70.15
N LEU P 379 22.66 -10.43 -71.00
CA LEU P 379 21.59 -11.06 -71.76
C LEU P 379 22.12 -11.96 -72.88
N GLN P 380 23.36 -11.74 -73.32
CA GLN P 380 23.92 -12.59 -74.37
C GLN P 380 24.39 -13.93 -73.82
N GLN P 381 25.04 -13.90 -72.64
CA GLN P 381 25.54 -15.09 -71.96
C GLN P 381 24.45 -16.09 -71.63
N ILE P 382 23.24 -15.60 -71.34
CA ILE P 382 22.12 -16.48 -71.09
C ILE P 382 21.68 -17.19 -72.37
N ASP P 383 21.77 -16.51 -73.52
CA ASP P 383 21.40 -17.11 -74.79
C ASP P 383 22.47 -17.99 -75.39
N SER P 384 23.67 -18.01 -74.82
CA SER P 384 24.72 -18.90 -75.30
C SER P 384 24.71 -20.27 -74.59
N VAL P 385 23.79 -20.51 -73.67
CA VAL P 385 23.71 -21.77 -72.95
C VAL P 385 23.04 -22.80 -73.84
N ALA P 386 23.71 -23.93 -74.04
CA ALA P 386 23.23 -24.94 -74.98
C ALA P 386 22.41 -26.01 -74.25
N ASP P 387 21.74 -26.86 -75.04
CA ASP P 387 21.04 -28.02 -74.51
C ASP P 387 21.99 -29.08 -73.97
N ALA P 388 23.25 -29.07 -74.35
CA ALA P 388 24.24 -29.99 -73.81
C ALA P 388 24.79 -29.53 -72.47
N ASP P 389 24.38 -28.37 -71.98
CA ASP P 389 24.80 -27.92 -70.67
C ASP P 389 23.69 -28.01 -69.64
N VAL P 390 22.43 -28.02 -70.06
CA VAL P 390 21.34 -28.27 -69.12
C VAL P 390 21.34 -29.73 -68.72
N ILE P 391 21.79 -30.61 -69.62
CA ILE P 391 21.82 -32.04 -69.30
C ILE P 391 23.02 -32.38 -68.44
N ASN P 392 24.16 -31.77 -68.69
CA ASN P 392 25.36 -31.99 -67.88
C ASN P 392 25.34 -31.28 -66.54
N ALA P 393 24.27 -30.55 -66.23
CA ALA P 393 24.06 -30.02 -64.90
C ALA P 393 23.10 -30.87 -64.07
N ALA P 394 22.11 -31.48 -64.70
CA ALA P 394 21.29 -32.47 -64.01
C ALA P 394 22.00 -33.81 -63.85
N LYS P 395 23.11 -34.05 -64.56
CA LYS P 395 23.91 -35.23 -64.29
C LYS P 395 24.80 -35.04 -63.07
N LYS P 396 25.31 -33.83 -62.84
CA LYS P 396 26.11 -33.56 -61.66
C LYS P 396 25.27 -33.60 -60.39
N PHE P 397 23.97 -33.32 -60.48
CA PHE P 397 23.13 -33.39 -59.31
C PHE P 397 22.79 -34.84 -58.94
N VAL P 398 22.45 -35.66 -59.95
CA VAL P 398 21.95 -37.00 -59.71
C VAL P 398 23.02 -37.91 -59.15
N SER P 399 24.27 -37.72 -59.56
CA SER P 399 25.36 -38.57 -59.11
C SER P 399 26.19 -37.97 -57.98
N GLY P 400 25.78 -36.84 -57.41
CA GLY P 400 26.55 -36.22 -56.36
C GLY P 400 26.08 -36.60 -54.96
N ARG P 401 26.99 -36.45 -53.99
CA ARG P 401 26.67 -36.76 -52.60
C ARG P 401 25.73 -35.70 -52.02
N LYS P 402 24.66 -36.14 -51.39
CA LYS P 402 23.56 -35.26 -51.00
C LYS P 402 23.75 -34.66 -49.61
N SER P 403 22.80 -33.79 -49.25
CA SER P 403 22.66 -33.22 -47.93
C SER P 403 21.18 -32.94 -47.69
N MET P 404 20.79 -32.85 -46.42
CA MET P 404 19.38 -32.73 -46.10
C MET P 404 19.22 -31.90 -44.83
N ALA P 405 18.02 -31.34 -44.68
CA ALA P 405 17.58 -30.67 -43.46
C ALA P 405 16.06 -30.71 -43.46
N ALA P 406 15.48 -30.98 -42.30
CA ALA P 406 14.03 -31.09 -42.23
C ALA P 406 13.55 -30.53 -40.89
N SER P 407 12.24 -30.30 -40.81
CA SER P 407 11.60 -29.75 -39.63
C SER P 407 10.14 -30.15 -39.65
N GLY P 408 9.55 -30.27 -38.46
CA GLY P 408 8.16 -30.64 -38.31
C GLY P 408 8.00 -31.98 -37.63
N ASN P 409 6.92 -32.67 -37.96
CA ASN P 409 6.65 -34.03 -37.51
C ASN P 409 7.30 -34.99 -38.51
N LEU P 410 8.49 -35.50 -38.16
CA LEU P 410 9.36 -36.18 -39.10
C LEU P 410 9.20 -37.69 -39.12
N GLY P 411 8.04 -38.21 -38.76
CA GLY P 411 7.84 -39.64 -38.70
C GLY P 411 7.73 -40.34 -40.04
N HIS P 412 7.56 -39.59 -41.14
CA HIS P 412 7.47 -40.18 -42.46
C HIS P 412 8.47 -39.58 -43.44
N THR P 413 9.38 -38.78 -42.97
CA THR P 413 10.38 -38.22 -43.86
C THR P 413 11.48 -39.26 -44.10
N PRO P 414 11.92 -39.44 -45.34
CA PRO P 414 13.01 -40.40 -45.60
C PRO P 414 14.34 -39.90 -45.07
N PHE P 415 15.23 -40.84 -44.84
CA PHE P 415 16.60 -40.53 -44.51
C PHE P 415 17.41 -40.39 -45.80
N VAL P 416 18.53 -39.66 -45.72
CA VAL P 416 19.27 -39.24 -46.90
C VAL P 416 19.96 -40.40 -47.62
N ASP P 417 20.04 -41.57 -47.00
CA ASP P 417 20.48 -42.79 -47.68
C ASP P 417 19.33 -43.61 -48.22
N GLU P 418 18.10 -43.30 -47.84
CA GLU P 418 16.95 -44.10 -48.25
C GLU P 418 16.29 -43.54 -49.50
N ASP Q 1 -70.92 38.83 24.22
CA ASP Q 1 -69.54 38.54 23.78
C ASP Q 1 -69.56 37.63 22.55
N PRO Q 2 -68.65 37.80 21.60
CA PRO Q 2 -68.64 36.94 20.41
C PRO Q 2 -68.73 35.46 20.82
N LEU Q 3 -68.29 35.18 22.00
CA LEU Q 3 -68.44 33.82 22.50
C LEU Q 3 -69.91 33.43 22.58
N THR Q 4 -70.66 34.10 23.46
CA THR Q 4 -71.98 33.64 23.88
C THR Q 4 -73.04 33.74 22.79
N THR Q 5 -72.74 34.38 21.65
CA THR Q 5 -73.62 34.22 20.51
C THR Q 5 -73.17 33.04 19.64
N VAL Q 6 -71.86 32.82 19.53
CA VAL Q 6 -71.38 31.61 18.87
C VAL Q 6 -71.62 30.40 19.74
N ARG Q 7 -71.31 30.52 21.03
CA ARG Q 7 -71.49 29.39 21.98
C ARG Q 7 -72.96 28.96 21.98
N GLU Q 8 -73.89 29.93 22.02
CA GLU Q 8 -75.30 29.55 22.15
C GLU Q 8 -75.78 28.66 21.01
N GLN Q 9 -75.60 29.09 19.75
CA GLN Q 9 -76.22 28.34 18.66
C GLN Q 9 -75.45 27.04 18.40
N CYS Q 10 -74.17 26.98 18.79
CA CYS Q 10 -73.39 25.75 18.61
C CYS Q 10 -73.84 24.59 19.47
N GLU Q 11 -74.64 24.81 20.53
CA GLU Q 11 -75.34 23.71 21.18
C GLU Q 11 -76.73 23.46 20.60
N GLN Q 12 -77.04 24.00 19.41
CA GLN Q 12 -78.23 23.67 18.66
C GLN Q 12 -77.90 22.81 17.44
N ILE Q 13 -76.82 22.06 17.53
CA ILE Q 13 -76.49 21.02 16.57
C ILE Q 13 -77.25 19.77 17.01
N GLU Q 14 -77.60 18.90 16.06
CA GLU Q 14 -78.24 17.64 16.45
C GLU Q 14 -77.22 16.59 16.90
N LYS Q 15 -75.96 16.98 17.09
CA LYS Q 15 -74.96 16.19 17.78
C LYS Q 15 -74.81 16.60 19.24
N CYS Q 16 -75.01 17.88 19.56
CA CYS Q 16 -75.07 18.32 20.95
C CYS Q 16 -76.46 18.13 21.55
N ILE Q 17 -77.48 17.83 20.74
CA ILE Q 17 -78.76 17.43 21.31
C ILE Q 17 -78.68 16.00 21.84
N LYS Q 18 -77.64 15.25 21.48
CA LYS Q 18 -77.46 13.92 22.04
C LYS Q 18 -76.54 13.93 23.25
N ALA Q 19 -75.56 14.84 23.28
CA ALA Q 19 -74.52 14.80 24.30
C ALA Q 19 -74.92 15.44 25.61
N ARG Q 20 -75.89 16.34 25.61
CA ARG Q 20 -76.33 16.98 26.85
C ARG Q 20 -77.67 16.40 27.33
N GLU Q 21 -78.37 15.68 26.44
CA GLU Q 21 -79.69 15.12 26.76
C GLU Q 21 -79.61 14.05 27.83
N ARG Q 22 -78.45 13.40 27.94
CA ARG Q 22 -78.22 12.42 28.99
C ARG Q 22 -77.42 12.98 30.15
N LEU Q 23 -77.17 14.30 30.18
CA LEU Q 23 -76.43 14.85 31.31
C LEU Q 23 -77.34 15.05 32.51
N GLU Q 24 -78.54 15.60 32.32
CA GLU Q 24 -79.48 15.63 33.43
C GLU Q 24 -80.30 14.34 33.56
N LEU Q 25 -80.11 13.36 32.67
CA LEU Q 25 -80.57 12.02 32.99
C LEU Q 25 -79.66 11.31 33.98
N CYS Q 26 -78.42 11.76 34.13
CA CYS Q 26 -77.53 11.27 35.18
C CYS Q 26 -77.33 12.26 36.30
N ASP Q 27 -77.68 13.54 36.10
CA ASP Q 27 -77.57 14.55 37.15
C ASP Q 27 -78.59 14.31 38.26
N GLN Q 28 -79.76 13.77 37.92
CA GLN Q 28 -80.82 13.52 38.89
C GLN Q 28 -80.57 12.27 39.72
N ARG Q 29 -79.50 11.52 39.43
CA ARG Q 29 -79.29 10.22 40.05
C ARG Q 29 -78.21 10.22 41.11
N VAL Q 30 -77.31 11.21 41.12
CA VAL Q 30 -76.22 11.21 42.08
C VAL Q 30 -76.72 11.63 43.46
N SER Q 31 -77.45 12.73 43.54
CA SER Q 31 -77.87 13.27 44.83
C SER Q 31 -79.14 12.62 45.37
N SER Q 32 -79.58 11.50 44.76
CA SER Q 32 -80.72 10.75 45.30
C SER Q 32 -80.36 10.10 46.63
N ARG Q 33 -79.28 9.32 46.65
CA ARG Q 33 -78.77 8.76 47.88
C ARG Q 33 -77.59 9.59 48.38
N SER Q 34 -77.36 9.56 49.69
CA SER Q 34 -76.40 10.46 50.32
C SER Q 34 -74.97 9.94 50.28
N GLN Q 35 -74.75 8.68 49.94
CA GLN Q 35 -73.43 8.07 49.97
C GLN Q 35 -73.21 7.33 48.65
N THR Q 36 -72.74 8.07 47.64
CA THR Q 36 -72.32 7.45 46.38
C THR Q 36 -71.26 8.33 45.74
N GLU Q 37 -70.34 7.69 45.02
CA GLU Q 37 -69.17 8.34 44.44
C GLU Q 37 -69.22 8.44 42.93
N GLU Q 38 -70.40 8.31 42.33
CA GLU Q 38 -70.51 8.49 40.89
C GLU Q 38 -70.49 9.96 40.54
N ASP Q 39 -69.45 10.40 39.83
CA ASP Q 39 -69.36 11.77 39.37
C ASP Q 39 -70.13 11.93 38.07
N CYS Q 40 -70.24 13.17 37.60
CA CYS Q 40 -70.88 13.47 36.34
C CYS Q 40 -69.89 14.12 35.38
N THR Q 41 -68.62 13.76 35.49
CA THR Q 41 -67.56 14.40 34.70
C THR Q 41 -67.57 13.93 33.26
N GLU Q 42 -68.04 12.70 33.01
CA GLU Q 42 -67.88 12.07 31.71
C GLU Q 42 -68.90 12.55 30.70
N GLU Q 43 -70.18 12.63 31.08
CA GLU Q 43 -71.15 13.26 30.19
C GLU Q 43 -71.01 14.76 30.09
N LEU Q 44 -70.17 15.38 30.93
CA LEU Q 44 -69.79 16.75 30.62
C LEU Q 44 -68.68 16.79 29.56
N PHE Q 45 -67.76 15.81 29.60
CA PHE Q 45 -66.70 15.75 28.60
C PHE Q 45 -67.24 15.41 27.21
N ASP Q 46 -68.27 14.58 27.14
CA ASP Q 46 -68.92 14.32 25.85
C ASP Q 46 -69.61 15.57 25.31
N PHE Q 47 -70.11 16.41 26.21
CA PHE Q 47 -70.81 17.62 25.78
C PHE Q 47 -69.86 18.73 25.40
N LEU Q 48 -68.76 18.88 26.13
CA LEU Q 48 -67.83 19.97 25.85
C LEU Q 48 -67.02 19.73 24.58
N HIS Q 49 -66.58 18.49 24.37
CA HIS Q 49 -65.87 18.10 23.16
C HIS Q 49 -66.74 18.26 21.92
N ALA Q 50 -68.03 17.91 22.04
CA ALA Q 50 -68.96 18.07 20.92
C ALA Q 50 -69.37 19.51 20.70
N ARG Q 51 -69.18 20.39 21.69
CA ARG Q 51 -69.53 21.79 21.53
C ARG Q 51 -68.33 22.62 21.07
N ASP Q 52 -67.13 22.33 21.58
CA ASP Q 52 -65.98 23.18 21.33
C ASP Q 52 -65.37 23.00 19.95
N HIS Q 53 -65.73 21.94 19.22
CA HIS Q 53 -65.26 21.84 17.84
C HIS Q 53 -66.03 22.79 16.93
N CYS Q 54 -67.35 22.79 17.05
CA CYS Q 54 -68.21 23.67 16.25
C CYS Q 54 -68.00 25.14 16.57
N VAL Q 55 -67.58 25.45 17.80
CA VAL Q 55 -67.21 26.82 18.14
C VAL Q 55 -65.94 27.22 17.39
N ALA Q 56 -65.00 26.27 17.24
CA ALA Q 56 -63.70 26.58 16.64
C ALA Q 56 -63.81 26.90 15.15
N HIS Q 57 -64.76 26.30 14.45
CA HIS Q 57 -64.88 26.55 13.02
C HIS Q 57 -65.56 27.88 12.69
N LYS Q 58 -66.20 28.53 13.67
CA LYS Q 58 -67.05 29.67 13.39
C LYS Q 58 -66.68 30.95 14.14
N LEU Q 59 -65.63 30.94 14.96
CA LEU Q 59 -65.45 32.07 15.88
C LEU Q 59 -64.43 33.09 15.40
N PHE Q 60 -63.36 32.65 14.72
CA PHE Q 60 -62.23 33.55 14.48
C PHE Q 60 -62.47 34.57 13.39
N ASN Q 61 -63.59 34.48 12.65
CA ASN Q 61 -63.93 35.51 11.68
C ASN Q 61 -64.76 36.64 12.26
N SER Q 62 -65.41 36.41 13.40
CA SER Q 62 -66.19 37.47 14.04
C SER Q 62 -65.32 38.49 14.73
N LEU Q 63 -64.07 38.14 15.02
CA LEU Q 63 -63.21 38.89 15.89
C LEU Q 63 -62.15 39.62 15.06
N LYS Q 64 -61.14 40.18 15.73
CA LYS Q 64 -60.10 41.12 15.22
C LYS Q 64 -60.55 42.18 14.21
N ALA R 1 -38.68 -40.03 1.81
CA ALA R 1 -38.75 -40.89 0.63
C ALA R 1 -40.17 -41.36 0.37
N VAL R 2 -40.94 -40.56 -0.36
CA VAL R 2 -42.33 -40.87 -0.67
C VAL R 2 -42.39 -41.58 -2.00
N ALA R 3 -43.44 -42.39 -2.17
CA ALA R 3 -43.64 -43.14 -3.41
C ALA R 3 -45.07 -43.08 -3.94
N ALA R 4 -46.05 -42.69 -3.12
CA ALA R 4 -47.43 -42.54 -3.57
C ALA R 4 -47.77 -41.08 -3.89
N SER R 5 -47.51 -40.18 -2.95
CA SER R 5 -47.76 -38.76 -3.10
C SER R 5 -46.51 -37.98 -3.50
N SER R 6 -45.64 -38.59 -4.32
CA SER R 6 -44.51 -37.90 -4.92
C SER R 6 -44.92 -36.90 -5.97
N LYS R 7 -46.18 -36.92 -6.38
CA LYS R 7 -46.81 -35.87 -7.14
C LYS R 7 -46.80 -34.53 -6.41
N TRP R 8 -46.81 -34.55 -5.08
CA TRP R 8 -46.92 -33.33 -4.29
C TRP R 8 -45.59 -32.62 -4.11
N LEU R 9 -44.52 -33.36 -3.80
CA LEU R 9 -43.21 -32.73 -3.66
C LEU R 9 -42.61 -32.30 -4.98
N GLU R 10 -43.17 -32.72 -6.12
CA GLU R 10 -42.66 -32.22 -7.39
C GLU R 10 -43.26 -30.87 -7.75
N GLY R 11 -44.50 -30.62 -7.32
CA GLY R 11 -45.10 -29.32 -7.54
C GLY R 11 -44.50 -28.23 -6.69
N ILE R 12 -44.07 -28.57 -5.47
CA ILE R 12 -43.45 -27.59 -4.59
C ILE R 12 -42.02 -27.31 -5.00
N ARG R 13 -41.34 -28.27 -5.63
CA ARG R 13 -40.00 -27.99 -6.13
C ARG R 13 -40.02 -27.14 -7.38
N LYS R 14 -41.06 -27.30 -8.21
CA LYS R 14 -41.25 -26.43 -9.37
C LYS R 14 -41.64 -25.03 -8.93
N TRP R 15 -42.53 -24.93 -7.94
CA TRP R 15 -43.06 -23.65 -7.49
C TRP R 15 -41.97 -22.77 -6.89
N TYR R 16 -41.08 -23.36 -6.10
CA TYR R 16 -39.98 -22.60 -5.54
C TYR R 16 -38.99 -22.18 -6.61
N TYR R 17 -38.89 -22.95 -7.70
CA TYR R 17 -37.97 -22.60 -8.79
C TYR R 17 -38.43 -21.32 -9.49
N ASN R 18 -39.73 -21.18 -9.71
CA ASN R 18 -40.29 -20.01 -10.39
C ASN R 18 -40.61 -18.86 -9.44
N ALA R 19 -40.82 -19.14 -8.15
CA ALA R 19 -40.91 -18.04 -7.18
C ALA R 19 -39.57 -17.39 -6.99
N ALA R 20 -38.51 -18.18 -6.93
CA ALA R 20 -37.18 -17.65 -7.16
C ALA R 20 -37.08 -17.19 -8.61
N GLY R 21 -36.23 -16.23 -8.86
CA GLY R 21 -36.19 -15.73 -10.22
C GLY R 21 -34.82 -15.63 -10.81
N PHE R 22 -33.94 -16.58 -10.54
CA PHE R 22 -32.65 -16.56 -11.22
C PHE R 22 -32.78 -17.03 -12.66
N ASN R 23 -33.84 -17.76 -13.00
CA ASN R 23 -34.04 -18.16 -14.38
C ASN R 23 -34.43 -16.98 -15.27
N LYS R 24 -35.09 -15.97 -14.71
CA LYS R 24 -35.49 -14.79 -15.48
C LYS R 24 -34.31 -13.92 -15.87
N LEU R 25 -33.18 -14.06 -15.19
CA LEU R 25 -31.94 -13.47 -15.67
C LEU R 25 -31.15 -14.45 -16.54
N GLY R 26 -31.73 -15.59 -16.87
CA GLY R 26 -31.08 -16.62 -17.65
C GLY R 26 -29.91 -17.28 -16.94
N LEU R 27 -30.05 -17.58 -15.65
CA LEU R 27 -29.01 -18.23 -14.88
C LEU R 27 -29.40 -19.68 -14.61
N MET R 28 -28.39 -20.48 -14.31
CA MET R 28 -28.57 -21.85 -13.82
C MET R 28 -28.30 -21.86 -12.31
N ARG R 29 -28.80 -22.92 -11.64
CA ARG R 29 -28.79 -22.98 -10.18
C ARG R 29 -27.39 -22.94 -9.60
N ASP R 30 -26.44 -23.57 -10.27
CA ASP R 30 -25.06 -23.57 -9.77
C ASP R 30 -24.33 -22.26 -10.01
N ASP R 31 -24.94 -21.29 -10.70
CA ASP R 31 -24.35 -19.96 -10.83
C ASP R 31 -24.52 -19.13 -9.57
N THR R 32 -25.64 -19.35 -8.86
CA THR R 32 -26.10 -18.54 -7.74
C THR R 32 -25.55 -18.98 -6.39
N ILE R 33 -24.69 -19.98 -6.35
CA ILE R 33 -24.19 -20.53 -5.10
C ILE R 33 -23.17 -19.58 -4.48
N TYR R 34 -23.13 -19.54 -3.16
CA TYR R 34 -22.16 -18.71 -2.47
C TYR R 34 -20.81 -19.40 -2.52
N GLU R 35 -19.79 -18.69 -2.97
CA GLU R 35 -18.47 -19.28 -3.06
C GLU R 35 -17.73 -19.11 -1.75
N ASP R 36 -17.66 -20.20 -0.97
CA ASP R 36 -16.68 -20.37 0.08
C ASP R 36 -15.45 -21.06 -0.52
N ASP R 37 -14.55 -21.55 0.34
CA ASP R 37 -13.27 -22.08 -0.13
C ASP R 37 -13.39 -23.41 -0.85
N ASP R 38 -14.44 -24.18 -0.60
CA ASP R 38 -14.66 -25.40 -1.35
C ASP R 38 -15.15 -25.11 -2.75
N VAL R 39 -16.05 -24.14 -2.90
CA VAL R 39 -16.63 -23.82 -4.19
C VAL R 39 -15.59 -23.15 -5.08
N LYS R 40 -14.69 -22.37 -4.51
CA LYS R 40 -13.61 -21.76 -5.28
C LYS R 40 -12.58 -22.77 -5.79
N GLU R 41 -12.52 -23.97 -5.21
CA GLU R 41 -11.67 -25.03 -5.72
C GLU R 41 -12.40 -25.88 -6.76
N ALA R 42 -13.71 -26.04 -6.64
CA ALA R 42 -14.45 -26.74 -7.66
C ALA R 42 -14.56 -25.97 -8.98
N ILE R 43 -14.52 -24.64 -8.93
CA ILE R 43 -14.60 -23.83 -10.14
C ILE R 43 -13.31 -23.95 -10.95
N ARG R 44 -12.17 -23.96 -10.24
CA ARG R 44 -10.84 -24.15 -10.81
C ARG R 44 -10.63 -25.50 -11.50
N ARG R 45 -11.50 -26.48 -11.28
CA ARG R 45 -11.36 -27.82 -11.82
C ARG R 45 -12.32 -28.10 -12.97
N LEU R 46 -12.93 -27.11 -13.51
CA LEU R 46 -13.91 -27.33 -14.56
C LEU R 46 -13.24 -27.38 -15.92
N PRO R 47 -13.82 -28.12 -16.88
CA PRO R 47 -13.34 -28.02 -18.25
C PRO R 47 -13.72 -26.67 -18.85
N GLU R 48 -12.88 -26.21 -19.78
CA GLU R 48 -12.86 -24.81 -20.17
C GLU R 48 -14.11 -24.40 -20.96
N ASN R 49 -14.79 -25.33 -21.60
CA ASN R 49 -16.05 -24.98 -22.23
C ASN R 49 -17.15 -24.74 -21.21
N LEU R 50 -17.07 -25.39 -20.04
CA LEU R 50 -18.06 -25.18 -19.00
C LEU R 50 -17.76 -23.93 -18.19
N TYR R 51 -16.48 -23.57 -18.06
CA TYR R 51 -16.13 -22.36 -17.33
C TYR R 51 -16.53 -21.12 -18.12
N ASN R 52 -16.32 -21.14 -19.45
CA ASN R 52 -16.63 -19.99 -20.27
C ASN R 52 -18.14 -19.78 -20.42
N ASP R 53 -18.92 -20.85 -20.34
CA ASP R 53 -20.37 -20.73 -20.39
C ASP R 53 -20.95 -20.05 -19.17
N ARG R 54 -20.28 -20.17 -18.02
CA ARG R 54 -20.73 -19.66 -16.74
C ARG R 54 -20.35 -18.19 -16.54
N VAL R 55 -19.18 -17.78 -17.01
CA VAL R 55 -18.76 -16.39 -16.93
C VAL R 55 -19.64 -15.48 -17.78
N PHE R 56 -20.11 -15.96 -18.93
CA PHE R 56 -20.98 -15.12 -19.75
C PHE R 56 -22.39 -15.05 -19.20
N ARG R 57 -22.91 -16.16 -18.66
CA ARG R 57 -24.27 -16.14 -18.10
C ARG R 57 -24.36 -15.21 -16.90
N ILE R 58 -23.28 -15.07 -16.15
CA ILE R 58 -23.27 -14.19 -14.99
C ILE R 58 -23.16 -12.73 -15.41
N LYS R 59 -22.32 -12.43 -16.41
CA LYS R 59 -22.13 -11.06 -16.88
C LYS R 59 -23.38 -10.48 -17.51
N ARG R 60 -24.12 -11.32 -18.24
CA ARG R 60 -25.39 -10.89 -18.83
C ARG R 60 -26.46 -10.64 -17.77
N ALA R 61 -26.35 -11.27 -16.60
CA ALA R 61 -27.33 -11.06 -15.54
C ALA R 61 -26.97 -9.89 -14.63
N LEU R 62 -25.69 -9.56 -14.47
CA LEU R 62 -25.35 -8.35 -13.74
C LEU R 62 -25.71 -7.11 -14.53
N ASP R 63 -25.68 -7.20 -15.85
CA ASP R 63 -26.03 -6.11 -16.75
C ASP R 63 -27.53 -5.91 -16.83
N LEU R 64 -28.31 -6.99 -16.71
CA LEU R 64 -29.76 -6.89 -16.75
C LEU R 64 -30.32 -6.24 -15.49
N THR R 65 -29.61 -6.33 -14.37
CA THR R 65 -30.08 -5.74 -13.12
C THR R 65 -29.60 -4.31 -12.94
N MET R 66 -28.63 -3.88 -13.73
CA MET R 66 -28.25 -2.48 -13.73
C MET R 66 -29.33 -1.59 -14.33
N ARG R 67 -30.17 -2.14 -15.21
CA ARG R 67 -31.25 -1.40 -15.83
C ARG R 67 -32.63 -1.85 -15.40
N GLN R 68 -32.72 -2.71 -14.37
CA GLN R 68 -33.97 -3.26 -13.85
C GLN R 68 -34.78 -3.99 -14.92
N GLN R 69 -34.09 -4.80 -15.72
CA GLN R 69 -34.69 -5.48 -16.84
C GLN R 69 -34.71 -6.99 -16.64
N ILE R 70 -35.60 -7.64 -17.39
CA ILE R 70 -35.77 -9.10 -17.42
C ILE R 70 -35.70 -9.52 -18.89
N LEU R 71 -35.14 -10.70 -19.15
CA LEU R 71 -35.16 -11.33 -20.46
C LEU R 71 -36.59 -11.65 -20.84
N PRO R 72 -36.90 -11.70 -22.14
CA PRO R 72 -38.25 -12.12 -22.54
C PRO R 72 -38.49 -13.59 -22.23
N LYS R 73 -39.76 -13.97 -22.13
CA LYS R 73 -40.12 -15.32 -21.70
C LYS R 73 -39.95 -16.33 -22.85
N GLU R 74 -38.76 -16.35 -23.45
CA GLU R 74 -38.29 -17.38 -24.35
C GLU R 74 -36.82 -17.69 -24.08
N GLN R 75 -36.14 -16.85 -23.32
CA GLN R 75 -34.77 -17.07 -22.92
C GLN R 75 -34.66 -17.32 -21.42
N TRP R 76 -35.76 -17.72 -20.78
CA TRP R 76 -35.73 -18.11 -19.38
C TRP R 76 -35.27 -19.55 -19.27
N THR R 77 -34.33 -19.80 -18.35
CA THR R 77 -33.83 -21.15 -18.09
C THR R 77 -34.95 -22.04 -17.59
N LYS R 78 -35.16 -23.16 -18.26
CA LYS R 78 -36.27 -24.04 -17.90
C LYS R 78 -35.90 -24.88 -16.69
N TYR R 79 -36.94 -25.52 -16.12
CA TYR R 79 -36.75 -26.29 -14.90
C TYR R 79 -36.05 -27.62 -15.18
N GLU R 80 -36.48 -28.34 -16.21
CA GLU R 80 -35.91 -29.63 -16.55
C GLU R 80 -34.73 -29.52 -17.51
N GLU R 81 -34.14 -28.35 -17.65
CA GLU R 81 -32.97 -28.16 -18.49
C GLU R 81 -31.82 -27.48 -17.76
N ASP R 82 -31.95 -27.27 -16.46
CA ASP R 82 -30.84 -26.78 -15.65
C ASP R 82 -29.87 -27.93 -15.43
N LYS R 83 -28.65 -27.76 -15.93
CA LYS R 83 -27.62 -28.77 -15.76
C LYS R 83 -26.85 -28.48 -14.48
N PHE R 84 -26.79 -29.44 -13.58
CA PHE R 84 -26.01 -29.31 -12.35
C PHE R 84 -24.56 -29.60 -12.70
N TYR R 85 -23.89 -28.62 -13.30
CA TYR R 85 -22.55 -28.84 -13.82
C TYR R 85 -21.48 -28.84 -12.73
N LEU R 86 -21.78 -28.30 -11.55
CA LEU R 86 -20.77 -28.16 -10.51
C LEU R 86 -20.89 -29.20 -9.40
N GLU R 87 -22.05 -29.83 -9.26
CA GLU R 87 -22.27 -30.77 -8.16
C GLU R 87 -21.40 -32.03 -8.20
N PRO R 88 -21.08 -32.66 -9.35
CA PRO R 88 -20.05 -33.71 -9.31
C PRO R 88 -18.66 -33.26 -8.88
N TYR R 89 -18.24 -32.06 -9.27
CA TYR R 89 -16.90 -31.61 -8.92
C TYR R 89 -16.78 -31.17 -7.47
N LEU R 90 -17.89 -30.77 -6.85
CA LEU R 90 -17.87 -30.24 -5.49
C LEU R 90 -18.03 -31.34 -4.44
N LYS R 91 -18.73 -32.42 -4.75
CA LYS R 91 -18.85 -33.54 -3.82
C LYS R 91 -17.51 -34.23 -3.58
N GLU R 92 -16.57 -34.10 -4.51
CA GLU R 92 -15.25 -34.67 -4.35
C GLU R 92 -14.31 -33.74 -3.57
N VAL R 93 -14.53 -32.42 -3.62
CA VAL R 93 -13.69 -31.50 -2.86
C VAL R 93 -14.04 -31.57 -1.37
N ILE R 94 -15.33 -31.76 -1.06
CA ILE R 94 -15.76 -31.87 0.33
C ILE R 94 -15.28 -33.17 0.93
N ARG R 95 -15.35 -34.27 0.16
CA ARG R 95 -14.92 -35.58 0.61
C ARG R 95 -13.41 -35.64 0.87
N GLU R 96 -12.63 -34.84 0.16
CA GLU R 96 -11.21 -34.76 0.45
C GLU R 96 -10.89 -33.86 1.64
N ARG R 97 -11.84 -33.05 2.08
CA ARG R 97 -11.64 -32.26 3.30
C ARG R 97 -12.01 -33.06 4.53
N LYS R 98 -13.04 -33.88 4.45
CA LYS R 98 -13.44 -34.73 5.56
C LYS R 98 -12.52 -35.93 5.77
N GLU R 99 -11.56 -36.15 4.88
CA GLU R 99 -10.54 -37.17 5.04
C GLU R 99 -9.27 -36.63 5.66
N ARG R 100 -8.88 -35.40 5.35
CA ARG R 100 -7.78 -34.76 6.03
C ARG R 100 -8.11 -34.33 7.44
N GLU R 101 -9.39 -34.38 7.82
CA GLU R 101 -9.85 -34.04 9.16
C GLU R 101 -10.00 -35.26 10.07
N GLU R 102 -10.46 -36.38 9.53
CA GLU R 102 -10.43 -37.63 10.29
C GLU R 102 -9.03 -38.18 10.46
N TRP R 103 -8.06 -37.73 9.67
CA TRP R 103 -6.67 -38.15 9.85
C TRP R 103 -5.96 -37.28 10.89
N ALA R 104 -6.43 -36.07 11.14
CA ALA R 104 -5.84 -35.25 12.19
C ALA R 104 -6.41 -35.56 13.56
N LYS R 105 -7.53 -36.28 13.63
CA LYS R 105 -8.04 -36.80 14.89
C LYS R 105 -7.39 -38.12 15.27
N LYS R 106 -6.55 -38.67 14.41
CA LYS R 106 -5.74 -39.82 14.77
C LYS R 106 -4.39 -39.30 15.26
N GLY S 1 -4.76 -4.16 -4.72
CA GLY S 1 -4.46 -5.54 -5.00
C GLY S 1 -5.20 -6.10 -6.20
N ARG S 2 -6.52 -5.90 -6.22
CA ARG S 2 -7.37 -6.39 -7.30
C ARG S 2 -7.70 -5.24 -8.25
N GLU S 3 -6.74 -4.92 -9.11
CA GLU S 3 -6.87 -3.89 -10.14
C GLU S 3 -7.45 -4.47 -11.43
N PHE S 4 -7.52 -3.65 -12.48
CA PHE S 4 -8.41 -3.95 -13.60
C PHE S 4 -7.87 -5.02 -14.52
N GLY S 5 -6.55 -5.07 -14.75
CA GLY S 5 -6.04 -6.15 -15.56
C GLY S 5 -5.74 -7.45 -14.83
N HIS S 6 -6.45 -7.74 -13.72
CA HIS S 6 -6.12 -8.90 -12.89
C HIS S 6 -7.33 -9.60 -12.27
N LEU S 7 -8.54 -9.40 -12.76
CA LEU S 7 -9.71 -9.80 -11.99
C LEU S 7 -10.24 -11.19 -12.33
N THR S 8 -10.30 -11.57 -13.59
CA THR S 8 -10.82 -12.87 -14.03
C THR S 8 -10.09 -13.30 -15.29
N ARG S 9 -10.67 -14.29 -15.96
CA ARG S 9 -10.21 -14.77 -17.26
C ARG S 9 -11.45 -14.97 -18.11
N MET S 10 -11.56 -14.24 -19.21
CA MET S 10 -12.77 -14.24 -20.04
C MET S 10 -12.42 -14.45 -21.51
N ARG S 11 -13.27 -15.20 -22.20
CA ARG S 11 -13.08 -15.50 -23.61
C ARG S 11 -14.40 -15.45 -24.34
N HIS S 12 -14.35 -14.99 -25.60
CA HIS S 12 -15.38 -15.01 -26.64
C HIS S 12 -16.57 -14.07 -26.43
N VAL S 13 -16.37 -12.90 -25.84
CA VAL S 13 -17.46 -11.97 -25.56
C VAL S 13 -17.15 -10.60 -26.12
N ILE S 14 -18.15 -9.98 -26.74
CA ILE S 14 -18.00 -8.73 -27.47
C ILE S 14 -19.06 -7.72 -27.00
N THR S 15 -18.66 -6.45 -26.88
CA THR S 15 -19.53 -5.37 -26.42
C THR S 15 -19.55 -4.22 -27.42
N TYR S 16 -20.74 -3.69 -27.71
CA TYR S 16 -20.97 -2.52 -28.55
C TYR S 16 -21.57 -1.39 -27.74
N SER S 17 -21.02 -0.18 -27.84
CA SER S 17 -21.55 0.97 -27.09
C SER S 17 -21.49 2.25 -27.92
N LEU S 18 -22.46 3.14 -27.71
CA LEU S 18 -22.61 4.43 -28.36
C LEU S 18 -22.13 5.58 -27.48
N SER S 19 -21.84 6.71 -28.10
CA SER S 19 -21.36 7.89 -27.40
C SER S 19 -22.50 8.60 -26.65
N PRO S 20 -22.19 9.29 -25.54
CA PRO S 20 -23.24 10.07 -24.87
C PRO S 20 -23.77 11.22 -25.70
N PHE S 21 -22.95 11.80 -26.55
CA PHE S 21 -23.32 12.90 -27.43
C PHE S 21 -24.01 12.45 -28.70
N GLU S 22 -24.15 11.14 -28.90
CA GLU S 22 -24.91 10.61 -30.02
C GLU S 22 -26.29 10.14 -29.60
N GLN S 23 -26.70 10.45 -28.38
CA GLN S 23 -27.96 9.94 -27.85
C GLN S 23 -28.86 11.08 -27.38
N ARG S 24 -30.16 10.87 -27.55
CA ARG S 24 -31.16 11.78 -27.00
C ARG S 24 -31.33 11.51 -25.50
N ALA S 25 -31.92 12.49 -24.81
CA ALA S 25 -31.93 12.48 -23.36
C ALA S 25 -32.85 11.40 -22.79
N PHE S 26 -34.08 11.30 -23.31
CA PHE S 26 -35.06 10.36 -22.79
C PHE S 26 -35.67 9.55 -23.94
N PRO S 27 -35.17 8.34 -24.19
CA PRO S 27 -35.85 7.46 -25.17
C PRO S 27 -37.20 6.96 -24.68
N HIS S 28 -37.26 6.51 -23.43
CA HIS S 28 -38.47 6.00 -22.79
C HIS S 28 -38.68 6.76 -21.49
N TYR S 29 -39.88 7.29 -21.29
CA TYR S 29 -40.14 7.92 -20.00
C TYR S 29 -41.32 7.31 -19.26
N PHE S 30 -42.51 7.31 -19.85
CA PHE S 30 -43.69 6.74 -19.22
C PHE S 30 -44.48 5.79 -20.09
N THR S 31 -44.19 5.71 -21.39
CA THR S 31 -44.83 4.70 -22.22
C THR S 31 -44.28 3.32 -21.89
N LYS S 32 -42.97 3.23 -21.69
CA LYS S 32 -42.33 2.01 -21.20
C LYS S 32 -42.10 2.06 -19.69
N GLY S 33 -42.33 3.20 -19.06
CA GLY S 33 -41.99 3.39 -17.67
C GLY S 33 -42.93 2.72 -16.70
N ILE S 34 -44.18 3.17 -16.64
CA ILE S 34 -45.18 2.57 -15.76
C ILE S 34 -45.55 1.10 -16.03
N PRO S 35 -45.34 0.49 -17.22
CA PRO S 35 -45.43 -0.98 -17.23
C PRO S 35 -44.21 -1.67 -16.64
N ASN S 36 -43.09 -0.96 -16.48
CA ASN S 36 -41.94 -1.56 -15.80
C ASN S 36 -42.03 -1.43 -14.29
N VAL S 37 -42.68 -0.37 -13.80
CA VAL S 37 -42.84 -0.18 -12.37
C VAL S 37 -43.99 -1.03 -11.83
N LEU S 38 -45.05 -1.19 -12.63
CA LEU S 38 -46.18 -2.02 -12.20
C LEU S 38 -45.84 -3.49 -12.12
N ARG S 39 -44.86 -3.95 -12.89
CA ARG S 39 -44.45 -5.38 -12.74
C ARG S 39 -43.63 -5.53 -11.46
N ARG S 40 -42.74 -4.58 -11.18
CA ARG S 40 -41.93 -4.66 -9.97
C ARG S 40 -42.77 -4.51 -8.71
N THR S 41 -43.99 -3.98 -8.83
CA THR S 41 -44.90 -3.88 -7.69
C THR S 41 -45.64 -5.19 -7.46
N ARG S 42 -46.06 -5.86 -8.54
CA ARG S 42 -46.84 -7.10 -8.43
C ARG S 42 -46.03 -8.26 -7.88
N ALA S 43 -44.71 -8.15 -7.82
CA ALA S 43 -43.89 -9.24 -7.31
C ALA S 43 -43.53 -9.11 -5.84
N CYS S 44 -43.64 -7.91 -5.25
CA CYS S 44 -43.12 -7.66 -3.91
C CYS S 44 -44.16 -7.21 -2.89
N ILE S 45 -45.37 -6.83 -3.31
CA ILE S 45 -46.41 -6.51 -2.35
C ILE S 45 -46.90 -7.76 -1.62
N LEU S 46 -46.75 -8.94 -2.24
CA LEU S 46 -47.06 -10.18 -1.53
C LEU S 46 -46.00 -10.55 -0.51
N ARG S 47 -44.84 -9.89 -0.53
CA ARG S 47 -43.80 -10.13 0.48
C ARG S 47 -43.74 -8.99 1.49
N VAL S 48 -43.77 -7.73 1.06
CA VAL S 48 -43.50 -6.62 1.96
C VAL S 48 -44.73 -6.21 2.76
N ALA S 49 -45.90 -6.13 2.13
CA ALA S 49 -47.07 -5.53 2.77
C ALA S 49 -47.77 -6.32 3.89
N PRO S 50 -48.03 -7.63 3.81
CA PRO S 50 -48.79 -8.30 4.90
C PRO S 50 -48.10 -8.37 6.26
N PRO S 51 -46.77 -8.27 6.38
CA PRO S 51 -46.21 -7.96 7.71
C PRO S 51 -46.65 -6.64 8.31
N PHE S 52 -47.02 -5.65 7.50
CA PHE S 52 -47.39 -4.35 8.01
C PHE S 52 -48.90 -4.16 8.16
N VAL S 53 -49.71 -5.15 7.80
CA VAL S 53 -51.13 -5.09 8.13
C VAL S 53 -51.47 -5.87 9.39
N VAL S 54 -50.55 -6.70 9.88
CA VAL S 54 -50.74 -7.30 11.19
C VAL S 54 -50.16 -6.41 12.29
N PHE S 55 -49.39 -5.38 11.94
CA PHE S 55 -49.18 -4.30 12.90
C PHE S 55 -50.41 -3.44 13.02
N TYR S 56 -51.13 -3.23 11.92
CA TYR S 56 -52.28 -2.33 11.91
C TYR S 56 -53.44 -2.91 12.71
N LEU S 57 -53.73 -4.20 12.57
CA LEU S 57 -54.84 -4.79 13.31
C LEU S 57 -54.54 -4.92 14.79
N VAL S 58 -53.28 -4.85 15.20
CA VAL S 58 -52.94 -4.81 16.60
C VAL S 58 -52.98 -3.38 17.15
N TYR S 59 -52.62 -2.39 16.33
CA TYR S 59 -52.70 -0.99 16.72
C TYR S 59 -54.15 -0.53 16.89
N THR S 60 -55.02 -0.91 15.96
CA THR S 60 -56.43 -0.52 16.06
C THR S 60 -57.14 -1.27 17.19
N TRP S 61 -56.65 -2.44 17.56
CA TRP S 61 -57.19 -3.15 18.71
C TRP S 61 -56.54 -2.71 20.01
N GLY S 62 -55.30 -2.23 19.96
CA GLY S 62 -54.58 -1.83 21.16
C GLY S 62 -54.90 -0.45 21.67
N THR S 63 -55.73 0.31 20.95
CA THR S 63 -56.23 1.58 21.45
C THR S 63 -57.75 1.59 21.57
N GLN S 64 -58.43 0.52 21.16
CA GLN S 64 -59.87 0.40 21.38
C GLN S 64 -60.22 -0.27 22.70
N GLU S 65 -59.43 -1.24 23.14
CA GLU S 65 -59.56 -1.81 24.48
C GLU S 65 -58.62 -1.17 25.49
N PHE S 66 -58.16 0.05 25.22
CA PHE S 66 -57.46 0.86 26.22
C PHE S 66 -58.31 2.00 26.74
N GLU S 67 -59.10 2.65 25.87
CA GLU S 67 -59.99 3.70 26.31
C GLU S 67 -61.40 3.19 26.61
N LYS S 68 -61.64 1.90 26.44
CA LYS S 68 -62.74 1.25 27.13
C LYS S 68 -62.30 0.79 28.52
N SER S 69 -60.99 0.83 28.78
CA SER S 69 -60.44 0.48 30.08
C SER S 69 -60.24 1.68 30.98
N LYS S 70 -60.28 2.90 30.46
CA LYS S 70 -60.16 4.10 31.29
C LYS S 70 -61.54 4.62 31.68
N ARG S 71 -62.28 3.72 32.35
CA ARG S 71 -63.61 3.91 32.94
C ARG S 71 -64.61 4.56 31.98
N LYS S 72 -64.78 3.93 30.82
CA LYS S 72 -65.99 4.15 30.03
C LYS S 72 -67.01 3.17 30.56
N ASN S 73 -67.80 3.63 31.53
CA ASN S 73 -68.72 2.79 32.29
C ASN S 73 -70.14 3.33 32.27
N PRO S 74 -70.91 3.10 31.18
CA PRO S 74 -72.35 3.35 31.24
C PRO S 74 -73.08 2.34 32.12
N ALA S 75 -72.82 1.06 31.91
CA ALA S 75 -73.45 -0.01 32.69
C ALA S 75 -72.47 -0.72 33.61
N ALA S 76 -71.22 -0.26 33.68
CA ALA S 76 -70.25 -0.80 34.63
C ALA S 76 -70.13 0.08 35.86
N TYR S 77 -71.23 0.68 36.30
CA TYR S 77 -71.31 1.36 37.59
C TYR S 77 -72.46 0.75 38.38
N GLU S 78 -72.39 -0.57 38.54
CA GLU S 78 -73.29 -1.23 39.46
C GLU S 78 -72.99 -0.80 40.89
N ASN S 79 -74.00 -0.91 41.74
CA ASN S 79 -73.83 -0.52 43.14
C ASN S 79 -72.98 -1.54 43.89
N ALA T 1 -29.44 19.52 -42.56
CA ALA T 1 -29.97 18.69 -41.48
C ALA T 1 -29.76 19.36 -40.13
N ALA T 2 -30.62 20.30 -39.80
CA ALA T 2 -30.39 21.17 -38.64
C ALA T 2 -31.46 20.94 -37.58
N PRO T 3 -31.11 20.31 -36.44
CA PRO T 3 -32.02 20.33 -35.28
C PRO T 3 -32.01 21.66 -34.55
N THR T 4 -32.70 21.72 -33.40
CA THR T 4 -32.77 22.93 -32.60
C THR T 4 -31.44 23.21 -31.92
N LEU T 5 -31.38 24.33 -31.19
CA LEU T 5 -30.14 24.81 -30.60
C LEU T 5 -29.64 23.86 -29.52
N THR T 6 -28.45 23.31 -29.73
CA THR T 6 -27.87 22.32 -28.86
C THR T 6 -26.47 22.67 -28.31
N ALA T 7 -25.56 23.26 -29.08
CA ALA T 7 -24.19 23.41 -28.59
C ALA T 7 -23.54 24.76 -28.92
N ARG T 8 -23.10 25.50 -27.88
CA ARG T 8 -22.16 26.59 -28.14
C ARG T 8 -20.87 26.57 -27.31
N LEU T 9 -20.89 26.38 -25.98
CA LEU T 9 -19.70 26.65 -25.17
C LEU T 9 -19.15 25.51 -24.30
N TYR T 10 -19.06 24.28 -24.82
CA TYR T 10 -18.20 23.22 -24.30
C TYR T 10 -16.78 23.37 -24.85
N SER T 11 -16.46 24.55 -25.37
CA SER T 11 -15.12 25.01 -25.65
C SER T 11 -14.71 26.17 -24.75
N LEU T 12 -15.63 26.73 -23.97
CA LEU T 12 -15.38 28.00 -23.29
C LEU T 12 -15.45 27.91 -21.75
N LEU T 13 -16.56 27.41 -21.19
CA LEU T 13 -16.83 27.62 -19.77
C LEU T 13 -16.77 26.36 -18.93
N PHE T 14 -17.58 25.34 -19.23
CA PHE T 14 -17.69 24.18 -18.33
C PHE T 14 -16.68 23.07 -18.65
N ARG T 15 -16.11 23.06 -19.85
CA ARG T 15 -15.25 21.90 -20.27
C ARG T 15 -13.87 21.86 -19.61
N ARG T 16 -13.61 22.66 -18.58
CA ARG T 16 -12.25 22.70 -18.07
C ARG T 16 -11.86 21.54 -17.15
N THR T 17 -12.75 21.03 -16.31
CA THR T 17 -12.46 20.23 -15.09
C THR T 17 -11.59 20.95 -14.05
N SER T 18 -11.21 22.19 -14.39
CA SER T 18 -10.59 23.06 -13.37
C SER T 18 -11.82 23.85 -12.93
N THR T 19 -12.75 24.08 -13.87
CA THR T 19 -13.99 24.85 -13.57
C THR T 19 -14.98 23.91 -12.90
N PHE T 20 -14.88 22.61 -13.17
CA PHE T 20 -15.75 21.65 -12.44
C PHE T 20 -15.66 21.99 -10.96
N ALA T 21 -14.48 22.41 -10.49
CA ALA T 21 -14.31 22.82 -9.08
C ALA T 21 -14.11 24.34 -8.99
N LEU T 22 -14.08 25.07 -10.12
CA LEU T 22 -13.96 26.51 -9.99
C LEU T 22 -15.32 27.22 -9.93
N THR T 23 -16.41 26.54 -10.26
CA THR T 23 -17.72 27.17 -10.14
C THR T 23 -18.32 27.04 -8.74
N ILE T 24 -17.50 26.70 -7.75
CA ILE T 24 -17.74 27.17 -6.39
C ILE T 24 -17.18 28.57 -6.17
N ALA T 25 -16.21 28.99 -6.98
CA ALA T 25 -15.50 30.25 -6.78
C ALA T 25 -15.70 31.24 -7.92
N VAL T 26 -15.43 30.85 -9.16
CA VAL T 26 -15.61 31.78 -10.26
C VAL T 26 -17.07 31.81 -10.70
N GLY T 27 -17.75 30.67 -10.67
CA GLY T 27 -19.20 30.68 -10.86
C GLY T 27 -19.95 30.81 -9.55
N ALA T 28 -19.88 31.99 -8.91
CA ALA T 28 -20.53 32.20 -7.62
C ALA T 28 -21.15 33.59 -7.52
N LEU T 29 -21.79 34.09 -8.57
CA LEU T 29 -22.31 35.46 -8.60
C LEU T 29 -23.67 35.55 -9.30
N PHE T 30 -24.04 36.79 -9.62
CA PHE T 30 -25.05 37.28 -10.57
C PHE T 30 -26.51 37.09 -10.16
N PHE T 31 -26.81 36.40 -9.06
CA PHE T 31 -28.20 36.01 -8.84
C PHE T 31 -28.71 36.23 -7.42
N GLU T 32 -28.49 37.41 -6.84
CA GLU T 32 -29.05 37.64 -5.51
C GLU T 32 -30.23 38.62 -5.50
N ARG T 33 -30.25 39.67 -6.33
CA ARG T 33 -31.41 40.53 -6.35
C ARG T 33 -32.30 40.26 -7.56
N ALA T 34 -31.85 39.39 -8.47
CA ALA T 34 -32.78 38.69 -9.36
C ALA T 34 -33.67 37.72 -8.60
N PHE T 35 -33.23 37.26 -7.43
CA PHE T 35 -34.08 36.51 -6.51
C PHE T 35 -34.29 37.24 -5.19
N ASP T 36 -34.21 38.57 -5.21
CA ASP T 36 -35.00 39.40 -4.31
C ASP T 36 -36.35 39.71 -4.92
N GLN T 37 -36.55 39.35 -6.18
CA GLN T 37 -37.86 39.12 -6.79
C GLN T 37 -38.35 37.73 -6.42
N GLY T 38 -39.66 37.51 -6.46
CA GLY T 38 -40.22 36.21 -6.11
C GLY T 38 -40.24 35.94 -4.62
N ALA T 39 -39.04 35.85 -4.02
CA ALA T 39 -38.86 35.63 -2.59
C ALA T 39 -39.44 36.79 -1.79
N ASP T 40 -39.03 38.01 -2.08
CA ASP T 40 -39.55 39.16 -1.36
C ASP T 40 -40.69 39.81 -2.12
N ALA T 41 -41.44 39.02 -2.89
CA ALA T 41 -42.56 39.55 -3.64
C ALA T 41 -43.79 38.69 -3.39
N ILE T 42 -43.61 37.38 -3.28
CA ILE T 42 -44.73 36.51 -2.95
C ILE T 42 -44.83 36.25 -1.46
N TYR T 43 -43.75 36.49 -0.70
CA TYR T 43 -43.89 36.51 0.75
C TYR T 43 -44.68 37.74 1.19
N GLU T 44 -44.34 38.91 0.69
CA GLU T 44 -45.14 40.10 0.99
C GLU T 44 -46.28 40.28 -0.01
N HIS T 45 -47.00 39.21 -0.33
CA HIS T 45 -48.25 39.37 -1.06
C HIS T 45 -49.33 38.52 -0.42
N ILE T 46 -48.94 37.34 0.06
CA ILE T 46 -49.83 36.51 0.84
C ILE T 46 -49.95 37.09 2.24
N ASN T 47 -48.90 37.76 2.70
CA ASN T 47 -48.85 38.42 4.00
C ASN T 47 -49.22 39.87 3.83
N GLN T 48 -50.46 40.14 3.42
CA GLN T 48 -50.86 41.50 3.11
C GLN T 48 -51.42 42.17 4.35
N GLY T 49 -50.71 43.19 4.85
CA GLY T 49 -51.15 43.94 6.00
C GLY T 49 -50.84 43.30 7.33
N LYS T 50 -50.00 42.27 7.36
CA LYS T 50 -49.72 41.56 8.60
C LYS T 50 -48.33 41.82 9.16
N LEU T 51 -47.39 42.25 8.33
CA LEU T 51 -46.04 42.42 8.82
C LEU T 51 -45.91 43.76 9.51
N TRP T 52 -44.72 44.06 10.01
CA TRP T 52 -44.54 45.26 10.79
C TRP T 52 -44.41 46.50 9.93
N LYS T 53 -43.78 46.40 8.75
CA LYS T 53 -43.69 47.55 7.87
C LYS T 53 -44.97 47.83 7.10
N HIS T 54 -45.99 46.99 7.23
CA HIS T 54 -47.28 47.30 6.65
C HIS T 54 -48.19 48.06 7.61
N ILE T 55 -47.84 48.12 8.90
CA ILE T 55 -48.67 48.72 9.92
C ILE T 55 -47.95 49.80 10.71
N LYS T 56 -46.65 50.00 10.48
CA LYS T 56 -45.90 50.92 11.33
C LYS T 56 -46.20 52.38 11.07
N HIS T 57 -46.84 52.70 9.93
CA HIS T 57 -47.14 54.09 9.59
C HIS T 57 -48.20 54.69 10.50
N LYS T 58 -48.99 53.82 11.14
CA LYS T 58 -50.04 54.29 12.09
C LYS T 58 -49.35 54.97 13.27
N TYR T 59 -48.07 54.63 13.52
CA TYR T 59 -47.32 55.19 14.66
C TYR T 59 -46.10 55.92 14.13
N GLU T 60 -45.85 55.82 12.82
CA GLU T 60 -44.71 56.55 12.21
C GLU T 60 -45.21 57.93 11.75
N ASN T 61 -45.96 57.97 10.65
CA ASN T 61 -46.54 59.25 10.17
C ASN T 61 -47.85 59.52 10.89
N LYS T 62 -48.41 58.50 11.57
CA LYS T 62 -49.69 58.65 12.30
C LYS T 62 -50.64 59.52 11.48
N LEU U 2 21.35 31.01 -13.53
CA LEU U 2 22.01 29.85 -14.10
C LEU U 2 21.81 29.81 -15.61
N SER U 3 22.01 28.62 -16.21
CA SER U 3 21.82 28.41 -17.63
C SER U 3 20.91 27.21 -17.90
N ARG U 4 20.24 26.70 -16.87
CA ARG U 4 19.22 25.67 -16.97
C ARG U 4 17.89 26.19 -17.46
N PHE U 5 17.65 27.50 -17.37
CA PHE U 5 16.29 28.02 -17.25
C PHE U 5 15.88 28.96 -18.38
N LEU U 6 16.81 29.70 -18.98
CA LEU U 6 16.48 30.72 -19.97
C LEU U 6 16.78 30.21 -21.38
N GLY U 7 15.98 30.65 -22.35
CA GLY U 7 16.20 30.30 -23.74
C GLY U 7 15.05 30.69 -24.65
N PRO U 8 15.06 30.18 -25.88
CA PRO U 8 13.89 30.32 -26.76
C PRO U 8 12.80 29.26 -26.57
N ARG U 9 12.80 28.53 -25.46
CA ARG U 9 11.79 27.49 -25.26
C ARG U 9 10.81 27.84 -24.15
N TYR U 10 11.31 28.10 -22.94
CA TYR U 10 10.44 28.30 -21.78
C TYR U 10 9.68 29.62 -21.87
N ARG U 11 10.27 30.65 -22.48
CA ARG U 11 9.54 31.92 -22.60
C ARG U 11 8.52 31.92 -23.74
N GLU U 12 8.60 30.99 -24.71
CA GLU U 12 7.49 30.85 -25.65
C GLU U 12 6.46 29.86 -25.14
N LEU U 13 6.86 28.99 -24.21
CA LEU U 13 5.89 28.35 -23.31
C LEU U 13 5.32 29.35 -22.30
N ALA U 14 6.02 30.47 -22.07
CA ALA U 14 5.43 31.56 -21.30
C ALA U 14 4.55 32.47 -22.16
N ARG U 15 4.58 32.33 -23.48
CA ARG U 15 3.80 33.17 -24.37
C ARG U 15 2.31 32.83 -24.29
N ASN U 16 2.01 31.52 -24.24
CA ASN U 16 0.59 31.08 -24.13
C ASN U 16 0.25 30.88 -22.65
N TRP U 17 1.32 30.97 -21.84
CA TRP U 17 1.12 31.12 -20.39
C TRP U 17 1.00 32.65 -20.41
N ILE U 18 0.56 33.29 -19.31
CA ILE U 18 0.29 34.76 -19.21
C ILE U 18 -1.23 34.94 -19.32
N PRO U 19 -1.94 34.61 -20.43
CA PRO U 19 -3.41 34.65 -20.44
C PRO U 19 -3.82 33.67 -19.33
N THR U 20 -3.19 32.49 -19.30
CA THR U 20 -3.46 31.51 -18.22
C THR U 20 -3.12 32.16 -16.88
N ALA U 21 -1.91 32.72 -16.75
CA ALA U 21 -1.48 33.38 -15.50
C ALA U 21 -2.47 34.47 -15.10
N SER U 22 -2.88 35.32 -16.04
CA SER U 22 -3.78 36.47 -15.73
C SER U 22 -5.10 35.89 -15.23
N MET U 23 -5.70 34.89 -15.94
CA MET U 23 -6.99 34.24 -15.56
C MET U 23 -6.71 33.14 -14.58
N TRP U 24 -5.70 33.32 -13.78
CA TRP U 24 -5.39 32.41 -12.68
C TRP U 24 -5.17 33.46 -11.62
N GLY U 25 -4.72 34.64 -12.09
CA GLY U 25 -4.56 35.75 -11.17
C GLY U 25 -5.84 36.54 -10.92
N ALA U 26 -6.58 36.86 -11.99
CA ALA U 26 -7.87 37.53 -11.82
C ALA U 26 -8.94 36.60 -11.27
N VAL U 27 -8.72 35.28 -11.35
CA VAL U 27 -9.52 34.34 -10.58
C VAL U 27 -9.25 34.52 -9.09
N GLY U 28 -7.97 34.61 -8.71
CA GLY U 28 -7.63 34.84 -7.32
C GLY U 28 -8.00 36.23 -6.83
N ALA U 29 -8.06 37.21 -7.74
CA ALA U 29 -8.37 38.58 -7.36
C ALA U 29 -9.85 38.73 -7.03
N VAL U 30 -10.73 38.37 -7.98
CA VAL U 30 -12.16 38.58 -7.80
C VAL U 30 -12.80 37.44 -7.02
N GLY U 31 -12.13 36.29 -6.89
CA GLY U 31 -12.68 35.19 -6.13
C GLY U 31 -12.50 35.29 -4.64
N LEU U 32 -11.51 36.06 -4.19
CA LEU U 32 -11.24 36.25 -2.77
C LEU U 32 -12.30 37.10 -2.09
N VAL U 33 -13.06 37.89 -2.85
CA VAL U 33 -13.87 38.95 -2.27
C VAL U 33 -15.28 38.50 -1.89
N TRP U 34 -15.70 37.31 -2.30
CA TRP U 34 -17.02 36.81 -1.92
C TRP U 34 -16.98 35.91 -0.69
N ALA U 35 -15.80 35.45 -0.27
CA ALA U 35 -15.68 34.52 0.83
C ALA U 35 -15.41 35.21 2.16
N THR U 36 -14.65 36.30 2.14
CA THR U 36 -14.14 36.90 3.37
C THR U 36 -14.79 38.27 3.63
N ASP U 37 -15.82 38.62 2.85
CA ASP U 37 -16.63 39.84 2.96
C ASP U 37 -15.75 41.10 2.87
N TRP U 38 -15.14 41.24 1.69
CA TRP U 38 -14.34 42.42 1.38
C TRP U 38 -15.31 43.51 0.94
N ARG U 39 -15.63 44.42 1.87
CA ARG U 39 -16.61 45.46 1.59
C ARG U 39 -16.04 46.62 0.77
N LEU U 40 -14.72 46.63 0.52
CA LEU U 40 -14.08 47.70 -0.21
C LEU U 40 -14.05 47.48 -1.72
N ILE U 41 -14.67 46.40 -2.20
CA ILE U 41 -14.61 46.03 -3.61
C ILE U 41 -16.01 45.63 -4.07
N LEU U 42 -16.90 45.34 -3.11
CA LEU U 42 -18.33 45.23 -3.41
C LEU U 42 -18.92 46.56 -3.83
N ASP U 43 -18.26 47.68 -3.52
CA ASP U 43 -18.69 49.00 -3.95
C ASP U 43 -18.45 49.23 -5.43
N TRP U 44 -17.47 48.55 -6.03
CA TRP U 44 -17.02 48.94 -7.36
C TRP U 44 -17.96 48.48 -8.45
N VAL U 45 -18.61 47.34 -8.28
CA VAL U 45 -19.75 46.95 -9.10
C VAL U 45 -21.02 47.09 -8.27
N PRO U 46 -21.81 48.14 -8.50
CA PRO U 46 -22.92 48.45 -7.59
C PRO U 46 -24.19 47.64 -7.85
N TYR U 47 -24.20 46.75 -8.84
CA TYR U 47 -25.41 46.01 -9.16
C TYR U 47 -25.71 44.87 -8.19
N ILE U 48 -24.72 44.36 -7.48
CA ILE U 48 -24.88 43.18 -6.64
C ILE U 48 -25.20 43.67 -5.24
N ASN U 49 -26.44 43.46 -4.82
CA ASN U 49 -26.85 43.79 -3.44
C ASN U 49 -26.16 42.75 -2.56
N GLY U 50 -25.17 43.19 -1.80
CA GLY U 50 -24.38 42.24 -1.03
C GLY U 50 -25.09 41.77 0.22
N LYS U 51 -25.26 42.67 1.20
CA LYS U 51 -25.89 42.32 2.46
C LYS U 51 -27.23 43.04 2.58
N PHE U 52 -28.28 42.36 2.12
CA PHE U 52 -29.69 42.77 2.23
C PHE U 52 -29.97 44.14 1.60
N MET V 1 30.54 -10.29 -60.98
CA MET V 1 29.54 -11.22 -61.46
C MET V 1 28.26 -11.03 -60.66
N LEU V 2 27.26 -11.88 -60.87
CA LEU V 2 25.95 -11.56 -60.35
C LEU V 2 25.86 -11.83 -58.85
N SER V 3 24.69 -11.56 -58.29
CA SER V 3 24.46 -11.50 -56.86
C SER V 3 23.85 -12.78 -56.33
N VAL V 4 23.71 -12.81 -55.00
CA VAL V 4 22.89 -13.78 -54.30
C VAL V 4 21.41 -13.60 -54.62
N ALA V 5 20.95 -12.35 -54.70
CA ALA V 5 19.53 -12.08 -54.88
C ALA V 5 19.04 -12.32 -56.30
N SER V 6 19.95 -12.34 -57.29
CA SER V 6 19.55 -12.60 -58.67
C SER V 6 19.20 -14.06 -58.86
N ARG V 7 20.22 -14.91 -58.85
CA ARG V 7 19.96 -16.31 -59.27
C ARG V 7 20.04 -17.24 -58.06
N SER V 8 20.01 -16.66 -56.87
CA SER V 8 20.20 -17.59 -55.73
C SER V 8 19.18 -17.36 -54.59
N GLY V 9 18.96 -18.39 -53.78
CA GLY V 9 17.99 -18.27 -52.67
C GLY V 9 18.56 -18.22 -51.26
N PRO V 10 19.78 -17.62 -51.01
CA PRO V 10 20.22 -17.44 -49.63
C PRO V 10 19.42 -16.40 -48.89
N PHE V 11 19.92 -16.05 -47.71
CA PHE V 11 19.20 -15.01 -47.03
C PHE V 11 19.99 -13.73 -47.08
N ALA V 12 19.23 -12.65 -46.96
CA ALA V 12 19.67 -11.41 -46.47
C ALA V 12 18.75 -11.08 -45.31
N PRO V 13 19.29 -10.71 -44.16
CA PRO V 13 18.48 -9.97 -43.19
C PRO V 13 18.84 -8.49 -43.15
N VAL V 14 17.87 -7.65 -42.81
CA VAL V 14 18.02 -6.20 -42.81
C VAL V 14 17.69 -5.67 -41.41
N LEU V 15 18.49 -4.73 -40.92
CA LEU V 15 18.17 -3.92 -39.74
C LEU V 15 18.11 -2.44 -40.12
N SER V 16 17.03 -1.75 -39.72
CA SER V 16 16.94 -0.31 -39.93
C SER V 16 17.29 0.55 -38.72
N ALA V 17 17.01 1.85 -38.85
CA ALA V 17 17.03 2.80 -37.75
C ALA V 17 15.62 3.32 -37.49
N THR V 18 14.85 3.53 -38.56
CA THR V 18 13.48 4.02 -38.40
C THR V 18 12.44 3.10 -39.01
N SER V 19 12.81 1.92 -39.53
CA SER V 19 11.84 1.00 -40.11
C SER V 19 12.09 -0.40 -39.56
N ARG V 20 11.26 -1.34 -39.99
CA ARG V 20 11.19 -2.59 -39.26
C ARG V 20 12.11 -3.63 -39.90
N GLY V 21 12.97 -4.24 -39.08
CA GLY V 21 13.93 -5.26 -39.49
C GLY V 21 13.33 -6.48 -40.14
N VAL V 22 13.89 -6.89 -41.28
CA VAL V 22 13.33 -8.04 -42.07
C VAL V 22 14.48 -8.99 -42.42
N ALA V 23 14.20 -10.16 -43.10
CA ALA V 23 15.31 -11.09 -43.40
C ALA V 23 14.99 -12.09 -44.51
N GLY V 24 15.02 -11.81 -45.77
CA GLY V 24 14.77 -12.90 -46.75
C GLY V 24 15.03 -12.62 -48.22
N ALA V 25 15.54 -13.61 -48.96
CA ALA V 25 15.72 -13.52 -50.41
C ALA V 25 14.97 -14.64 -51.12
N LEU V 26 15.05 -15.86 -50.62
CA LEU V 26 14.16 -16.93 -51.10
C LEU V 26 12.84 -16.98 -50.34
N ARG V 27 12.98 -17.05 -48.95
CA ARG V 27 11.90 -17.29 -47.94
C ARG V 27 10.54 -17.57 -48.56
N PRO V 28 9.75 -16.58 -49.06
CA PRO V 28 8.39 -16.84 -49.53
C PRO V 28 8.26 -17.98 -50.54
N LEU V 29 7.84 -19.16 -50.08
CA LEU V 29 7.56 -20.27 -51.04
C LEU V 29 6.12 -20.06 -51.49
N VAL V 30 5.90 -19.16 -52.47
CA VAL V 30 4.51 -18.81 -52.90
C VAL V 30 3.85 -19.98 -53.64
N GLN V 31 2.58 -19.79 -54.05
CA GLN V 31 1.81 -20.84 -54.76
C GLN V 31 1.48 -21.87 -53.67
N ALA V 32 1.50 -21.43 -52.40
CA ALA V 32 1.14 -22.30 -51.30
C ALA V 32 -0.04 -21.77 -50.53
N ALA V 33 -0.62 -20.67 -51.03
CA ALA V 33 -1.85 -20.11 -50.51
C ALA V 33 -3.06 -20.41 -51.39
N LEU V 34 -2.86 -20.74 -52.68
CA LEU V 34 -3.97 -21.33 -53.42
C LEU V 34 -4.29 -22.75 -52.94
N PRO V 35 -3.33 -23.62 -52.61
CA PRO V 35 -3.70 -24.72 -51.71
C PRO V 35 -3.85 -24.20 -50.29
N ALA V 36 -4.96 -24.54 -49.66
CA ALA V 36 -5.52 -23.78 -48.55
C ALA V 36 -4.71 -23.84 -47.25
N THR V 37 -5.03 -22.89 -46.36
CA THR V 37 -4.66 -22.86 -44.94
C THR V 37 -3.16 -22.92 -44.65
N SER V 38 -2.44 -21.85 -44.98
CA SER V 38 -1.16 -21.56 -44.36
C SER V 38 -1.32 -20.24 -43.61
N GLU V 39 -1.27 -20.29 -42.28
CA GLU V 39 -1.68 -19.17 -41.43
C GLU V 39 -0.48 -18.33 -41.05
N SER V 40 -0.70 -17.02 -41.05
CA SER V 40 0.26 -15.98 -40.67
C SER V 40 0.74 -16.21 -39.24
N PRO V 41 2.03 -15.99 -38.97
CA PRO V 41 2.59 -16.36 -37.67
C PRO V 41 2.12 -15.44 -36.56
N VAL V 42 1.67 -16.04 -35.46
CA VAL V 42 1.25 -15.28 -34.28
C VAL V 42 2.49 -14.74 -33.57
N LEU V 43 2.44 -13.48 -33.19
CA LEU V 43 3.61 -12.78 -32.67
C LEU V 43 3.49 -12.63 -31.15
N ASP V 44 4.62 -12.81 -30.46
CA ASP V 44 4.80 -12.29 -29.11
C ASP V 44 5.85 -11.20 -29.07
N ALA V 45 6.58 -11.00 -30.17
CA ALA V 45 7.39 -9.81 -30.37
C ALA V 45 6.95 -9.20 -31.71
N LYS V 46 5.90 -8.36 -31.66
CA LYS V 46 5.28 -7.81 -32.90
C LYS V 46 6.29 -7.37 -33.96
N ARG V 47 5.96 -7.62 -35.23
CA ARG V 47 6.85 -7.24 -36.36
C ARG V 47 5.97 -6.54 -37.42
N SER V 48 6.58 -5.98 -38.47
CA SER V 48 5.83 -5.28 -39.55
C SER V 48 4.70 -6.17 -40.09
N PHE V 49 3.56 -5.56 -40.40
CA PHE V 49 2.42 -6.32 -41.02
C PHE V 49 2.28 -5.84 -42.47
N LEU V 50 2.64 -4.58 -42.72
CA LEU V 50 2.58 -4.01 -44.07
C LEU V 50 3.96 -3.55 -44.52
N CYS V 51 4.93 -3.58 -43.59
CA CYS V 51 6.32 -3.16 -43.74
C CYS V 51 6.43 -1.72 -44.26
N ARG V 52 5.88 -0.80 -43.47
CA ARG V 52 5.73 0.63 -43.78
C ARG V 52 5.09 0.87 -45.15
N GLU V 53 3.81 0.54 -45.27
CA GLU V 53 3.00 1.02 -46.38
C GLU V 53 2.34 2.36 -46.05
N SER V 54 2.26 2.71 -44.78
CA SER V 54 1.72 3.97 -44.32
C SER V 54 2.73 5.08 -44.62
N LEU V 55 2.25 6.32 -44.54
CA LEU V 55 2.97 7.54 -44.93
C LEU V 55 3.47 7.41 -46.36
N SER V 56 2.53 7.36 -47.31
CA SER V 56 2.89 7.29 -48.72
C SER V 56 3.07 8.68 -49.34
N GLY V 57 2.69 9.73 -48.63
CA GLY V 57 2.82 11.09 -49.15
C GLY V 57 1.69 11.49 -50.07
N1 A1D6P W . 3.01 36.75 23.53
N3 A1D6P W . 5.01 36.81 17.75
C4 A1D6P W . 4.13 40.72 24.40
C5 A1D6P W . 3.71 39.86 25.40
C6 A1D6P W . 3.34 38.57 25.07
C7 A1D6P W . 3.86 38.54 21.29
C8 A1D6P W . 5.36 37.82 19.62
C10 A1D6P W . 6.41 38.19 18.75
C13 A1D6P W . 2.39 34.88 15.95
C15 A1D6P W . 4.51 34.53 14.85
C17 A1D6P W . 4.61 41.29 22.02
C1 A1D6P W . 3.39 38.12 23.76
C11 A1D6P W . 4.36 35.95 16.78
C12 A1D6P W . 3.00 35.71 16.87
C14 A1D6P W . 3.14 34.29 14.94
C16 A1D6P W . 5.12 35.36 15.78
C18 A1D6P W . 3.69 35.65 23.93
C19 A1D6P W . 3.42 33.19 23.81
C2 A1D6P W . 3.81 38.99 22.75
C3 A1D6P W . 4.16 40.30 23.09
C9 A1D6P W . 6.11 37.49 17.55
N2 A1D6P W . 4.57 37.00 18.98
N4 A1D6P W . 3.00 34.55 23.55
N5 A1D6P W . 1.91 34.99 22.91
N6 A1D6P W . 1.90 36.31 22.91
O1 A1D6P W . 5.19 38.25 20.94
O2 A1D6P W . 4.70 35.60 24.53
CL1 A1D6P W . 2.37 33.23 13.74
N1 A1D6P X . 12.44 6.90 10.89
N3 A1D6P X . 9.27 6.31 16.05
C4 A1D6P X . 9.14 6.68 8.25
C5 A1D6P X . 10.40 7.02 7.79
C6 A1D6P X . 11.45 7.08 8.69
C7 A1D6P X . 9.76 6.14 11.95
C8 A1D6P X . 9.54 7.13 14.07
C10 A1D6P X . 10.32 7.91 14.94
C13 A1D6P X . 9.20 4.25 19.15
C15 A1D6P X . 7.18 3.84 17.92
C17 A1D6P X . 7.54 6.03 10.03
C1 A1D6P X . 11.27 6.80 10.02
C11 A1D6P X . 8.80 5.39 17.08
C12 A1D6P X . 9.61 5.14 18.18
C14 A1D6P X . 7.99 3.60 19.02
C16 A1D6P X . 7.59 4.73 16.95
C18 A1D6P X . 13.55 6.13 10.88
C19 A1D6P X . 15.70 6.06 12.18
C2 A1D6P X . 10.00 6.46 10.48
C3 A1D6P X . 8.94 6.41 9.58
C9 A1D6P X . 10.09 7.32 16.21
N2 A1D6P X . 8.96 6.20 14.76
N4 A1D6P X . 14.40 6.59 11.82
N5 A1D6P X . 13.80 7.63 12.40
N6 A1D6P X . 12.63 7.82 11.84
O1 A1D6P X . 9.41 7.29 12.68
O2 A1D6P X . 13.75 5.22 10.17
CL1 A1D6P X . 7.46 2.46 20.30
CHA HEM Y . 11.78 13.93 10.43
CHB HEM Y . 7.92 14.77 13.21
CHC HEM Y . 8.30 19.55 12.40
CHD HEM Y . 11.65 18.59 9.03
C1A HEM Y . 10.76 13.72 11.33
C2A HEM Y . 10.45 12.51 12.07
C3A HEM Y . 9.38 12.74 12.82
C4A HEM Y . 8.98 14.12 12.62
CMA HEM Y . 8.69 11.74 13.76
CAA HEM Y . 11.23 11.18 11.97
CBA HEM Y . 12.26 11.05 13.08
CGA HEM Y . 13.43 11.96 12.91
O1A HEM Y . 14.13 11.89 11.89
O2A HEM Y . 13.71 12.77 13.83
C1B HEM Y . 7.69 16.13 13.25
C2B HEM Y . 6.63 16.78 13.98
C3B HEM Y . 6.73 18.12 13.78
C4B HEM Y . 7.86 18.33 12.88
CMB HEM Y . 5.65 15.95 14.84
CAB HEM Y . 5.89 19.32 14.29
CBB HEM Y . 4.67 19.28 14.82
C1C HEM Y . 9.29 19.74 11.45
C2C HEM Y . 9.87 20.98 11.00
C3C HEM Y . 10.82 20.72 10.08
C4C HEM Y . 10.83 19.29 9.90
CMC HEM Y . 9.45 22.35 11.59
CAC HEM Y . 11.75 21.62 9.23
CBC HEM Y . 11.54 22.89 8.88
C1D HEM Y . 11.99 17.25 9.10
C2D HEM Y . 12.94 16.55 8.27
C3D HEM Y . 12.96 15.25 8.66
C4D HEM Y . 12.04 15.10 9.74
CMD HEM Y . 13.74 17.21 7.14
CAD HEM Y . 13.82 14.10 8.08
CBD HEM Y . 15.23 14.23 8.60
CGD HEM Y . 16.15 13.08 8.32
O1D HEM Y . 15.69 11.93 8.21
O2D HEM Y . 17.36 13.35 8.27
NA HEM Y . 9.83 14.68 11.72
NB HEM Y . 8.40 17.10 12.59
NC HEM Y . 9.90 18.73 10.75
ND HEM Y . 11.45 16.34 9.99
FE HEM Y . 9.92 16.73 11.40
CHA HEM Z . -3.63 28.11 27.39
CHB HEM Z . -0.12 26.76 24.30
CHC HEM Z . -2.78 23.08 22.76
CHD HEM Z . -6.49 24.82 25.39
C1A HEM Z . -2.43 28.00 26.71
C2A HEM Z . -1.24 28.80 26.96
C3A HEM Z . -0.29 28.42 26.11
C4A HEM Z . -0.82 27.38 25.29
CMA HEM Z . 1.12 29.00 26.01
CAA HEM Z . -1.06 29.89 28.02
CBA HEM Z . -0.95 29.20 29.37
CGA HEM Z . -0.67 30.20 30.44
O1A HEM Z . -1.16 29.98 31.57
O2A HEM Z . 0.02 31.20 30.18
C1B HEM Z . -0.50 25.64 23.62
C2B HEM Z . 0.29 24.92 22.66
C3B HEM Z . -0.42 23.90 22.20
C4B HEM Z . -1.71 23.93 22.88
CMB HEM Z . 1.72 25.26 22.19
CAB HEM Z . 0.18 22.95 21.14
CBB HEM Z . -0.51 22.05 20.45
C1C HEM Z . -4.03 23.27 23.33
C2C HEM Z . -5.21 22.49 23.05
C3C HEM Z . -6.23 22.99 23.77
C4C HEM Z . -5.71 24.09 24.53
CMC HEM Z . -5.20 21.31 22.06
CAC HEM Z . -7.70 22.59 23.93
CBC HEM Z . -8.23 21.40 23.67
C1D HEM Z . -6.07 25.82 26.21
C2D HEM Z . -6.85 26.49 27.22
C3D HEM Z . -6.10 27.41 27.81
C4D HEM Z . -4.77 27.37 27.17
CMD HEM Z . -8.31 26.19 27.57
CAD HEM Z . -6.75 28.27 28.94
CBD HEM Z . -5.91 29.29 29.70
CGD HEM Z . -5.02 28.60 30.68
O1D HEM Z . -3.92 29.13 30.98
O2D HEM Z . -5.40 27.52 31.18
NA HEM Z . -2.13 27.15 25.67
NB HEM Z . -1.71 25.01 23.73
NC HEM Z . -4.39 24.25 24.24
ND HEM Z . -4.82 26.38 26.21
FE HEM Z . -3.19 25.58 25.12
C27 PEE AA . 14.18 30.01 13.18
C26 PEE AA . 15.18 29.00 12.64
C25 PEE AA . 15.43 27.88 13.67
C24 PEE AA . 16.88 27.35 13.52
C23 PEE AA . 17.28 26.53 14.75
C22 PEE AA . 18.82 26.55 14.89
C21 PEE AA . 19.20 27.02 16.32
C20 PEE AA . 19.08 25.87 17.36
C19 PEE AA . 19.73 24.55 16.83
C18 PEE AA . 20.87 24.08 17.77
C17 PEE AA . 21.53 22.80 17.17
C16 PEE AA . 20.46 21.69 16.96
C15 PEE AA . 21.03 20.36 16.39
C14 PEE AA . 22.58 20.39 16.14
C13 PEE AA . 22.89 19.63 14.82
C12 PEE AA . 24.04 18.63 15.06
C11 PEE AA . 25.40 19.35 15.08
C10 PEE AA . 26.34 18.50 15.99
O4 PEE AA . 25.90 17.54 16.48
O2 PEE AA . 27.69 18.87 16.22
C2 PEE AA . 28.17 18.58 17.51
C1 PEE AA . 28.98 17.29 17.51
O3P PEE AA . 28.69 16.54 16.35
P PEE AA . 29.76 16.66 15.10
O2P PEE AA . 30.97 15.80 15.39
O1P PEE AA . 30.20 18.11 15.04
O4P PEE AA . 28.99 16.13 13.72
C4 PEE AA . 29.81 15.62 12.70
C5 PEE AA . 30.80 16.72 12.24
N PEE AA . 32.17 16.22 12.15
C3 PEE AA . 29.19 19.62 17.97
O3 PEE AA . 28.54 20.60 18.78
C30 PEE AA . 28.52 20.32 20.18
O5 PEE AA . 28.99 19.32 20.60
C31 PEE AA . 27.89 21.36 21.14
C32 PEE AA . 26.33 21.21 21.12
C33 PEE AA . 25.69 22.60 21.36
C34 PEE AA . 24.17 22.41 21.60
C35 PEE AA . 23.60 23.69 22.27
C36 PEE AA . 22.87 24.56 21.19
C37 PEE AA . 21.72 25.35 21.88
C38 PEE AA . 22.32 26.57 22.63
C39 PEE AA . 21.18 27.33 23.38
C40 PEE AA . 21.45 27.30 24.91
C41 PEE AA . 20.84 26.01 25.54
C1 CDL BA . 10.40 22.97 -6.30
O1 CDL BA . 9.92 22.17 -7.35
CA2 CDL BA . 9.84 22.48 -4.96
OA2 CDL BA . 8.59 21.89 -5.20
PA1 CDL BA . 8.12 20.55 -4.37
OA3 CDL BA . 9.32 19.66 -4.11
OA4 CDL BA . 7.13 19.79 -5.20
OA5 CDL BA . 7.43 20.97 -2.94
CA3 CDL BA . 6.73 19.98 -2.24
CA4 CDL BA . 5.25 20.31 -2.18
OA6 CDL BA . 5.11 21.69 -2.38
CA5 CDL BA . 3.84 22.23 -2.14
OA7 CDL BA . 2.89 21.81 -2.73
C11 CDL BA . 3.67 23.37 -1.13
C12 CDL BA . 2.41 23.14 -0.32
C13 CDL BA . 2.75 22.76 1.12
C14 CDL BA . 1.58 23.16 2.01
C15 CDL BA . 0.36 22.33 1.66
C16 CDL BA . -0.63 22.35 2.82
C17 CDL BA . -1.20 23.76 2.96
C18 CDL BA . -2.64 23.68 3.46
CA6 CDL BA . 4.74 19.88 -0.80
OA8 CDL BA . 3.99 18.71 -0.94
CA7 CDL BA . 2.66 18.91 -1.33
OA9 CDL BA . 2.33 18.66 -2.43
C31 CDL BA . 1.64 19.43 -0.32
C32 CDL BA . 0.42 18.51 -0.34
C33 CDL BA . -0.10 18.35 1.09
C34 CDL BA . -1.46 19.03 1.21
C35 CDL BA . -1.99 18.84 2.63
C36 CDL BA . -2.83 17.57 2.72
C37 CDL BA . -3.79 17.67 3.91
C38 CDL BA . -3.01 17.82 5.22
CB2 CDL BA . 10.03 24.44 -6.54
OB2 CDL BA . 9.13 24.56 -7.60
PB2 CDL BA . 7.50 24.38 -7.41
OB3 CDL BA . 6.78 25.57 -7.99
OB4 CDL BA . 7.05 23.14 -8.13
OB5 CDL BA . 7.09 24.24 -5.82
CB3 CDL BA . 6.84 25.37 -5.04
CB4 CDL BA . 7.43 25.10 -3.66
OB6 CDL BA . 6.38 24.99 -2.73
CB5 CDL BA . 5.97 26.11 -2.01
OB7 CDL BA . 5.48 27.05 -2.56
C51 CDL BA . 6.09 26.12 -0.50
C52 CDL BA . 4.80 26.71 0.05
C53 CDL BA . 4.47 26.01 1.36
C54 CDL BA . 5.13 26.78 2.50
C55 CDL BA . 4.45 28.13 2.69
C56 CDL BA . 4.61 28.52 4.16
C57 CDL BA . 3.27 28.96 4.73
C58 CDL BA . 3.03 30.43 4.40
CB6 CDL BA . 8.50 26.14 -3.28
OB8 CDL BA . 8.82 26.95 -4.38
CB7 CDL BA . 8.93 28.32 -4.14
OB9 CDL BA . 9.66 28.98 -4.81
C71 CDL BA . 8.15 28.99 -3.02
C72 CDL BA . 7.41 30.22 -3.52
C73 CDL BA . 6.72 30.91 -2.33
C74 CDL BA . 7.74 31.34 -1.30
C75 CDL BA . 8.20 32.77 -1.57
C76 CDL BA . 9.61 32.98 -1.03
C77 CDL BA . 9.56 33.56 0.38
C78 CDL BA . 10.71 34.55 0.58
FE HEC CA . -0.79 48.70 51.76
CHA HEC CA . -0.13 49.33 48.45
CHB HEC CA . 1.33 46.00 51.68
CHC HEC CA . -1.31 48.18 55.19
CHD HEC CA . -2.50 51.72 52.02
NA HEC CA . 0.40 47.79 50.28
C1A HEC CA . 0.58 48.16 49.01
C2A HEC CA . 1.50 47.30 48.21
C3A HEC CA . 1.94 46.30 49.18
C4A HEC CA . 1.20 46.71 50.41
CMA HEC CA . 2.89 45.15 48.98
CAA HEC CA . 1.91 47.42 46.78
CBA HEC CA . 3.16 48.26 46.76
CGA HEC CA . 3.67 48.24 45.36
O1A HEC CA . 4.88 48.44 45.13
O2A HEC CA . 2.84 48.01 44.46
NB HEC CA . -0.13 47.32 53.18
C1B HEC CA . 0.75 46.32 52.99
C2B HEC CA . 1.09 45.50 54.18
C3B HEC CA . 0.28 46.18 55.22
C4B HEC CA . -0.41 47.26 54.50
CMB HEC CA . 2.01 44.32 54.23
CAB HEC CA . 0.13 45.88 56.65
CBB HEC CA . 0.83 44.76 57.36
NC HEC CA . -1.73 49.76 53.33
C1C HEC CA . -1.85 49.42 54.63
C2C HEC CA . -2.58 50.36 55.49
C3C HEC CA . -2.90 51.41 54.53
C4C HEC CA . -2.36 50.95 53.25
CMC HEC CA . -2.84 50.21 56.97
CAC HEC CA . -3.64 52.68 54.69
CBC HEC CA . -4.23 53.15 55.98
ND HEC CA . -1.25 50.27 50.45
C1D HEC CA . -1.93 51.40 50.71
C2D HEC CA . -2.07 52.32 49.57
C3D HEC CA . -1.38 51.60 48.51
C4D HEC CA . -0.90 50.38 49.17
CMD HEC CA . -2.77 53.65 49.51
CAD HEC CA . -1.15 52.05 47.10
CBD HEC CA . 0.10 52.88 47.22
CGD HEC CA . 0.32 53.52 45.90
O1D HEC CA . 0.99 54.56 45.81
O2D HEC CA . -0.17 52.96 44.92
FE1 FES DA . -43.46 8.11 41.34
FE2 FES DA . -45.82 9.35 41.46
S1 FES DA . -45.39 7.26 42.06
S2 FES DA . -44.20 9.68 39.97
N1 A1D6P EA . -33.08 9.57 26.63
N3 A1D6P EA . -31.26 3.75 26.17
C4 A1D6P EA . -36.30 8.78 29.25
C5 A1D6P EA . -36.14 10.02 28.66
C6 A1D6P EA . -35.07 10.24 27.81
C7 A1D6P EA . -33.32 6.86 27.88
C8 A1D6P EA . -33.03 4.88 26.64
C10 A1D6P EA . -33.43 3.53 26.45
C13 A1D6P EA . -27.55 4.04 26.16
C15 A1D6P EA . -28.19 2.14 24.83
C17 A1D6P EA . -35.59 6.43 29.69
C1 A1D6P EA . -34.17 9.24 27.55
C11 A1D6P EA . -29.87 3.48 25.90
C12 A1D6P EA . -28.89 4.29 26.43
C14 A1D6P EA . -27.21 2.96 25.37
C16 A1D6P EA . -29.52 2.41 25.09
C18 A1D6P EA . -33.21 9.81 25.30
C19 A1D6P EA . -31.73 10.42 23.41
C2 A1D6P EA . -34.31 7.99 28.14
C3 A1D6P EA . -35.38 7.78 29.01
C9 A1D6P EA . -32.22 2.87 26.15
N2 A1D6P EA . -31.74 4.95 26.45
N4 A1D6P EA . -31.99 10.10 24.80
N5 A1D6P EA . -31.14 10.02 25.82
N6 A1D6P EA . -31.78 9.72 26.93
O1 A1D6P EA . -33.86 5.96 26.95
O2 A1D6P EA . -34.19 9.80 24.66
CL1 A1D6P EA . -25.50 2.61 25.02
N1 A1D6P FA . -17.45 1.27 -2.11
N3 A1D6P FA . -17.89 7.29 -1.40
C4 A1D6P FA . -13.68 0.81 -0.24
C5 A1D6P FA . -14.44 -0.28 -0.59
C6 A1D6P FA . -15.66 -0.10 -1.21
C7 A1D6P FA . -15.87 3.69 -1.40
C8 A1D6P FA . -17.38 5.33 -0.66
C10 A1D6P FA . -18.77 5.47 -0.52
C13 A1D6P FA . -18.53 10.38 -3.39
C15 A1D6P FA . -16.29 10.49 -2.51
C17 A1D6P FA . -13.27 3.26 -0.09
C1 A1D6P FA . -16.14 1.18 -1.48
C11 A1D6P FA . -17.69 8.60 -2.01
C12 A1D6P FA . -18.70 9.16 -2.77
C14 A1D6P FA . -17.32 11.05 -3.25
C16 A1D6P FA . -16.47 9.26 -1.89
C18 A1D6P FA . -17.80 0.88 -3.35
C19 A1D6P FA . -19.92 0.87 -4.72
C2 A1D6P FA . -15.39 2.27 -1.11
C3 A1D6P FA . -14.15 2.09 -0.50
C9 A1D6P FA . -19.03 6.77 -1.02
N2 A1D6P FA . -16.91 6.42 -1.19
N4 A1D6P FA . -19.12 1.12 -3.53
N5 A1D6P FA . -19.56 1.65 -2.40
N6 A1D6P FA . -18.57 1.74 -1.54
O1 A1D6P FA . -16.61 4.20 -0.32
O2 A1D6P FA . -17.08 0.39 -4.15
CL1 A1D6P FA . -17.11 12.63 -4.05
CHA HEM GA . -26.68 18.09 22.56
CHB HEM GA . -26.61 14.09 19.77
CHC HEM GA . -22.10 15.05 18.42
CHD HEM GA . -22.02 18.74 21.60
C1A HEM GA . -27.04 16.93 21.88
C2A HEM GA . -28.35 16.33 21.89
C3A HEM GA . -28.33 15.25 21.13
C4A HEM GA . -27.00 15.10 20.60
CMA HEM GA . -29.50 14.29 20.85
CAA HEM GA . -29.57 16.88 22.64
CBA HEM GA . -30.19 17.86 21.67
CGA HEM GA . -31.20 18.73 22.35
O1A HEM GA . -30.78 19.80 22.84
O2A HEM GA . -32.38 18.37 22.39
C1B HEM GA . -25.40 13.99 19.14
C2B HEM GA . -25.01 12.96 18.21
C3B HEM GA . -23.76 13.18 17.83
C4B HEM GA . -23.30 14.40 18.50
CMB HEM GA . -25.87 11.77 17.74
CAB HEM GA . -23.06 12.24 16.83
CBB HEM GA . -21.75 12.19 16.62
C1C HEM GA . -21.69 16.12 19.21
C2C HEM GA . -20.36 16.69 19.24
C3C HEM GA . -20.35 17.69 20.12
C4C HEM GA . -21.67 17.80 20.66
CMC HEM GA . -19.22 16.13 18.36
CAC HEM GA . -19.26 18.68 20.59
CBC HEM GA . -18.10 18.95 19.99
C1D HEM GA . -23.27 18.93 22.14
C2D HEM GA . -23.66 19.95 23.07
C3D HEM GA . -24.95 19.79 23.35
C4D HEM GA . -25.42 18.63 22.59
CMD HEM GA . -22.77 21.05 23.66
CAD HEM GA . -25.74 20.69 24.31
CBD HEM GA . -26.42 21.83 23.56
CGD HEM GA . -27.85 21.45 23.33
O1D HEM GA . -28.40 21.78 22.25
O2D HEM GA . -28.44 20.81 24.21
NA HEM GA . -26.24 16.15 21.08
NB HEM GA . -24.34 14.84 19.29
NC HEM GA . -22.46 16.83 20.10
ND HEM GA . -24.36 18.15 21.86
FE HEM GA . -24.40 16.54 20.50
CHA HEM HA . -20.45 -0.41 4.00
CHB HEM HA . -19.81 3.65 6.55
CHC HEM HA . -22.03 1.66 10.41
CHD HEM HA . -21.99 -2.58 8.08
C1A HEM HA . -20.15 0.91 4.31
C2A HEM HA . -19.72 1.95 3.40
C3A HEM HA . -19.54 3.05 4.10
C4A HEM HA . -19.86 2.78 5.49
CMA HEM HA . -19.08 4.41 3.55
CAA HEM HA . -19.50 1.78 1.88
CBA HEM HA . -20.74 2.20 1.10
CGA HEM HA . -21.90 1.25 1.23
O1A HEM HA . -21.74 0.06 0.89
O2A HEM HA . -22.99 1.68 1.63
C1B HEM HA . -20.37 3.48 7.81
C2B HEM HA . -20.40 4.47 8.85
C3B HEM HA . -21.04 3.93 9.93
C4B HEM HA . -21.38 2.58 9.59
CMB HEM HA . -19.81 5.88 8.62
CAB HEM HA . -21.37 4.50 11.34
CBB HEM HA . -20.81 5.56 11.93
C1C HEM HA . -22.25 0.33 10.12
C2C HEM HA . -22.98 -0.63 10.92
C3C HEM HA . -22.97 -1.82 10.26
C4C HEM HA . -22.24 -1.62 9.05
CMC HEM HA . -23.62 -0.26 12.27
CAC HEM HA . -23.56 -3.22 10.59
CBC HEM HA . -23.98 -3.69 11.76
C1D HEM HA . -21.55 -2.37 6.79
C2D HEM HA . -21.33 -3.39 5.79
C3D HEM HA . -20.89 -2.80 4.66
C4D HEM HA . -20.83 -1.38 4.91
CMD HEM HA . -21.55 -4.90 6.05
CAD HEM HA . -20.51 -3.45 3.30
CBD HEM HA . -21.81 -3.79 2.58
CGD HEM HA . -21.71 -4.17 1.15
O1D HEM HA . -20.76 -3.76 0.45
O2D HEM HA . -22.64 -4.86 0.70
NA HEM HA . -20.23 1.46 5.57
NB HEM HA . -20.97 2.34 8.30
NC HEM HA . -21.82 -0.31 8.99
ND HEM HA . -21.23 -1.15 6.22
FE HEM HA . -20.98 0.63 7.33
C27 PEE IA . -31.72 -3.37 15.50
C26 PEE IA . -31.34 -3.55 14.04
C25 PEE IA . -32.13 -2.55 13.17
C24 PEE IA . -32.09 -2.96 11.66
C23 PEE IA . -33.28 -3.89 11.36
C22 PEE IA . -34.03 -3.38 10.10
C21 PEE IA . -34.63 -1.98 10.40
C20 PEE IA . -35.48 -1.52 9.18
C19 PEE IA . -34.56 -1.20 7.96
C18 PEE IA . -35.38 -1.19 6.65
C17 PEE IA . -34.61 -2.01 5.57
C16 PEE IA . -33.62 -1.08 4.82
C15 PEE IA . -32.99 -1.76 3.58
C14 PEE IA . -34.02 -2.70 2.87
C13 PEE IA . -33.21 -3.82 2.14
C12 PEE IA . -33.64 -3.86 0.65
C11 PEE IA . -34.86 -4.80 0.52
C10 PEE IA . -35.57 -4.43 -0.81
O4 PEE IA . -35.02 -3.75 -1.58
O2 PEE IA . -36.87 -4.91 -1.11
C2 PEE IA . -37.68 -3.98 -1.77
C1 PEE IA . -37.93 -4.47 -3.18
O3P PEE IA . -36.69 -4.86 -3.69
P PEE IA . -36.57 -6.48 -3.97
O2P PEE IA . -37.41 -7.13 -2.88
O1P PEE IA . -37.20 -6.77 -5.31
O4P PEE IA . -34.95 -6.89 -3.94
C4 PEE IA . -34.53 -8.00 -4.68
C5 PEE IA . -35.35 -9.23 -4.20
N PEE IA . -36.12 -9.83 -5.29
C3 PEE IA . -39.05 -3.88 -1.11
O3 PEE IA . -39.72 -2.72 -1.57
C30 PEE IA . -40.03 -1.83 -0.51
O5 PEE IA . -41.16 -1.66 -0.20
C31 PEE IA . -38.90 -1.08 0.23
C32 PEE IA . -39.50 -0.24 1.40
C33 PEE IA . -38.33 0.23 2.31
C34 PEE IA . -38.82 1.28 3.35
C35 PEE IA . -40.10 0.77 4.05
C36 PEE IA . -39.70 -0.06 5.31
C37 PEE IA . -38.93 0.85 6.32
C38 PEE IA . -39.94 1.53 7.28
C39 PEE IA . -39.28 1.83 8.66
C40 PEE IA . -37.81 2.32 8.54
C41 PEE IA . -37.22 2.65 9.95
C42 PEE IA . -37.44 1.45 10.93
C43 PEE IA . -37.50 1.97 12.40
C44 PEE IA . -37.50 0.77 13.40
C45 PEE IA . -36.29 0.88 14.37
C1 CDL JA . -10.93 -6.04 14.68
O1 CDL JA . -10.53 -6.28 13.37
CA2 CDL JA . -9.74 -5.46 15.47
OA2 CDL JA . -9.33 -4.22 14.95
PA1 CDL JA . -9.36 -2.87 15.91
OA3 CDL JA . -10.73 -2.27 15.87
OA4 CDL JA . -8.99 -3.24 17.32
OA5 CDL JA . -8.28 -1.71 15.43
CA3 CDL JA . -8.78 -0.43 15.12
CA4 CDL JA . -8.54 0.59 16.23
OA6 CDL JA . -9.00 0.10 17.46
CA5 CDL JA . -8.65 0.88 18.57
OA7 CDL JA . -7.54 1.29 18.69
C11 CDL JA . -9.69 1.21 19.65
C12 CDL JA . -10.55 2.43 19.29
C13 CDL JA . -9.87 3.70 19.78
C14 CDL JA . -9.74 4.70 18.64
C15 CDL JA . -9.82 6.12 19.21
C16 CDL JA . -9.09 7.12 18.33
C17 CDL JA . -9.79 8.48 18.42
C18 CDL JA . -8.94 9.57 17.77
CA6 CDL JA . -9.37 1.84 15.90
OA8 CDL JA . -8.70 2.68 15.00
CA7 CDL JA . -7.50 3.24 15.46
OA9 CDL JA . -7.42 3.71 16.54
C31 CDL JA . -6.27 3.26 14.54
C32 CDL JA . -6.24 4.58 13.75
C33 CDL JA . -7.29 4.51 12.65
C34 CDL JA . -7.23 5.73 11.73
C35 CDL JA . -7.42 7.00 12.56
C36 CDL JA . -7.35 8.24 11.67
C37 CDL JA . -5.96 8.34 11.02
C38 CDL JA . -4.88 8.52 12.10
CB2 CDL JA . -11.39 -7.37 15.28
OB2 CDL JA . -12.37 -7.98 14.48
PB2 CDL JA . -12.75 -9.58 14.68
OB3 CDL JA . -13.74 -9.98 13.63
OB4 CDL JA . -11.50 -10.41 14.51
OB5 CDL JA . -13.40 -9.91 16.17
CB3 CDL JA . -13.90 -11.20 16.43
CB4 CDL JA . -14.88 -11.26 17.61
OB6 CDL JA . -16.20 -11.50 17.19
CB5 CDL JA . -16.64 -12.83 17.25
OB7 CDL JA . -17.08 -13.35 16.29
C51 CDL JA . -16.57 -13.61 18.55
C52 CDL JA . -17.64 -14.70 18.51
C53 CDL JA . -18.13 -15.07 19.91
C54 CDL JA . -18.55 -13.82 20.67
C55 CDL JA . -17.81 -13.77 22.01
C56 CDL JA . -17.70 -12.33 22.49
C57 CDL JA . -19.05 -11.61 22.48
C58 CDL JA . -18.82 -10.14 22.78
CB6 CDL JA . -14.89 -9.92 18.35
OB8 CDL JA . -16.13 -9.32 18.17
CB7 CDL JA . -16.10 -7.92 18.12
OB9 CDL JA . -16.91 -7.31 18.73
C71 CDL JA . -15.02 -7.20 17.29
C72 CDL JA . -14.16 -6.30 18.16
C73 CDL JA . -13.63 -5.16 17.29
C74 CDL JA . -13.45 -3.92 18.15
C75 CDL JA . -12.00 -3.72 18.55
C76 CDL JA . -11.86 -2.31 19.13
C77 CDL JA . -12.42 -2.32 20.55
C78 CDL JA . -12.33 -0.91 21.12
FE HEC KA . -52.27 31.70 35.82
CHA HEC KA . -51.74 28.40 36.65
CHB HEC KA . -51.44 31.05 32.56
CHC HEC KA . -53.74 34.66 34.94
CHD HEC KA . -52.23 32.59 39.13
NA HEC KA . -51.67 29.99 34.77
C1A HEC KA . -51.52 28.74 35.24
C2A HEC KA . -51.10 27.74 34.24
C3A HEC KA . -51.01 28.54 33.00
C4A HEC KA . -51.39 29.89 33.46
CMA HEC KA . -50.64 28.12 31.61
CAA HEC KA . -50.83 26.27 34.44
CBA HEC KA . -51.84 25.46 33.64
CGA HEC KA . -51.25 24.09 33.38
O1A HEC KA . -50.40 23.65 34.19
O2A HEC KA . -51.62 23.45 32.37
NB HEC KA . -52.54 32.71 34.01
C1B HEC KA . -52.15 32.31 32.78
C2B HEC KA . -52.46 33.22 31.66
C3B HEC KA . -53.15 34.31 32.37
C4B HEC KA . -53.14 33.90 33.81
CMB HEC KA . -52.17 33.07 30.19
CAB HEC KA . -53.68 35.50 31.66
CBB HEC KA . -54.39 36.63 32.34
NC HEC KA . -52.90 33.38 36.88
C1C HEC KA . -53.47 34.48 36.38
C2C HEC KA . -53.84 35.53 37.38
C3C HEC KA . -53.38 34.89 38.63
C4C HEC KA . -52.83 33.58 38.20
CMC HEC KA . -54.49 36.86 37.10
CAC HEC KA . -53.44 35.35 40.04
CBC HEC KA . -53.99 36.69 40.49
ND HEC KA . -52.01 30.66 37.62
C1D HEC KA . -52.02 31.15 38.86
C2D HEC KA . -51.80 30.16 39.94
C3D HEC KA . -51.65 28.90 39.20
C4D HEC KA . -51.79 29.33 37.79
CMD HEC KA . -51.74 30.36 41.43
CAD HEC KA . -51.40 27.52 39.73
CBD HEC KA . -52.71 26.75 39.75
CGD HEC KA . -52.51 25.40 39.11
O1D HEC KA . -53.07 24.41 39.62
O2D HEC KA . -51.78 25.32 38.10
FE1 FES LA . 3.57 54.23 26.39
FE2 FES LA . 4.04 56.52 25.19
S1 FES LA . 2.19 55.93 26.24
S2 FES LA . 5.54 55.09 25.93
#